data_6PX2
#
_entry.id   6PX2
#
_cell.length_a   78.219
_cell.length_b   79.117
_cell.length_c   138.819
_cell.angle_alpha   76.680
_cell.angle_beta   77.700
_cell.angle_gamma   67.980
#
_symmetry.space_group_name_H-M   'P 1'
#
loop_
_entity.id
_entity.type
_entity.pdbx_description
1 polymer 'Glyceraldehyde-3-phosphate dehydrogenase'
2 non-polymer NICOTINAMIDE-ADENINE-DINUCLEOTIDE
3 non-polymer 'PHOSPHATE ION'
4 water water
#
_entity_poly.entity_id   1
_entity_poly.type   'polypeptide(L)'
_entity_poly.pdbx_seq_one_letter_code
;MVKVGINGFGRIGRLVMRASLEHPEVQVVAVNDPFIDLEYMEYMFKYDSTHGRFKGTTEVKDGKLVINGNPISVYALKDP
AAIPWKEAGADFVVESTGVFTTTEKASAHLHGGAKKVIISAPSADAPMFVMGVNEKTYDAATMNVVSNASCTTNCLAPLA
KVINDNFGIEEGLMTTIHAYTATQKTVDGPSGKKWRDGRGANQNVIPATTGAAKAVGKVIPELNGKLTGMAFRVPVPDVS
VVDLTCRLKKPTSYEEIKKVVKKASETDLKGFLAYTEDQVVSSDFISDTHSSVFDALAGIQLNPTFVKLVSWYDNEYGYS
HRVVDLIEYMATKAENLYFQSHHHHHHDYKDDDDK
;
_entity_poly.pdbx_strand_id   A,B,C,D,E,F,G,H
#
# COMPACT_ATOMS: atom_id res chain seq x y z
N VAL A 2 54.40 9.86 11.86
CA VAL A 2 53.91 8.88 12.91
C VAL A 2 52.50 8.40 12.61
N LYS A 3 52.42 7.17 12.13
CA LYS A 3 51.21 6.59 11.54
C LYS A 3 50.48 5.70 12.55
N VAL A 4 49.19 5.92 12.72
CA VAL A 4 48.40 5.30 13.78
C VAL A 4 47.23 4.47 13.27
N GLY A 5 47.01 3.34 13.92
CA GLY A 5 45.87 2.48 13.68
C GLY A 5 44.99 2.49 14.91
N ILE A 6 43.68 2.42 14.69
CA ILE A 6 42.71 2.38 15.78
C ILE A 6 41.89 1.10 15.73
N ASN A 7 41.90 0.34 16.82
CA ASN A 7 41.08 -0.84 16.95
C ASN A 7 39.93 -0.56 17.89
N GLY A 8 38.71 -0.61 17.35
CA GLY A 8 37.50 -0.22 18.06
C GLY A 8 37.19 1.26 17.82
N PHE A 9 36.20 1.54 16.99
CA PHE A 9 35.85 2.91 16.64
C PHE A 9 34.69 3.40 17.55
N GLY A 10 34.90 3.29 18.85
CA GLY A 10 33.91 3.56 19.87
C GLY A 10 34.05 5.00 20.34
N ARG A 11 33.63 5.27 21.55
CA ARG A 11 33.72 6.63 22.07
C ARG A 11 35.17 7.06 22.00
N ILE A 12 36.05 6.24 22.58
CA ILE A 12 37.45 6.59 22.69
C ILE A 12 38.15 6.56 21.33
N GLY A 13 37.90 5.51 20.58
CA GLY A 13 38.43 5.40 19.22
C GLY A 13 38.11 6.59 18.33
N ARG A 14 36.86 7.02 18.33
CA ARG A 14 36.42 8.16 17.49
C ARG A 14 36.96 9.49 17.97
N LEU A 15 37.07 9.65 19.28
CA LEU A 15 37.59 10.90 19.82
C LEU A 15 39.13 10.96 19.81
N VAL A 16 39.78 9.79 19.80
CA VAL A 16 41.21 9.74 19.50
C VAL A 16 41.42 10.23 18.06
N MET A 17 40.57 9.75 17.16
CA MET A 17 40.59 10.21 15.78
C MET A 17 40.44 11.75 15.71
N ARG A 18 39.42 12.29 16.37
CA ARG A 18 39.22 13.75 16.41
C ARG A 18 40.44 14.49 16.97
N ALA A 19 40.95 14.00 18.09
CA ALA A 19 42.11 14.61 18.71
C ALA A 19 43.36 14.57 17.82
N SER A 20 43.53 13.47 17.10
CA SER A 20 44.72 13.31 16.25
C SER A 20 44.84 14.43 15.20
N LEU A 21 43.70 14.97 14.79
CA LEU A 21 43.66 16.04 13.81
C LEU A 21 44.23 17.37 14.32
N GLU A 22 44.39 17.53 15.64
CA GLU A 22 45.04 18.71 16.21
C GLU A 22 46.55 18.51 16.42
N HIS A 23 47.03 17.31 16.12
CA HIS A 23 48.44 16.97 16.27
C HIS A 23 49.02 16.77 14.88
N PRO A 24 49.76 17.76 14.37
CA PRO A 24 50.25 17.71 12.98
C PRO A 24 51.23 16.56 12.65
N GLU A 25 51.93 16.02 13.65
CA GLU A 25 52.85 14.90 13.41
C GLU A 25 52.13 13.56 13.24
N VAL A 26 51.04 13.40 13.98
CA VAL A 26 50.31 12.13 14.08
C VAL A 26 49.23 12.04 13.02
N GLN A 27 49.17 10.91 12.34
CA GLN A 27 48.20 10.67 11.26
C GLN A 27 47.60 9.29 11.39
N VAL A 28 46.29 9.23 11.62
CA VAL A 28 45.59 7.96 11.66
C VAL A 28 45.46 7.46 10.22
N VAL A 29 45.97 6.25 9.96
CA VAL A 29 45.92 5.68 8.63
C VAL A 29 44.94 4.51 8.50
N ALA A 30 44.49 3.95 9.61
CA ALA A 30 43.67 2.73 9.57
C ALA A 30 42.80 2.56 10.80
N VAL A 31 41.62 1.99 10.59
CA VAL A 31 40.69 1.75 11.67
C VAL A 31 40.05 0.39 11.50
N ASN A 32 39.90 -0.34 12.60
CA ASN A 32 39.25 -1.65 12.56
C ASN A 32 38.07 -1.67 13.52
N ASP A 33 36.91 -2.07 13.04
CA ASP A 33 35.76 -2.35 13.88
C ASP A 33 34.79 -3.24 13.10
N PRO A 34 34.54 -4.47 13.59
CA PRO A 34 33.64 -5.36 12.84
C PRO A 34 32.16 -5.09 13.04
N PHE A 35 31.80 -4.13 13.89
CA PHE A 35 30.39 -3.78 14.10
C PHE A 35 29.99 -2.46 13.46
N ILE A 36 30.90 -1.84 12.72
CA ILE A 36 30.66 -0.55 12.13
C ILE A 36 31.26 -0.55 10.73
N ASP A 37 30.46 -0.72 9.71
CA ASP A 37 30.98 -0.75 8.32
C ASP A 37 31.38 0.67 7.89
N LEU A 38 31.88 0.82 6.67
CA LEU A 38 32.52 2.05 6.22
C LEU A 38 31.61 3.29 6.24
N GLU A 39 30.42 3.16 5.69
CA GLU A 39 29.52 4.32 5.57
C GLU A 39 28.98 4.72 6.93
N TYR A 40 28.86 3.73 7.80
CA TYR A 40 28.37 3.94 9.15
C TYR A 40 29.46 4.61 9.99
N MET A 41 30.73 4.29 9.73
CA MET A 41 31.84 4.98 10.38
C MET A 41 31.81 6.44 10.09
N GLU A 42 31.48 6.82 8.85
CA GLU A 42 31.38 8.24 8.49
C GLU A 42 30.31 8.93 9.31
N TYR A 43 29.12 8.31 9.34
CA TYR A 43 28.00 8.85 10.11
C TYR A 43 28.35 9.03 11.58
N MET A 44 28.87 8.00 12.21
CA MET A 44 29.20 8.02 13.63
C MET A 44 30.30 9.00 13.94
N PHE A 45 31.21 9.25 12.99
CA PHE A 45 32.27 10.22 13.22
C PHE A 45 31.76 11.67 13.08
N LYS A 46 30.84 11.85 12.14
CA LYS A 46 30.32 13.13 11.73
C LYS A 46 29.35 13.72 12.73
N TYR A 47 28.49 12.88 13.31
CA TYR A 47 27.56 13.32 14.35
C TYR A 47 27.92 12.72 15.69
N ASP A 48 27.99 13.55 16.71
CA ASP A 48 28.28 13.10 18.06
C ASP A 48 27.34 13.85 19.01
N SER A 49 26.59 13.09 19.80
CA SER A 49 25.61 13.69 20.68
C SER A 49 26.24 14.58 21.74
N THR A 50 27.46 14.26 22.14
CA THR A 50 28.11 14.97 23.24
C THR A 50 29.03 16.09 22.76
N HIS A 51 29.78 15.84 21.70
CA HIS A 51 30.78 16.80 21.25
C HIS A 51 30.38 17.58 20.01
N GLY A 52 29.16 17.36 19.51
CA GLY A 52 28.70 18.11 18.35
C GLY A 52 29.23 17.58 17.03
N ARG A 53 28.81 18.23 15.96
CA ARG A 53 29.17 17.80 14.62
C ARG A 53 30.64 18.01 14.40
N PHE A 54 31.26 17.09 13.67
CA PHE A 54 32.62 17.25 13.19
C PHE A 54 32.69 18.46 12.29
N LYS A 55 33.69 19.29 12.48
CA LYS A 55 33.79 20.59 11.77
C LYS A 55 34.53 20.50 10.43
N GLY A 56 35.31 19.45 10.21
CA GLY A 56 36.02 19.24 8.93
C GLY A 56 35.17 18.55 7.87
N THR A 57 35.82 17.98 6.87
CA THR A 57 35.09 17.31 5.80
C THR A 57 35.20 15.79 5.94
N THR A 58 34.21 15.09 5.41
CA THR A 58 34.25 13.63 5.40
C THR A 58 33.70 13.09 4.09
N GLU A 59 34.17 11.91 3.71
CA GLU A 59 33.71 11.28 2.48
C GLU A 59 34.06 9.80 2.50
N VAL A 60 33.22 9.01 1.86
CA VAL A 60 33.52 7.62 1.60
C VAL A 60 33.92 7.51 0.12
N LYS A 61 35.10 6.93 -0.14
CA LYS A 61 35.63 6.88 -1.50
C LYS A 61 36.57 5.71 -1.68
N ASP A 62 36.37 4.96 -2.76
CA ASP A 62 37.21 3.83 -3.11
C ASP A 62 37.46 2.90 -1.92
N GLY A 63 36.41 2.63 -1.16
CA GLY A 63 36.49 1.74 0.01
C GLY A 63 37.30 2.28 1.17
N LYS A 64 37.48 3.60 1.22
CA LYS A 64 38.25 4.24 2.29
C LYS A 64 37.50 5.43 2.88
N LEU A 65 37.75 5.70 4.15
CA LEU A 65 37.16 6.81 4.88
C LEU A 65 38.10 8.01 4.73
N VAL A 66 37.62 9.08 4.11
CA VAL A 66 38.46 10.23 3.86
C VAL A 66 38.07 11.37 4.79
N ILE A 67 38.98 11.73 5.69
CA ILE A 67 38.76 12.78 6.69
C ILE A 67 39.77 13.93 6.52
N ASN A 68 39.26 15.10 6.17
CA ASN A 68 40.08 16.25 5.79
C ASN A 68 41.09 15.87 4.70
N GLY A 69 40.62 15.19 3.66
CA GLY A 69 41.48 14.80 2.53
C GLY A 69 42.39 13.60 2.73
N ASN A 70 42.58 13.19 3.97
CA ASN A 70 43.40 12.02 4.31
C ASN A 70 42.58 10.72 4.18
N PRO A 71 42.97 9.82 3.25
CA PRO A 71 42.27 8.53 3.16
C PRO A 71 42.65 7.60 4.31
N ILE A 72 41.66 6.91 4.88
CA ILE A 72 41.86 5.99 5.99
C ILE A 72 41.35 4.62 5.59
N SER A 73 42.18 3.61 5.75
CA SER A 73 41.80 2.23 5.56
C SER A 73 40.89 1.72 6.61
N VAL A 74 39.80 1.03 6.25
CA VAL A 74 38.84 0.54 7.25
C VAL A 74 38.64 -0.96 7.17
N TYR A 75 38.75 -1.65 8.30
CA TYR A 75 38.63 -3.09 8.35
C TYR A 75 37.52 -3.52 9.28
N ALA A 76 37.04 -4.74 9.07
CA ALA A 76 35.91 -5.30 9.81
C ALA A 76 36.24 -6.69 10.36
N LEU A 77 37.35 -6.81 11.05
CA LEU A 77 37.85 -8.10 11.54
C LEU A 77 37.70 -8.21 13.07
N LYS A 78 37.28 -9.37 13.54
CA LYS A 78 37.07 -9.63 14.98
C LYS A 78 38.36 -9.98 15.73
N ASP A 79 39.22 -10.78 15.12
CA ASP A 79 40.45 -11.23 15.75
C ASP A 79 41.56 -10.20 15.43
N PRO A 80 42.07 -9.49 16.44
CA PRO A 80 43.07 -8.45 16.19
C PRO A 80 44.38 -8.95 15.54
N ALA A 81 44.67 -10.24 15.70
CA ALA A 81 45.84 -10.84 15.05
C ALA A 81 45.74 -10.84 13.51
N ALA A 82 44.52 -10.66 12.98
CA ALA A 82 44.28 -10.72 11.55
C ALA A 82 44.27 -9.32 10.88
N ILE A 83 44.32 -8.26 11.68
CA ILE A 83 44.30 -6.92 11.11
C ILE A 83 45.66 -6.61 10.50
N PRO A 84 45.68 -6.27 9.20
CA PRO A 84 46.94 -6.09 8.47
C PRO A 84 47.48 -4.68 8.62
N TRP A 85 47.93 -4.35 9.83
CA TRP A 85 48.36 -3.00 10.15
C TRP A 85 49.52 -2.55 9.26
N LYS A 86 50.51 -3.43 9.10
CA LYS A 86 51.70 -3.10 8.33
C LYS A 86 51.35 -2.74 6.88
N GLU A 87 50.42 -3.48 6.29
CA GLU A 87 49.93 -3.15 4.95
C GLU A 87 49.35 -1.73 4.88
N ALA A 88 48.63 -1.31 5.91
CA ALA A 88 48.03 0.02 5.90
C ALA A 88 48.99 1.14 6.31
N GLY A 89 50.20 0.79 6.76
CA GLY A 89 51.17 1.76 7.25
C GLY A 89 51.08 2.08 8.73
N ALA A 90 50.25 1.36 9.48
CA ALA A 90 50.01 1.68 10.89
C ALA A 90 51.14 1.19 11.81
N ASP A 91 52.03 2.09 12.20
CA ASP A 91 53.10 1.79 13.17
C ASP A 91 52.57 1.57 14.59
N PHE A 92 51.78 2.55 15.06
CA PHE A 92 51.26 2.55 16.42
C PHE A 92 49.78 2.20 16.36
N VAL A 93 49.34 1.31 17.23
CA VAL A 93 47.92 0.92 17.27
C VAL A 93 47.27 1.21 18.61
N VAL A 94 46.20 1.99 18.58
CA VAL A 94 45.41 2.25 19.78
C VAL A 94 44.41 1.12 19.94
N GLU A 95 44.59 0.29 20.97
CA GLU A 95 43.64 -0.78 21.29
C GLU A 95 42.54 -0.25 22.22
N SER A 96 41.39 0.08 21.64
CA SER A 96 40.33 0.79 22.34
C SER A 96 38.97 0.08 22.27
N THR A 97 38.97 -1.24 22.23
CA THR A 97 37.73 -2.00 22.19
C THR A 97 37.19 -2.36 23.56
N GLY A 98 38.06 -2.33 24.55
CA GLY A 98 37.69 -2.71 25.91
C GLY A 98 37.92 -4.17 26.25
N VAL A 99 38.26 -5.02 25.27
CA VAL A 99 38.27 -6.47 25.48
C VAL A 99 39.64 -7.16 25.28
N PHE A 100 40.68 -6.39 24.96
CA PHE A 100 42.04 -6.93 24.77
C PHE A 100 43.03 -6.17 25.63
N THR A 101 42.78 -6.18 26.93
CA THR A 101 43.51 -5.30 27.88
C THR A 101 44.77 -5.93 28.50
N THR A 102 44.95 -7.24 28.36
CA THR A 102 46.17 -7.89 28.89
C THR A 102 47.24 -7.78 27.83
N THR A 103 48.49 -7.98 28.24
CA THR A 103 49.59 -7.97 27.29
C THR A 103 49.42 -9.09 26.29
N GLU A 104 49.00 -10.28 26.71
CA GLU A 104 48.86 -11.39 25.75
C GLU A 104 47.87 -11.04 24.64
N LYS A 105 46.72 -10.49 25.02
CA LYS A 105 45.69 -10.21 24.04
C LYS A 105 46.06 -9.04 23.13
N ALA A 106 46.44 -7.91 23.75
CA ALA A 106 46.87 -6.74 23.00
C ALA A 106 48.06 -7.03 22.06
N SER A 107 48.95 -7.91 22.49
CA SER A 107 50.11 -8.31 21.64
C SER A 107 49.75 -8.87 20.27
N ALA A 108 48.50 -9.31 20.12
CA ALA A 108 48.02 -9.79 18.82
C ALA A 108 48.21 -8.78 17.69
N HIS A 109 48.11 -7.49 17.97
CA HIS A 109 48.38 -6.46 16.96
C HIS A 109 49.82 -6.48 16.44
N LEU A 110 50.76 -6.97 17.25
CA LEU A 110 52.13 -7.19 16.75
C LEU A 110 52.20 -8.19 15.60
N HIS A 111 51.34 -9.22 15.59
CA HIS A 111 51.35 -10.19 14.49
C HIS A 111 51.04 -9.51 13.15
N GLY A 112 50.18 -8.50 13.13
CA GLY A 112 49.86 -7.76 11.91
C GLY A 112 50.88 -6.70 11.52
N GLY A 113 51.97 -6.58 12.27
CA GLY A 113 53.04 -5.64 11.93
C GLY A 113 52.96 -4.28 12.58
N ALA A 114 52.21 -4.15 13.66
CA ALA A 114 52.28 -2.95 14.49
C ALA A 114 53.60 -3.01 15.27
N LYS A 115 54.25 -1.86 15.41
CA LYS A 115 55.46 -1.76 16.23
C LYS A 115 55.10 -1.63 17.71
N LYS A 116 54.09 -0.80 18.01
CA LYS A 116 53.71 -0.49 19.39
C LYS A 116 52.20 -0.50 19.54
N VAL A 117 51.75 -0.95 20.70
CA VAL A 117 50.33 -0.99 21.01
C VAL A 117 50.07 -0.21 22.27
N ILE A 118 49.06 0.65 22.22
CA ILE A 118 48.63 1.44 23.36
C ILE A 118 47.23 0.98 23.76
N ILE A 119 47.11 0.36 24.93
CA ILE A 119 45.83 -0.09 25.43
C ILE A 119 45.15 1.11 26.07
N SER A 120 43.94 1.45 25.61
CA SER A 120 43.25 2.64 26.09
C SER A 120 42.49 2.32 27.36
N ALA A 121 43.14 1.68 28.32
CA ALA A 121 42.52 1.25 29.56
C ALA A 121 43.58 0.62 30.45
N PRO A 122 43.30 0.48 31.75
CA PRO A 122 44.29 -0.17 32.62
C PRO A 122 44.56 -1.59 32.18
N SER A 123 45.69 -2.15 32.58
CA SER A 123 46.05 -3.51 32.28
C SER A 123 46.46 -4.23 33.53
N ALA A 124 46.19 -5.53 33.60
CA ALA A 124 46.66 -6.37 34.69
C ALA A 124 48.18 -6.48 34.68
N ASP A 125 48.79 -6.43 33.49
CA ASP A 125 50.25 -6.62 33.39
C ASP A 125 51.03 -5.66 32.50
N ALA A 126 50.42 -5.08 31.46
CA ALA A 126 51.15 -4.10 30.63
C ALA A 126 51.53 -2.87 31.48
N PRO A 127 52.72 -2.31 31.25
CA PRO A 127 53.08 -1.10 32.00
C PRO A 127 52.14 0.05 31.71
N MET A 128 51.72 0.77 32.74
CA MET A 128 50.75 1.89 32.60
C MET A 128 51.42 3.23 32.67
N PHE A 129 50.89 4.18 31.89
CA PHE A 129 51.45 5.53 31.89
C PHE A 129 50.43 6.65 31.99
N VAL A 130 50.83 7.72 32.68
CA VAL A 130 50.06 8.96 32.77
C VAL A 130 51.00 10.09 32.39
N MET A 131 50.70 10.75 31.28
CA MET A 131 51.46 11.91 30.82
C MET A 131 51.51 12.95 31.92
N GLY A 132 52.72 13.46 32.16
CA GLY A 132 52.96 14.40 33.25
C GLY A 132 53.38 13.76 34.55
N VAL A 133 53.28 12.42 34.65
CA VAL A 133 53.58 11.73 35.91
C VAL A 133 54.72 10.69 35.83
N ASN A 134 54.64 9.72 34.92
CA ASN A 134 55.62 8.66 34.85
C ASN A 134 56.07 8.28 33.43
N GLU A 135 55.80 9.13 32.44
CA GLU A 135 56.14 8.79 31.05
C GLU A 135 57.66 8.63 30.85
N LYS A 136 58.46 9.24 31.72
CA LYS A 136 59.91 9.05 31.65
C LYS A 136 60.29 7.57 31.80
N THR A 137 59.50 6.80 32.55
CA THR A 137 59.81 5.39 32.75
C THR A 137 59.53 4.50 31.53
N TYR A 138 58.95 5.09 30.46
CA TYR A 138 58.77 4.33 29.21
C TYR A 138 60.13 3.92 28.60
N ASP A 139 60.35 2.63 28.47
CA ASP A 139 61.53 2.06 27.82
C ASP A 139 61.26 1.49 26.42
N ALA A 140 61.67 2.25 25.40
CA ALA A 140 61.32 1.95 24.02
C ALA A 140 62.25 0.81 23.55
N ALA A 141 61.69 -0.36 23.41
CA ALA A 141 62.51 -1.55 23.04
C ALA A 141 62.65 -2.55 24.18
N THR A 142 62.07 -2.25 25.34
CA THR A 142 61.73 -3.35 26.29
C THR A 142 60.19 -3.43 26.58
N MET A 143 59.43 -2.46 26.10
CA MET A 143 58.02 -2.44 26.36
C MET A 143 56.89 -2.62 25.34
N ASN A 144 57.03 -2.50 24.02
CA ASN A 144 56.03 -2.82 22.98
C ASN A 144 54.50 -2.76 23.15
N VAL A 145 54.01 -3.19 24.32
CA VAL A 145 52.61 -3.05 24.68
C VAL A 145 52.53 -2.24 25.95
N VAL A 146 51.88 -1.09 25.89
CA VAL A 146 51.72 -0.22 27.04
C VAL A 146 50.24 0.13 27.24
N SER A 147 49.94 0.68 28.40
CA SER A 147 48.60 1.16 28.73
C SER A 147 48.63 2.64 29.10
N ASN A 148 47.59 3.38 28.72
CA ASN A 148 47.46 4.80 29.07
C ASN A 148 46.62 4.98 30.35
N ALA A 149 46.58 3.95 31.19
CA ALA A 149 45.81 3.94 32.43
C ALA A 149 44.33 4.19 32.15
N SER A 150 43.61 4.78 33.08
CA SER A 150 42.20 5.12 32.88
C SER A 150 42.03 6.64 32.96
N CYS A 151 40.84 7.10 32.62
CA CYS A 151 40.51 8.53 32.64
C CYS A 151 40.61 9.08 34.05
N THR A 152 40.09 8.33 35.01
CA THR A 152 40.16 8.73 36.42
C THR A 152 41.60 8.76 36.92
N THR A 153 42.42 7.83 36.46
CA THR A 153 43.84 7.80 36.85
C THR A 153 44.57 9.01 36.24
N ASN A 154 44.19 9.41 35.04
CA ASN A 154 44.78 10.59 34.42
C ASN A 154 44.33 11.91 35.07
N CYS A 155 43.19 11.90 35.76
CA CYS A 155 42.77 13.05 36.55
C CYS A 155 43.46 13.07 37.90
N LEU A 156 43.44 11.93 38.58
CA LEU A 156 43.94 11.85 39.95
C LEU A 156 45.45 11.96 40.05
N ALA A 157 46.16 11.27 39.16
CA ALA A 157 47.62 11.12 39.30
C ALA A 157 48.38 12.43 39.23
N PRO A 158 48.13 13.27 38.22
CA PRO A 158 48.83 14.57 38.17
C PRO A 158 48.56 15.45 39.41
N LEU A 159 47.30 15.51 39.86
CA LEU A 159 46.99 16.24 41.09
C LEU A 159 47.74 15.64 42.27
N ALA A 160 47.61 14.32 42.44
CA ALA A 160 48.24 13.61 43.55
C ALA A 160 49.75 13.82 43.57
N LYS A 161 50.38 13.75 42.40
CA LYS A 161 51.80 14.01 42.27
C LYS A 161 52.18 15.34 42.89
N VAL A 162 51.45 16.38 42.50
CA VAL A 162 51.77 17.74 42.92
C VAL A 162 51.57 17.89 44.42
N ILE A 163 50.47 17.35 44.94
CA ILE A 163 50.19 17.43 46.37
C ILE A 163 51.22 16.61 47.15
N ASN A 164 51.52 15.41 46.66
CA ASN A 164 52.53 14.57 47.30
C ASN A 164 53.92 15.19 47.24
N ASP A 165 54.31 15.69 46.08
CA ASP A 165 55.65 16.32 45.92
C ASP A 165 55.85 17.53 46.82
N ASN A 166 54.80 18.32 47.00
CA ASN A 166 54.92 19.57 47.76
C ASN A 166 54.60 19.43 49.23
N PHE A 167 53.77 18.45 49.58
CA PHE A 167 53.24 18.36 50.96
C PHE A 167 53.28 16.98 51.60
N GLY A 168 53.36 15.93 50.79
CA GLY A 168 53.35 14.57 51.29
C GLY A 168 51.95 14.11 51.64
N ILE A 169 51.45 13.11 50.91
CA ILE A 169 50.20 12.46 51.25
C ILE A 169 50.52 11.26 52.16
N GLU A 170 50.17 11.36 53.45
CA GLU A 170 50.34 10.24 54.37
C GLU A 170 49.35 9.15 54.04
N GLU A 171 48.09 9.55 53.91
CA GLU A 171 47.02 8.64 53.54
C GLU A 171 45.92 9.42 52.85
N GLY A 172 45.20 8.76 51.95
CA GLY A 172 44.17 9.42 51.16
C GLY A 172 43.18 8.45 50.57
N LEU A 173 41.95 8.92 50.42
CA LEU A 173 40.92 8.16 49.74
C LEU A 173 40.23 9.11 48.78
N MET A 174 39.78 8.59 47.65
CA MET A 174 39.14 9.42 46.63
C MET A 174 37.83 8.83 46.14
N THR A 175 36.97 9.71 45.66
CA THR A 175 35.74 9.32 45.00
C THR A 175 35.72 10.03 43.66
N THR A 176 35.33 9.32 42.60
CA THR A 176 34.99 10.00 41.37
C THR A 176 33.47 9.92 41.15
N ILE A 177 32.87 11.08 40.94
CA ILE A 177 31.49 11.18 40.46
C ILE A 177 31.60 11.18 38.94
N HIS A 178 31.19 10.06 38.36
CA HIS A 178 31.65 9.66 37.04
C HIS A 178 30.47 9.53 36.09
N ALA A 179 30.62 10.06 34.89
CA ALA A 179 29.64 9.94 33.84
C ALA A 179 29.41 8.49 33.50
N TYR A 180 28.21 8.16 33.00
CA TYR A 180 27.94 6.82 32.57
C TYR A 180 28.66 6.57 31.24
N THR A 181 28.91 5.30 30.94
CA THR A 181 29.67 4.91 29.76
C THR A 181 28.95 3.82 28.98
N ALA A 182 29.59 3.38 27.89
CA ALA A 182 29.04 2.39 26.97
C ALA A 182 28.80 1.02 27.60
N THR A 183 29.52 0.70 28.68
CA THR A 183 29.36 -0.57 29.36
C THR A 183 28.09 -0.64 30.19
N GLN A 184 27.40 0.49 30.36
CA GLN A 184 26.23 0.54 31.21
C GLN A 184 24.98 0.31 30.37
N LYS A 185 23.83 0.20 31.04
CA LYS A 185 22.56 -0.10 30.37
C LYS A 185 21.55 1.06 30.46
N THR A 186 20.69 1.15 29.44
CA THR A 186 19.64 2.15 29.41
C THR A 186 18.55 1.84 30.42
N VAL A 187 18.12 0.59 30.49
CA VAL A 187 17.19 0.12 31.51
C VAL A 187 17.82 -1.08 32.20
N ASP A 188 17.28 -1.50 33.35
CA ASP A 188 17.87 -2.59 34.12
C ASP A 188 18.07 -3.84 33.26
N GLY A 189 19.34 -4.20 33.00
CA GLY A 189 19.64 -5.42 32.27
C GLY A 189 20.84 -6.17 32.82
N PRO A 190 21.23 -7.27 32.15
CA PRO A 190 22.25 -8.19 32.70
C PRO A 190 23.65 -7.62 32.69
N SER A 191 24.34 -7.79 33.80
CA SER A 191 25.72 -7.35 33.93
C SER A 191 26.34 -8.30 34.93
N GLY A 192 26.42 -9.58 34.52
CA GLY A 192 26.62 -10.70 35.40
C GLY A 192 27.79 -10.63 36.38
N LYS A 193 28.84 -9.93 36.02
CA LYS A 193 30.00 -9.82 36.92
C LYS A 193 29.84 -8.66 37.93
N LYS A 194 29.22 -7.57 37.50
CA LYS A 194 29.06 -6.39 38.35
C LYS A 194 27.60 -5.97 38.35
N TRP A 195 26.86 -6.45 39.34
CA TRP A 195 25.40 -6.38 39.35
C TRP A 195 24.84 -4.96 39.29
N ARG A 196 25.51 -4.04 39.98
CA ARG A 196 25.05 -2.66 40.04
C ARG A 196 25.20 -1.98 38.68
N ASP A 197 26.19 -2.37 37.89
CA ASP A 197 26.41 -1.77 36.59
C ASP A 197 25.36 -2.12 35.56
N GLY A 198 24.51 -3.10 35.85
CA GLY A 198 23.39 -3.42 34.97
C GLY A 198 22.17 -2.52 35.16
N ARG A 199 22.11 -1.83 36.28
CA ARG A 199 20.93 -1.05 36.65
C ARG A 199 20.86 0.21 35.79
N GLY A 200 19.66 0.65 35.42
CA GLY A 200 19.49 1.70 34.44
C GLY A 200 20.38 2.89 34.74
N ALA A 201 21.20 3.28 33.78
CA ALA A 201 22.17 4.33 34.00
C ALA A 201 21.57 5.73 34.25
N ASN A 202 20.42 5.98 33.67
CA ASN A 202 19.81 7.28 33.67
C ASN A 202 18.96 7.50 34.92
N GLN A 203 18.55 6.41 35.57
CA GLN A 203 17.69 6.47 36.75
C GLN A 203 18.45 6.45 38.07
N ASN A 204 19.76 6.21 38.04
CA ASN A 204 20.47 5.74 39.23
C ASN A 204 21.80 6.44 39.46
N VAL A 205 22.13 6.63 40.73
CA VAL A 205 23.49 6.84 41.16
C VAL A 205 23.97 5.45 41.53
N ILE A 206 25.08 5.02 40.94
CA ILE A 206 25.51 3.62 40.99
C ILE A 206 26.96 3.49 41.53
N PRO A 207 27.12 2.93 42.73
CA PRO A 207 28.50 2.73 43.20
C PRO A 207 29.25 1.72 42.32
N ALA A 208 30.54 1.95 42.10
CA ALA A 208 31.33 1.13 41.21
C ALA A 208 32.79 1.20 41.58
N THR A 209 33.59 0.30 41.01
CA THR A 209 35.04 0.39 41.09
C THR A 209 35.53 1.48 40.13
N THR A 210 36.73 1.97 40.39
CA THR A 210 37.43 2.86 39.46
C THR A 210 38.82 2.27 39.22
N GLY A 211 39.27 2.35 37.96
CA GLY A 211 40.61 1.89 37.59
C GLY A 211 41.73 2.61 38.33
N ALA A 212 41.48 3.85 38.76
CA ALA A 212 42.47 4.62 39.52
C ALA A 212 42.81 4.01 40.88
N ALA A 213 41.94 3.14 41.39
CA ALA A 213 42.14 2.51 42.70
C ALA A 213 43.42 1.70 42.72
N LYS A 214 43.64 0.90 41.69
CA LYS A 214 44.86 0.10 41.54
C LYS A 214 45.96 0.90 40.84
N ALA A 215 45.60 1.60 39.75
CA ALA A 215 46.57 2.18 38.83
C ALA A 215 47.43 3.29 39.43
N VAL A 216 46.86 4.04 40.36
CA VAL A 216 47.58 5.20 40.92
C VAL A 216 48.83 4.75 41.67
N GLY A 217 48.77 3.57 42.27
CA GLY A 217 49.94 2.99 42.96
C GLY A 217 51.06 2.54 42.04
N LYS A 218 50.72 2.21 40.79
CA LYS A 218 51.70 1.88 39.77
C LYS A 218 52.37 3.11 39.21
N VAL A 219 51.58 4.13 38.87
CA VAL A 219 52.10 5.31 38.20
C VAL A 219 52.84 6.20 39.17
N ILE A 220 52.48 6.12 40.44
CA ILE A 220 53.22 6.80 41.51
C ILE A 220 53.53 5.76 42.59
N PRO A 221 54.66 5.04 42.46
CA PRO A 221 55.05 4.01 43.42
C PRO A 221 55.05 4.46 44.87
N GLU A 222 55.52 5.68 45.12
CA GLU A 222 55.56 6.26 46.48
C GLU A 222 54.18 6.29 47.18
N LEU A 223 53.09 6.21 46.42
CA LEU A 223 51.73 6.25 46.99
C LEU A 223 51.00 4.92 47.03
N ASN A 224 51.68 3.83 46.66
CA ASN A 224 51.06 2.51 46.67
C ASN A 224 50.75 2.09 48.09
N GLY A 225 49.50 1.74 48.33
CA GLY A 225 49.02 1.39 49.67
C GLY A 225 48.57 2.59 50.49
N LYS A 226 48.82 3.79 49.98
CA LYS A 226 48.49 5.03 50.71
C LYS A 226 47.29 5.76 50.14
N LEU A 227 46.79 5.30 49.00
CA LEU A 227 45.79 6.06 48.25
C LEU A 227 44.95 5.13 47.40
N THR A 228 43.64 5.06 47.66
CA THR A 228 42.72 4.30 46.83
C THR A 228 41.35 5.00 46.78
N GLY A 229 40.37 4.35 46.17
CA GLY A 229 39.06 4.97 46.03
C GLY A 229 38.01 4.17 45.31
N MET A 230 36.96 4.86 44.90
CA MET A 230 35.79 4.24 44.27
C MET A 230 35.10 5.28 43.42
N ALA A 231 34.04 4.84 42.75
CA ALA A 231 33.27 5.66 41.85
C ALA A 231 31.79 5.55 42.14
N PHE A 232 31.07 6.62 41.78
CA PHE A 232 29.65 6.56 41.62
C PHE A 232 29.35 6.98 40.18
N ARG A 233 28.72 6.08 39.43
CA ARG A 233 28.24 6.40 38.10
C ARG A 233 26.93 7.18 38.25
N VAL A 234 26.82 8.34 37.60
CA VAL A 234 25.65 9.18 37.73
C VAL A 234 25.12 9.59 36.33
N PRO A 235 23.88 10.15 36.27
CA PRO A 235 23.27 10.40 34.96
C PRO A 235 23.73 11.64 34.21
N VAL A 236 25.01 11.75 33.89
CA VAL A 236 25.45 12.66 32.84
C VAL A 236 26.21 11.84 31.80
N PRO A 237 26.10 12.23 30.52
CA PRO A 237 26.68 11.45 29.40
C PRO A 237 28.21 11.57 29.26
N ASP A 238 28.79 12.57 29.90
CA ASP A 238 30.21 12.79 29.87
C ASP A 238 30.61 13.83 30.91
N VAL A 239 31.87 13.84 31.27
CA VAL A 239 32.45 14.70 32.28
C VAL A 239 32.26 14.09 33.65
N SER A 240 33.38 14.00 34.34
CA SER A 240 33.46 13.41 35.67
C SER A 240 34.27 14.32 36.61
N VAL A 241 34.30 13.96 37.88
CA VAL A 241 34.96 14.81 38.86
C VAL A 241 35.49 14.00 40.04
N VAL A 242 36.76 14.26 40.38
CA VAL A 242 37.43 13.59 41.48
C VAL A 242 37.30 14.42 42.76
N ASP A 243 37.10 13.71 43.85
CA ASP A 243 36.96 14.26 45.17
C ASP A 243 37.99 13.52 46.02
N LEU A 244 39.15 14.16 46.20
CA LEU A 244 40.32 13.55 46.85
C LEU A 244 40.46 14.04 48.28
N THR A 245 40.37 13.13 49.25
CA THR A 245 40.47 13.49 50.65
C THR A 245 41.75 12.87 51.22
N CYS A 246 42.66 13.70 51.70
CA CYS A 246 43.91 13.19 52.24
C CYS A 246 44.47 13.96 53.42
N ARG A 247 45.20 13.23 54.26
CA ARG A 247 46.00 13.79 55.34
C ARG A 247 47.38 14.09 54.78
N LEU A 248 47.95 15.22 55.16
CA LEU A 248 49.22 15.68 54.63
C LEU A 248 50.32 15.57 55.70
N LYS A 249 51.56 15.38 55.26
CA LYS A 249 52.70 15.30 56.18
C LYS A 249 53.10 16.69 56.64
N LYS A 250 53.36 17.56 55.66
CA LYS A 250 53.76 18.94 55.92
C LYS A 250 52.51 19.81 56.07
N PRO A 251 52.33 20.44 57.24
CA PRO A 251 51.16 21.30 57.39
C PRO A 251 51.20 22.48 56.44
N THR A 252 50.03 22.89 55.96
CA THR A 252 49.94 23.89 54.91
C THR A 252 48.62 24.65 55.02
N SER A 253 48.38 25.54 54.07
CA SER A 253 47.16 26.31 54.01
C SER A 253 46.55 26.12 52.64
N TYR A 254 45.27 26.42 52.51
CA TYR A 254 44.61 26.30 51.21
C TYR A 254 45.22 27.23 50.16
N GLU A 255 45.66 28.43 50.57
CA GLU A 255 46.23 29.39 49.63
C GLU A 255 47.50 28.85 48.98
N GLU A 256 48.33 28.16 49.77
CA GLU A 256 49.57 27.58 49.26
C GLU A 256 49.28 26.36 48.35
N ILE A 257 48.26 25.57 48.69
CA ILE A 257 47.83 24.50 47.81
C ILE A 257 47.45 25.05 46.43
N LYS A 258 46.68 26.12 46.42
CA LYS A 258 46.27 26.76 45.16
C LYS A 258 47.49 27.23 44.37
N LYS A 259 48.42 27.85 45.07
CA LYS A 259 49.60 28.43 44.46
C LYS A 259 50.46 27.36 43.77
N VAL A 260 50.68 26.22 44.42
CA VAL A 260 51.49 25.18 43.81
C VAL A 260 50.77 24.53 42.62
N VAL A 261 49.48 24.29 42.76
CA VAL A 261 48.71 23.67 41.68
C VAL A 261 48.66 24.60 40.48
N LYS A 262 48.37 25.87 40.73
CA LYS A 262 48.34 26.88 39.68
C LYS A 262 49.68 26.96 38.96
N LYS A 263 50.77 26.94 39.72
CA LYS A 263 52.10 27.07 39.13
C LYS A 263 52.42 25.84 38.29
N ALA A 264 52.06 24.66 38.78
CA ALA A 264 52.22 23.42 38.02
C ALA A 264 51.42 23.48 36.70
N SER A 265 50.22 24.03 36.76
CA SER A 265 49.38 24.18 35.57
C SER A 265 49.96 25.10 34.51
N GLU A 266 50.85 26.02 34.92
CA GLU A 266 51.46 26.96 34.00
C GLU A 266 52.83 26.54 33.52
N THR A 267 53.41 25.51 34.15
CA THR A 267 54.78 25.08 33.85
C THR A 267 54.86 23.60 33.50
N ASP A 268 55.25 22.76 34.45
CA ASP A 268 55.62 21.36 34.19
C ASP A 268 54.45 20.47 33.77
N LEU A 269 53.25 20.76 34.28
CA LEU A 269 52.07 20.00 33.91
C LEU A 269 51.17 20.74 32.93
N LYS A 270 51.70 21.74 32.24
CA LYS A 270 50.90 22.56 31.32
C LYS A 270 50.28 21.67 30.24
N GLY A 271 48.99 21.88 30.00
CA GLY A 271 48.23 21.07 29.04
C GLY A 271 47.57 19.87 29.69
N PHE A 272 48.09 19.41 30.83
CA PHE A 272 47.56 18.23 31.51
C PHE A 272 46.72 18.64 32.72
N LEU A 273 47.32 19.44 33.59
CA LEU A 273 46.66 19.96 34.77
C LEU A 273 46.32 21.42 34.54
N ALA A 274 45.05 21.77 34.70
CA ALA A 274 44.56 23.13 34.56
C ALA A 274 44.07 23.59 35.92
N TYR A 275 43.88 24.90 36.04
CA TYR A 275 43.47 25.50 37.29
C TYR A 275 42.37 26.50 36.99
N THR A 276 41.26 26.44 37.71
CA THR A 276 40.22 27.44 37.59
C THR A 276 39.78 27.91 38.97
N GLU A 277 39.31 29.16 39.02
CA GLU A 277 38.66 29.71 40.20
C GLU A 277 37.23 30.13 39.90
N ASP A 278 36.71 29.72 38.75
CA ASP A 278 35.36 30.10 38.32
C ASP A 278 34.35 29.11 38.88
N GLN A 279 33.10 29.52 38.83
CA GLN A 279 31.99 28.80 39.44
C GLN A 279 31.39 27.82 38.46
N VAL A 280 32.18 26.77 38.19
CA VAL A 280 31.94 25.87 37.09
C VAL A 280 31.07 24.70 37.49
N VAL A 281 30.48 24.08 36.49
CA VAL A 281 29.72 22.84 36.66
C VAL A 281 30.16 21.89 35.55
N SER A 282 29.66 20.66 35.55
CA SER A 282 30.21 19.62 34.69
C SER A 282 30.14 19.94 33.20
N SER A 283 29.04 20.50 32.74
CA SER A 283 28.90 20.80 31.31
C SER A 283 29.90 21.84 30.83
N ASP A 284 30.52 22.57 31.74
CA ASP A 284 31.59 23.50 31.35
C ASP A 284 32.87 22.81 30.88
N PHE A 285 32.96 21.49 31.02
CA PHE A 285 34.14 20.76 30.58
C PHE A 285 33.87 19.82 29.41
N ILE A 286 32.69 19.90 28.80
CA ILE A 286 32.42 19.15 27.59
C ILE A 286 33.41 19.58 26.52
N SER A 287 34.22 18.61 26.07
CA SER A 287 35.27 18.80 25.05
C SER A 287 36.48 19.56 25.55
N ASP A 288 36.69 19.58 26.87
CA ASP A 288 37.94 20.08 27.44
C ASP A 288 39.05 19.06 27.18
N THR A 289 40.25 19.54 26.91
CA THR A 289 41.36 18.65 26.51
C THR A 289 42.30 18.28 27.67
N HIS A 290 42.02 18.80 28.87
CA HIS A 290 42.90 18.54 30.00
C HIS A 290 42.63 17.21 30.69
N SER A 291 43.61 16.72 31.41
CA SER A 291 43.45 15.50 32.18
C SER A 291 42.78 15.80 33.51
N SER A 292 42.98 17.03 34.01
CA SER A 292 42.63 17.34 35.38
C SER A 292 42.47 18.84 35.49
N VAL A 293 41.27 19.30 35.88
CA VAL A 293 41.05 20.71 36.11
C VAL A 293 40.70 20.95 37.56
N PHE A 294 41.67 21.49 38.30
CA PHE A 294 41.50 21.79 39.72
C PHE A 294 40.48 22.90 39.92
N ASP A 295 39.49 22.65 40.79
CA ASP A 295 38.42 23.60 41.11
C ASP A 295 38.77 24.23 42.44
N ALA A 296 39.35 25.43 42.41
CA ALA A 296 39.81 26.08 43.63
C ALA A 296 38.71 26.32 44.66
N LEU A 297 37.59 26.86 44.21
CA LEU A 297 36.48 27.22 45.12
C LEU A 297 35.80 26.02 45.77
N ALA A 298 35.84 24.86 45.12
CA ALA A 298 35.11 23.68 45.61
C ALA A 298 35.88 22.92 46.71
N GLY A 299 37.17 23.18 46.86
CA GLY A 299 37.96 22.51 47.88
C GLY A 299 37.61 22.92 49.30
N ILE A 300 37.95 22.06 50.25
CA ILE A 300 37.76 22.35 51.67
C ILE A 300 39.01 21.95 52.43
N GLN A 301 39.44 22.84 53.33
CA GLN A 301 40.52 22.54 54.25
C GLN A 301 39.93 22.46 55.65
N LEU A 302 39.96 21.28 56.25
CA LEU A 302 39.46 21.10 57.61
C LEU A 302 40.44 21.73 58.61
N ASN A 303 41.72 21.35 58.47
CA ASN A 303 42.80 21.86 59.32
C ASN A 303 44.09 21.83 58.50
N PRO A 304 45.21 22.30 59.05
CA PRO A 304 46.42 22.40 58.22
C PRO A 304 46.92 21.10 57.55
N THR A 305 46.44 19.93 57.98
CA THR A 305 46.93 18.66 57.45
C THR A 305 45.82 17.76 56.92
N PHE A 306 44.63 18.31 56.69
CA PHE A 306 43.48 17.52 56.24
C PHE A 306 42.60 18.30 55.28
N VAL A 307 42.55 17.84 54.02
CA VAL A 307 41.98 18.62 52.95
C VAL A 307 41.15 17.74 52.00
N LYS A 308 40.19 18.36 51.32
CA LYS A 308 39.45 17.73 50.23
C LYS A 308 39.66 18.54 48.95
N LEU A 309 40.23 17.92 47.93
CA LEU A 309 40.49 18.58 46.67
C LEU A 309 39.58 18.03 45.57
N VAL A 310 39.26 18.90 44.61
CA VAL A 310 38.27 18.65 43.59
C VAL A 310 38.85 18.94 42.21
N SER A 311 38.69 18.00 41.29
CA SER A 311 39.26 18.15 39.95
C SER A 311 38.36 17.51 38.91
N TRP A 312 38.06 18.28 37.88
CA TRP A 312 37.17 17.87 36.80
C TRP A 312 37.95 17.21 35.69
N TYR A 313 37.27 16.36 34.94
CA TYR A 313 37.83 15.79 33.72
C TYR A 313 36.74 15.37 32.77
N ASP A 314 36.91 15.73 31.52
CA ASP A 314 36.14 15.19 30.44
C ASP A 314 36.72 13.82 30.19
N ASN A 315 36.03 12.81 30.73
CA ASN A 315 36.53 11.44 30.73
C ASN A 315 36.72 10.91 29.31
N GLU A 316 35.98 11.42 28.33
CA GLU A 316 36.14 11.01 26.94
C GLU A 316 37.24 11.75 26.24
N TYR A 317 37.17 13.08 26.27
CA TYR A 317 37.97 13.93 25.40
C TYR A 317 39.40 14.14 25.93
N GLY A 318 39.52 14.34 27.25
CA GLY A 318 40.82 14.55 27.87
C GLY A 318 41.69 13.32 27.72
N TYR A 319 41.09 12.18 28.04
CA TYR A 319 41.79 10.89 27.92
C TYR A 319 42.19 10.64 26.47
N SER A 320 41.34 10.96 25.53
CA SER A 320 41.66 10.73 24.11
C SER A 320 42.84 11.57 23.66
N HIS A 321 42.87 12.82 24.08
CA HIS A 321 44.02 13.68 23.81
C HIS A 321 45.31 13.17 24.46
N ARG A 322 45.18 12.58 25.65
CA ARG A 322 46.32 11.95 26.31
C ARG A 322 46.85 10.72 25.54
N VAL A 323 45.95 9.96 24.95
CA VAL A 323 46.40 8.82 24.14
C VAL A 323 47.29 9.30 23.02
N VAL A 324 46.91 10.42 22.41
CA VAL A 324 47.69 10.97 21.30
C VAL A 324 49.02 11.54 21.79
N ASP A 325 49.00 12.26 22.91
CA ASP A 325 50.25 12.77 23.50
C ASP A 325 51.20 11.62 23.84
N LEU A 326 50.66 10.50 24.30
CA LEU A 326 51.48 9.35 24.67
C LEU A 326 52.11 8.75 23.43
N ILE A 327 51.36 8.71 22.34
CA ILE A 327 51.89 8.21 21.08
C ILE A 327 53.07 9.09 20.63
N GLU A 328 52.84 10.41 20.56
CA GLU A 328 53.88 11.34 20.11
C GLU A 328 55.11 11.28 21.01
N TYR A 329 54.89 11.19 22.32
CA TYR A 329 56.01 11.03 23.24
C TYR A 329 56.77 9.73 22.98
N MET A 330 56.07 8.62 22.76
CA MET A 330 56.74 7.35 22.48
C MET A 330 57.47 7.36 21.15
N ALA A 331 56.91 8.05 20.15
CA ALA A 331 57.53 8.05 18.83
C ALA A 331 58.84 8.82 18.80
N THR A 332 59.04 9.80 19.69
CA THR A 332 60.26 10.58 19.69
C THR A 332 61.40 9.83 20.43
N LYS A 333 61.71 8.61 20.01
CA LYS A 333 62.82 7.84 20.56
C LYS A 333 63.72 7.43 19.37
CA VAL B 2 -1.57 13.77 68.07
C VAL B 2 -1.79 14.73 66.90
N LYS B 3 -2.18 15.97 67.19
CA LYS B 3 -2.74 16.86 66.17
C LYS B 3 -1.67 17.78 65.60
N VAL B 4 -1.59 17.80 64.26
CA VAL B 4 -0.51 18.48 63.55
C VAL B 4 -1.07 19.44 62.51
N GLY B 5 -0.45 20.59 62.39
CA GLY B 5 -0.68 21.50 61.27
C GLY B 5 0.57 21.64 60.42
N ILE B 6 0.37 21.81 59.12
CA ILE B 6 1.46 21.98 58.16
C ILE B 6 1.35 23.34 57.49
N ASN B 7 2.43 24.12 57.51
CA ASN B 7 2.49 25.38 56.78
C ASN B 7 3.40 25.19 55.57
N GLY B 8 2.84 25.37 54.37
CA GLY B 8 3.59 25.13 53.15
C GLY B 8 3.39 23.74 52.61
N PHE B 9 2.70 23.62 51.48
CA PHE B 9 2.46 22.31 50.85
C PHE B 9 3.49 21.98 49.77
N GLY B 10 4.78 22.15 50.05
CA GLY B 10 5.82 21.83 49.09
C GLY B 10 6.22 20.37 49.17
N ARG B 11 7.43 20.06 48.70
CA ARG B 11 7.87 18.67 48.69
C ARG B 11 7.79 18.06 50.08
N ILE B 12 8.37 18.75 51.07
CA ILE B 12 8.44 18.21 52.43
C ILE B 12 7.06 18.24 53.09
N GLY B 13 6.28 19.31 52.87
CA GLY B 13 4.95 19.39 53.46
C GLY B 13 4.01 18.30 52.97
N ARG B 14 3.98 18.05 51.67
CA ARG B 14 3.13 17.01 51.13
C ARG B 14 3.57 15.62 51.61
N LEU B 15 4.87 15.38 51.71
CA LEU B 15 5.32 14.04 52.07
C LEU B 15 5.35 13.81 53.58
N VAL B 16 5.47 14.87 54.38
CA VAL B 16 5.15 14.76 55.80
C VAL B 16 3.68 14.36 55.97
N MET B 17 2.81 14.97 55.16
CA MET B 17 1.40 14.56 55.21
C MET B 17 1.24 13.09 54.83
N ARG B 18 1.95 12.64 53.78
CA ARG B 18 1.89 11.24 53.40
C ARG B 18 2.44 10.34 54.49
N ALA B 19 3.58 10.71 55.07
CA ALA B 19 4.14 9.90 56.14
C ALA B 19 3.23 9.87 57.36
N SER B 20 2.55 10.99 57.65
CA SER B 20 1.68 11.04 58.83
C SER B 20 0.58 10.01 58.80
N LEU B 21 0.12 9.60 57.61
CA LEU B 21 -0.94 8.62 57.50
C LEU B 21 -0.47 7.20 57.82
N GLU B 22 0.83 6.96 57.87
CA GLU B 22 1.38 5.66 58.27
C GLU B 22 1.82 5.67 59.72
N HIS B 23 1.64 6.77 60.40
CA HIS B 23 1.91 6.83 61.82
C HIS B 23 0.57 7.02 62.54
N PRO B 24 0.01 5.97 63.20
CA PRO B 24 -1.33 6.10 63.83
C PRO B 24 -1.41 7.07 65.05
N GLU B 25 -0.28 7.49 65.63
CA GLU B 25 -0.23 8.45 66.74
C GLU B 25 -0.75 9.80 66.29
N VAL B 26 -0.31 10.17 65.09
CA VAL B 26 -0.34 11.51 64.56
C VAL B 26 -1.44 11.65 63.55
N GLN B 27 -2.11 12.78 63.62
CA GLN B 27 -3.01 13.11 62.53
C GLN B 27 -2.95 14.60 62.20
N VAL B 28 -2.69 14.88 60.92
CA VAL B 28 -2.72 16.25 60.41
C VAL B 28 -4.16 16.74 60.32
N VAL B 29 -4.44 17.89 60.91
CA VAL B 29 -5.78 18.45 60.92
C VAL B 29 -5.89 19.75 60.14
N ALA B 30 -4.79 20.44 59.83
CA ALA B 30 -4.85 21.69 59.10
C ALA B 30 -3.58 21.88 58.27
N VAL B 31 -3.75 22.48 57.09
CA VAL B 31 -2.66 22.84 56.18
C VAL B 31 -2.87 24.27 55.71
N ASN B 32 -1.80 25.07 55.69
CA ASN B 32 -1.85 26.41 55.13
C ASN B 32 -0.85 26.56 53.99
N ASP B 33 -1.34 27.04 52.83
CA ASP B 33 -0.48 27.54 51.76
C ASP B 33 -1.29 28.48 50.87
N PRO B 34 -0.92 29.76 50.82
CA PRO B 34 -1.69 30.73 50.02
C PRO B 34 -1.48 30.62 48.52
N PHE B 35 -0.63 29.70 48.06
CA PHE B 35 -0.34 29.58 46.64
C PHE B 35 -0.88 28.30 46.03
N ILE B 36 -1.65 27.53 46.80
CA ILE B 36 -2.24 26.26 46.33
C ILE B 36 -3.67 26.17 46.87
N ASP B 37 -4.65 26.32 45.99
CA ASP B 37 -6.02 26.22 46.45
C ASP B 37 -6.37 24.75 46.74
N LEU B 38 -7.62 24.52 47.15
CA LEU B 38 -7.99 23.21 47.66
C LEU B 38 -7.96 22.13 46.58
N GLU B 39 -8.49 22.42 45.40
CA GLU B 39 -8.56 21.41 44.36
C GLU B 39 -7.18 21.07 43.83
N TYR B 40 -6.29 22.05 43.82
CA TYR B 40 -4.91 21.91 43.39
C TYR B 40 -4.09 21.17 44.43
N MET B 41 -4.34 21.42 45.72
CA MET B 41 -3.73 20.64 46.78
C MET B 41 -4.06 19.16 46.63
N GLU B 42 -5.31 18.84 46.27
CA GLU B 42 -5.70 17.45 46.10
C GLU B 42 -4.97 16.83 44.94
N TYR B 43 -4.94 17.53 43.80
CA TYR B 43 -4.14 17.07 42.66
C TYR B 43 -2.69 16.83 43.07
N MET B 44 -2.07 17.83 43.69
CA MET B 44 -0.66 17.73 44.03
C MET B 44 -0.42 16.62 45.02
N PHE B 45 -1.41 16.31 45.84
CA PHE B 45 -1.24 15.20 46.78
C PHE B 45 -1.50 13.83 46.13
N LYS B 46 -2.42 13.72 45.16
CA LYS B 46 -2.77 12.41 44.61
C LYS B 46 -1.70 11.90 43.67
N TYR B 47 -1.07 12.79 42.90
CA TYR B 47 -0.05 12.40 41.94
C TYR B 47 1.29 12.92 42.41
N ASP B 48 2.31 12.06 42.36
CA ASP B 48 3.68 12.43 42.70
C ASP B 48 4.61 11.76 41.70
N SER B 49 5.46 12.54 41.03
CA SER B 49 6.32 11.96 40.00
C SER B 49 7.32 10.97 40.60
N THR B 50 7.76 11.21 41.83
CA THR B 50 8.77 10.39 42.47
C THR B 50 8.19 9.26 43.31
N HIS B 51 7.13 9.52 44.09
CA HIS B 51 6.66 8.51 45.00
C HIS B 51 5.36 7.85 44.56
N GLY B 52 4.86 8.17 43.36
CA GLY B 52 3.69 7.50 42.84
C GLY B 52 2.40 8.07 43.39
N ARG B 53 1.29 7.52 42.87
CA ARG B 53 -0.04 7.97 43.24
C ARG B 53 -0.34 7.65 44.69
N PHE B 54 -1.11 8.54 45.32
CA PHE B 54 -1.61 8.24 46.65
C PHE B 54 -2.54 7.04 46.60
N LYS B 55 -2.37 6.15 47.57
CA LYS B 55 -2.95 4.83 47.52
C LYS B 55 -4.19 4.75 48.40
N GLY B 56 -4.44 5.79 49.19
CA GLY B 56 -5.72 5.95 49.86
C GLY B 56 -6.69 6.71 48.98
N THR B 57 -7.67 7.33 49.64
CA THR B 57 -8.73 8.08 48.99
C THR B 57 -8.56 9.56 49.23
N THR B 58 -9.07 10.37 48.29
CA THR B 58 -9.00 11.82 48.42
C THR B 58 -10.33 12.46 48.01
N GLU B 59 -10.63 13.56 48.68
CA GLU B 59 -11.83 14.27 48.31
C GLU B 59 -11.74 15.71 48.76
N VAL B 60 -12.38 16.58 47.99
CA VAL B 60 -12.64 17.95 48.36
C VAL B 60 -14.13 18.05 48.69
N LYS B 61 -14.46 18.48 49.90
CA LYS B 61 -15.87 18.57 50.26
C LYS B 61 -16.06 19.65 51.30
N ASP B 62 -17.06 20.49 51.08
CA ASP B 62 -17.40 21.64 51.92
C ASP B 62 -16.15 22.38 52.42
N GLY B 63 -15.27 22.73 51.47
CA GLY B 63 -14.11 23.56 51.74
C GLY B 63 -13.01 22.92 52.56
N LYS B 64 -13.06 21.61 52.78
CA LYS B 64 -12.00 20.87 53.44
C LYS B 64 -11.37 19.90 52.45
N LEU B 65 -10.10 19.56 52.66
CA LEU B 65 -9.47 18.45 51.95
C LEU B 65 -9.61 17.21 52.80
N VAL B 66 -10.19 16.15 52.24
CA VAL B 66 -10.51 14.95 53.03
C VAL B 66 -9.65 13.80 52.51
N ILE B 67 -8.75 13.30 53.38
CA ILE B 67 -7.76 12.27 53.04
C ILE B 67 -8.00 11.06 53.92
N ASN B 68 -8.45 9.96 53.29
CA ASN B 68 -8.88 8.76 53.99
C ASN B 68 -10.00 9.07 55.00
N GLY B 69 -10.91 9.96 54.63
CA GLY B 69 -12.03 10.27 55.50
C GLY B 69 -11.81 11.35 56.53
N ASN B 70 -10.58 11.83 56.67
CA ASN B 70 -10.33 12.84 57.70
C ASN B 70 -10.41 14.21 57.06
N PRO B 71 -11.28 15.10 57.51
CA PRO B 71 -11.32 16.44 56.91
C PRO B 71 -10.16 17.26 57.44
N ILE B 72 -9.52 18.00 56.53
CA ILE B 72 -8.43 18.89 56.87
C ILE B 72 -8.80 20.29 56.42
N SER B 73 -8.73 21.24 57.35
CA SER B 73 -9.00 22.63 57.00
C SER B 73 -7.77 23.24 56.34
N VAL B 74 -8.01 24.11 55.36
CA VAL B 74 -6.98 24.63 54.49
C VAL B 74 -7.07 26.15 54.49
N TYR B 75 -5.93 26.81 54.64
CA TYR B 75 -5.86 28.26 54.71
C TYR B 75 -4.94 28.79 53.61
N ALA B 76 -5.12 30.07 53.28
CA ALA B 76 -4.38 30.73 52.22
C ALA B 76 -3.83 32.06 52.77
N LEU B 77 -2.92 31.95 53.74
CA LEU B 77 -2.42 33.10 54.50
C LEU B 77 -0.93 33.31 54.29
N LYS B 78 -0.52 34.56 54.06
CA LYS B 78 0.88 34.90 53.86
C LYS B 78 1.58 35.09 55.20
N ASP B 79 0.89 35.68 56.17
CA ASP B 79 1.46 35.92 57.48
C ASP B 79 1.19 34.73 58.40
N PRO B 80 2.22 33.98 58.83
CA PRO B 80 1.98 32.85 59.74
C PRO B 80 1.33 33.25 61.04
N ALA B 81 1.47 34.52 61.45
CA ALA B 81 0.77 35.01 62.62
C ALA B 81 -0.74 34.97 62.43
N ALA B 82 -1.19 34.96 61.17
CA ALA B 82 -2.61 35.00 60.89
C ALA B 82 -3.22 33.62 60.75
N ILE B 83 -2.43 32.55 60.79
CA ILE B 83 -2.98 31.21 60.66
C ILE B 83 -3.66 30.86 61.96
N PRO B 84 -4.96 30.57 61.95
CA PRO B 84 -5.70 30.24 63.18
C PRO B 84 -5.55 28.78 63.54
N TRP B 85 -4.34 28.41 63.97
CA TRP B 85 -4.08 27.02 64.33
C TRP B 85 -5.03 26.59 65.44
N LYS B 86 -5.26 27.47 66.41
CA LYS B 86 -6.06 27.11 67.57
C LYS B 86 -7.50 26.78 67.22
N GLU B 87 -8.07 27.44 66.22
CA GLU B 87 -9.46 27.19 65.87
C GLU B 87 -9.61 25.96 64.96
N ALA B 88 -8.52 25.20 64.79
CA ALA B 88 -8.58 23.88 64.17
C ALA B 88 -7.83 22.83 64.98
N GLY B 89 -7.35 23.15 66.17
CA GLY B 89 -6.71 22.14 67.02
C GLY B 89 -5.39 21.63 66.50
N ALA B 90 -4.54 22.51 65.99
CA ALA B 90 -3.19 22.12 65.55
C ALA B 90 -2.27 22.38 66.72
N ASP B 91 -1.95 21.34 67.49
CA ASP B 91 -1.02 21.49 68.60
C ASP B 91 0.41 21.66 68.09
N PHE B 92 0.84 20.81 67.16
CA PHE B 92 2.17 20.86 66.59
C PHE B 92 2.09 21.39 65.17
N VAL B 93 2.89 22.41 64.86
CA VAL B 93 2.91 23.02 63.53
C VAL B 93 4.24 22.73 62.87
N VAL B 94 4.18 22.17 61.67
CA VAL B 94 5.38 21.93 60.87
C VAL B 94 5.60 23.13 59.95
N GLU B 95 6.74 23.81 60.15
CA GLU B 95 7.11 24.96 59.33
C GLU B 95 8.00 24.47 58.18
N SER B 96 7.42 24.38 57.00
CA SER B 96 8.06 23.73 55.87
C SER B 96 7.99 24.61 54.63
N THR B 97 7.95 25.92 54.81
CA THR B 97 7.98 26.82 53.66
C THR B 97 9.40 27.19 53.24
N GLY B 98 10.32 27.29 54.20
CA GLY B 98 11.68 27.66 53.90
C GLY B 98 12.03 29.08 54.26
N VAL B 99 11.04 29.91 54.60
CA VAL B 99 11.28 31.33 54.77
C VAL B 99 11.02 31.79 56.20
N PHE B 100 10.74 30.88 57.11
CA PHE B 100 10.47 31.17 58.51
C PHE B 100 11.37 30.31 59.39
N THR B 101 12.68 30.38 59.14
CA THR B 101 13.59 29.41 59.76
C THR B 101 14.21 29.87 61.08
N THR B 102 14.19 31.17 61.39
CA THR B 102 14.67 31.58 62.70
C THR B 102 13.52 31.59 63.71
N THR B 103 13.88 31.50 64.99
CA THR B 103 12.89 31.40 66.04
C THR B 103 11.92 32.57 66.07
N GLU B 104 12.39 33.78 65.70
CA GLU B 104 11.46 34.91 65.74
C GLU B 104 10.35 34.76 64.71
N LYS B 105 10.71 34.38 63.48
CA LYS B 105 9.69 34.21 62.45
C LYS B 105 8.88 32.94 62.67
N ALA B 106 9.55 31.86 63.03
CA ALA B 106 8.83 30.61 63.30
C ALA B 106 7.90 30.76 64.50
N SER B 107 8.23 31.65 65.42
CA SER B 107 7.39 31.88 66.59
C SER B 107 6.00 32.40 66.24
N ALA B 108 5.82 32.94 65.03
CA ALA B 108 4.51 33.47 64.65
C ALA B 108 3.40 32.43 64.77
N HIS B 109 3.71 31.14 64.58
CA HIS B 109 2.69 30.11 64.74
C HIS B 109 2.21 30.00 66.16
N LEU B 110 3.08 30.27 67.15
CA LEU B 110 2.63 30.28 68.53
C LEU B 110 1.58 31.36 68.77
N HIS B 111 1.67 32.47 68.04
CA HIS B 111 0.73 33.58 68.16
C HIS B 111 -0.60 33.30 67.46
N GLY B 112 -0.81 32.06 67.02
CA GLY B 112 -2.06 31.65 66.42
C GLY B 112 -2.45 30.32 67.01
N GLY B 113 -2.20 30.17 68.31
CA GLY B 113 -2.51 28.98 69.08
C GLY B 113 -1.78 27.69 68.77
N ALA B 114 -0.65 27.74 68.07
CA ALA B 114 0.23 26.58 68.03
C ALA B 114 0.99 26.52 69.34
N LYS B 115 1.17 25.32 69.91
CA LYS B 115 1.98 25.25 71.12
C LYS B 115 3.44 24.94 70.84
N LYS B 116 3.76 24.13 69.83
CA LYS B 116 5.12 23.77 69.49
C LYS B 116 5.26 23.84 67.97
N VAL B 117 6.41 24.34 67.49
CA VAL B 117 6.64 24.49 66.05
C VAL B 117 7.93 23.75 65.67
N ILE B 118 7.85 22.97 64.60
CA ILE B 118 8.96 22.16 64.09
C ILE B 118 9.37 22.70 62.72
N ILE B 119 10.54 23.33 62.63
CA ILE B 119 11.04 23.80 61.34
C ILE B 119 11.65 22.62 60.58
N SER B 120 11.18 22.41 59.36
CA SER B 120 11.62 21.29 58.53
C SER B 120 12.87 21.66 57.75
N ALA B 121 13.83 22.26 58.44
CA ALA B 121 15.05 22.77 57.85
C ALA B 121 15.98 23.19 58.98
N PRO B 122 17.28 23.39 58.69
CA PRO B 122 18.19 23.89 59.73
C PRO B 122 17.80 25.31 60.15
N SER B 123 18.23 25.68 61.34
CA SER B 123 18.02 27.02 61.86
C SER B 123 19.34 27.58 62.37
N ALA B 124 19.48 28.89 62.30
CA ALA B 124 20.67 29.55 62.83
C ALA B 124 20.67 29.57 64.36
N ASP B 125 19.48 29.62 64.98
CA ASP B 125 19.40 29.79 66.43
C ASP B 125 18.52 28.73 67.09
N ALA B 126 17.46 28.28 66.43
CA ALA B 126 16.58 27.29 67.04
C ALA B 126 17.31 25.96 67.18
N PRO B 127 17.07 25.21 68.26
CA PRO B 127 17.79 23.95 68.48
C PRO B 127 17.46 22.89 67.42
N MET B 128 18.51 22.22 66.94
CA MET B 128 18.39 21.22 65.89
C MET B 128 18.46 19.82 66.50
N PHE B 129 17.68 18.89 65.94
CA PHE B 129 17.63 17.54 66.49
C PHE B 129 17.71 16.51 65.36
N VAL B 130 18.43 15.43 65.64
CA VAL B 130 18.53 14.27 64.78
C VAL B 130 18.01 13.08 65.58
N MET B 131 16.89 12.52 65.16
CA MET B 131 16.35 11.37 65.86
C MET B 131 17.40 10.27 65.97
N GLY B 132 17.61 9.79 67.19
CA GLY B 132 18.61 8.79 67.43
C GLY B 132 20.01 9.29 67.69
N VAL B 133 20.21 10.60 67.81
CA VAL B 133 21.54 11.13 68.07
C VAL B 133 21.51 12.04 69.30
N ASN B 134 20.66 13.06 69.28
CA ASN B 134 20.58 14.04 70.36
C ASN B 134 19.13 14.32 70.73
N GLU B 135 18.23 13.40 70.39
CA GLU B 135 16.81 13.62 70.60
C GLU B 135 16.46 13.81 72.07
N LYS B 136 17.21 13.21 73.00
CA LYS B 136 16.80 13.43 74.38
C LYS B 136 17.22 14.81 74.90
N THR B 137 18.07 15.52 74.18
CA THR B 137 18.42 16.89 74.55
C THR B 137 17.22 17.82 74.35
N TYR B 138 16.07 17.28 73.96
CA TYR B 138 14.86 18.08 73.91
C TYR B 138 14.44 18.44 75.32
N ASP B 139 14.09 19.71 75.52
CA ASP B 139 13.66 20.21 76.81
C ASP B 139 12.28 20.82 76.63
N ALA B 140 11.26 20.07 77.04
CA ALA B 140 9.86 20.42 76.85
C ALA B 140 9.42 21.57 77.75
N ALA B 141 10.38 22.26 78.36
CA ALA B 141 10.12 23.45 79.17
C ALA B 141 10.79 24.71 78.63
N THR B 142 11.84 24.57 77.82
CA THR B 142 12.65 25.67 77.32
C THR B 142 12.40 25.97 75.85
N MET B 143 12.00 24.97 75.08
CA MET B 143 12.06 25.04 73.63
C MET B 143 10.66 24.88 73.06
N ASN B 144 10.12 25.97 72.53
CA ASN B 144 8.83 25.94 71.84
C ASN B 144 8.95 25.89 70.32
N VAL B 145 10.10 26.24 69.75
CA VAL B 145 10.37 26.03 68.32
C VAL B 145 11.69 25.28 68.19
N VAL B 146 11.68 24.20 67.41
CA VAL B 146 12.86 23.37 67.21
C VAL B 146 13.01 23.12 65.72
N SER B 147 14.20 22.64 65.34
CA SER B 147 14.50 22.31 63.96
C SER B 147 14.93 20.85 63.87
N ASN B 148 14.50 20.16 62.81
CA ASN B 148 14.86 18.78 62.56
C ASN B 148 16.12 18.66 61.68
N ALA B 149 16.94 19.70 61.63
CA ALA B 149 18.18 19.78 60.83
C ALA B 149 17.83 19.53 59.37
N SER B 150 18.74 18.93 58.60
CA SER B 150 18.50 18.66 57.20
C SER B 150 18.55 17.16 56.93
N CYS B 151 18.02 16.78 55.76
CA CYS B 151 18.15 15.41 55.25
C CYS B 151 19.58 14.90 55.39
N THR B 152 20.55 15.63 54.83
CA THR B 152 21.93 15.17 54.85
C THR B 152 22.44 15.07 56.30
N THR B 153 22.01 15.98 57.17
CA THR B 153 22.39 15.88 58.58
C THR B 153 21.81 14.61 59.20
N ASN B 154 20.54 14.31 58.91
CA ASN B 154 19.92 13.11 59.46
C ASN B 154 20.53 11.83 58.89
N CYS B 155 21.23 11.91 57.77
CA CYS B 155 21.93 10.72 57.31
C CYS B 155 23.32 10.63 57.91
N LEU B 156 24.01 11.76 58.04
CA LEU B 156 25.39 11.73 58.52
C LEU B 156 25.48 11.54 60.02
N ALA B 157 24.54 12.10 60.78
CA ALA B 157 24.71 12.09 62.23
C ALA B 157 24.60 10.70 62.82
N PRO B 158 23.61 9.86 62.45
CA PRO B 158 23.57 8.49 63.02
C PRO B 158 24.74 7.62 62.58
N LEU B 159 25.24 7.76 61.35
CA LEU B 159 26.41 7.00 60.95
C LEU B 159 27.66 7.50 61.68
N ALA B 160 27.77 8.82 61.85
CA ALA B 160 28.92 9.36 62.57
C ALA B 160 28.93 8.94 64.03
N LYS B 161 27.76 8.95 64.69
CA LYS B 161 27.69 8.57 66.10
C LYS B 161 28.18 7.14 66.33
N VAL B 162 27.72 6.20 65.50
CA VAL B 162 28.10 4.80 65.70
C VAL B 162 29.61 4.63 65.50
N ILE B 163 30.16 5.30 64.48
CA ILE B 163 31.59 5.19 64.24
C ILE B 163 32.40 5.90 65.32
N ASN B 164 31.98 7.12 65.69
CA ASN B 164 32.71 7.85 66.71
C ASN B 164 32.63 7.18 68.07
N ASP B 165 31.44 6.71 68.47
CA ASP B 165 31.28 6.17 69.81
C ASP B 165 32.18 4.96 70.00
N ASN B 166 32.47 4.24 68.93
CA ASN B 166 33.25 3.02 69.04
C ASN B 166 34.71 3.18 68.64
N PHE B 167 34.99 4.01 67.65
CA PHE B 167 36.33 4.12 67.11
C PHE B 167 36.84 5.55 67.11
N GLY B 168 36.13 6.49 67.76
CA GLY B 168 36.55 7.86 67.92
C GLY B 168 37.12 8.53 66.68
N ILE B 169 36.30 9.33 66.02
CA ILE B 169 36.70 10.01 64.81
C ILE B 169 37.63 11.16 65.17
N GLU B 170 38.87 11.09 64.67
CA GLU B 170 39.84 12.19 64.81
C GLU B 170 39.56 13.30 63.81
N GLU B 171 39.76 13.02 62.53
CA GLU B 171 39.40 13.95 61.47
C GLU B 171 38.48 13.22 60.51
N GLY B 172 37.65 14.00 59.81
CA GLY B 172 36.69 13.45 58.85
C GLY B 172 36.17 14.48 57.87
N LEU B 173 35.98 14.07 56.62
CA LEU B 173 35.38 14.91 55.59
C LEU B 173 34.39 14.07 54.80
N MET B 174 33.25 14.67 54.46
CA MET B 174 32.19 13.95 53.76
C MET B 174 31.79 14.67 52.48
N THR B 175 31.32 13.87 51.54
CA THR B 175 30.62 14.34 50.36
C THR B 175 29.25 13.69 50.37
N THR B 176 28.22 14.43 50.02
CA THR B 176 26.97 13.83 49.65
C THR B 176 26.77 14.03 48.15
N ILE B 177 26.54 12.93 47.45
CA ILE B 177 26.08 12.94 46.06
C ILE B 177 24.55 13.05 46.12
N HIS B 178 24.03 14.22 45.77
CA HIS B 178 22.74 14.70 46.22
C HIS B 178 21.80 14.88 45.05
N ALA B 179 20.58 14.39 45.21
CA ALA B 179 19.55 14.63 44.21
C ALA B 179 19.29 16.11 44.07
N TYR B 180 18.86 16.52 42.88
CA TYR B 180 18.52 17.93 42.72
C TYR B 180 17.19 18.23 43.40
N THR B 181 16.99 19.49 43.73
CA THR B 181 15.81 19.85 44.50
C THR B 181 15.09 21.00 43.84
N ALA B 182 14.03 21.50 44.49
CA ALA B 182 13.17 22.54 43.92
C ALA B 182 13.88 23.89 43.83
N THR B 183 14.94 24.11 44.62
CA THR B 183 15.65 25.37 44.54
C THR B 183 16.51 25.46 43.30
N GLN B 184 16.65 24.37 42.55
CA GLN B 184 17.48 24.32 41.36
C GLN B 184 16.65 24.67 40.11
N LYS B 185 17.33 24.82 38.97
CA LYS B 185 16.69 25.27 37.73
C LYS B 185 16.73 24.21 36.65
N THR B 186 15.69 24.20 35.82
CA THR B 186 15.66 23.23 34.73
C THR B 186 16.72 23.55 33.69
N VAL B 187 16.84 24.82 33.31
CA VAL B 187 17.88 25.28 32.42
C VAL B 187 18.65 26.38 33.09
N ASP B 188 19.82 26.71 32.55
CA ASP B 188 20.69 27.70 33.14
C ASP B 188 19.93 28.98 33.40
N GLY B 189 19.77 29.33 34.68
CA GLY B 189 18.99 30.48 35.09
C GLY B 189 19.59 31.22 36.27
N PRO B 190 18.96 32.31 36.70
CA PRO B 190 19.55 33.15 37.74
C PRO B 190 19.43 32.56 39.13
N SER B 191 20.54 32.64 39.88
CA SER B 191 20.67 32.19 41.26
C SER B 191 21.70 33.11 41.89
N GLY B 192 21.28 34.36 42.15
CA GLY B 192 22.22 35.43 42.39
C GLY B 192 23.22 35.16 43.50
N LYS B 193 22.85 34.32 44.47
CA LYS B 193 23.73 34.10 45.62
C LYS B 193 24.69 32.93 45.43
N LYS B 194 24.23 31.89 44.76
CA LYS B 194 25.02 30.70 44.52
C LYS B 194 24.99 30.45 43.02
N TRP B 195 26.04 30.90 42.30
CA TRP B 195 25.98 30.88 40.84
C TRP B 195 25.83 29.47 40.32
N ARG B 196 26.51 28.52 40.96
CA ARG B 196 26.50 27.16 40.46
C ARG B 196 25.11 26.56 40.51
N ASP B 197 24.29 26.99 41.47
CA ASP B 197 22.92 26.48 41.63
C ASP B 197 21.96 26.95 40.55
N GLY B 198 22.35 27.94 39.73
CA GLY B 198 21.48 28.34 38.63
C GLY B 198 21.62 27.51 37.38
N ARG B 199 22.70 26.77 37.26
CA ARG B 199 22.98 25.98 36.06
C ARG B 199 22.09 24.74 36.00
N GLY B 200 21.73 24.35 34.78
CA GLY B 200 20.74 23.32 34.53
C GLY B 200 20.92 22.07 35.36
N ALA B 201 19.89 21.68 36.10
CA ALA B 201 20.04 20.60 37.08
C ALA B 201 20.18 19.24 36.42
N ASN B 202 19.59 19.06 35.25
CA ASN B 202 19.55 17.79 34.57
C ASN B 202 20.79 17.59 33.72
N GLN B 203 21.54 18.65 33.46
CA GLN B 203 22.71 18.59 32.60
C GLN B 203 24.00 18.50 33.37
N ASN B 204 23.99 18.71 34.68
CA ASN B 204 25.20 19.08 35.40
C ASN B 204 25.39 18.30 36.68
N VAL B 205 26.64 17.97 36.96
CA VAL B 205 27.08 17.74 38.33
C VAL B 205 27.47 19.11 38.90
N ILE B 206 26.87 19.48 40.02
CA ILE B 206 27.00 20.84 40.52
C ILE B 206 27.52 20.82 41.95
N PRO B 207 28.74 21.30 42.22
CA PRO B 207 29.19 21.41 43.61
C PRO B 207 28.39 22.46 44.38
N ALA B 208 28.10 22.16 45.64
CA ALA B 208 27.27 23.02 46.45
C ALA B 208 27.64 22.85 47.93
N THR B 209 27.14 23.77 48.74
CA THR B 209 27.21 23.64 50.19
C THR B 209 26.19 22.60 50.65
N THR B 210 26.37 22.10 51.87
CA THR B 210 25.41 21.19 52.48
C THR B 210 25.05 21.66 53.89
N GLY B 211 23.77 21.51 54.23
CA GLY B 211 23.29 21.88 55.56
C GLY B 211 23.96 21.10 56.67
N ALA B 212 24.40 19.87 56.37
CA ALA B 212 25.06 19.02 57.36
C ALA B 212 26.44 19.55 57.75
N ALA B 213 27.06 20.40 56.93
CA ALA B 213 28.40 20.91 57.26
C ALA B 213 28.39 21.66 58.58
N LYS B 214 27.39 22.54 58.77
CA LYS B 214 27.25 23.27 60.02
C LYS B 214 26.57 22.41 61.09
N ALA B 215 25.45 21.78 60.74
CA ALA B 215 24.57 21.19 61.75
C ALA B 215 25.20 20.02 62.49
N VAL B 216 26.05 19.24 61.82
CA VAL B 216 26.56 18.01 62.43
C VAL B 216 27.35 18.33 63.69
N GLY B 217 28.01 19.49 63.73
CA GLY B 217 28.74 19.93 64.91
C GLY B 217 27.85 20.37 66.06
N LYS B 218 26.58 20.69 65.78
CA LYS B 218 25.66 21.04 66.85
C LYS B 218 24.95 19.83 67.42
N VAL B 219 24.59 18.87 66.58
CA VAL B 219 23.92 17.68 67.09
C VAL B 219 24.89 16.68 67.70
N ILE B 220 26.17 16.75 67.35
CA ILE B 220 27.21 15.99 68.04
C ILE B 220 28.35 16.94 68.40
N PRO B 221 28.32 17.54 69.59
CA PRO B 221 29.36 18.50 69.93
C PRO B 221 30.74 17.89 69.97
N GLU B 222 30.88 16.60 70.31
CA GLU B 222 32.24 16.06 70.29
C GLU B 222 32.90 16.17 68.93
N LEU B 223 32.14 16.42 67.86
CA LEU B 223 32.65 16.39 66.49
C LEU B 223 32.72 17.76 65.83
N ASN B 224 32.61 18.84 66.60
CA ASN B 224 32.51 20.16 65.99
C ASN B 224 33.69 20.44 65.06
N GLY B 225 34.81 20.87 65.60
CA GLY B 225 35.84 21.22 64.67
C GLY B 225 36.45 20.06 63.92
N LYS B 226 35.99 18.82 64.13
CA LYS B 226 36.62 17.68 63.48
C LYS B 226 35.89 17.18 62.22
N LEU B 227 34.70 17.66 61.87
CA LEU B 227 33.98 17.07 60.74
C LEU B 227 33.19 18.12 59.98
N THR B 228 33.41 18.17 58.65
CA THR B 228 32.65 19.01 57.73
C THR B 228 32.58 18.30 56.37
N GLY B 229 32.06 19.00 55.35
CA GLY B 229 31.96 18.38 54.03
C GLY B 229 31.26 19.27 53.03
N MET B 230 30.85 18.67 51.91
CA MET B 230 30.22 19.38 50.81
C MET B 230 29.24 18.45 50.09
N ALA B 231 28.60 18.96 49.05
CA ALA B 231 27.64 18.22 48.25
C ALA B 231 27.95 18.37 46.78
N PHE B 232 27.51 17.40 45.98
CA PHE B 232 27.42 17.53 44.52
C PHE B 232 25.99 17.22 44.12
N ARG B 233 25.31 18.19 43.53
CA ARG B 233 23.97 17.99 42.99
C ARG B 233 24.07 17.28 41.65
N VAL B 234 23.34 16.17 41.48
CA VAL B 234 23.48 15.36 40.26
C VAL B 234 22.12 15.06 39.66
N PRO B 235 22.01 14.58 38.43
CA PRO B 235 20.65 14.48 37.86
C PRO B 235 19.86 13.22 38.24
N VAL B 236 19.51 13.09 39.52
CA VAL B 236 18.40 12.20 39.91
C VAL B 236 17.39 13.03 40.69
N PRO B 237 16.08 12.74 40.55
CA PRO B 237 15.07 13.60 41.21
C PRO B 237 14.93 13.40 42.71
N ASP B 238 15.46 12.32 43.27
CA ASP B 238 15.36 11.98 44.68
C ASP B 238 16.37 10.88 44.96
N VAL B 239 16.70 10.73 46.25
CA VAL B 239 17.65 9.80 46.84
C VAL B 239 19.06 10.36 46.72
N SER B 240 19.77 10.35 47.84
CA SER B 240 21.11 10.89 47.92
C SER B 240 21.99 9.86 48.65
N VAL B 241 23.31 10.12 48.70
CA VAL B 241 24.24 9.15 49.29
C VAL B 241 25.43 9.90 49.90
N VAL B 242 25.70 9.62 51.16
CA VAL B 242 26.79 10.24 51.90
C VAL B 242 28.05 9.42 51.73
N ASP B 243 29.15 10.11 51.46
CA ASP B 243 30.48 9.54 51.31
C ASP B 243 31.35 10.10 52.42
N LEU B 244 31.58 9.31 53.48
CA LEU B 244 32.28 9.76 54.68
C LEU B 244 33.66 9.11 54.78
N THR B 245 34.72 9.93 54.79
CA THR B 245 36.08 9.45 54.95
C THR B 245 36.69 10.03 56.22
N CYS B 246 37.06 9.16 57.15
CA CYS B 246 37.52 9.59 58.45
C CYS B 246 38.75 8.77 58.85
N ARG B 247 39.67 9.42 59.57
CA ARG B 247 40.68 8.71 60.33
C ARG B 247 40.16 8.46 61.73
N LEU B 248 40.37 7.23 62.18
CA LEU B 248 39.92 6.66 63.44
C LEU B 248 41.01 6.75 64.50
N LYS B 249 40.58 6.75 65.77
CA LYS B 249 41.53 6.68 66.86
C LYS B 249 41.95 5.23 67.08
N LYS B 250 40.98 4.34 67.18
CA LYS B 250 41.22 2.93 67.45
C LYS B 250 41.22 2.13 66.16
N PRO B 251 42.30 1.41 65.86
CA PRO B 251 42.36 0.64 64.61
C PRO B 251 41.33 -0.47 64.59
N THR B 252 40.91 -0.83 63.38
CA THR B 252 39.80 -1.78 63.21
C THR B 252 39.88 -2.37 61.81
N SER B 253 38.95 -3.28 61.54
CA SER B 253 38.74 -3.89 60.23
C SER B 253 37.35 -3.51 59.71
N TYR B 254 37.18 -3.59 58.39
CA TYR B 254 35.87 -3.32 57.82
C TYR B 254 34.83 -4.32 58.32
N GLU B 255 35.23 -5.56 58.63
CA GLU B 255 34.23 -6.49 59.13
C GLU B 255 33.81 -6.14 60.53
N GLU B 256 34.68 -5.49 61.30
CA GLU B 256 34.26 -5.00 62.60
C GLU B 256 33.45 -3.72 62.45
N ILE B 257 33.74 -2.93 61.41
CA ILE B 257 32.91 -1.76 61.10
C ILE B 257 31.49 -2.21 60.81
N LYS B 258 31.36 -3.22 59.95
CA LYS B 258 30.03 -3.78 59.65
C LYS B 258 29.35 -4.33 60.90
N LYS B 259 30.09 -5.03 61.76
CA LYS B 259 29.55 -5.59 63.01
C LYS B 259 28.88 -4.52 63.88
N VAL B 260 29.54 -3.38 64.07
CA VAL B 260 28.94 -2.43 64.99
C VAL B 260 27.78 -1.71 64.33
N VAL B 261 27.90 -1.42 63.04
CA VAL B 261 26.82 -0.77 62.33
C VAL B 261 25.60 -1.68 62.24
N LYS B 262 25.82 -2.95 61.94
CA LYS B 262 24.69 -3.87 61.78
C LYS B 262 23.91 -4.05 63.07
N LYS B 263 24.57 -4.10 64.23
CA LYS B 263 23.75 -4.31 65.42
C LYS B 263 23.37 -2.99 66.09
N ALA B 264 23.96 -1.86 65.68
CA ALA B 264 23.32 -0.60 66.03
C ALA B 264 22.06 -0.41 65.19
N SER B 265 22.12 -0.84 63.95
CA SER B 265 20.95 -0.93 63.09
C SER B 265 19.82 -1.72 63.75
N GLU B 266 20.15 -2.76 64.51
CA GLU B 266 19.10 -3.64 65.04
C GLU B 266 18.57 -3.21 66.41
N THR B 267 19.28 -2.32 67.14
CA THR B 267 18.89 -2.01 68.50
C THR B 267 18.52 -0.52 68.59
N ASP B 268 19.40 0.33 69.09
CA ASP B 268 19.00 1.66 69.53
C ASP B 268 18.69 2.62 68.38
N LEU B 269 19.20 2.36 67.17
CA LEU B 269 18.90 3.20 66.01
C LEU B 269 17.96 2.51 65.02
N LYS B 270 17.12 1.60 65.52
CA LYS B 270 16.21 0.87 64.64
C LYS B 270 15.14 1.81 64.10
N GLY B 271 14.89 1.73 62.80
CA GLY B 271 14.00 2.65 62.14
C GLY B 271 14.68 3.88 61.59
N PHE B 272 15.85 4.24 62.11
CA PHE B 272 16.61 5.40 61.66
C PHE B 272 17.80 4.98 60.81
N LEU B 273 18.71 4.21 61.38
CA LEU B 273 19.86 3.68 60.67
C LEU B 273 19.57 2.24 60.25
N ALA B 274 19.71 1.97 58.96
CA ALA B 274 19.52 0.64 58.43
C ALA B 274 20.84 0.12 57.90
N TYR B 275 20.87 -1.18 57.60
CA TYR B 275 22.08 -1.84 57.15
C TYR B 275 21.70 -2.79 56.04
N THR B 276 22.46 -2.77 54.94
CA THR B 276 22.24 -3.70 53.84
C THR B 276 23.58 -4.18 53.30
N GLU B 277 23.56 -5.39 52.76
CA GLU B 277 24.69 -5.99 52.07
C GLU B 277 24.42 -6.24 50.59
N ASP B 278 23.29 -5.78 50.06
CA ASP B 278 22.95 -6.04 48.67
C ASP B 278 23.56 -5.00 47.75
N GLN B 279 23.50 -5.31 46.45
CA GLN B 279 24.14 -4.47 45.44
C GLN B 279 23.13 -3.44 44.94
N VAL B 280 22.84 -2.51 45.85
CA VAL B 280 21.79 -1.52 45.63
C VAL B 280 22.31 -0.34 44.81
N VAL B 281 21.35 0.38 44.23
CA VAL B 281 21.58 1.63 43.53
C VAL B 281 20.57 2.62 44.06
N SER B 282 20.64 3.86 43.57
CA SER B 282 19.91 4.93 44.23
C SER B 282 18.39 4.74 44.14
N SER B 283 17.86 4.32 42.98
CA SER B 283 16.41 4.15 42.90
C SER B 283 15.87 3.03 43.81
N ASP B 284 16.74 2.18 44.38
CA ASP B 284 16.24 1.20 45.34
C ASP B 284 15.82 1.82 46.64
N PHE B 285 16.01 3.12 46.82
CA PHE B 285 15.64 3.79 48.06
C PHE B 285 14.54 4.82 47.87
N ILE B 286 13.95 4.88 46.69
CA ILE B 286 12.77 5.71 46.47
C ILE B 286 11.67 5.27 47.42
N SER B 287 11.19 6.18 48.26
CA SER B 287 10.18 6.00 49.32
C SER B 287 10.68 5.15 50.47
N ASP B 288 11.99 5.09 50.67
CA ASP B 288 12.54 4.50 51.88
C ASP B 288 12.34 5.44 53.07
N THR B 289 12.09 4.88 54.24
CA THR B 289 11.75 5.65 55.44
C THR B 289 12.91 5.89 56.39
N HIS B 290 14.11 5.38 56.10
CA HIS B 290 15.21 5.48 57.05
C HIS B 290 15.94 6.82 56.91
N SER B 291 16.64 7.19 57.99
CA SER B 291 17.51 8.36 57.96
C SER B 291 18.79 8.08 57.20
N SER B 292 19.25 6.83 57.22
CA SER B 292 20.61 6.49 56.78
C SER B 292 20.70 4.98 56.55
N VAL B 293 21.08 4.57 55.35
CA VAL B 293 21.21 3.15 55.03
C VAL B 293 22.67 2.86 54.70
N PHE B 294 23.38 2.25 55.64
CA PHE B 294 24.78 1.92 55.45
C PHE B 294 24.94 0.86 54.35
N ASP B 295 25.80 1.16 53.38
CA ASP B 295 26.08 0.28 52.24
C ASP B 295 27.37 -0.49 52.55
N ALA B 296 27.21 -1.73 53.01
CA ALA B 296 28.35 -2.54 53.43
C ALA B 296 29.33 -2.78 52.29
N LEU B 297 28.83 -3.22 51.14
CA LEU B 297 29.70 -3.54 50.02
C LEU B 297 30.42 -2.34 49.44
N ALA B 298 29.88 -1.12 49.61
CA ALA B 298 30.44 0.05 48.93
C ALA B 298 31.56 0.73 49.70
N GLY B 299 31.74 0.45 50.99
CA GLY B 299 32.78 1.10 51.74
C GLY B 299 34.17 0.62 51.35
N ILE B 300 35.17 1.45 51.68
CA ILE B 300 36.57 1.20 51.39
C ILE B 300 37.37 1.40 52.66
N GLN B 301 38.26 0.46 52.96
CA GLN B 301 39.22 0.61 54.06
C GLN B 301 40.63 0.63 53.47
N LEU B 302 41.29 1.78 53.56
CA LEU B 302 42.67 1.90 53.09
C LEU B 302 43.61 1.18 54.04
N ASN B 303 43.46 1.44 55.34
CA ASN B 303 44.33 0.88 56.38
C ASN B 303 43.53 0.86 57.68
N PRO B 304 44.06 0.22 58.73
CA PRO B 304 43.26 0.04 59.95
C PRO B 304 42.74 1.33 60.60
N THR B 305 43.20 2.50 60.18
CA THR B 305 42.73 3.73 60.82
C THR B 305 42.14 4.74 59.85
N PHE B 306 41.94 4.37 58.58
CA PHE B 306 41.50 5.31 57.55
C PHE B 306 40.50 4.63 56.64
N VAL B 307 39.26 5.13 56.63
CA VAL B 307 38.16 4.40 56.00
C VAL B 307 37.21 5.35 55.29
N LYS B 308 36.53 4.83 54.26
CA LYS B 308 35.48 5.53 53.52
C LYS B 308 34.16 4.80 53.65
N LEU B 309 33.15 5.47 54.18
CA LEU B 309 31.85 4.86 54.43
C LEU B 309 30.78 5.47 53.53
N VAL B 310 29.82 4.63 53.16
CA VAL B 310 28.78 4.96 52.18
C VAL B 310 27.42 4.72 52.80
N SER B 311 26.54 5.73 52.75
CA SER B 311 25.22 5.55 53.33
C SER B 311 24.17 6.32 52.55
N TRP B 312 23.11 5.63 52.17
CA TRP B 312 22.06 6.17 51.33
C TRP B 312 20.98 6.81 52.18
N TYR B 313 20.26 7.77 51.59
CA TYR B 313 19.07 8.31 52.23
C TYR B 313 18.15 8.88 51.18
N ASP B 314 16.87 8.56 51.31
CA ASP B 314 15.82 9.24 50.56
C ASP B 314 15.66 10.62 51.19
N ASN B 315 16.22 11.63 50.52
CA ASN B 315 16.26 12.95 51.11
C ASN B 315 14.87 13.55 51.27
N GLU B 316 13.88 13.04 50.54
CA GLU B 316 12.52 13.53 50.70
C GLU B 316 11.75 12.73 51.75
N TYR B 317 11.71 11.40 51.58
CA TYR B 317 10.80 10.61 52.39
C TYR B 317 11.40 10.24 53.74
N GLY B 318 12.71 9.97 53.79
CA GLY B 318 13.31 9.65 55.08
C GLY B 318 13.23 10.81 56.05
N TYR B 319 13.55 12.03 55.57
CA TYR B 319 13.45 13.22 56.40
C TYR B 319 12.01 13.47 56.82
N SER B 320 11.04 13.19 55.95
CA SER B 320 9.66 13.49 56.30
C SER B 320 9.16 12.56 57.40
N HIS B 321 9.54 11.29 57.37
CA HIS B 321 9.19 10.39 58.46
C HIS B 321 9.88 10.78 59.76
N ARG B 322 11.06 11.39 59.68
CA ARG B 322 11.73 11.85 60.90
C ARG B 322 11.06 13.09 61.47
N VAL B 323 10.52 13.96 60.64
CA VAL B 323 9.77 15.11 61.15
C VAL B 323 8.60 14.64 61.98
N VAL B 324 7.91 13.61 61.49
CA VAL B 324 6.76 13.07 62.21
C VAL B 324 7.23 12.28 63.42
N ASP B 325 8.30 11.50 63.29
CA ASP B 325 8.83 10.79 64.45
C ASP B 325 9.22 11.79 65.53
N LEU B 326 9.72 12.96 65.14
CA LEU B 326 10.07 13.98 66.10
C LEU B 326 8.84 14.59 66.77
N ILE B 327 7.76 14.81 66.01
CA ILE B 327 6.53 15.33 66.63
C ILE B 327 6.08 14.40 67.76
N GLU B 328 6.18 13.11 67.54
CA GLU B 328 5.78 12.18 68.57
C GLU B 328 6.71 12.23 69.75
N TYR B 329 8.00 12.34 69.48
CA TYR B 329 8.96 12.44 70.54
C TYR B 329 8.83 13.74 71.31
N MET B 330 8.39 14.80 70.64
CA MET B 330 8.21 16.09 71.29
C MET B 330 6.99 16.05 72.23
N ALA B 331 5.80 15.83 71.66
CA ALA B 331 4.72 15.21 72.41
C ALA B 331 5.32 14.05 73.19
N THR B 332 4.57 13.41 74.11
CA THR B 332 5.16 12.32 74.88
C THR B 332 6.21 12.88 75.84
N LYS B 333 5.77 13.49 76.94
CA LYS B 333 6.70 14.00 77.97
C LYS B 333 6.10 14.01 79.36
N VAL C 2 23.31 49.54 13.15
CA VAL C 2 22.03 49.12 13.83
C VAL C 2 22.26 48.70 15.28
N LYS C 3 21.88 49.58 16.19
CA LYS C 3 22.19 49.47 17.61
C LYS C 3 21.02 48.86 18.39
N VAL C 4 21.31 47.85 19.19
CA VAL C 4 20.28 47.04 19.84
C VAL C 4 20.38 47.04 21.37
N GLY C 5 19.21 47.08 22.01
CA GLY C 5 19.09 46.93 23.45
C GLY C 5 18.37 45.63 23.75
N ILE C 6 18.77 44.97 24.84
CA ILE C 6 18.14 43.74 25.28
C ILE C 6 17.53 43.90 26.67
N ASN C 7 16.24 43.63 26.77
CA ASN C 7 15.57 43.61 28.07
C ASN C 7 15.31 42.18 28.50
N GLY C 8 15.93 41.77 29.60
CA GLY C 8 15.88 40.41 30.10
C GLY C 8 17.05 39.59 29.54
N PHE C 9 18.00 39.25 30.40
CA PHE C 9 19.19 38.51 29.99
C PHE C 9 19.03 37.02 30.27
N GLY C 10 17.95 36.45 29.75
CA GLY C 10 17.58 35.04 30.01
C GLY C 10 18.11 34.15 28.92
N ARG C 11 17.50 33.00 28.71
CA ARG C 11 17.99 32.11 27.68
C ARG C 11 18.00 32.88 26.37
N ILE C 12 16.87 33.48 26.02
CA ILE C 12 16.73 34.11 24.70
C ILE C 12 17.54 35.38 24.62
N GLY C 13 17.48 36.22 25.67
CA GLY C 13 18.31 37.42 25.73
C GLY C 13 19.78 37.16 25.53
N ARG C 14 20.32 36.15 26.21
CA ARG C 14 21.76 35.83 26.12
C ARG C 14 22.14 35.23 24.78
N LEU C 15 21.25 34.42 24.21
CA LEU C 15 21.54 33.83 22.93
C LEU C 15 21.26 34.77 21.75
N VAL C 16 20.40 35.74 21.95
CA VAL C 16 20.28 36.85 20.98
C VAL C 16 21.62 37.60 20.97
N MET C 17 22.15 37.85 22.14
CA MET C 17 23.46 38.47 22.27
C MET C 17 24.52 37.67 21.50
N ARG C 18 24.60 36.36 21.76
CA ARG C 18 25.54 35.49 21.03
C ARG C 18 25.35 35.54 19.55
N ALA C 19 24.10 35.41 19.10
CA ALA C 19 23.80 35.44 17.68
C ALA C 19 24.16 36.77 17.03
N SER C 20 23.95 37.87 17.74
CA SER C 20 24.22 39.20 17.19
C SER C 20 25.67 39.35 16.75
N LEU C 21 26.58 38.64 17.43
CA LEU C 21 28.00 38.71 17.11
C LEU C 21 28.37 38.08 15.76
N GLU C 22 27.47 37.28 15.17
CA GLU C 22 27.67 36.73 13.83
C GLU C 22 27.06 37.60 12.74
N HIS C 23 26.40 38.69 13.14
CA HIS C 23 25.80 39.64 12.23
C HIS C 23 26.60 40.92 12.33
N PRO C 24 27.46 41.19 11.33
CA PRO C 24 28.34 42.37 11.37
C PRO C 24 27.63 43.74 11.38
N GLU C 25 26.38 43.81 10.92
CA GLU C 25 25.63 45.08 10.92
C GLU C 25 25.09 45.44 12.31
N VAL C 26 24.70 44.40 13.07
CA VAL C 26 24.04 44.56 14.36
C VAL C 26 25.04 44.62 15.50
N GLN C 27 24.85 45.59 16.39
CA GLN C 27 25.67 45.72 17.59
C GLN C 27 24.77 45.97 18.82
N VAL C 28 24.82 45.06 19.78
CA VAL C 28 24.13 45.23 21.04
C VAL C 28 24.89 46.26 21.85
N VAL C 29 24.23 47.33 22.26
CA VAL C 29 24.87 48.41 23.02
C VAL C 29 24.43 48.47 24.48
N ALA C 30 23.34 47.78 24.83
CA ALA C 30 22.77 47.91 26.17
C ALA C 30 21.95 46.69 26.57
N VAL C 31 22.00 46.35 27.85
CA VAL C 31 21.23 45.24 28.38
C VAL C 31 20.63 45.65 29.71
N ASN C 32 19.37 45.28 29.93
CA ASN C 32 18.71 45.52 31.20
C ASN C 32 18.25 44.21 31.80
N ASP C 33 18.60 43.99 33.07
CA ASP C 33 18.02 42.90 33.86
C ASP C 33 18.22 43.22 35.35
N PRO C 34 17.12 43.42 36.09
CA PRO C 34 17.28 43.78 37.51
C PRO C 34 17.56 42.58 38.42
N PHE C 35 17.60 41.36 37.88
CA PHE C 35 17.89 40.18 38.69
C PHE C 35 19.28 39.59 38.42
N ILE C 36 20.07 40.25 37.59
CA ILE C 36 21.38 39.74 37.22
C ILE C 36 22.31 40.94 37.14
N ASP C 37 23.14 41.14 38.16
CA ASP C 37 24.06 42.28 38.19
C ASP C 37 25.18 42.08 37.17
N LEU C 38 26.08 43.04 37.06
CA LEU C 38 27.05 43.10 35.95
C LEU C 38 28.02 41.90 35.89
N GLU C 39 28.61 41.54 37.01
CA GLU C 39 29.60 40.47 37.01
C GLU C 39 28.97 39.12 36.81
N TYR C 40 27.72 39.01 37.25
CA TYR C 40 26.95 37.79 37.08
C TYR C 40 26.52 37.64 35.61
N MET C 41 26.23 38.76 34.94
CA MET C 41 25.95 38.74 33.52
C MET C 41 27.11 38.16 32.74
N GLU C 42 28.34 38.51 33.13
CA GLU C 42 29.52 38.00 32.45
C GLU C 42 29.60 36.48 32.61
N TYR C 43 29.43 36.01 33.84
CA TYR C 43 29.44 34.60 34.14
C TYR C 43 28.41 33.82 33.33
N MET C 44 27.17 34.27 33.36
CA MET C 44 26.07 33.60 32.68
C MET C 44 26.24 33.64 31.17
N PHE C 45 26.90 34.65 30.64
CA PHE C 45 27.13 34.73 29.19
C PHE C 45 28.27 33.78 28.76
N LYS C 46 29.27 33.68 29.63
CA LYS C 46 30.54 33.02 29.36
C LYS C 46 30.40 31.49 29.42
N TYR C 47 29.63 31.00 30.38
CA TYR C 47 29.37 29.57 30.47
C TYR C 47 27.90 29.28 30.13
N ASP C 48 27.66 28.28 29.31
CA ASP C 48 26.33 27.86 28.96
C ASP C 48 26.29 26.34 28.91
N SER C 49 25.39 25.75 29.68
CA SER C 49 25.33 24.30 29.77
C SER C 49 25.01 23.63 28.44
N THR C 50 24.25 24.31 27.60
CA THR C 50 23.78 23.73 26.36
C THR C 50 24.64 24.07 25.16
N HIS C 51 25.07 25.33 25.08
CA HIS C 51 25.81 25.77 23.91
C HIS C 51 27.31 25.90 24.13
N GLY C 52 27.81 25.53 25.31
CA GLY C 52 29.25 25.55 25.55
C GLY C 52 29.75 26.95 25.90
N ARG C 53 31.03 27.04 26.18
CA ARG C 53 31.66 28.27 26.56
C ARG C 53 31.66 29.23 25.40
N PHE C 54 31.47 30.51 25.70
CA PHE C 54 31.62 31.57 24.73
C PHE C 54 33.06 31.57 24.24
N LYS C 55 33.24 31.68 22.92
CA LYS C 55 34.57 31.55 22.32
C LYS C 55 35.35 32.87 22.21
N GLY C 56 34.66 34.00 22.32
CA GLY C 56 35.31 35.33 22.28
C GLY C 56 35.83 35.78 23.64
N THR C 57 36.07 37.08 23.80
CA THR C 57 36.58 37.60 25.07
C THR C 57 35.49 38.29 25.85
N THR C 58 35.63 38.32 27.18
CA THR C 58 34.71 39.04 28.04
C THR C 58 35.43 39.76 29.17
N GLU C 59 34.85 40.84 29.64
CA GLU C 59 35.45 41.62 30.71
C GLU C 59 34.41 42.53 31.34
N VAL C 60 34.57 42.79 32.63
CA VAL C 60 33.83 43.81 33.31
C VAL C 60 34.77 45.02 33.51
N LYS C 61 34.36 46.19 33.06
CA LYS C 61 35.18 47.39 33.19
C LYS C 61 34.34 48.66 33.29
N ASP C 62 34.67 49.50 34.26
CA ASP C 62 34.02 50.78 34.45
C ASP C 62 32.50 50.70 34.39
N GLY C 63 31.95 49.68 35.06
CA GLY C 63 30.50 49.49 35.12
C GLY C 63 29.87 49.04 33.81
N LYS C 64 30.68 48.50 32.89
CA LYS C 64 30.18 48.04 31.59
C LYS C 64 30.67 46.64 31.25
N LEU C 65 29.83 45.92 30.50
CA LEU C 65 30.11 44.56 30.07
C LEU C 65 30.79 44.64 28.71
N VAL C 66 32.03 44.17 28.63
CA VAL C 66 32.81 44.29 27.40
C VAL C 66 32.90 42.93 26.73
N ILE C 67 32.29 42.81 25.55
CA ILE C 67 32.25 41.57 24.78
C ILE C 67 32.88 41.76 23.41
N ASN C 68 34.00 41.05 23.17
CA ASN C 68 34.82 41.24 21.99
C ASN C 68 35.19 42.72 21.79
N GLY C 69 35.65 43.36 22.87
CA GLY C 69 36.11 44.76 22.82
C GLY C 69 35.02 45.82 22.80
N ASN C 70 33.78 45.42 22.51
CA ASN C 70 32.65 46.32 22.53
C ASN C 70 32.10 46.52 23.95
N PRO C 71 32.14 47.76 24.48
CA PRO C 71 31.50 48.00 25.79
C PRO C 71 29.98 48.01 25.69
N ILE C 72 29.32 47.38 26.64
CA ILE C 72 27.86 47.30 26.68
C ILE C 72 27.40 47.91 27.99
N SER C 73 26.46 48.85 27.90
CA SER C 73 25.88 49.45 29.08
C SER C 73 24.89 48.48 29.72
N VAL C 74 24.94 48.38 31.05
CA VAL C 74 24.13 47.44 31.81
C VAL C 74 23.26 48.15 32.82
N TYR C 75 21.96 47.83 32.81
CA TYR C 75 21.03 48.45 33.73
C TYR C 75 20.32 47.39 34.55
N ALA C 76 19.81 47.83 35.70
CA ALA C 76 19.12 46.95 36.65
C ALA C 76 17.78 47.55 37.06
N LEU C 77 16.96 47.89 36.07
CA LEU C 77 15.69 48.59 36.31
C LEU C 77 14.50 47.67 36.05
N LYS C 78 13.49 47.74 36.93
CA LYS C 78 12.33 46.84 36.86
C LYS C 78 11.24 47.27 35.87
N ASP C 79 10.97 48.55 35.83
CA ASP C 79 9.97 49.14 34.95
C ASP C 79 10.64 49.51 33.62
N PRO C 80 10.27 48.85 32.51
CA PRO C 80 10.89 49.14 31.21
C PRO C 80 10.76 50.59 30.74
N ALA C 81 9.76 51.31 31.23
CA ALA C 81 9.60 52.73 30.91
C ALA C 81 10.77 53.58 31.43
N ALA C 82 11.52 53.06 32.40
CA ALA C 82 12.61 53.80 33.03
C ALA C 82 13.98 53.53 32.41
N ILE C 83 14.07 52.55 31.51
CA ILE C 83 15.35 52.21 30.90
C ILE C 83 15.71 53.29 29.88
N PRO C 84 16.88 53.94 30.04
CA PRO C 84 17.28 55.04 29.18
C PRO C 84 17.98 54.56 27.92
N TRP C 85 17.21 53.95 27.03
CA TRP C 85 17.74 53.36 25.82
C TRP C 85 18.43 54.41 24.95
N LYS C 86 17.79 55.56 24.78
CA LYS C 86 18.31 56.63 23.94
C LYS C 86 19.70 57.09 24.39
N GLU C 87 19.89 57.21 25.70
CA GLU C 87 21.20 57.54 26.26
C GLU C 87 22.26 56.51 25.84
N ALA C 88 21.90 55.22 25.83
CA ALA C 88 22.86 54.20 25.49
C ALA C 88 23.07 54.02 23.97
N GLY C 89 22.25 54.68 23.16
CA GLY C 89 22.27 54.51 21.71
C GLY C 89 21.43 53.36 21.16
N ALA C 90 20.59 52.75 22.01
CA ALA C 90 19.81 51.60 21.60
C ALA C 90 18.56 51.98 20.78
N ASP C 91 18.66 51.84 19.46
CA ASP C 91 17.53 52.08 18.55
C ASP C 91 16.44 51.00 18.68
N PHE C 92 16.86 49.74 18.56
CA PHE C 92 15.96 48.60 18.55
C PHE C 92 16.09 47.88 19.87
N VAL C 93 14.97 47.54 20.49
CA VAL C 93 15.00 46.83 21.78
C VAL C 93 14.33 45.46 21.71
N VAL C 94 15.08 44.43 22.07
CA VAL C 94 14.51 43.09 22.13
C VAL C 94 13.90 42.93 23.51
N GLU C 95 12.57 42.82 23.56
CA GLU C 95 11.86 42.57 24.81
C GLU C 95 11.74 41.05 25.07
N SER C 96 12.61 40.53 25.91
CA SER C 96 12.74 39.09 26.09
C SER C 96 12.61 38.64 27.54
N THR C 97 11.80 39.33 28.33
CA THR C 97 11.57 38.96 29.73
C THR C 97 10.41 38.00 29.89
N GLY C 98 9.50 37.97 28.93
CA GLY C 98 8.33 37.12 29.00
C GLY C 98 7.11 37.76 29.66
N VAL C 99 7.25 38.98 30.19
CA VAL C 99 6.16 39.59 30.96
C VAL C 99 5.62 40.92 30.39
N PHE C 100 6.15 41.37 29.25
CA PHE C 100 5.69 42.62 28.61
C PHE C 100 5.35 42.34 27.15
N THR C 101 4.45 41.38 26.94
CA THR C 101 4.17 40.84 25.62
C THR C 101 3.02 41.53 24.87
N THR C 102 2.25 42.38 25.55
CA THR C 102 1.20 43.13 24.88
C THR C 102 1.81 44.39 24.31
N THR C 103 1.09 45.01 23.37
CA THR C 103 1.55 46.24 22.78
C THR C 103 1.65 47.34 23.85
N GLU C 104 0.66 47.42 24.73
CA GLU C 104 0.67 48.46 25.77
C GLU C 104 1.91 48.36 26.65
N LYS C 105 2.23 47.15 27.09
CA LYS C 105 3.34 46.96 28.00
C LYS C 105 4.69 47.16 27.31
N ALA C 106 4.88 46.46 26.18
CA ALA C 106 6.11 46.59 25.39
C ALA C 106 6.35 48.03 24.93
N SER C 107 5.29 48.78 24.66
CA SER C 107 5.43 50.21 24.27
C SER C 107 6.18 51.07 25.27
N ALA C 108 6.26 50.63 26.53
CA ALA C 108 7.03 51.32 27.56
C ALA C 108 8.47 51.63 27.15
N HIS C 109 9.10 50.75 26.38
CA HIS C 109 10.46 51.00 25.88
C HIS C 109 10.54 52.23 24.97
N LEU C 110 9.43 52.57 24.32
CA LEU C 110 9.38 53.83 23.54
C LEU C 110 9.57 55.08 24.42
N HIS C 111 9.10 55.05 25.67
CA HIS C 111 9.33 56.21 26.57
C HIS C 111 10.80 56.48 26.80
N GLY C 112 11.62 55.46 26.85
CA GLY C 112 13.08 55.62 27.00
C GLY C 112 13.83 55.95 25.73
N GLY C 113 13.12 56.12 24.61
CA GLY C 113 13.74 56.52 23.36
C GLY C 113 14.16 55.40 22.41
N ALA C 114 13.58 54.21 22.59
CA ALA C 114 13.72 53.16 21.60
C ALA C 114 12.84 53.52 20.42
N LYS C 115 13.31 53.28 19.21
CA LYS C 115 12.51 53.48 18.00
C LYS C 115 11.55 52.31 17.76
N LYS C 116 12.06 51.10 17.96
CA LYS C 116 11.29 49.88 17.66
C LYS C 116 11.49 48.85 18.76
N VAL C 117 10.44 48.10 19.03
CA VAL C 117 10.49 47.02 20.02
C VAL C 117 10.12 45.72 19.36
N ILE C 118 10.93 44.69 19.60
CA ILE C 118 10.68 43.33 19.14
C ILE C 118 10.38 42.45 20.35
N ILE C 119 9.15 41.96 20.45
CA ILE C 119 8.77 41.07 21.54
C ILE C 119 9.20 39.67 21.15
N SER C 120 10.03 39.04 21.98
CA SER C 120 10.59 37.73 21.67
C SER C 120 9.61 36.62 22.06
N ALA C 121 8.35 36.77 21.67
CA ALA C 121 7.30 35.84 22.04
C ALA C 121 6.01 36.24 21.35
N PRO C 122 5.02 35.34 21.29
CA PRO C 122 3.75 35.75 20.68
C PRO C 122 3.11 36.90 21.46
N SER C 123 2.20 37.62 20.82
CA SER C 123 1.50 38.74 21.46
C SER C 123 0.02 38.57 21.19
N ALA C 124 -0.79 38.99 22.15
CA ALA C 124 -2.25 39.04 21.97
C ALA C 124 -2.63 40.05 20.91
N ASP C 125 -1.87 41.12 20.76
CA ASP C 125 -2.25 42.19 19.81
C ASP C 125 -1.14 42.76 18.92
N ALA C 126 0.13 42.75 19.33
CA ALA C 126 1.18 43.23 18.46
C ALA C 126 1.27 42.35 17.21
N PRO C 127 1.55 42.96 16.04
CA PRO C 127 1.68 42.12 14.84
C PRO C 127 2.82 41.14 14.96
N MET C 128 2.60 39.89 14.55
CA MET C 128 3.61 38.83 14.65
C MET C 128 4.27 38.55 13.32
N PHE C 129 5.55 38.20 13.37
CA PHE C 129 6.28 37.89 12.14
C PHE C 129 7.11 36.62 12.21
N VAL C 130 7.17 35.93 11.08
CA VAL C 130 8.06 34.81 10.88
C VAL C 130 8.85 35.08 9.60
N MET C 131 10.17 35.22 9.76
CA MET C 131 11.07 35.46 8.64
C MET C 131 10.90 34.34 7.63
N GLY C 132 10.78 34.72 6.36
CA GLY C 132 10.53 33.77 5.29
C GLY C 132 9.05 33.54 4.99
N VAL C 133 8.16 34.06 5.84
CA VAL C 133 6.72 33.82 5.69
C VAL C 133 5.86 35.08 5.47
N ASN C 134 5.96 36.05 6.38
CA ASN C 134 5.11 37.24 6.30
C ASN C 134 5.84 38.55 6.62
N GLU C 135 7.17 38.56 6.60
CA GLU C 135 7.91 39.80 6.95
C GLU C 135 7.64 40.94 5.96
N LYS C 136 7.19 40.61 4.74
CA LYS C 136 6.77 41.64 3.79
C LYS C 136 5.65 42.52 4.36
N THR C 137 4.79 41.95 5.21
CA THR C 137 3.68 42.71 5.77
C THR C 137 4.11 43.70 6.86
N TYR C 138 5.39 43.69 7.25
CA TYR C 138 5.90 44.71 8.19
C TYR C 138 5.84 46.10 7.57
N ASP C 139 5.06 46.99 8.19
CA ASP C 139 4.95 48.38 7.77
C ASP C 139 5.70 49.33 8.73
N ALA C 140 6.88 49.80 8.30
CA ALA C 140 7.71 50.71 9.12
C ALA C 140 7.03 52.08 9.21
N ALA C 141 5.74 52.14 8.91
CA ALA C 141 4.97 53.41 8.96
C ALA C 141 4.04 53.40 10.17
N THR C 142 3.34 52.28 10.39
CA THR C 142 2.39 52.15 11.54
C THR C 142 2.64 50.81 12.26
N MET C 143 3.86 50.62 12.76
CA MET C 143 4.23 49.37 13.48
C MET C 143 5.54 49.58 14.24
N ASN C 144 5.46 50.09 15.47
CA ASN C 144 6.64 50.33 16.30
C ASN C 144 6.89 49.20 17.28
N VAL C 145 5.87 48.41 17.58
CA VAL C 145 5.98 47.24 18.45
C VAL C 145 5.57 46.02 17.65
N VAL C 146 6.48 45.07 17.49
CA VAL C 146 6.20 43.84 16.75
C VAL C 146 6.63 42.62 17.57
N SER C 147 6.19 41.45 17.14
CA SER C 147 6.53 40.19 17.77
C SER C 147 7.16 39.22 16.77
N ASN C 148 8.14 38.43 17.23
CA ASN C 148 8.78 37.43 16.36
C ASN C 148 8.12 36.04 16.53
N ALA C 149 6.87 36.01 16.97
CA ALA C 149 6.12 34.78 17.21
C ALA C 149 6.84 33.87 18.20
N SER C 150 6.66 32.57 18.10
CA SER C 150 7.33 31.62 18.99
C SER C 150 8.25 30.71 18.19
N CYS C 151 9.06 29.93 18.89
CA CYS C 151 10.03 29.02 18.26
C CYS C 151 9.30 27.96 17.44
N THR C 152 8.23 27.41 17.99
CA THR C 152 7.46 26.40 17.28
C THR C 152 6.77 27.01 16.05
N THR C 153 6.33 28.26 16.16
CA THR C 153 5.70 28.94 15.03
C THR C 153 6.74 29.20 13.91
N ASN C 154 7.97 29.49 14.30
CA ASN C 154 9.03 29.69 13.31
C ASN C 154 9.49 28.39 12.66
N CYS C 155 9.25 27.24 13.30
CA CYS C 155 9.49 25.95 12.67
C CYS C 155 8.33 25.56 11.75
N LEU C 156 7.12 25.68 12.26
CA LEU C 156 5.93 25.21 11.55
C LEU C 156 5.59 26.06 10.32
N ALA C 157 5.65 27.38 10.48
CA ALA C 157 5.12 28.29 9.45
C ALA C 157 5.85 28.18 8.10
N PRO C 158 7.19 28.22 8.09
CA PRO C 158 7.90 28.06 6.81
C PRO C 158 7.59 26.74 6.11
N LEU C 159 7.56 25.64 6.84
CA LEU C 159 7.20 24.34 6.26
C LEU C 159 5.77 24.40 5.73
N ALA C 160 4.85 24.85 6.56
CA ALA C 160 3.44 24.94 6.18
C ALA C 160 3.23 25.78 4.93
N LYS C 161 3.91 26.92 4.87
CA LYS C 161 3.87 27.79 3.71
C LYS C 161 4.19 27.02 2.44
N VAL C 162 5.30 26.29 2.47
CA VAL C 162 5.79 25.59 1.29
C VAL C 162 4.80 24.49 0.88
N ILE C 163 4.32 23.73 1.85
CA ILE C 163 3.36 22.67 1.57
C ILE C 163 2.04 23.26 1.08
N ASN C 164 1.57 24.32 1.73
CA ASN C 164 0.34 24.99 1.31
C ASN C 164 0.47 25.61 -0.07
N ASP C 165 1.58 26.32 -0.32
CA ASP C 165 1.80 26.97 -1.63
C ASP C 165 1.84 25.98 -2.77
N ASN C 166 2.44 24.81 -2.55
CA ASN C 166 2.63 23.85 -3.63
C ASN C 166 1.53 22.82 -3.74
N PHE C 167 0.83 22.54 -2.63
CA PHE C 167 -0.12 21.41 -2.59
C PHE C 167 -1.48 21.70 -1.95
N GLY C 168 -1.55 22.75 -1.13
CA GLY C 168 -2.79 23.09 -0.44
C GLY C 168 -3.04 22.21 0.78
N ILE C 169 -3.02 22.81 1.97
CA ILE C 169 -3.45 22.13 3.17
C ILE C 169 -4.95 22.34 3.39
N GLU C 170 -5.75 21.30 3.20
CA GLU C 170 -7.19 21.37 3.51
C GLU C 170 -7.38 21.47 5.02
N GLU C 171 -6.74 20.57 5.74
CA GLU C 171 -6.80 20.54 7.19
C GLU C 171 -5.55 19.86 7.72
N GLY C 172 -5.16 20.22 8.94
CA GLY C 172 -3.95 19.71 9.53
C GLY C 172 -3.89 19.90 11.03
N LEU C 173 -3.19 18.99 11.68
CA LEU C 173 -2.92 19.10 13.09
C LEU C 173 -1.44 18.81 13.30
N MET C 174 -0.84 19.45 14.29
CA MET C 174 0.58 19.27 14.56
C MET C 174 0.86 18.99 16.02
N THR C 175 1.98 18.33 16.25
CA THR C 175 2.51 18.12 17.59
C THR C 175 3.94 18.59 17.57
N THR C 176 4.37 19.31 18.60
CA THR C 176 5.80 19.51 18.82
C THR C 176 6.24 18.68 20.03
N ILE C 177 7.28 17.87 19.82
CA ILE C 177 7.99 17.22 20.90
C ILE C 177 9.09 18.19 21.29
N HIS C 178 8.90 18.80 22.45
CA HIS C 178 9.51 20.08 22.76
C HIS C 178 10.39 19.95 23.98
N ALA C 179 11.58 20.53 23.91
CA ALA C 179 12.50 20.57 25.05
C ALA C 179 11.87 21.31 26.20
N TYR C 180 12.30 20.98 27.42
CA TYR C 180 11.80 21.69 28.58
C TYR C 180 12.45 23.09 28.63
N THR C 181 11.81 24.01 29.32
CA THR C 181 12.24 25.41 29.34
C THR C 181 12.30 25.93 30.78
N ALA C 182 12.68 27.21 30.91
CA ALA C 182 12.85 27.86 32.21
C ALA C 182 11.57 27.97 33.02
N THR C 183 10.41 27.97 32.36
CA THR C 183 9.13 28.06 33.06
C THR C 183 8.74 26.76 33.75
N GLN C 184 9.48 25.68 33.48
CA GLN C 184 9.12 24.38 34.06
C GLN C 184 9.90 24.17 35.36
N LYS C 185 9.60 23.08 36.05
CA LYS C 185 10.15 22.82 37.39
C LYS C 185 11.09 21.60 37.43
N THR C 186 12.08 21.66 38.33
CA THR C 186 13.00 20.53 38.49
C THR C 186 12.31 19.33 39.15
N VAL C 187 11.56 19.60 40.21
CA VAL C 187 10.72 18.61 40.87
C VAL C 187 9.29 19.13 40.92
N ASP C 188 8.32 18.26 41.22
CA ASP C 188 6.91 18.65 41.19
C ASP C 188 6.65 19.88 42.08
N GLY C 189 6.30 21.00 41.47
CA GLY C 189 5.96 22.23 42.20
C GLY C 189 4.71 22.92 41.66
N PRO C 190 4.33 24.04 42.29
CA PRO C 190 3.12 24.78 41.91
C PRO C 190 3.24 25.48 40.56
N SER C 191 2.19 25.36 39.77
CA SER C 191 2.11 26.01 38.48
C SER C 191 0.63 26.27 38.25
N GLY C 192 0.08 27.14 39.09
CA GLY C 192 -1.36 27.23 39.34
C GLY C 192 -2.30 27.31 38.17
N LYS C 193 -1.85 27.88 37.06
CA LYS C 193 -2.70 28.00 35.88
C LYS C 193 -2.63 26.75 34.99
N LYS C 194 -1.45 26.13 34.91
CA LYS C 194 -1.26 24.94 34.07
C LYS C 194 -0.64 23.84 34.92
N TRP C 195 -1.49 22.97 35.48
CA TRP C 195 -1.08 22.02 36.50
C TRP C 195 0.01 21.02 36.00
N ARG C 196 -0.07 20.62 34.74
CA ARG C 196 0.89 19.68 34.20
C ARG C 196 2.29 20.30 34.08
N ASP C 197 2.36 21.61 33.83
CA ASP C 197 3.65 22.29 33.71
C ASP C 197 4.41 22.39 35.02
N GLY C 198 3.76 22.12 36.14
CA GLY C 198 4.45 22.08 37.43
C GLY C 198 5.19 20.76 37.70
N ARG C 199 4.86 19.71 36.97
CA ARG C 199 5.37 18.37 37.26
C ARG C 199 6.84 18.29 36.80
N GLY C 200 7.66 17.55 37.54
CA GLY C 200 9.09 17.56 37.31
C GLY C 200 9.44 17.39 35.85
N ALA C 201 10.22 18.33 35.30
CA ALA C 201 10.51 18.34 33.89
C ALA C 201 11.38 17.14 33.40
N ASN C 202 12.23 16.65 34.25
CA ASN C 202 13.19 15.64 33.91
C ASN C 202 12.62 14.23 34.05
N GLN C 203 11.53 14.07 34.80
CA GLN C 203 10.90 12.79 35.00
C GLN C 203 9.76 12.50 34.05
N ASN C 204 9.31 13.48 33.26
CA ASN C 204 7.98 13.43 32.68
C ASN C 204 7.94 13.83 31.22
N VAL C 205 7.06 13.17 30.47
CA VAL C 205 6.58 13.66 29.20
C VAL C 205 5.28 14.35 29.58
N ILE C 206 5.17 15.63 29.20
CA ILE C 206 4.13 16.52 29.73
C ILE C 206 3.34 17.16 28.58
N PRO C 207 2.06 16.81 28.44
CA PRO C 207 1.27 17.52 27.42
C PRO C 207 1.10 19.00 27.77
N ALA C 208 1.13 19.87 26.75
CA ALA C 208 1.10 21.30 26.94
C ALA C 208 0.55 22.00 25.73
N THR C 209 0.20 23.27 25.89
CA THR C 209 -0.15 24.12 24.73
C THR C 209 1.13 24.52 24.02
N THR C 210 0.98 24.93 22.76
CA THR C 210 2.08 25.53 21.99
C THR C 210 1.59 26.86 21.41
N GLY C 211 2.45 27.88 21.42
CA GLY C 211 2.17 29.19 20.83
C GLY C 211 1.82 29.13 19.35
N ALA C 212 2.34 28.13 18.63
CA ALA C 212 2.05 27.95 17.21
C ALA C 212 0.58 27.65 16.92
N ALA C 213 -0.15 27.18 17.94
CA ALA C 213 -1.55 26.81 17.77
C ALA C 213 -2.39 28.00 17.31
N LYS C 214 -2.18 29.15 17.97
CA LYS C 214 -2.86 30.40 17.60
C LYS C 214 -2.08 31.16 16.53
N ALA C 215 -0.77 31.26 16.71
CA ALA C 215 0.05 32.16 15.91
C ALA C 215 0.11 31.83 14.43
N VAL C 216 0.04 30.55 14.09
CA VAL C 216 0.19 30.14 12.69
C VAL C 216 -0.94 30.69 11.83
N GLY C 217 -2.12 30.84 12.41
CA GLY C 217 -3.26 31.45 11.70
C GLY C 217 -3.12 32.95 11.42
N LYS C 218 -2.33 33.62 12.25
CA LYS C 218 -2.03 35.04 12.07
C LYS C 218 -0.98 35.23 10.95
N VAL C 219 0.09 34.45 11.02
CA VAL C 219 1.24 34.65 10.12
C VAL C 219 0.91 34.09 8.75
N ILE C 220 0.00 33.12 8.68
CA ILE C 220 -0.51 32.63 7.40
C ILE C 220 -2.05 32.66 7.48
N PRO C 221 -2.66 33.82 7.13
CA PRO C 221 -4.12 33.98 7.21
C PRO C 221 -4.89 32.88 6.47
N GLU C 222 -4.40 32.47 5.29
CA GLU C 222 -5.03 31.41 4.50
C GLU C 222 -5.23 30.09 5.26
N LEU C 223 -4.47 29.87 6.34
CA LEU C 223 -4.54 28.63 7.11
C LEU C 223 -5.27 28.75 8.46
N ASN C 224 -5.85 29.92 8.75
CA ASN C 224 -6.53 30.14 10.01
C ASN C 224 -7.77 29.27 10.08
N GLY C 225 -7.88 28.49 11.15
CA GLY C 225 -8.97 27.54 11.32
C GLY C 225 -8.69 26.19 10.69
N LYS C 226 -7.62 26.09 9.91
CA LYS C 226 -7.31 24.86 9.18
C LYS C 226 -6.14 24.09 9.78
N LEU C 227 -5.46 24.68 10.75
CA LEU C 227 -4.23 24.12 11.27
C LEU C 227 -4.04 24.54 12.71
N THR C 228 -3.97 23.58 13.62
CA THR C 228 -3.64 23.85 15.02
C THR C 228 -2.87 22.66 15.61
N GLY C 229 -2.60 22.68 16.91
CA GLY C 229 -1.79 21.65 17.51
C GLY C 229 -1.52 21.78 19.00
N MET C 230 -0.53 21.03 19.47
CA MET C 230 -0.20 20.95 20.87
C MET C 230 1.26 20.51 21.01
N ALA C 231 1.71 20.42 22.25
CA ALA C 231 3.05 20.07 22.57
C ALA C 231 3.10 18.97 23.61
N PHE C 232 4.21 18.25 23.59
CA PHE C 232 4.63 17.44 24.72
C PHE C 232 6.01 17.93 25.12
N ARG C 233 6.13 18.39 26.36
CA ARG C 233 7.42 18.76 26.92
C ARG C 233 8.11 17.46 27.35
N VAL C 234 9.35 17.25 26.93
CA VAL C 234 10.06 16.01 27.24
C VAL C 234 11.46 16.31 27.78
N PRO C 235 12.12 15.31 28.40
CA PRO C 235 13.41 15.58 29.06
C PRO C 235 14.64 15.74 28.19
N VAL C 236 14.67 16.71 27.30
CA VAL C 236 15.91 17.21 26.72
C VAL C 236 15.99 18.71 26.99
N PRO C 237 17.20 19.24 27.23
CA PRO C 237 17.39 20.65 27.63
C PRO C 237 17.20 21.69 26.50
N ASP C 238 17.24 21.24 25.27
CA ASP C 238 17.08 22.08 24.10
C ASP C 238 16.91 21.18 22.85
N VAL C 239 16.37 21.77 21.81
CA VAL C 239 16.06 21.12 20.56
C VAL C 239 14.70 20.45 20.63
N SER C 240 13.88 20.77 19.64
CA SER C 240 12.52 20.30 19.55
C SER C 240 12.22 19.84 18.13
N VAL C 241 11.04 19.26 17.94
CA VAL C 241 10.70 18.72 16.64
C VAL C 241 9.19 18.74 16.38
N VAL C 242 8.82 19.23 15.20
CA VAL C 242 7.43 19.32 14.79
C VAL C 242 7.05 18.10 13.98
N ASP C 243 5.83 17.63 14.24
CA ASP C 243 5.23 16.48 13.62
C ASP C 243 3.91 17.00 13.06
N LEU C 244 3.93 17.33 11.76
CA LEU C 244 2.78 17.96 11.08
C LEU C 244 2.02 16.94 10.25
N THR C 245 0.74 16.74 10.59
CA THR C 245 -0.10 15.79 9.87
C THR C 245 -1.19 16.56 9.15
N CYS C 246 -1.23 16.47 7.83
CA CYS C 246 -2.24 17.18 7.07
C CYS C 246 -2.76 16.45 5.83
N ARG C 247 -4.02 16.75 5.50
CA ARG C 247 -4.62 16.34 4.25
C ARG C 247 -4.35 17.42 3.22
N LEU C 248 -4.04 17.01 2.00
CA LEU C 248 -3.66 17.92 0.93
C LEU C 248 -4.76 18.04 -0.12
N LYS C 249 -4.83 19.17 -0.80
CA LYS C 249 -5.81 19.39 -1.86
C LYS C 249 -5.36 18.70 -3.14
N LYS C 250 -4.13 19.03 -3.57
CA LYS C 250 -3.55 18.47 -4.77
C LYS C 250 -2.84 17.18 -4.42
N PRO C 251 -3.26 16.05 -5.02
CA PRO C 251 -2.56 14.79 -4.75
C PRO C 251 -1.11 14.83 -5.20
N THR C 252 -0.24 14.18 -4.45
CA THR C 252 1.19 14.29 -4.68
C THR C 252 1.89 13.02 -4.20
N SER C 253 3.22 13.02 -4.29
CA SER C 253 4.03 11.90 -3.85
C SER C 253 5.06 12.46 -2.87
N TYR C 254 5.64 11.57 -2.06
CA TYR C 254 6.65 12.00 -1.13
C TYR C 254 7.89 12.58 -1.82
N GLU C 255 8.26 12.03 -2.98
CA GLU C 255 9.43 12.50 -3.71
C GLU C 255 9.29 13.96 -4.13
N GLU C 256 8.09 14.35 -4.57
CA GLU C 256 7.83 15.73 -4.96
C GLU C 256 7.79 16.67 -3.75
N ILE C 257 7.27 16.20 -2.62
CA ILE C 257 7.32 16.97 -1.38
C ILE C 257 8.79 17.29 -1.02
N LYS C 258 9.64 16.28 -1.11
CA LYS C 258 11.07 16.47 -0.82
C LYS C 258 11.68 17.50 -1.76
N LYS C 259 11.36 17.37 -3.03
CA LYS C 259 11.92 18.22 -4.07
C LYS C 259 11.56 19.69 -3.87
N VAL C 260 10.30 19.99 -3.53
CA VAL C 260 9.91 21.39 -3.33
C VAL C 260 10.54 21.94 -2.04
N VAL C 261 10.57 21.15 -0.97
CA VAL C 261 11.15 21.61 0.29
C VAL C 261 12.65 21.85 0.12
N LYS C 262 13.33 20.91 -0.52
CA LYS C 262 14.76 21.05 -0.81
C LYS C 262 15.05 22.30 -1.62
N LYS C 263 14.23 22.54 -2.64
CA LYS C 263 14.43 23.69 -3.51
C LYS C 263 14.21 24.99 -2.76
N ALA C 264 13.18 25.02 -1.91
CA ALA C 264 12.93 26.18 -1.05
C ALA C 264 14.09 26.43 -0.11
N SER C 265 14.69 25.36 0.42
CA SER C 265 15.83 25.48 1.33
C SER C 265 17.07 26.06 0.65
N GLU C 266 17.17 25.93 -0.68
CA GLU C 266 18.31 26.44 -1.44
C GLU C 266 18.08 27.81 -2.04
N THR C 267 16.84 28.28 -2.03
CA THR C 267 16.49 29.54 -2.68
C THR C 267 15.78 30.51 -1.73
N ASP C 268 14.44 30.57 -1.80
CA ASP C 268 13.67 31.63 -1.14
C ASP C 268 13.66 31.55 0.39
N LEU C 269 13.74 30.35 0.94
CA LEU C 269 13.78 30.16 2.38
C LEU C 269 15.19 29.84 2.89
N LYS C 270 16.22 30.12 2.10
CA LYS C 270 17.60 29.78 2.48
C LYS C 270 17.97 30.44 3.80
N GLY C 271 18.55 29.66 4.70
CA GLY C 271 18.92 30.12 6.03
C GLY C 271 17.83 29.90 7.06
N PHE C 272 16.57 29.78 6.60
CA PHE C 272 15.43 29.60 7.51
C PHE C 272 14.98 28.14 7.51
N LEU C 273 14.72 27.62 6.32
CA LEU C 273 14.33 26.24 6.14
C LEU C 273 15.53 25.47 5.57
N ALA C 274 15.91 24.39 6.25
CA ALA C 274 16.97 23.51 5.81
C ALA C 274 16.35 22.16 5.48
N TYR C 275 17.13 21.33 4.81
CA TYR C 275 16.68 20.04 4.36
C TYR C 275 17.80 19.05 4.62
N THR C 276 17.49 17.93 5.27
CA THR C 276 18.47 16.86 5.45
C THR C 276 17.85 15.53 5.11
N GLU C 277 18.70 14.61 4.67
CA GLU C 277 18.34 13.19 4.45
C GLU C 277 19.15 12.27 5.35
N ASP C 278 19.86 12.84 6.32
CA ASP C 278 20.71 12.07 7.20
C ASP C 278 19.90 11.57 8.39
N GLN C 279 20.47 10.59 9.09
CA GLN C 279 19.82 9.87 10.15
C GLN C 279 20.06 10.57 11.48
N VAL C 280 19.42 11.73 11.60
CA VAL C 280 19.70 12.69 12.66
C VAL C 280 18.85 12.43 13.89
N VAL C 281 19.33 12.94 15.01
CA VAL C 281 18.60 12.94 16.27
C VAL C 281 18.73 14.34 16.85
N SER C 282 18.05 14.59 17.96
CA SER C 282 17.90 15.96 18.48
C SER C 282 19.24 16.65 18.79
N SER C 283 20.17 15.94 19.38
CA SER C 283 21.45 16.58 19.75
C SER C 283 22.25 17.03 18.53
N ASP C 284 21.89 16.55 17.34
CA ASP C 284 22.53 17.02 16.12
C ASP C 284 22.15 18.45 15.75
N PHE C 285 21.18 19.05 16.44
CA PHE C 285 20.80 20.41 16.15
C PHE C 285 21.10 21.39 17.27
N ILE C 286 21.87 20.96 18.28
CA ILE C 286 22.32 21.88 19.32
C ILE C 286 23.16 22.97 18.66
N SER C 287 22.70 24.21 18.77
CA SER C 287 23.33 25.41 18.20
C SER C 287 23.17 25.54 16.70
N ASP C 288 22.17 24.86 16.14
CA ASP C 288 21.79 25.08 14.75
C ASP C 288 21.09 26.42 14.61
N THR C 289 21.31 27.12 13.51
CA THR C 289 20.79 28.48 13.33
C THR C 289 19.46 28.53 12.55
N HIS C 290 18.96 27.40 12.08
CA HIS C 290 17.78 27.40 11.23
C HIS C 290 16.48 27.44 12.02
N SER C 291 15.41 27.89 11.36
CA SER C 291 14.10 27.88 11.98
C SER C 291 13.47 26.50 11.89
N SER C 292 13.84 25.75 10.85
CA SER C 292 13.12 24.55 10.51
C SER C 292 14.03 23.67 9.70
N VAL C 293 14.31 22.46 10.19
CA VAL C 293 15.10 21.51 9.41
C VAL C 293 14.26 20.27 9.09
N PHE C 294 13.83 20.19 7.83
CA PHE C 294 13.01 19.09 7.35
C PHE C 294 13.80 17.78 7.35
N ASP C 295 13.22 16.75 7.96
CA ASP C 295 13.83 15.42 8.07
C ASP C 295 13.16 14.54 7.04
N ALA C 296 13.81 14.36 5.90
CA ALA C 296 13.21 13.61 4.78
C ALA C 296 12.88 12.17 5.16
N LEU C 297 13.82 11.47 5.79
CA LEU C 297 13.64 10.06 6.12
C LEU C 297 12.56 9.78 7.15
N ALA C 298 12.29 10.74 8.02
CA ALA C 298 11.33 10.53 9.12
C ALA C 298 9.87 10.69 8.71
N GLY C 299 9.62 11.30 7.55
CA GLY C 299 8.26 11.52 7.08
C GLY C 299 7.55 10.25 6.67
N ILE C 300 6.22 10.32 6.65
CA ILE C 300 5.39 9.21 6.19
C ILE C 300 4.31 9.74 5.28
N GLN C 301 4.10 9.07 4.15
CA GLN C 301 2.98 9.34 3.26
C GLN C 301 2.03 8.15 3.33
N LEU C 302 0.83 8.38 3.85
CA LEU C 302 -0.18 7.33 3.93
C LEU C 302 -0.74 7.04 2.54
N ASN C 303 -1.17 8.11 1.87
CA ASN C 303 -1.73 8.04 0.52
C ASN C 303 -1.43 9.38 -0.17
N PRO C 304 -1.81 9.53 -1.45
CA PRO C 304 -1.40 10.76 -2.16
C PRO C 304 -1.84 12.11 -1.54
N THR C 305 -2.79 12.10 -0.61
CA THR C 305 -3.32 13.33 -0.03
C THR C 305 -3.23 13.38 1.50
N PHE C 306 -2.44 12.50 2.11
CA PHE C 306 -2.36 12.41 3.57
C PHE C 306 -0.95 12.07 4.02
N VAL C 307 -0.31 13.01 4.70
CA VAL C 307 1.12 12.92 4.98
C VAL C 307 1.45 13.38 6.39
N LYS C 308 2.57 12.88 6.92
CA LYS C 308 3.14 13.37 8.17
C LYS C 308 4.55 13.88 7.90
N LEU C 309 4.77 15.16 8.16
CA LEU C 309 6.08 15.79 7.96
C LEU C 309 6.75 16.12 9.28
N VAL C 310 8.08 16.09 9.26
CA VAL C 310 8.89 16.18 10.45
C VAL C 310 9.97 17.23 10.27
N SER C 311 10.08 18.15 11.23
CA SER C 311 11.03 19.25 11.13
C SER C 311 11.60 19.61 12.48
N TRP C 312 12.93 19.67 12.56
CA TRP C 312 13.65 19.94 13.78
C TRP C 312 13.87 21.43 13.95
N TYR C 313 14.04 21.84 15.20
CA TYR C 313 14.47 23.21 15.49
C TYR C 313 15.13 23.30 16.84
N ASP C 314 16.25 24.01 16.85
CA ASP C 314 16.87 24.44 18.07
C ASP C 314 16.02 25.59 18.58
N ASN C 315 15.15 25.29 19.54
CA ASN C 315 14.16 26.23 20.03
C ASN C 315 14.80 27.47 20.67
N GLU C 316 16.01 27.34 21.18
CA GLU C 316 16.74 28.50 21.72
C GLU C 316 17.48 29.29 20.66
N TYR C 317 18.32 28.60 19.90
CA TYR C 317 19.33 29.25 19.07
C TYR C 317 18.77 29.71 17.72
N GLY C 318 17.90 28.91 17.12
CA GLY C 318 17.29 29.26 15.84
C GLY C 318 16.43 30.50 15.97
N TYR C 319 15.59 30.47 17.01
CA TYR C 319 14.71 31.59 17.31
C TYR C 319 15.53 32.85 17.59
N SER C 320 16.64 32.72 18.32
CA SER C 320 17.45 33.87 18.65
C SER C 320 18.06 34.50 17.41
N HIS C 321 18.54 33.67 16.50
CA HIS C 321 19.05 34.15 15.21
C HIS C 321 17.94 34.82 14.37
N ARG C 322 16.72 34.31 14.47
CA ARG C 322 15.58 34.95 13.79
C ARG C 322 15.26 36.33 14.36
N VAL C 323 15.41 36.50 15.67
CA VAL C 323 15.17 37.81 16.26
C VAL C 323 16.13 38.83 15.64
N VAL C 324 17.37 38.41 15.42
CA VAL C 324 18.38 39.30 14.84
C VAL C 324 18.08 39.56 13.36
N ASP C 325 17.71 38.52 12.61
CA ASP C 325 17.34 38.71 11.21
C ASP C 325 16.14 39.65 11.07
N LEU C 326 15.21 39.58 12.02
CA LEU C 326 14.04 40.44 11.98
C LEU C 326 14.43 41.87 12.22
N ILE C 327 15.39 42.09 13.13
CA ILE C 327 15.90 43.43 13.39
C ILE C 327 16.53 43.99 12.11
N GLU C 328 17.45 43.24 11.51
CA GLU C 328 18.15 43.70 10.30
C GLU C 328 17.18 43.98 9.16
N TYR C 329 16.19 43.09 9.00
CA TYR C 329 15.16 43.33 7.99
C TYR C 329 14.37 44.62 8.27
N MET C 330 14.00 44.84 9.53
CA MET C 330 13.27 46.05 9.90
C MET C 330 14.11 47.33 9.74
N ALA C 331 15.41 47.22 10.03
CA ALA C 331 16.27 48.38 9.95
C ALA C 331 16.49 48.87 8.52
N THR C 332 16.38 48.00 7.53
CA THR C 332 16.63 48.43 6.15
C THR C 332 15.68 49.45 5.48
N LYS C 333 14.44 49.14 5.19
CA LYS C 333 13.39 50.28 5.10
C LYS C 333 13.89 51.74 4.85
N VAL D 2 -3.31 -23.10 35.81
CA VAL D 2 -2.64 -22.61 34.55
C VAL D 2 -1.16 -22.29 34.74
N LYS D 3 -0.32 -23.18 34.28
CA LYS D 3 1.10 -23.21 34.60
C LYS D 3 1.93 -22.60 33.47
N VAL D 4 2.81 -21.66 33.82
CA VAL D 4 3.52 -20.84 32.84
C VAL D 4 5.04 -20.95 32.94
N GLY D 5 5.69 -20.98 31.77
CA GLY D 5 7.14 -20.90 31.67
C GLY D 5 7.51 -19.58 31.01
N ILE D 6 8.62 -19.00 31.46
CA ILE D 6 9.13 -17.76 30.88
C ILE D 6 10.53 -17.98 30.27
N ASN D 7 10.65 -17.66 28.99
CA ASN D 7 11.95 -17.68 28.32
C ASN D 7 12.46 -16.26 28.14
N GLY D 8 13.57 -15.95 28.79
CA GLY D 8 14.16 -14.62 28.80
C GLY D 8 13.64 -13.84 30.00
N PHE D 9 14.49 -13.60 31.00
CA PHE D 9 14.09 -12.93 32.22
C PHE D 9 14.47 -11.43 32.14
N GLY D 10 14.00 -10.78 31.09
CA GLY D 10 14.35 -9.40 30.78
C GLY D 10 13.31 -8.47 31.34
N ARG D 11 13.18 -7.28 30.76
CA ARG D 11 12.20 -6.35 31.31
C ARG D 11 10.83 -7.02 31.29
N ILE D 12 10.44 -7.53 30.14
CA ILE D 12 9.11 -8.09 29.95
C ILE D 12 8.95 -9.40 30.70
N GLY D 13 9.94 -10.28 30.60
CA GLY D 13 9.91 -11.53 31.34
C GLY D 13 9.74 -11.36 32.84
N ARG D 14 10.49 -10.42 33.43
CA ARG D 14 10.40 -10.17 34.88
C ARG D 14 9.11 -9.51 35.30
N LEU D 15 8.60 -8.62 34.46
CA LEU D 15 7.34 -7.94 34.78
C LEU D 15 6.12 -8.79 34.45
N VAL D 16 6.26 -9.75 33.53
CA VAL D 16 5.23 -10.79 33.37
C VAL D 16 5.15 -11.59 34.67
N MET D 17 6.32 -11.94 35.20
CA MET D 17 6.39 -12.62 36.49
C MET D 17 5.66 -11.81 37.57
N ARG D 18 6.00 -10.53 37.71
CA ARG D 18 5.34 -9.65 38.68
C ARG D 18 3.84 -9.58 38.48
N ALA D 19 3.43 -9.38 37.24
CA ALA D 19 1.99 -9.30 36.93
C ALA D 19 1.26 -10.59 37.22
N SER D 20 1.92 -11.74 36.96
CA SER D 20 1.27 -13.03 37.19
C SER D 20 0.82 -13.20 38.64
N LEU D 21 1.52 -12.56 39.56
CA LEU D 21 1.17 -12.63 40.99
C LEU D 21 -0.14 -11.95 41.36
N GLU D 22 -0.68 -11.11 40.47
CA GLU D 22 -2.02 -10.51 40.65
C GLU D 22 -3.13 -11.33 40.00
N HIS D 23 -2.75 -12.40 39.33
CA HIS D 23 -3.71 -13.34 38.71
C HIS D 23 -3.61 -14.64 39.48
N PRO D 24 -4.55 -14.90 40.41
CA PRO D 24 -4.43 -16.08 41.29
C PRO D 24 -4.52 -17.45 40.57
N GLU D 25 -5.11 -17.49 39.38
CA GLU D 25 -5.20 -18.72 38.59
C GLU D 25 -3.89 -19.10 37.90
N VAL D 26 -3.08 -18.11 37.52
CA VAL D 26 -1.82 -18.31 36.84
C VAL D 26 -0.67 -18.49 37.84
N GLN D 27 0.15 -19.51 37.57
CA GLN D 27 1.32 -19.80 38.35
C GLN D 27 2.53 -20.05 37.43
N VAL D 28 3.54 -19.20 37.57
CA VAL D 28 4.78 -19.37 36.81
C VAL D 28 5.55 -20.49 37.51
N VAL D 29 5.89 -21.54 36.76
CA VAL D 29 6.57 -22.70 37.34
C VAL D 29 8.05 -22.80 36.91
N ALA D 30 8.43 -22.07 35.86
CA ALA D 30 9.77 -22.22 35.29
C ALA D 30 10.24 -20.99 34.54
N VAL D 31 11.53 -20.72 34.62
CA VAL D 31 12.13 -19.61 33.90
C VAL D 31 13.44 -20.06 33.28
N ASN D 32 13.69 -19.64 32.04
CA ASN D 32 14.94 -19.92 31.36
C ASN D 32 15.63 -18.65 30.95
N ASP D 33 16.91 -18.51 31.33
CA ASP D 33 17.75 -17.44 30.81
C ASP D 33 19.21 -17.84 31.00
N PRO D 34 19.95 -18.00 29.90
CA PRO D 34 21.36 -18.46 30.06
C PRO D 34 22.33 -17.31 30.42
N PHE D 35 21.85 -16.07 30.52
CA PHE D 35 22.70 -14.95 30.90
C PHE D 35 22.44 -14.43 32.31
N ILE D 36 21.56 -15.10 33.05
CA ILE D 36 21.19 -14.66 34.38
C ILE D 36 21.05 -15.90 35.24
N ASP D 37 22.05 -16.20 36.07
CA ASP D 37 22.01 -17.40 36.91
C ASP D 37 21.01 -17.19 38.05
N LEU D 38 20.82 -18.20 38.89
CA LEU D 38 19.75 -18.24 39.87
C LEU D 38 19.77 -17.10 40.89
N GLU D 39 20.92 -16.83 41.49
CA GLU D 39 20.99 -15.82 42.54
C GLU D 39 20.84 -14.42 41.96
N TYR D 40 21.27 -14.26 40.71
CA TYR D 40 21.16 -13.01 40.01
C TYR D 40 19.70 -12.76 39.60
N MET D 41 18.98 -13.83 39.26
CA MET D 41 17.56 -13.71 38.99
C MET D 41 16.81 -13.16 40.18
N GLU D 42 17.18 -13.60 41.38
CA GLU D 42 16.53 -13.10 42.59
C GLU D 42 16.77 -11.61 42.74
N TYR D 43 18.02 -11.20 42.60
CA TYR D 43 18.39 -9.79 42.70
C TYR D 43 17.62 -8.92 41.71
N MET D 44 17.64 -9.32 40.43
CA MET D 44 16.99 -8.56 39.38
C MET D 44 15.48 -8.53 39.53
N PHE D 45 14.89 -9.56 40.14
CA PHE D 45 13.45 -9.56 40.38
C PHE D 45 13.06 -8.69 41.57
N LYS D 46 13.93 -8.66 42.57
CA LYS D 46 13.70 -8.04 43.85
C LYS D 46 13.83 -6.51 43.77
N TYR D 47 14.82 -6.04 43.01
CA TYR D 47 15.00 -4.61 42.82
C TYR D 47 14.69 -4.23 41.37
N ASP D 48 13.91 -3.17 41.19
CA ASP D 48 13.59 -2.66 39.87
C ASP D 48 13.65 -1.14 39.91
N SER D 49 14.45 -0.54 39.03
CA SER D 49 14.64 0.89 39.07
C SER D 49 13.34 1.67 38.78
N THR D 50 12.47 1.08 37.96
CA THR D 50 11.28 1.74 37.51
C THR D 50 10.06 1.42 38.35
N HIS D 51 9.90 0.14 38.72
CA HIS D 51 8.71 -0.27 39.44
C HIS D 51 8.91 -0.49 40.93
N GLY D 52 10.09 -0.21 41.44
CA GLY D 52 10.35 -0.30 42.88
C GLY D 52 10.58 -1.73 43.35
N ARG D 53 10.80 -1.88 44.65
CA ARG D 53 11.14 -3.17 45.21
C ARG D 53 9.94 -4.07 45.16
N PHE D 54 10.17 -5.35 44.90
CA PHE D 54 9.14 -6.37 45.03
C PHE D 54 8.65 -6.41 46.46
N LYS D 55 7.33 -6.45 46.63
CA LYS D 55 6.70 -6.37 47.95
C LYS D 55 6.52 -7.70 48.67
N GLY D 56 6.57 -8.80 47.92
CA GLY D 56 6.48 -10.14 48.52
C GLY D 56 7.81 -10.68 49.01
N THR D 57 7.90 -11.99 49.20
CA THR D 57 9.14 -12.60 49.66
C THR D 57 9.88 -13.29 48.53
N THR D 58 11.20 -13.37 48.66
CA THR D 58 12.01 -14.09 47.69
C THR D 58 13.11 -14.88 48.40
N GLU D 59 13.51 -15.98 47.78
CA GLU D 59 14.55 -16.82 48.35
C GLU D 59 15.13 -17.72 47.26
N VAL D 60 16.40 -18.03 47.41
CA VAL D 60 17.04 -19.06 46.61
C VAL D 60 17.19 -20.30 47.49
N LYS D 61 16.70 -21.43 47.02
CA LYS D 61 16.69 -22.66 47.82
C LYS D 61 16.67 -23.89 46.95
N ASP D 62 17.56 -24.83 47.25
CA ASP D 62 17.64 -26.11 46.57
C ASP D 62 17.63 -25.94 45.04
N GLY D 63 18.38 -24.97 44.55
CA GLY D 63 18.50 -24.71 43.12
C GLY D 63 17.24 -24.15 42.47
N LYS D 64 16.35 -23.57 43.28
CA LYS D 64 15.10 -23.03 42.78
C LYS D 64 14.84 -21.63 43.31
N LEU D 65 14.12 -20.83 42.51
CA LEU D 65 13.75 -19.49 42.88
C LEU D 65 12.40 -19.52 43.54
N VAL D 66 12.33 -19.12 44.81
CA VAL D 66 11.09 -19.24 45.57
C VAL D 66 10.50 -17.85 45.77
N ILE D 67 9.33 -17.62 45.16
CA ILE D 67 8.64 -16.33 45.16
C ILE D 67 7.26 -16.46 45.78
N ASN D 68 7.05 -15.81 46.93
CA ASN D 68 5.86 -15.97 47.75
C ASN D 68 5.59 -17.44 48.04
N GLY D 69 6.62 -18.16 48.46
CA GLY D 69 6.49 -19.60 48.83
C GLY D 69 6.44 -20.58 47.67
N ASN D 70 6.18 -20.10 46.47
CA ASN D 70 6.10 -20.93 45.27
C ASN D 70 7.51 -21.18 44.69
N PRO D 71 7.98 -22.46 44.67
CA PRO D 71 9.27 -22.73 44.04
C PRO D 71 9.20 -22.66 42.52
N ILE D 72 10.20 -22.06 41.89
CA ILE D 72 10.27 -21.91 40.44
C ILE D 72 11.54 -22.56 39.94
N SER D 73 11.41 -23.44 38.97
CA SER D 73 12.56 -24.07 38.37
C SER D 73 13.26 -23.09 37.42
N VAL D 74 14.58 -23.07 37.47
CA VAL D 74 15.38 -22.11 36.71
C VAL D 74 16.38 -22.81 35.81
N TYR D 75 16.41 -22.44 34.54
CA TYR D 75 17.29 -23.06 33.56
C TYR D 75 18.17 -22.04 32.89
N ALA D 76 19.30 -22.51 32.37
CA ALA D 76 20.31 -21.66 31.73
C ALA D 76 20.70 -22.22 30.37
N LEU D 77 19.70 -22.48 29.53
CA LEU D 77 19.91 -23.10 28.22
C LEU D 77 19.71 -22.09 27.08
N LYS D 78 20.58 -22.14 26.08
CA LYS D 78 20.54 -21.21 24.93
C LYS D 78 19.55 -21.62 23.84
N ASP D 79 19.47 -22.90 23.54
CA ASP D 79 18.58 -23.41 22.51
C ASP D 79 17.21 -23.72 23.14
N PRO D 80 16.15 -22.97 22.76
CA PRO D 80 14.84 -23.20 23.39
C PRO D 80 14.25 -24.61 23.20
N ALA D 81 14.71 -25.32 22.17
CA ALA D 81 14.29 -26.70 21.96
C ALA D 81 14.74 -27.64 23.08
N ALA D 82 15.73 -27.22 23.87
CA ALA D 82 16.31 -28.05 24.93
C ALA D 82 15.70 -27.78 26.31
N ILE D 83 14.88 -26.75 26.43
CA ILE D 83 14.30 -26.42 27.73
C ILE D 83 13.20 -27.43 28.04
N PRO D 84 13.32 -28.13 29.18
CA PRO D 84 12.39 -29.21 29.53
C PRO D 84 11.14 -28.69 30.24
N TRP D 85 10.31 -27.99 29.48
CA TRP D 85 9.13 -27.35 30.02
C TRP D 85 8.18 -28.39 30.65
N LYS D 86 7.96 -29.50 29.94
CA LYS D 86 7.02 -30.51 30.41
C LYS D 86 7.44 -31.09 31.76
N GLU D 87 8.73 -31.29 31.95
CA GLU D 87 9.26 -31.73 33.24
C GLU D 87 8.89 -30.74 34.36
N ALA D 88 8.97 -29.45 34.08
CA ALA D 88 8.67 -28.45 35.10
C ALA D 88 7.18 -28.20 35.29
N GLY D 89 6.33 -28.74 34.43
CA GLY D 89 4.90 -28.49 34.45
C GLY D 89 4.43 -27.27 33.65
N ALA D 90 5.32 -26.67 32.85
CA ALA D 90 5.00 -25.43 32.14
C ALA D 90 4.17 -25.69 30.86
N ASP D 91 2.86 -25.48 30.96
CA ASP D 91 1.96 -25.61 29.81
C ASP D 91 2.14 -24.50 28.79
N PHE D 92 2.10 -23.26 29.27
CA PHE D 92 2.18 -22.08 28.42
C PHE D 92 3.54 -21.46 28.60
N VAL D 93 4.19 -21.11 27.49
CA VAL D 93 5.51 -20.49 27.56
C VAL D 93 5.52 -19.08 26.96
N VAL D 94 5.93 -18.11 27.75
CA VAL D 94 6.08 -16.74 27.28
C VAL D 94 7.47 -16.62 26.67
N GLU D 95 7.53 -16.43 25.35
CA GLU D 95 8.83 -16.27 24.65
C GLU D 95 9.16 -14.76 24.60
N SER D 96 10.05 -14.33 25.48
CA SER D 96 10.29 -12.92 25.69
C SER D 96 11.77 -12.54 25.60
N THR D 97 12.52 -13.24 24.76
CA THR D 97 13.95 -12.95 24.58
C THR D 97 14.18 -11.94 23.47
N GLY D 98 13.23 -11.81 22.56
CA GLY D 98 13.38 -10.93 21.40
C GLY D 98 14.01 -11.56 20.17
N VAL D 99 14.47 -12.80 20.26
CA VAL D 99 15.20 -13.43 19.14
C VAL D 99 14.54 -14.69 18.54
N PHE D 100 13.38 -15.08 19.04
CA PHE D 100 12.64 -16.25 18.51
C PHE D 100 11.21 -15.87 18.16
N THR D 101 11.08 -14.84 17.31
CA THR D 101 9.80 -14.22 17.03
C THR D 101 9.01 -14.79 15.86
N THR D 102 9.64 -15.65 15.05
CA THR D 102 8.92 -16.31 13.95
C THR D 102 8.27 -17.56 14.50
N THR D 103 7.30 -18.09 13.77
CA THR D 103 6.62 -19.29 14.17
C THR D 103 7.62 -20.45 14.21
N GLU D 104 8.51 -20.54 13.21
CA GLU D 104 9.47 -21.66 13.19
C GLU D 104 10.35 -21.67 14.44
N LYS D 105 10.87 -20.51 14.80
CA LYS D 105 11.79 -20.43 15.93
C LYS D 105 11.08 -20.63 17.25
N ALA D 106 10.00 -19.88 17.48
CA ALA D 106 9.20 -20.02 18.70
C ALA D 106 8.66 -21.44 18.88
N SER D 107 8.33 -22.11 17.79
CA SER D 107 7.86 -23.52 17.85
C SER D 107 8.81 -24.48 18.55
N ALA D 108 10.08 -24.12 18.67
CA ALA D 108 11.06 -24.92 19.41
C ALA D 108 10.63 -25.27 20.83
N HIS D 109 9.93 -24.35 21.50
CA HIS D 109 9.43 -24.64 22.85
C HIS D 109 8.41 -25.80 22.88
N LEU D 110 7.73 -26.06 21.74
CA LEU D 110 6.87 -27.24 21.64
C LEU D 110 7.64 -28.55 21.77
N HIS D 111 8.89 -28.60 21.28
CA HIS D 111 9.83 -29.65 21.68
C HIS D 111 10.33 -29.07 23.04
N GLY D 112 10.33 -29.93 24.03
CA GLY D 112 10.14 -29.44 25.42
C GLY D 112 8.66 -29.39 25.25
N GLY D 113 7.85 -29.80 26.20
CA GLY D 113 6.43 -30.11 25.89
C GLY D 113 5.52 -28.98 26.37
N ALA D 114 5.82 -27.80 25.83
CA ALA D 114 4.91 -26.69 25.98
C ALA D 114 3.71 -26.94 25.07
N LYS D 115 2.51 -26.63 25.55
CA LYS D 115 1.31 -26.74 24.73
C LYS D 115 1.17 -25.50 23.82
N LYS D 116 1.43 -24.32 24.39
CA LYS D 116 1.24 -23.07 23.68
C LYS D 116 2.42 -22.14 23.93
N VAL D 117 2.76 -21.37 22.89
CA VAL D 117 3.78 -20.36 23.02
C VAL D 117 3.19 -18.99 22.71
N ILE D 118 3.51 -18.03 23.57
CA ILE D 118 3.14 -16.63 23.37
C ILE D 118 4.39 -15.83 23.11
N ILE D 119 4.54 -15.29 21.91
CA ILE D 119 5.66 -14.43 21.59
C ILE D 119 5.36 -13.03 22.09
N SER D 120 6.22 -12.50 22.96
CA SER D 120 5.97 -11.20 23.58
C SER D 120 6.40 -10.06 22.68
N ALA D 121 6.01 -10.11 21.42
CA ALA D 121 6.43 -9.14 20.43
C ALA D 121 5.73 -9.45 19.11
N PRO D 122 5.74 -8.50 18.16
CA PRO D 122 5.13 -8.82 16.86
C PRO D 122 5.85 -9.97 16.18
N SER D 123 5.19 -10.62 15.23
CA SER D 123 5.78 -11.71 14.49
C SER D 123 5.53 -11.48 13.02
N ALA D 124 6.49 -11.91 12.19
CA ALA D 124 6.34 -11.89 10.74
C ALA D 124 5.22 -12.81 10.28
N ASP D 125 4.99 -13.91 10.99
CA ASP D 125 3.97 -14.87 10.54
C ASP D 125 3.02 -15.44 11.61
N ALA D 126 3.42 -15.51 12.88
CA ALA D 126 2.51 -16.00 13.91
C ALA D 126 1.30 -15.05 14.03
N PRO D 127 0.10 -15.59 14.26
CA PRO D 127 -1.05 -14.71 14.42
C PRO D 127 -0.89 -13.79 15.62
N MET D 128 -1.23 -12.51 15.46
CA MET D 128 -1.08 -11.52 16.53
C MET D 128 -2.41 -11.21 17.19
N PHE D 129 -2.36 -10.94 18.49
CA PHE D 129 -3.56 -10.61 19.23
C PHE D 129 -3.42 -9.39 20.13
N VAL D 130 -4.53 -8.65 20.23
CA VAL D 130 -4.67 -7.58 21.19
C VAL D 130 -5.97 -7.83 21.96
N MET D 131 -5.83 -8.08 23.25
CA MET D 131 -6.97 -8.29 24.14
C MET D 131 -7.90 -7.09 24.04
N GLY D 132 -9.19 -7.38 23.89
CA GLY D 132 -10.20 -6.35 23.69
C GLY D 132 -10.47 -6.02 22.23
N VAL D 133 -9.66 -6.54 21.31
CA VAL D 133 -9.79 -6.21 19.89
C VAL D 133 -10.05 -7.41 18.96
N ASN D 134 -9.20 -8.43 19.00
CA ASN D 134 -9.35 -9.57 18.09
C ASN D 134 -9.12 -10.94 18.74
N GLU D 135 -9.14 -11.02 20.07
CA GLU D 135 -8.86 -12.30 20.74
C GLU D 135 -9.91 -13.37 20.41
N LYS D 136 -11.10 -12.97 19.99
CA LYS D 136 -12.11 -13.93 19.53
C LYS D 136 -11.59 -14.76 18.34
N THR D 137 -10.72 -14.19 17.52
CA THR D 137 -10.19 -14.90 16.37
C THR D 137 -9.15 -15.98 16.75
N TYR D 138 -8.77 -16.07 18.03
CA TYR D 138 -7.89 -17.16 18.48
C TYR D 138 -8.59 -18.51 18.33
N ASP D 139 -8.02 -19.39 17.52
CA ASP D 139 -8.50 -20.75 17.32
C ASP D 139 -7.61 -21.79 18.02
N ALA D 140 -8.09 -22.31 19.15
CA ALA D 140 -7.27 -23.18 19.99
C ALA D 140 -6.90 -24.53 19.41
N ALA D 141 -7.45 -24.90 18.25
CA ALA D 141 -7.08 -26.16 17.60
C ALA D 141 -6.17 -25.96 16.37
N THR D 142 -5.87 -24.73 16.02
CA THR D 142 -5.12 -24.44 14.80
C THR D 142 -3.91 -23.53 15.06
N MET D 143 -3.80 -22.96 16.25
CA MET D 143 -2.76 -21.97 16.54
C MET D 143 -2.09 -22.28 17.88
N ASN D 144 -0.92 -22.89 17.82
CA ASN D 144 -0.12 -23.24 18.98
C ASN D 144 0.94 -22.19 19.29
N VAL D 145 1.27 -21.35 18.31
CA VAL D 145 2.21 -20.25 18.50
C VAL D 145 1.48 -18.96 18.16
N VAL D 146 1.36 -18.06 19.12
CA VAL D 146 0.71 -16.77 18.90
C VAL D 146 1.60 -15.64 19.37
N SER D 147 1.25 -14.42 18.97
CA SER D 147 1.96 -13.20 19.38
C SER D 147 1.00 -12.24 20.06
N ASN D 148 1.48 -11.52 21.08
CA ASN D 148 0.67 -10.53 21.77
C ASN D 148 0.90 -9.11 21.21
N ALA D 149 1.34 -9.04 19.94
CA ALA D 149 1.65 -7.77 19.28
C ALA D 149 2.70 -6.97 20.05
N SER D 150 2.67 -5.66 19.93
CA SER D 150 3.60 -4.78 20.67
C SER D 150 2.85 -3.90 21.62
N CYS D 151 3.59 -3.19 22.47
CA CYS D 151 3.01 -2.30 23.49
C CYS D 151 2.22 -1.17 22.83
N THR D 152 2.81 -0.57 21.80
CA THR D 152 2.17 0.50 21.08
C THR D 152 0.91 0.00 20.35
N THR D 153 0.95 -1.23 19.84
CA THR D 153 -0.22 -1.81 19.18
C THR D 153 -1.34 -2.07 20.21
N ASN D 154 -0.97 -2.46 21.42
CA ASN D 154 -1.96 -2.65 22.47
C ASN D 154 -2.55 -1.34 23.01
N CYS D 155 -1.85 -0.22 22.83
CA CYS D 155 -2.42 1.08 23.14
C CYS D 155 -3.31 1.59 22.02
N LEU D 156 -2.80 1.52 20.80
CA LEU D 156 -3.48 2.11 19.64
C LEU D 156 -4.72 1.34 19.23
N ALA D 157 -4.63 0.01 19.21
CA ALA D 157 -5.71 -0.80 18.64
C ALA D 157 -7.06 -0.66 19.34
N PRO D 158 -7.10 -0.79 20.68
CA PRO D 158 -8.37 -0.60 21.38
C PRO D 158 -8.99 0.78 21.16
N LEU D 159 -8.19 1.84 21.21
CA LEU D 159 -8.68 3.18 20.92
C LEU D 159 -9.21 3.26 19.49
N ALA D 160 -8.39 2.81 18.55
CA ALA D 160 -8.76 2.84 17.13
C ALA D 160 -10.04 2.09 16.86
N LYS D 161 -10.18 0.91 17.47
CA LYS D 161 -11.40 0.12 17.36
C LYS D 161 -12.63 0.94 17.72
N VAL D 162 -12.56 1.59 18.88
CA VAL D 162 -13.72 2.33 19.39
C VAL D 162 -14.05 3.50 18.49
N ILE D 163 -13.02 4.24 18.07
CA ILE D 163 -13.23 5.38 17.17
C ILE D 163 -13.76 4.90 15.81
N ASN D 164 -13.16 3.84 15.28
CA ASN D 164 -13.61 3.29 14.01
C ASN D 164 -15.02 2.73 14.09
N ASP D 165 -15.32 1.96 15.14
CA ASP D 165 -16.66 1.37 15.32
C ASP D 165 -17.76 2.43 15.43
N ASN D 166 -17.47 3.53 16.10
CA ASN D 166 -18.50 4.54 16.36
C ASN D 166 -18.54 5.64 15.34
N PHE D 167 -17.42 5.90 14.66
CA PHE D 167 -17.31 7.09 13.78
C PHE D 167 -16.70 6.83 12.41
N GLY D 168 -15.94 5.76 12.26
CA GLY D 168 -15.26 5.47 11.01
C GLY D 168 -14.00 6.29 10.83
N ILE D 169 -12.85 5.63 10.81
CA ILE D 169 -11.59 6.28 10.46
C ILE D 169 -11.38 6.13 8.95
N GLU D 170 -11.51 7.23 8.21
CA GLU D 170 -11.22 7.20 6.76
C GLU D 170 -9.74 7.01 6.55
N GLU D 171 -8.97 7.86 7.23
CA GLU D 171 -7.50 7.80 7.15
C GLU D 171 -6.95 8.38 8.46
N GLY D 172 -5.78 7.91 8.83
CA GLY D 172 -5.17 8.28 10.10
C GLY D 172 -3.69 8.01 10.15
N LEU D 173 -2.99 8.84 10.89
CA LEU D 173 -1.58 8.64 11.14
C LEU D 173 -1.35 8.85 12.63
N MET D 174 -0.40 8.11 13.19
CA MET D 174 -0.15 8.18 14.62
C MET D 174 1.34 8.36 14.92
N THR D 175 1.59 8.95 16.07
CA THR D 175 2.93 9.05 16.61
C THR D 175 2.88 8.50 18.02
N THR D 176 3.88 7.70 18.40
CA THR D 176 4.09 7.40 19.81
C THR D 176 5.33 8.14 20.31
N ILE D 177 5.16 8.90 21.39
CA ILE D 177 6.26 9.43 22.16
C ILE D 177 6.58 8.36 23.19
N HIS D 178 7.71 7.69 22.96
CA HIS D 178 7.95 6.36 23.50
C HIS D 178 9.17 6.37 24.39
N ALA D 179 9.07 5.71 25.53
CA ALA D 179 10.19 5.55 26.46
C ALA D 179 11.30 4.80 25.79
N TYR D 180 12.53 5.02 26.24
CA TYR D 180 13.66 4.27 25.70
C TYR D 180 13.61 2.86 26.27
N THR D 181 14.24 1.92 25.56
CA THR D 181 14.19 0.50 25.93
C THR D 181 15.58 -0.10 25.94
N ALA D 182 15.63 -1.41 26.22
CA ALA D 182 16.89 -2.16 26.35
C ALA D 182 17.71 -2.23 25.07
N THR D 183 17.04 -2.09 23.92
CA THR D 183 17.70 -2.13 22.63
C THR D 183 18.50 -0.87 22.34
N GLN D 184 18.32 0.17 23.14
CA GLN D 184 18.99 1.44 22.90
C GLN D 184 20.31 1.50 23.66
N LYS D 185 21.08 2.56 23.45
CA LYS D 185 22.39 2.73 24.03
C LYS D 185 22.49 3.90 25.02
N THR D 186 23.38 3.77 26.00
CA THR D 186 23.60 4.85 26.98
C THR D 186 24.34 6.02 26.37
N VAL D 187 25.38 5.73 25.60
CA VAL D 187 26.10 6.72 24.82
C VAL D 187 26.13 6.26 23.37
N ASP D 188 26.49 7.13 22.43
CA ASP D 188 26.49 6.81 21.01
C ASP D 188 27.29 5.53 20.72
N GLY D 189 26.60 4.47 20.31
CA GLY D 189 27.24 3.20 19.98
C GLY D 189 26.65 2.53 18.75
N PRO D 190 27.19 1.38 18.37
CA PRO D 190 26.80 0.71 17.12
C PRO D 190 25.39 0.14 17.14
N SER D 191 24.67 0.38 16.06
CA SER D 191 23.32 -0.14 15.91
C SER D 191 23.13 -0.30 14.41
N GLY D 192 23.90 -1.23 13.85
CA GLY D 192 24.21 -1.26 12.42
C GLY D 192 23.04 -1.21 11.45
N LYS D 193 21.91 -1.75 11.86
CA LYS D 193 20.74 -1.76 11.00
C LYS D 193 19.93 -0.46 11.10
N LYS D 194 19.84 0.11 12.30
CA LYS D 194 19.05 1.31 12.53
C LYS D 194 19.93 2.36 13.20
N TRP D 195 20.52 3.24 12.40
CA TRP D 195 21.58 4.13 12.84
C TRP D 195 21.15 5.09 13.96
N ARG D 196 19.92 5.58 13.91
CA ARG D 196 19.43 6.51 14.91
C ARG D 196 19.29 5.85 16.27
N ASP D 197 18.97 4.55 16.28
CA ASP D 197 18.78 3.83 17.55
C ASP D 197 20.08 3.62 18.32
N GLY D 198 21.23 3.85 17.69
CA GLY D 198 22.49 3.78 18.40
C GLY D 198 22.86 5.02 19.18
N ARG D 199 22.19 6.15 18.88
CA ARG D 199 22.56 7.45 19.47
C ARG D 199 22.11 7.48 20.93
N GLY D 200 22.88 8.12 21.78
CA GLY D 200 22.64 8.05 23.21
C GLY D 200 21.18 8.30 23.58
N ALA D 201 20.58 7.36 24.29
CA ALA D 201 19.16 7.40 24.56
C ALA D 201 18.74 8.57 25.49
N ASN D 202 19.63 8.96 26.39
CA ASN D 202 19.32 9.92 27.41
C ASN D 202 19.53 11.35 26.94
N GLN D 203 20.30 11.53 25.86
CA GLN D 203 20.59 12.86 25.32
C GLN D 203 19.65 13.27 24.19
N ASN D 204 18.82 12.37 23.68
CA ASN D 204 18.25 12.52 22.36
C ASN D 204 16.75 12.23 22.31
N VAL D 205 16.05 12.97 21.46
CA VAL D 205 14.77 12.59 20.94
C VAL D 205 15.09 11.93 19.62
N ILE D 206 14.65 10.69 19.45
CA ILE D 206 15.13 9.82 18.36
C ILE D 206 13.96 9.29 17.52
N PRO D 207 13.84 9.71 16.27
CA PRO D 207 12.78 9.11 15.43
C PRO D 207 13.05 7.62 15.18
N ALA D 208 12.01 6.81 15.15
CA ALA D 208 12.13 5.37 15.07
C ALA D 208 10.88 4.75 14.48
N THR D 209 10.98 3.47 14.10
CA THR D 209 9.81 2.70 13.70
C THR D 209 9.03 2.31 14.96
N THR D 210 7.75 1.98 14.75
CA THR D 210 6.93 1.38 15.80
C THR D 210 6.29 0.11 15.22
N GLY D 211 6.24 -0.94 16.04
CA GLY D 211 5.59 -2.21 15.65
C GLY D 211 4.11 -2.05 15.30
N ALA D 212 3.45 -1.05 15.89
CA ALA D 212 2.04 -0.76 15.59
C ALA D 212 1.79 -0.35 14.15
N ALA D 213 2.83 0.10 13.45
CA ALA D 213 2.69 0.57 12.06
C ALA D 213 2.17 -0.54 11.16
N LYS D 214 2.76 -1.74 11.31
CA LYS D 214 2.32 -2.92 10.56
C LYS D 214 1.21 -3.67 11.30
N ALA D 215 1.39 -3.86 12.60
CA ALA D 215 0.53 -4.76 13.38
C ALA D 215 -0.93 -4.34 13.46
N VAL D 216 -1.18 -3.04 13.46
CA VAL D 216 -2.55 -2.55 13.66
C VAL D 216 -3.45 -2.98 12.51
N GLY D 217 -2.87 -3.09 11.31
CA GLY D 217 -3.62 -3.58 10.14
C GLY D 217 -3.96 -5.06 10.19
N LYS D 218 -3.18 -5.84 10.92
CA LYS D 218 -3.47 -7.26 11.15
C LYS D 218 -4.57 -7.46 12.17
N VAL D 219 -4.48 -6.75 13.29
CA VAL D 219 -5.39 -6.95 14.42
C VAL D 219 -6.73 -6.31 14.12
N ILE D 220 -6.74 -5.28 13.27
CA ILE D 220 -7.97 -4.69 12.76
C ILE D 220 -7.88 -4.63 11.24
N PRO D 221 -8.29 -5.73 10.56
CA PRO D 221 -8.21 -5.80 9.09
C PRO D 221 -8.87 -4.63 8.37
N GLU D 222 -10.02 -4.18 8.87
CA GLU D 222 -10.77 -3.06 8.28
C GLU D 222 -9.92 -1.76 8.18
N LEU D 223 -8.86 -1.65 8.97
CA LEU D 223 -8.01 -0.44 8.97
C LEU D 223 -6.67 -0.59 8.26
N ASN D 224 -6.44 -1.73 7.63
CA ASN D 224 -5.17 -1.98 6.93
C ASN D 224 -5.06 -1.04 5.73
N GLY D 225 -3.98 -0.29 5.67
CA GLY D 225 -3.79 0.71 4.61
C GLY D 225 -4.38 2.06 4.96
N LYS D 226 -5.15 2.14 6.04
CA LYS D 226 -5.81 3.39 6.44
C LYS D 226 -5.18 4.04 7.67
N LEU D 227 -4.22 3.36 8.28
CA LEU D 227 -3.67 3.81 9.54
C LEU D 227 -2.24 3.30 9.69
N THR D 228 -1.28 4.22 9.80
CA THR D 228 0.09 3.84 10.14
C THR D 228 0.73 4.94 10.99
N GLY D 229 2.03 4.82 11.26
CA GLY D 229 2.70 5.78 12.12
C GLY D 229 4.17 5.52 12.39
N MET D 230 4.68 6.18 13.42
CA MET D 230 6.09 6.14 13.76
C MET D 230 6.23 6.50 15.23
N ALA D 231 7.48 6.48 15.70
CA ALA D 231 7.80 6.75 17.06
C ALA D 231 8.92 7.77 17.18
N PHE D 232 8.93 8.44 18.32
CA PHE D 232 10.08 9.16 18.79
C PHE D 232 10.45 8.59 20.14
N ARG D 233 11.66 8.03 20.24
CA ARG D 233 12.18 7.57 21.51
C ARG D 233 12.69 8.79 22.27
N VAL D 234 12.27 8.96 23.52
CA VAL D 234 12.65 10.13 24.30
C VAL D 234 13.18 9.72 25.69
N PRO D 235 13.84 10.64 26.41
CA PRO D 235 14.51 10.23 27.66
C PRO D 235 13.62 10.06 28.90
N VAL D 236 12.66 9.15 28.86
CA VAL D 236 12.06 8.62 30.08
C VAL D 236 12.24 7.10 30.06
N PRO D 237 12.43 6.50 31.24
CA PRO D 237 12.73 5.06 31.36
C PRO D 237 11.54 4.11 31.11
N ASP D 238 10.34 4.64 31.17
CA ASP D 238 9.13 3.88 30.95
C ASP D 238 7.93 4.85 30.82
N VAL D 239 6.87 4.34 30.23
CA VAL D 239 5.65 5.06 29.95
C VAL D 239 5.79 5.81 28.64
N SER D 240 4.79 5.57 27.79
CA SER D 240 4.74 6.12 26.46
C SER D 240 3.33 6.69 26.19
N VAL D 241 3.17 7.36 25.05
CA VAL D 241 1.91 8.00 24.75
C VAL D 241 1.67 8.08 23.24
N VAL D 242 0.47 7.69 22.84
CA VAL D 242 0.06 7.70 21.45
C VAL D 242 -0.68 9.02 21.15
N ASP D 243 -0.40 9.54 19.97
CA ASP D 243 -0.92 10.75 19.44
C ASP D 243 -1.52 10.34 18.08
N LEU D 244 -2.84 10.10 18.07
CA LEU D 244 -3.55 9.60 16.91
C LEU D 244 -4.31 10.70 16.19
N THR D 245 -3.94 10.95 14.93
CA THR D 245 -4.60 12.00 14.16
C THR D 245 -5.36 11.33 13.01
N CYS D 246 -6.68 11.52 12.97
CA CYS D 246 -7.47 10.91 11.92
C CYS D 246 -8.64 11.75 11.43
N ARG D 247 -8.98 11.55 10.16
CA ARG D 247 -10.21 12.06 9.59
C ARG D 247 -11.31 11.02 9.81
N LEU D 248 -12.50 11.48 10.14
CA LEU D 248 -13.61 10.60 10.48
C LEU D 248 -14.67 10.62 9.38
N LYS D 249 -15.40 9.51 9.24
CA LYS D 249 -16.47 9.42 8.23
C LYS D 249 -17.72 10.14 8.73
N LYS D 250 -18.17 9.75 9.92
CA LYS D 250 -19.34 10.33 10.55
C LYS D 250 -18.93 11.56 11.34
N PRO D 251 -19.47 12.74 11.00
CA PRO D 251 -19.13 13.94 11.77
C PRO D 251 -19.59 13.83 13.20
N THR D 252 -18.81 14.40 14.11
CA THR D 252 -19.05 14.21 15.53
C THR D 252 -18.52 15.42 16.31
N SER D 253 -18.62 15.34 17.63
CA SER D 253 -18.11 16.39 18.50
C SER D 253 -17.17 15.74 19.50
N TYR D 254 -16.31 16.52 20.13
CA TYR D 254 -15.41 15.99 21.12
C TYR D 254 -16.14 15.40 22.33
N GLU D 255 -17.27 15.99 22.72
CA GLU D 255 -18.04 15.48 23.86
C GLU D 255 -18.54 14.06 23.62
N GLU D 256 -18.98 13.78 22.41
CA GLU D 256 -19.47 12.44 22.05
C GLU D 256 -18.31 11.43 21.96
N ILE D 257 -17.16 11.87 21.47
CA ILE D 257 -15.95 11.04 21.49
C ILE D 257 -15.63 10.61 22.92
N LYS D 258 -15.66 11.55 23.85
CA LYS D 258 -15.40 11.25 25.26
C LYS D 258 -16.39 10.24 25.79
N LYS D 259 -17.66 10.45 25.45
CA LYS D 259 -18.73 9.61 25.94
C LYS D 259 -18.61 8.16 25.49
N VAL D 260 -18.27 7.93 24.23
CA VAL D 260 -18.13 6.56 23.75
C VAL D 260 -16.87 5.88 24.34
N VAL D 261 -15.76 6.64 24.43
CA VAL D 261 -14.55 6.08 24.98
C VAL D 261 -14.74 5.73 26.46
N LYS D 262 -15.34 6.66 27.20
CA LYS D 262 -15.63 6.44 28.60
C LYS D 262 -16.52 5.21 28.80
N LYS D 263 -17.53 5.07 27.97
CA LYS D 263 -18.47 3.95 28.09
C LYS D 263 -17.78 2.64 27.78
N ALA D 264 -16.92 2.64 26.76
CA ALA D 264 -16.13 1.45 26.44
C ALA D 264 -15.21 1.07 27.60
N SER D 265 -14.62 2.08 28.26
CA SER D 265 -13.76 1.84 29.41
C SER D 265 -14.48 1.22 30.61
N GLU D 266 -15.81 1.42 30.68
CA GLU D 266 -16.61 0.88 31.79
C GLU D 266 -17.27 -0.45 31.46
N THR D 267 -17.27 -0.84 30.19
CA THR D 267 -17.98 -2.04 29.75
C THR D 267 -17.08 -3.02 29.00
N ASP D 268 -17.12 -3.00 27.67
CA ASP D 268 -16.51 -4.05 26.84
C ASP D 268 -14.97 -4.05 26.87
N LEU D 269 -14.37 -2.88 27.01
CA LEU D 269 -12.92 -2.78 27.10
C LEU D 269 -12.42 -2.57 28.53
N LYS D 270 -13.25 -2.87 29.52
CA LYS D 270 -12.89 -2.62 30.93
C LYS D 270 -11.61 -3.40 31.27
N GLY D 271 -10.68 -2.73 31.93
CA GLY D 271 -9.37 -3.29 32.27
C GLY D 271 -8.33 -3.03 31.20
N PHE D 272 -8.75 -2.81 29.96
CA PHE D 272 -7.84 -2.61 28.84
C PHE D 272 -7.74 -1.13 28.47
N LEU D 273 -8.88 -0.52 28.23
CA LEU D 273 -8.99 0.90 27.93
C LEU D 273 -9.53 1.61 29.16
N ALA D 274 -8.81 2.64 29.61
CA ALA D 274 -9.21 3.48 30.73
C ALA D 274 -9.45 4.87 30.19
N TYR D 275 -10.08 5.70 31.01
CA TYR D 275 -10.45 7.05 30.61
C TYR D 275 -10.13 7.96 31.80
N THR D 276 -9.43 9.05 31.57
CA THR D 276 -9.19 10.03 32.61
C THR D 276 -9.44 11.43 32.09
N GLU D 277 -9.82 12.32 32.99
CA GLU D 277 -9.95 13.76 32.72
C GLU D 277 -8.98 14.59 33.56
N ASP D 278 -8.03 13.92 34.23
CA ASP D 278 -7.10 14.59 35.10
C ASP D 278 -5.89 15.13 34.33
N GLN D 279 -5.17 16.03 34.97
CA GLN D 279 -4.03 16.68 34.39
C GLN D 279 -2.76 15.89 34.62
N VAL D 280 -2.70 14.77 33.90
CA VAL D 280 -1.71 13.74 34.11
C VAL D 280 -0.46 13.98 33.29
N VAL D 281 0.62 13.36 33.74
CA VAL D 281 1.88 13.35 33.01
C VAL D 281 2.39 11.91 33.03
N SER D 282 3.49 11.64 32.34
CA SER D 282 3.89 10.23 32.09
C SER D 282 4.15 9.44 33.37
N SER D 283 4.80 10.05 34.36
CA SER D 283 5.09 9.34 35.60
C SER D 283 3.85 8.90 36.36
N ASP D 284 2.70 9.47 36.03
CA ASP D 284 1.44 9.04 36.65
C ASP D 284 0.98 7.66 36.19
N PHE D 285 1.65 7.09 35.20
CA PHE D 285 1.28 5.76 34.72
C PHE D 285 2.34 4.70 34.99
N ILE D 286 3.35 5.03 35.77
CA ILE D 286 4.34 4.03 36.18
C ILE D 286 3.61 2.93 36.95
N SER D 287 3.66 1.72 36.41
CA SER D 287 3.04 0.51 36.98
C SER D 287 1.51 0.48 36.82
N ASP D 288 1.00 1.24 35.85
CA ASP D 288 -0.40 1.13 35.47
C ASP D 288 -0.61 -0.16 34.68
N THR D 289 -1.76 -0.80 34.88
CA THR D 289 -2.02 -2.12 34.30
C THR D 289 -2.78 -2.06 32.96
N HIS D 290 -3.19 -0.86 32.53
CA HIS D 290 -4.02 -0.76 31.33
C HIS D 290 -3.22 -0.77 30.04
N SER D 291 -3.89 -1.11 28.95
CA SER D 291 -3.27 -1.06 27.64
C SER D 291 -3.27 0.36 27.09
N SER D 292 -4.26 1.15 27.50
CA SER D 292 -4.55 2.41 26.83
C SER D 292 -5.32 3.28 27.79
N VAL D 293 -4.77 4.44 28.14
CA VAL D 293 -5.49 5.38 28.98
C VAL D 293 -5.73 6.69 28.23
N PHE D 294 -6.98 6.87 27.82
CA PHE D 294 -7.40 8.06 27.07
C PHE D 294 -7.31 9.31 27.92
N ASP D 295 -6.64 10.34 27.41
CA ASP D 295 -6.46 11.63 28.09
C ASP D 295 -7.44 12.61 27.49
N ALA D 296 -8.58 12.79 28.14
CA ALA D 296 -9.65 13.65 27.57
C ALA D 296 -9.20 15.10 27.32
N LEU D 297 -8.55 15.70 28.31
CA LEU D 297 -8.14 17.10 28.20
C LEU D 297 -7.09 17.38 27.15
N ALA D 298 -6.26 16.38 26.82
CA ALA D 298 -5.14 16.59 25.89
C ALA D 298 -5.56 16.55 24.42
N GLY D 299 -6.74 16.02 24.13
CA GLY D 299 -7.21 15.91 22.76
C GLY D 299 -7.55 17.23 22.12
N ILE D 300 -7.58 17.24 20.80
CA ILE D 300 -7.95 18.42 20.03
C ILE D 300 -8.89 18.00 18.92
N GLN D 301 -9.97 18.77 18.75
CA GLN D 301 -10.87 18.62 17.62
C GLN D 301 -10.72 19.86 16.76
N LEU D 302 -10.21 19.68 15.54
CA LEU D 302 -10.08 20.79 14.61
C LEU D 302 -11.45 21.18 14.07
N ASN D 303 -12.17 20.18 13.56
CA ASN D 303 -13.53 20.34 13.02
C ASN D 303 -14.29 19.03 13.22
N PRO D 304 -15.57 18.97 12.85
CA PRO D 304 -16.34 17.75 13.16
C PRO D 304 -15.79 16.41 12.64
N THR D 305 -14.85 16.43 11.69
CA THR D 305 -14.34 15.20 11.08
C THR D 305 -12.82 15.09 11.16
N PHE D 306 -12.17 15.88 12.01
CA PHE D 306 -10.71 15.88 12.09
C PHE D 306 -10.24 16.10 13.53
N VAL D 307 -9.61 15.09 14.11
CA VAL D 307 -9.34 15.07 15.54
C VAL D 307 -7.95 14.50 15.84
N LYS D 308 -7.41 14.90 17.00
CA LYS D 308 -6.19 14.32 17.55
C LYS D 308 -6.49 13.72 18.92
N LEU D 309 -6.30 12.42 19.05
CA LEU D 309 -6.54 11.73 20.32
C LEU D 309 -5.24 11.28 20.98
N VAL D 310 -5.27 11.24 22.31
CA VAL D 310 -4.09 11.04 23.12
C VAL D 310 -4.34 9.93 24.14
N SER D 311 -3.44 8.95 24.18
CA SER D 311 -3.62 7.80 25.06
C SER D 311 -2.29 7.31 25.61
N TRP D 312 -2.24 7.17 26.93
CA TRP D 312 -1.02 6.79 27.63
C TRP D 312 -0.93 5.28 27.76
N TYR D 313 0.28 4.79 27.91
CA TYR D 313 0.50 3.38 28.24
C TYR D 313 1.82 3.17 28.90
N ASP D 314 1.78 2.37 29.97
CA ASP D 314 2.97 1.86 30.58
C ASP D 314 3.44 0.74 29.67
N ASN D 315 4.42 1.05 28.82
CA ASN D 315 4.86 0.13 27.79
C ASN D 315 5.41 -1.17 28.35
N GLU D 316 5.92 -1.15 29.57
CA GLU D 316 6.40 -2.35 30.23
C GLU D 316 5.29 -3.13 30.92
N TYR D 317 4.57 -2.45 31.80
CA TYR D 317 3.69 -3.10 32.77
C TYR D 317 2.32 -3.46 32.18
N GLY D 318 1.77 -2.59 31.37
CA GLY D 318 0.47 -2.83 30.73
C GLY D 318 0.57 -4.01 29.79
N TYR D 319 1.60 -3.99 28.96
CA TYR D 319 1.86 -5.10 28.03
C TYR D 319 2.08 -6.40 28.77
N SER D 320 2.81 -6.37 29.89
CA SER D 320 3.07 -7.58 30.65
C SER D 320 1.79 -8.19 31.21
N HIS D 321 0.93 -7.32 31.74
CA HIS D 321 -0.38 -7.77 32.20
C HIS D 321 -1.25 -8.34 31.05
N ARG D 322 -1.12 -7.78 29.86
CA ARG D 322 -1.83 -8.31 28.69
C ARG D 322 -1.31 -9.69 28.30
N VAL D 323 -0.02 -9.93 28.44
CA VAL D 323 0.51 -11.25 28.15
C VAL D 323 -0.16 -12.31 29.05
N VAL D 324 -0.36 -11.94 30.31
CA VAL D 324 -0.99 -12.85 31.26
C VAL D 324 -2.48 -13.01 30.95
N ASP D 325 -3.17 -11.92 30.63
CA ASP D 325 -4.59 -12.01 30.23
C ASP D 325 -4.76 -12.88 28.99
N LEU D 326 -3.80 -12.82 28.08
CA LEU D 326 -3.90 -13.61 26.85
C LEU D 326 -3.72 -15.07 27.18
N ILE D 327 -2.83 -15.38 28.11
CA ILE D 327 -2.66 -16.77 28.57
C ILE D 327 -3.98 -17.28 29.17
N GLU D 328 -4.54 -16.54 30.12
CA GLU D 328 -5.78 -16.95 30.80
C GLU D 328 -6.94 -17.08 29.82
N TYR D 329 -7.03 -16.16 28.88
CA TYR D 329 -8.03 -16.27 27.82
C TYR D 329 -7.83 -17.52 26.96
N MET D 330 -6.59 -17.82 26.59
CA MET D 330 -6.30 -19.03 25.81
C MET D 330 -6.55 -20.31 26.62
N ALA D 331 -6.30 -20.27 27.92
CA ALA D 331 -6.47 -21.47 28.75
C ALA D 331 -7.95 -21.84 28.90
N THR D 332 -8.86 -20.88 28.84
CA THR D 332 -10.27 -21.18 29.02
C THR D 332 -10.91 -21.70 27.72
N LYS D 333 -10.33 -22.74 27.11
CA LYS D 333 -10.88 -23.38 25.93
C LYS D 333 -10.87 -24.87 26.21
N VAL E 2 -38.80 15.75 -9.73
CA VAL E 2 -39.33 15.01 -10.94
C VAL E 2 -39.19 13.51 -10.80
N LYS E 3 -40.30 12.85 -10.50
CA LYS E 3 -40.32 11.44 -10.11
C LYS E 3 -40.69 10.54 -11.29
N VAL E 4 -39.90 9.50 -11.52
CA VAL E 4 -40.00 8.67 -12.72
C VAL E 4 -40.27 7.20 -12.43
N GLY E 5 -41.12 6.60 -13.25
CA GLY E 5 -41.38 5.17 -13.23
C GLY E 5 -40.86 4.56 -14.51
N ILE E 6 -40.33 3.34 -14.41
CA ILE E 6 -39.81 2.61 -15.56
C ILE E 6 -40.57 1.31 -15.75
N ASN E 7 -41.13 1.14 -16.95
CA ASN E 7 -41.81 -0.10 -17.31
C ASN E 7 -40.95 -0.86 -18.28
N GLY E 8 -40.50 -2.05 -17.84
CA GLY E 8 -39.54 -2.85 -18.59
C GLY E 8 -38.12 -2.51 -18.17
N PHE E 9 -37.49 -3.39 -17.39
CA PHE E 9 -36.14 -3.15 -16.88
C PHE E 9 -35.10 -3.84 -17.80
N GLY E 10 -35.18 -3.55 -19.09
CA GLY E 10 -34.38 -4.14 -20.12
C GLY E 10 -33.13 -3.32 -20.37
N ARG E 11 -32.60 -3.40 -21.56
CA ARG E 11 -31.39 -2.65 -21.86
C ARG E 11 -31.68 -1.18 -21.61
N ILE E 12 -32.75 -0.68 -22.23
CA ILE E 12 -33.06 0.74 -22.17
C ILE E 12 -33.53 1.14 -20.78
N GLY E 13 -34.42 0.35 -20.19
CA GLY E 13 -34.88 0.56 -18.85
C GLY E 13 -33.77 0.71 -17.81
N ARG E 14 -32.82 -0.21 -17.85
CA ARG E 14 -31.69 -0.21 -16.89
C ARG E 14 -30.72 0.93 -17.13
N LEU E 15 -30.49 1.27 -18.39
CA LEU E 15 -29.58 2.36 -18.70
C LEU E 15 -30.23 3.74 -18.56
N VAL E 16 -31.55 3.81 -18.67
CA VAL E 16 -32.29 5.02 -18.26
C VAL E 16 -32.08 5.23 -16.76
N MET E 17 -32.19 4.14 -16.01
CA MET E 17 -31.92 4.18 -14.58
C MET E 17 -30.50 4.71 -14.31
N ARG E 18 -29.49 4.13 -14.96
CA ARG E 18 -28.10 4.60 -14.81
C ARG E 18 -27.95 6.08 -15.17
N ALA E 19 -28.51 6.47 -16.30
CA ALA E 19 -28.44 7.85 -16.74
C ALA E 19 -29.12 8.82 -15.79
N SER E 20 -30.24 8.40 -15.20
CA SER E 20 -31.00 9.26 -14.30
C SER E 20 -30.16 9.73 -13.11
N LEU E 21 -29.19 8.92 -12.71
CA LEU E 21 -28.31 9.25 -11.59
C LEU E 21 -27.37 10.44 -11.87
N GLU E 22 -27.18 10.80 -13.15
CA GLU E 22 -26.40 11.98 -13.53
C GLU E 22 -27.25 13.25 -13.69
N HIS E 23 -28.56 13.10 -13.52
CA HIS E 23 -29.48 14.22 -13.54
C HIS E 23 -30.00 14.44 -12.13
N PRO E 24 -29.50 15.47 -11.46
CA PRO E 24 -29.87 15.72 -10.05
C PRO E 24 -31.36 16.03 -9.77
N GLU E 25 -32.09 16.51 -10.78
CA GLU E 25 -33.53 16.77 -10.60
C GLU E 25 -34.39 15.52 -10.66
N VAL E 26 -33.96 14.58 -11.49
CA VAL E 26 -34.74 13.38 -11.83
C VAL E 26 -34.43 12.23 -10.88
N GLN E 27 -35.48 11.58 -10.39
CA GLN E 27 -35.34 10.46 -9.47
C GLN E 27 -36.31 9.34 -9.86
N VAL E 28 -35.78 8.19 -10.23
CA VAL E 28 -36.57 7.03 -10.50
C VAL E 28 -37.10 6.49 -9.17
N VAL E 29 -38.43 6.39 -9.03
CA VAL E 29 -39.03 5.92 -7.78
C VAL E 29 -39.67 4.54 -7.89
N ALA E 30 -39.85 4.04 -9.12
CA ALA E 30 -40.56 2.78 -9.32
C ALA E 30 -40.18 2.08 -10.61
N VAL E 31 -40.14 0.76 -10.57
CA VAL E 31 -39.84 -0.03 -11.74
C VAL E 31 -40.78 -1.21 -11.81
N ASN E 32 -41.28 -1.50 -13.01
CA ASN E 32 -42.14 -2.66 -13.23
C ASN E 32 -41.52 -3.59 -14.27
N ASP E 33 -41.39 -4.86 -13.92
CA ASP E 33 -41.04 -5.91 -14.88
C ASP E 33 -41.47 -7.25 -14.32
N PRO E 34 -42.40 -7.95 -15.00
CA PRO E 34 -42.86 -9.24 -14.46
C PRO E 34 -41.92 -10.41 -14.76
N PHE E 35 -40.83 -10.19 -15.48
CA PHE E 35 -39.85 -11.24 -15.75
C PHE E 35 -38.55 -11.11 -14.97
N ILE E 36 -38.49 -10.14 -14.05
CA ILE E 36 -37.28 -9.86 -13.30
C ILE E 36 -37.71 -9.50 -11.89
N ASP E 37 -37.61 -10.43 -10.96
CA ASP E 37 -38.01 -10.16 -9.56
C ASP E 37 -36.96 -9.25 -8.90
N LEU E 38 -37.18 -8.89 -7.64
CA LEU E 38 -36.41 -7.84 -6.97
C LEU E 38 -34.91 -8.10 -6.87
N GLU E 39 -34.53 -9.30 -6.44
CA GLU E 39 -33.13 -9.62 -6.21
C GLU E 39 -32.39 -9.73 -7.55
N TYR E 40 -33.12 -10.16 -8.57
CA TYR E 40 -32.58 -10.31 -9.89
C TYR E 40 -32.39 -8.95 -10.55
N MET E 41 -33.28 -8.00 -10.24
CA MET E 41 -33.11 -6.60 -10.69
C MET E 41 -31.82 -6.03 -10.19
N GLU E 42 -31.46 -6.33 -8.95
CA GLU E 42 -30.20 -5.83 -8.39
C GLU E 42 -29.02 -6.37 -9.18
N TYR E 43 -29.02 -7.69 -9.39
CA TYR E 43 -27.97 -8.35 -10.14
C TYR E 43 -27.80 -7.79 -11.54
N MET E 44 -28.90 -7.69 -12.27
CA MET E 44 -28.88 -7.19 -13.64
C MET E 44 -28.48 -5.74 -13.74
N PHE E 45 -28.77 -4.95 -12.70
CA PHE E 45 -28.37 -3.55 -12.70
C PHE E 45 -26.87 -3.39 -12.38
N LYS E 46 -26.38 -4.26 -11.50
CA LYS E 46 -25.05 -4.22 -10.95
C LYS E 46 -23.99 -4.70 -11.96
N TYR E 47 -24.29 -5.75 -12.69
CA TYR E 47 -23.38 -6.24 -13.73
C TYR E 47 -23.95 -6.00 -15.13
N ASP E 48 -23.13 -5.44 -16.00
CA ASP E 48 -23.54 -5.19 -17.37
C ASP E 48 -22.37 -5.56 -18.29
N SER E 49 -22.63 -6.43 -19.24
CA SER E 49 -21.58 -6.94 -20.10
C SER E 49 -20.96 -5.82 -20.96
N THR E 50 -21.75 -4.82 -21.30
CA THR E 50 -21.32 -3.78 -22.22
C THR E 50 -20.78 -2.54 -21.51
N HIS E 51 -21.46 -2.13 -20.44
CA HIS E 51 -21.08 -0.89 -19.77
C HIS E 51 -20.35 -1.09 -18.46
N GLY E 52 -20.04 -2.33 -18.10
CA GLY E 52 -19.26 -2.57 -16.89
C GLY E 52 -20.11 -2.52 -15.62
N ARG E 53 -19.45 -2.74 -14.49
CA ARG E 53 -20.11 -2.77 -13.22
C ARG E 53 -20.62 -1.41 -12.85
N PHE E 54 -21.79 -1.38 -12.23
CA PHE E 54 -22.31 -0.15 -11.63
C PHE E 54 -21.35 0.30 -10.55
N LYS E 55 -21.05 1.60 -10.53
CA LYS E 55 -20.02 2.14 -9.63
C LYS E 55 -20.56 2.58 -8.27
N GLY E 56 -21.88 2.78 -8.15
CA GLY E 56 -22.51 3.15 -6.88
C GLY E 56 -22.85 1.96 -6.01
N THR E 57 -23.74 2.15 -5.04
CA THR E 57 -24.13 1.07 -4.13
C THR E 57 -25.50 0.52 -4.50
N THR E 58 -25.73 -0.73 -4.14
CA THR E 58 -27.03 -1.35 -4.36
C THR E 58 -27.39 -2.24 -3.18
N GLU E 59 -28.68 -2.40 -2.95
CA GLU E 59 -29.15 -3.24 -1.87
C GLU E 59 -30.62 -3.58 -2.07
N VAL E 60 -31.00 -4.77 -1.62
CA VAL E 60 -32.39 -5.16 -1.53
C VAL E 60 -32.79 -5.05 -0.06
N LYS E 61 -33.86 -4.32 0.22
CA LYS E 61 -34.28 -4.08 1.59
C LYS E 61 -35.77 -3.79 1.67
N ASP E 62 -36.44 -4.48 2.61
CA ASP E 62 -37.87 -4.28 2.86
C ASP E 62 -38.69 -4.31 1.57
N GLY E 63 -38.37 -5.24 0.68
CA GLY E 63 -39.08 -5.39 -0.58
C GLY E 63 -38.84 -4.28 -1.59
N LYS E 64 -37.77 -3.51 -1.41
CA LYS E 64 -37.46 -2.37 -2.30
C LYS E 64 -36.01 -2.40 -2.76
N LEU E 65 -35.78 -1.89 -3.97
CA LEU E 65 -34.46 -1.83 -4.59
C LEU E 65 -33.84 -0.50 -4.22
N VAL E 66 -32.72 -0.53 -3.48
CA VAL E 66 -32.11 0.70 -3.02
C VAL E 66 -30.84 0.97 -3.82
N ILE E 67 -30.85 2.05 -4.59
CA ILE E 67 -29.71 2.45 -5.43
C ILE E 67 -29.17 3.83 -5.03
N ASN E 68 -27.93 3.85 -4.54
CA ASN E 68 -27.32 5.04 -3.95
C ASN E 68 -28.22 5.64 -2.87
N GLY E 69 -28.72 4.79 -1.97
CA GLY E 69 -29.57 5.25 -0.85
C GLY E 69 -31.01 5.55 -1.18
N ASN E 70 -31.34 5.69 -2.45
CA ASN E 70 -32.71 5.94 -2.90
C ASN E 70 -33.52 4.63 -2.99
N PRO E 71 -34.58 4.49 -2.18
CA PRO E 71 -35.40 3.28 -2.29
C PRO E 71 -36.32 3.32 -3.52
N ILE E 72 -36.42 2.21 -4.22
CA ILE E 72 -37.23 2.10 -5.43
C ILE E 72 -38.26 1.01 -5.26
N SER E 73 -39.53 1.34 -5.51
CA SER E 73 -40.58 0.35 -5.47
C SER E 73 -40.54 -0.51 -6.72
N VAL E 74 -40.73 -1.81 -6.55
CA VAL E 74 -40.59 -2.78 -7.64
C VAL E 74 -41.85 -3.60 -7.82
N TYR E 75 -42.36 -3.66 -9.06
CA TYR E 75 -43.58 -4.38 -9.34
C TYR E 75 -43.35 -5.45 -10.40
N ALA E 76 -44.24 -6.44 -10.41
CA ALA E 76 -44.13 -7.59 -11.30
C ALA E 76 -45.45 -7.86 -12.03
N LEU E 77 -45.98 -6.82 -12.66
CA LEU E 77 -47.32 -6.87 -13.27
C LEU E 77 -47.21 -6.86 -14.80
N LYS E 78 -48.01 -7.69 -15.46
CA LYS E 78 -47.99 -7.81 -16.92
C LYS E 78 -48.81 -6.74 -17.65
N ASP E 79 -49.97 -6.40 -17.11
CA ASP E 79 -50.85 -5.40 -17.69
C ASP E 79 -50.47 -4.01 -17.16
N PRO E 80 -49.96 -3.11 -18.01
CA PRO E 80 -49.53 -1.79 -17.52
C PRO E 80 -50.65 -0.95 -16.87
N ALA E 81 -51.90 -1.23 -17.20
CA ALA E 81 -53.03 -0.56 -16.56
C ALA E 81 -53.14 -0.86 -15.05
N ALA E 82 -52.48 -1.93 -14.60
CA ALA E 82 -52.54 -2.36 -13.21
C ALA E 82 -51.39 -1.83 -12.35
N ILE E 83 -50.40 -1.20 -12.96
CA ILE E 83 -49.26 -0.71 -12.20
C ILE E 83 -49.69 0.55 -11.45
N PRO E 84 -49.53 0.56 -10.12
CA PRO E 84 -49.96 1.65 -9.28
C PRO E 84 -48.92 2.76 -9.17
N TRP E 85 -48.74 3.46 -10.28
CA TRP E 85 -47.69 4.49 -10.35
C TRP E 85 -47.90 5.60 -9.32
N LYS E 86 -49.14 6.05 -9.22
CA LYS E 86 -49.48 7.17 -8.31
C LYS E 86 -49.13 6.82 -6.86
N GLU E 87 -49.42 5.58 -6.45
CA GLU E 87 -49.03 5.11 -5.13
C GLU E 87 -47.52 5.21 -4.90
N ALA E 88 -46.71 4.89 -5.92
CA ALA E 88 -45.27 4.95 -5.75
C ALA E 88 -44.68 6.37 -5.92
N GLY E 89 -45.49 7.33 -6.32
CA GLY E 89 -45.02 8.68 -6.58
C GLY E 89 -44.54 8.95 -8.01
N ALA E 90 -44.75 8.01 -8.91
CA ALA E 90 -44.21 8.12 -10.27
C ALA E 90 -45.06 9.02 -11.17
N ASP E 91 -44.62 10.26 -11.35
CA ASP E 91 -45.28 11.22 -12.26
C ASP E 91 -45.11 10.84 -13.72
N PHE E 92 -43.85 10.64 -14.13
CA PHE E 92 -43.50 10.36 -15.51
C PHE E 92 -43.15 8.89 -15.60
N VAL E 93 -43.66 8.22 -16.63
CA VAL E 93 -43.36 6.80 -16.84
C VAL E 93 -42.67 6.54 -18.16
N VAL E 94 -41.50 5.92 -18.10
CA VAL E 94 -40.79 5.51 -19.31
C VAL E 94 -41.32 4.15 -19.70
N GLU E 95 -42.03 4.08 -20.83
CA GLU E 95 -42.52 2.81 -21.38
C GLU E 95 -41.45 2.19 -22.30
N SER E 96 -40.70 1.24 -21.77
CA SER E 96 -39.53 0.71 -22.46
C SER E 96 -39.54 -0.81 -22.59
N THR E 97 -40.71 -1.39 -22.74
CA THR E 97 -40.83 -2.85 -22.91
C THR E 97 -40.77 -3.27 -24.37
N GLY E 98 -41.07 -2.35 -25.26
CA GLY E 98 -41.08 -2.66 -26.70
C GLY E 98 -42.44 -3.10 -27.23
N VAL E 99 -43.43 -3.31 -26.36
CA VAL E 99 -44.71 -3.89 -26.78
C VAL E 99 -45.95 -3.00 -26.56
N PHE E 100 -45.77 -1.79 -26.05
CA PHE E 100 -46.89 -0.85 -25.81
C PHE E 100 -46.60 0.49 -26.48
N THR E 101 -46.37 0.45 -27.78
CA THR E 101 -45.85 1.59 -28.55
C THR E 101 -46.92 2.53 -29.15
N THR E 102 -48.18 2.09 -29.17
CA THR E 102 -49.26 2.96 -29.69
C THR E 102 -49.76 3.81 -28.56
N THR E 103 -50.48 4.88 -28.91
CA THR E 103 -51.06 5.74 -27.90
C THR E 103 -52.07 4.95 -27.05
N GLU E 104 -52.89 4.11 -27.68
CA GLU E 104 -53.90 3.35 -26.91
C GLU E 104 -53.23 2.47 -25.85
N LYS E 105 -52.17 1.77 -26.23
CA LYS E 105 -51.54 0.83 -25.32
C LYS E 105 -50.76 1.55 -24.23
N ALA E 106 -49.88 2.47 -24.64
CA ALA E 106 -49.10 3.27 -23.69
C ALA E 106 -50.00 4.07 -22.72
N SER E 107 -51.14 4.51 -23.19
CA SER E 107 -52.11 5.26 -22.32
C SER E 107 -52.55 4.51 -21.08
N ALA E 108 -52.39 3.18 -21.09
CA ALA E 108 -52.72 2.35 -19.93
C ALA E 108 -52.04 2.83 -18.64
N HIS E 109 -50.81 3.35 -18.74
CA HIS E 109 -50.11 3.89 -17.57
C HIS E 109 -50.84 5.10 -16.93
N LEU E 110 -51.62 5.82 -17.72
CA LEU E 110 -52.49 6.88 -17.16
C LEU E 110 -53.53 6.34 -16.18
N HIS E 111 -54.04 5.13 -16.39
CA HIS E 111 -55.02 4.55 -15.45
C HIS E 111 -54.40 4.40 -14.04
N GLY E 112 -53.11 4.09 -13.95
CA GLY E 112 -52.43 3.97 -12.66
C GLY E 112 -51.99 5.29 -12.03
N GLY E 113 -52.30 6.42 -12.68
CA GLY E 113 -51.99 7.72 -12.12
C GLY E 113 -50.69 8.35 -12.57
N ALA E 114 -50.13 7.89 -13.68
CA ALA E 114 -49.01 8.58 -14.30
C ALA E 114 -49.57 9.83 -14.99
N LYS E 115 -48.83 10.93 -14.90
CA LYS E 115 -49.22 12.16 -15.61
C LYS E 115 -48.80 12.11 -17.08
N LYS E 116 -47.60 11.61 -17.33
CA LYS E 116 -47.02 11.59 -18.67
C LYS E 116 -46.35 10.25 -18.95
N VAL E 117 -46.45 9.81 -20.20
CA VAL E 117 -45.79 8.61 -20.63
C VAL E 117 -44.83 8.93 -21.77
N ILE E 118 -43.62 8.39 -21.66
CA ILE E 118 -42.61 8.50 -22.71
C ILE E 118 -42.36 7.11 -23.29
N ILE E 119 -42.74 6.90 -24.54
CA ILE E 119 -42.52 5.62 -25.19
C ILE E 119 -41.08 5.63 -25.72
N SER E 120 -40.27 4.66 -25.29
CA SER E 120 -38.87 4.63 -25.66
C SER E 120 -38.67 4.00 -27.02
N ALA E 121 -39.45 4.43 -28.01
CA ALA E 121 -39.41 3.86 -29.35
C ALA E 121 -40.37 4.63 -30.23
N PRO E 122 -40.25 4.50 -31.56
CA PRO E 122 -41.21 5.20 -32.43
C PRO E 122 -42.63 4.73 -32.17
N SER E 123 -43.60 5.54 -32.57
CA SER E 123 -45.01 5.19 -32.46
C SER E 123 -45.71 5.42 -33.77
N ALA E 124 -46.72 4.62 -34.05
CA ALA E 124 -47.59 4.84 -35.22
C ALA E 124 -48.37 6.14 -35.09
N ASP E 125 -48.72 6.52 -33.87
CA ASP E 125 -49.55 7.72 -33.68
C ASP E 125 -49.14 8.72 -32.59
N ALA E 126 -48.46 8.29 -31.53
CA ALA E 126 -48.00 9.25 -30.52
C ALA E 126 -46.99 10.24 -31.14
N PRO E 127 -47.06 11.52 -30.74
CA PRO E 127 -46.08 12.46 -31.30
C PRO E 127 -44.66 12.11 -30.91
N MET E 128 -43.74 12.21 -31.86
CA MET E 128 -42.34 11.81 -31.64
C MET E 128 -41.43 13.02 -31.45
N PHE E 129 -40.42 12.87 -30.61
CA PHE E 129 -39.49 13.96 -30.36
C PHE E 129 -38.02 13.56 -30.38
N VAL E 130 -37.20 14.48 -30.87
CA VAL E 130 -35.75 14.34 -30.83
C VAL E 130 -35.21 15.64 -30.21
N MET E 131 -34.58 15.49 -29.05
CA MET E 131 -33.97 16.62 -28.35
C MET E 131 -32.96 17.29 -29.27
N GLY E 132 -33.05 18.61 -29.34
CA GLY E 132 -32.22 19.40 -30.23
C GLY E 132 -32.85 19.66 -31.59
N VAL E 133 -33.98 19.01 -31.90
CA VAL E 133 -34.59 19.13 -33.22
C VAL E 133 -36.04 19.68 -33.22
N ASN E 134 -36.94 19.05 -32.47
CA ASN E 134 -38.34 19.43 -32.49
C ASN E 134 -39.03 19.47 -31.12
N GLU E 135 -38.25 19.45 -30.03
CA GLU E 135 -38.86 19.41 -28.70
C GLU E 135 -39.69 20.65 -28.39
N LYS E 136 -39.43 21.75 -29.08
CA LYS E 136 -40.27 22.95 -28.95
C LYS E 136 -41.74 22.66 -29.27
N THR E 137 -41.98 21.72 -30.20
CA THR E 137 -43.35 21.38 -30.59
C THR E 137 -44.12 20.57 -29.53
N TYR E 138 -43.45 20.16 -28.44
CA TYR E 138 -44.16 19.51 -27.33
C TYR E 138 -45.16 20.47 -26.68
N ASP E 139 -46.44 20.10 -26.72
CA ASP E 139 -47.53 20.84 -26.10
C ASP E 139 -48.04 20.12 -24.82
N ALA E 140 -47.67 20.65 -23.66
CA ALA E 140 -47.94 19.98 -22.39
C ALA E 140 -49.42 19.93 -21.98
N ALA E 141 -50.33 20.58 -22.72
CA ALA E 141 -51.74 20.47 -22.43
C ALA E 141 -52.51 19.58 -23.41
N THR E 142 -51.84 19.05 -24.42
CA THR E 142 -52.51 18.28 -25.46
C THR E 142 -51.87 16.91 -25.70
N MET E 143 -50.70 16.66 -25.09
CA MET E 143 -49.93 15.45 -25.35
C MET E 143 -49.46 14.86 -24.02
N ASN E 144 -50.17 13.84 -23.57
CA ASN E 144 -49.86 13.09 -22.36
C ASN E 144 -49.06 11.84 -22.66
N VAL E 145 -49.10 11.35 -23.90
CA VAL E 145 -48.27 10.23 -24.34
C VAL E 145 -47.41 10.70 -25.49
N VAL E 146 -46.10 10.62 -25.32
CA VAL E 146 -45.15 11.00 -26.36
C VAL E 146 -44.15 9.89 -26.61
N SER E 147 -43.41 10.02 -27.71
CA SER E 147 -42.35 9.07 -28.06
C SER E 147 -41.02 9.80 -28.23
N ASN E 148 -39.93 9.15 -27.83
CA ASN E 148 -38.58 9.72 -27.98
C ASN E 148 -37.91 9.24 -29.27
N ALA E 149 -38.73 8.84 -30.26
CA ALA E 149 -38.27 8.31 -31.54
C ALA E 149 -37.39 7.10 -31.33
N SER E 150 -36.44 6.85 -32.23
CA SER E 150 -35.51 5.73 -32.09
C SER E 150 -34.10 6.25 -31.96
N CYS E 151 -33.17 5.34 -31.63
CA CYS E 151 -31.75 5.69 -31.46
C CYS E 151 -31.17 6.22 -32.76
N THR E 152 -31.50 5.56 -33.87
CA THR E 152 -31.04 5.98 -35.18
C THR E 152 -31.63 7.35 -35.57
N THR E 153 -32.88 7.61 -35.18
CA THR E 153 -33.49 8.90 -35.45
C THR E 153 -32.83 9.99 -34.64
N ASN E 154 -32.42 9.67 -33.41
CA ASN E 154 -31.71 10.65 -32.58
C ASN E 154 -30.28 10.92 -33.06
N CYS E 155 -29.69 10.00 -33.83
CA CYS E 155 -28.41 10.24 -34.46
C CYS E 155 -28.56 11.05 -35.75
N LEU E 156 -29.50 10.62 -36.59
CA LEU E 156 -29.66 11.20 -37.92
C LEU E 156 -30.25 12.61 -37.88
N ALA E 157 -31.27 12.81 -37.05
CA ALA E 157 -32.06 14.05 -37.11
C ALA E 157 -31.25 15.31 -36.79
N PRO E 158 -30.51 15.31 -35.68
CA PRO E 158 -29.66 16.49 -35.38
C PRO E 158 -28.64 16.80 -36.49
N LEU E 159 -27.97 15.79 -37.02
CA LEU E 159 -27.05 16.00 -38.13
C LEU E 159 -27.80 16.55 -39.34
N ALA E 160 -28.89 15.89 -39.71
CA ALA E 160 -29.69 16.31 -40.87
C ALA E 160 -30.18 17.73 -40.73
N LYS E 161 -30.65 18.09 -39.54
CA LYS E 161 -31.08 19.45 -39.25
C LYS E 161 -30.00 20.45 -39.61
N VAL E 162 -28.80 20.21 -39.12
CA VAL E 162 -27.69 21.15 -39.30
C VAL E 162 -27.33 21.26 -40.78
N ILE E 163 -27.25 20.13 -41.46
CA ILE E 163 -26.93 20.13 -42.89
C ILE E 163 -28.04 20.79 -43.70
N ASN E 164 -29.28 20.45 -43.38
CA ASN E 164 -30.42 21.06 -44.06
C ASN E 164 -30.50 22.56 -43.78
N ASP E 165 -30.36 22.97 -42.51
CA ASP E 165 -30.42 24.40 -42.15
C ASP E 165 -29.36 25.24 -42.84
N ASN E 166 -28.16 24.69 -42.99
CA ASN E 166 -27.04 25.46 -43.53
C ASN E 166 -26.87 25.31 -45.03
N PHE E 167 -27.33 24.20 -45.59
CA PHE E 167 -27.01 23.87 -46.99
C PHE E 167 -28.19 23.39 -47.84
N GLY E 168 -29.24 22.88 -47.20
CA GLY E 168 -30.40 22.35 -47.91
C GLY E 168 -30.14 20.95 -48.45
N ILE E 169 -30.89 19.98 -47.93
CA ILE E 169 -30.86 18.63 -48.47
C ILE E 169 -31.95 18.50 -49.54
N GLU E 170 -31.56 18.41 -50.81
CA GLU E 170 -32.54 18.16 -51.89
C GLU E 170 -33.11 16.76 -51.77
N GLU E 171 -32.20 15.80 -51.68
CA GLU E 171 -32.55 14.40 -51.53
C GLU E 171 -31.42 13.68 -50.82
N GLY E 172 -31.75 12.62 -50.10
CA GLY E 172 -30.78 11.89 -49.32
C GLY E 172 -31.26 10.49 -48.97
N LEU E 173 -30.30 9.59 -48.83
CA LEU E 173 -30.56 8.26 -48.35
C LEU E 173 -29.51 7.95 -47.30
N MET E 174 -29.90 7.16 -46.30
CA MET E 174 -28.98 6.81 -45.22
C MET E 174 -28.94 5.32 -44.94
N THR E 175 -27.83 4.90 -44.38
CA THR E 175 -27.68 3.54 -43.90
C THR E 175 -27.17 3.64 -42.46
N THR E 176 -27.73 2.84 -41.57
CA THR E 176 -27.09 2.66 -40.27
C THR E 176 -26.49 1.24 -40.18
N ILE E 177 -25.21 1.19 -39.84
CA ILE E 177 -24.55 -0.05 -39.46
C ILE E 177 -24.75 -0.15 -37.96
N HIS E 178 -25.62 -1.08 -37.58
CA HIS E 178 -26.31 -1.04 -36.30
C HIS E 178 -25.98 -2.27 -35.48
N ALA E 179 -25.71 -2.06 -34.19
CA ALA E 179 -25.45 -3.14 -33.26
C ALA E 179 -26.67 -4.04 -33.17
N TYR E 180 -26.48 -5.31 -32.81
CA TYR E 180 -27.58 -6.19 -32.59
C TYR E 180 -28.27 -5.84 -31.27
N THR E 181 -29.53 -6.22 -31.15
CA THR E 181 -30.34 -5.88 -29.99
C THR E 181 -31.06 -7.11 -29.44
N ALA E 182 -31.82 -6.91 -28.37
CA ALA E 182 -32.53 -7.98 -27.65
C ALA E 182 -33.59 -8.69 -28.50
N THR E 183 -34.11 -8.01 -29.53
CA THR E 183 -35.10 -8.63 -30.41
C THR E 183 -34.48 -9.67 -31.36
N GLN E 184 -33.17 -9.73 -31.42
CA GLN E 184 -32.48 -10.66 -32.31
C GLN E 184 -32.19 -11.97 -31.60
N LYS E 185 -31.71 -12.95 -32.37
CA LYS E 185 -31.48 -14.31 -31.86
C LYS E 185 -30.00 -14.70 -31.84
N THR E 186 -29.63 -15.56 -30.90
CA THR E 186 -28.24 -16.06 -30.82
C THR E 186 -27.94 -17.02 -31.95
N VAL E 187 -28.87 -17.94 -32.23
CA VAL E 187 -28.78 -18.82 -33.39
C VAL E 187 -30.06 -18.68 -34.19
N ASP E 188 -30.09 -19.17 -35.42
CA ASP E 188 -31.25 -19.03 -36.30
C ASP E 188 -32.53 -19.51 -35.63
N GLY E 189 -33.44 -18.59 -35.32
CA GLY E 189 -34.72 -18.94 -34.72
C GLY E 189 -35.89 -18.14 -35.27
N PRO E 190 -37.08 -18.37 -34.73
CA PRO E 190 -38.33 -17.80 -35.30
C PRO E 190 -38.45 -16.32 -35.12
N SER E 191 -38.83 -15.63 -36.18
CA SER E 191 -39.05 -14.19 -36.16
C SER E 191 -40.08 -13.96 -37.24
N GLY E 192 -41.28 -14.51 -37.02
CA GLY E 192 -42.27 -14.72 -38.05
C GLY E 192 -42.66 -13.54 -38.91
N LYS E 193 -42.56 -12.34 -38.36
CA LYS E 193 -42.92 -11.14 -39.12
C LYS E 193 -41.74 -10.63 -39.97
N LYS E 194 -40.53 -10.74 -39.45
CA LYS E 194 -39.35 -10.20 -40.10
C LYS E 194 -38.28 -11.30 -40.17
N TRP E 195 -38.27 -12.03 -41.28
CA TRP E 195 -37.54 -13.30 -41.40
C TRP E 195 -36.03 -13.16 -41.18
N ARG E 196 -35.44 -12.06 -41.66
CA ARG E 196 -34.02 -11.86 -41.55
C ARG E 196 -33.61 -11.61 -40.11
N ASP E 197 -34.49 -11.00 -39.31
CA ASP E 197 -34.18 -10.72 -37.91
C ASP E 197 -34.11 -11.97 -37.05
N GLY E 198 -34.56 -13.12 -37.55
CA GLY E 198 -34.41 -14.39 -36.81
C GLY E 198 -33.03 -15.03 -36.95
N ARG E 199 -32.27 -14.61 -37.97
CA ARG E 199 -31.01 -15.28 -38.31
C ARG E 199 -29.95 -14.92 -37.28
N GLY E 200 -29.06 -15.85 -36.95
CA GLY E 200 -28.15 -15.67 -35.85
C GLY E 200 -27.44 -14.34 -35.88
N ALA E 201 -27.54 -13.59 -34.81
CA ALA E 201 -27.03 -12.22 -34.78
C ALA E 201 -25.50 -12.13 -34.86
N ASN E 202 -24.81 -13.11 -34.32
CA ASN E 202 -23.37 -13.05 -34.22
C ASN E 202 -22.67 -13.57 -35.48
N GLN E 203 -23.39 -14.33 -36.30
CA GLN E 203 -22.86 -14.88 -37.54
C GLN E 203 -23.11 -14.03 -38.78
N ASN E 204 -23.92 -12.99 -38.69
CA ASN E 204 -24.55 -12.39 -39.86
C ASN E 204 -24.49 -10.88 -39.89
N VAL E 205 -24.35 -10.34 -41.10
CA VAL E 205 -24.74 -8.98 -41.40
C VAL E 205 -26.16 -9.11 -41.94
N ILE E 206 -27.10 -8.39 -41.32
CA ILE E 206 -28.53 -8.60 -41.55
C ILE E 206 -29.23 -7.30 -41.99
N PRO E 207 -29.68 -7.24 -43.25
CA PRO E 207 -30.43 -6.04 -43.64
C PRO E 207 -31.76 -5.94 -42.88
N ALA E 208 -32.16 -4.73 -42.53
CA ALA E 208 -33.32 -4.50 -41.69
C ALA E 208 -33.90 -3.12 -41.95
N THR E 209 -35.11 -2.90 -41.43
CA THR E 209 -35.68 -1.56 -41.39
C THR E 209 -35.00 -0.79 -40.25
N THR E 210 -35.09 0.54 -40.35
CA THR E 210 -34.71 1.43 -39.24
C THR E 210 -35.90 2.35 -38.99
N GLY E 211 -36.17 2.63 -37.71
CA GLY E 211 -37.24 3.55 -37.32
C GLY E 211 -37.04 4.96 -37.85
N ALA E 212 -35.78 5.35 -38.11
CA ALA E 212 -35.48 6.65 -38.69
C ALA E 212 -36.04 6.86 -40.09
N ALA E 213 -36.35 5.78 -40.79
CA ALA E 213 -36.87 5.85 -42.16
C ALA E 213 -38.17 6.62 -42.22
N LYS E 214 -39.09 6.31 -41.31
CA LYS E 214 -40.36 7.04 -41.21
C LYS E 214 -40.25 8.26 -40.30
N ALA E 215 -39.59 8.09 -39.15
CA ALA E 215 -39.61 9.09 -38.08
C ALA E 215 -38.95 10.40 -38.45
N VAL E 216 -37.93 10.38 -39.30
CA VAL E 216 -37.17 11.58 -39.62
C VAL E 216 -38.06 12.60 -40.33
N GLY E 217 -39.01 12.11 -41.12
CA GLY E 217 -40.00 12.98 -41.78
C GLY E 217 -41.00 13.65 -40.86
N LYS E 218 -41.25 13.03 -39.71
CA LYS E 218 -42.12 13.59 -38.67
C LYS E 218 -41.38 14.68 -37.89
N VAL E 219 -40.15 14.39 -37.46
CA VAL E 219 -39.42 15.28 -36.58
C VAL E 219 -38.86 16.46 -37.35
N ILE E 220 -38.64 16.27 -38.65
CA ILE E 220 -38.28 17.38 -39.53
C ILE E 220 -39.23 17.33 -40.74
N PRO E 221 -40.40 18.00 -40.62
CA PRO E 221 -41.40 18.00 -41.70
C PRO E 221 -40.85 18.39 -43.06
N GLU E 222 -39.98 19.40 -43.09
CA GLU E 222 -39.36 19.88 -44.34
C GLU E 222 -38.60 18.79 -45.12
N LEU E 223 -38.25 17.70 -44.46
CA LEU E 223 -37.50 16.60 -45.12
C LEU E 223 -38.34 15.35 -45.43
N ASN E 224 -39.64 15.41 -45.19
CA ASN E 224 -40.51 14.26 -45.44
C ASN E 224 -40.58 13.98 -46.91
N GLY E 225 -40.27 12.75 -47.29
CA GLY E 225 -40.22 12.36 -48.70
C GLY E 225 -38.88 12.63 -49.35
N LYS E 226 -37.99 13.33 -48.66
CA LYS E 226 -36.68 13.69 -49.21
C LYS E 226 -35.53 12.89 -48.60
N LEU E 227 -35.82 12.09 -47.58
CA LEU E 227 -34.80 11.41 -46.81
C LEU E 227 -35.35 10.14 -46.21
N THR E 228 -34.78 9.00 -46.59
CA THR E 228 -35.11 7.73 -45.95
C THR E 228 -33.88 6.83 -45.91
N GLY E 229 -34.06 5.58 -45.48
CA GLY E 229 -32.91 4.69 -45.34
C GLY E 229 -33.23 3.30 -44.80
N MET E 230 -32.17 2.62 -44.37
CA MET E 230 -32.28 1.24 -43.92
C MET E 230 -31.13 0.96 -42.97
N ALA E 231 -31.14 -0.26 -42.43
CA ALA E 231 -30.13 -0.69 -41.51
C ALA E 231 -29.54 -2.02 -41.91
N PHE E 232 -28.30 -2.24 -41.46
CA PHE E 232 -27.72 -3.55 -41.43
C PHE E 232 -27.35 -3.83 -39.98
N ARG E 233 -27.92 -4.89 -39.41
CA ARG E 233 -27.55 -5.35 -38.08
C ARG E 233 -26.25 -6.15 -38.23
N VAL E 234 -25.24 -5.83 -37.43
CA VAL E 234 -23.95 -6.49 -37.52
C VAL E 234 -23.47 -6.96 -36.15
N PRO E 235 -22.45 -7.85 -36.10
CA PRO E 235 -22.07 -8.46 -34.81
C PRO E 235 -21.23 -7.61 -33.86
N VAL E 236 -21.74 -6.47 -33.43
CA VAL E 236 -21.23 -5.83 -32.23
C VAL E 236 -22.40 -5.65 -31.26
N PRO E 237 -22.11 -5.75 -29.95
CA PRO E 237 -23.17 -5.73 -28.92
C PRO E 237 -23.79 -4.36 -28.64
N ASP E 238 -23.11 -3.31 -29.07
CA ASP E 238 -23.59 -1.94 -28.89
C ASP E 238 -22.73 -0.99 -29.74
N VAL E 239 -23.26 0.19 -29.98
CA VAL E 239 -22.67 1.22 -30.78
C VAL E 239 -22.98 0.98 -32.24
N SER E 240 -23.50 2.04 -32.86
CA SER E 240 -23.92 2.01 -34.24
C SER E 240 -23.40 3.26 -34.97
N VAL E 241 -23.60 3.32 -36.29
CA VAL E 241 -23.06 4.41 -37.06
C VAL E 241 -23.91 4.68 -38.31
N VAL E 242 -24.22 5.97 -38.49
CA VAL E 242 -25.02 6.42 -39.62
C VAL E 242 -24.10 6.87 -40.76
N ASP E 243 -24.54 6.54 -41.95
CA ASP E 243 -23.85 6.83 -43.19
C ASP E 243 -24.90 7.54 -44.05
N LEU E 244 -24.82 8.88 -44.05
CA LEU E 244 -25.83 9.75 -44.70
C LEU E 244 -25.30 10.27 -46.02
N THR E 245 -25.97 9.91 -47.12
CA THR E 245 -25.55 10.35 -48.44
C THR E 245 -26.63 11.29 -48.99
N CYS E 246 -26.27 12.54 -49.27
CA CYS E 246 -27.24 13.49 -49.79
C CYS E 246 -26.68 14.49 -50.79
N ARG E 247 -27.57 14.91 -51.68
CA ARG E 247 -27.31 16.02 -52.58
C ARG E 247 -27.74 17.31 -51.88
N LEU E 248 -26.96 18.36 -52.05
CA LEU E 248 -27.19 19.63 -51.36
C LEU E 248 -27.66 20.70 -52.34
N LYS E 249 -28.44 21.67 -51.84
CA LYS E 249 -28.92 22.77 -52.67
C LYS E 249 -27.83 23.80 -52.86
N LYS E 250 -27.28 24.26 -51.74
CA LYS E 250 -26.22 25.27 -51.74
C LYS E 250 -24.87 24.57 -51.86
N PRO E 251 -24.10 24.87 -52.92
CA PRO E 251 -22.79 24.22 -53.03
C PRO E 251 -21.87 24.64 -51.89
N THR E 252 -21.03 23.71 -51.46
CA THR E 252 -20.21 23.92 -50.27
C THR E 252 -18.93 23.10 -50.38
N SER E 253 -18.12 23.15 -49.32
CA SER E 253 -16.89 22.40 -49.25
C SER E 253 -16.92 21.60 -47.97
N TYR E 254 -16.08 20.57 -47.89
CA TYR E 254 -16.03 19.76 -46.69
C TYR E 254 -15.58 20.56 -45.46
N GLU E 255 -14.68 21.52 -45.65
CA GLU E 255 -14.18 22.33 -44.53
C GLU E 255 -15.30 23.14 -43.88
N GLU E 256 -16.20 23.69 -44.69
CA GLU E 256 -17.30 24.45 -44.12
C GLU E 256 -18.38 23.56 -43.50
N ILE E 257 -18.57 22.35 -44.02
CA ILE E 257 -19.44 21.37 -43.35
C ILE E 257 -18.90 21.08 -41.94
N LYS E 258 -17.60 20.86 -41.82
CA LYS E 258 -16.99 20.61 -40.52
C LYS E 258 -17.20 21.77 -39.57
N LYS E 259 -17.00 22.97 -40.11
CA LYS E 259 -17.08 24.19 -39.31
C LYS E 259 -18.48 24.41 -38.73
N VAL E 260 -19.53 24.19 -39.53
CA VAL E 260 -20.89 24.36 -39.02
C VAL E 260 -21.24 23.27 -38.00
N VAL E 261 -20.85 22.03 -38.28
CA VAL E 261 -21.17 20.92 -37.39
C VAL E 261 -20.45 21.10 -36.06
N LYS E 262 -19.17 21.45 -36.14
CA LYS E 262 -18.37 21.71 -34.94
C LYS E 262 -18.97 22.84 -34.11
N LYS E 263 -19.41 23.90 -34.78
CA LYS E 263 -19.97 25.05 -34.07
C LYS E 263 -21.28 24.68 -33.41
N ALA E 264 -22.10 23.89 -34.11
CA ALA E 264 -23.36 23.40 -33.54
C ALA E 264 -23.09 22.54 -32.31
N SER E 265 -22.05 21.72 -32.36
CA SER E 265 -21.65 20.87 -31.23
C SER E 265 -21.23 21.65 -30.00
N GLU E 266 -20.78 22.89 -30.19
CA GLU E 266 -20.31 23.73 -29.09
C GLU E 266 -21.37 24.69 -28.58
N THR E 267 -22.48 24.84 -29.32
CA THR E 267 -23.50 25.82 -28.99
C THR E 267 -24.89 25.20 -28.87
N ASP E 268 -25.70 25.30 -29.91
CA ASP E 268 -27.14 24.98 -29.85
C ASP E 268 -27.43 23.48 -29.66
N LEU E 269 -26.59 22.63 -30.22
CA LEU E 269 -26.77 21.18 -30.07
C LEU E 269 -25.81 20.58 -29.05
N LYS E 270 -25.22 21.40 -28.17
CA LYS E 270 -24.24 20.92 -27.20
C LYS E 270 -24.82 19.82 -26.33
N GLY E 271 -24.07 18.73 -26.20
CA GLY E 271 -24.52 17.57 -25.43
C GLY E 271 -25.25 16.54 -26.28
N PHE E 272 -25.79 16.96 -27.43
CA PHE E 272 -26.52 16.07 -28.31
C PHE E 272 -25.66 15.67 -29.51
N LEU E 273 -25.13 16.68 -30.20
CA LEU E 273 -24.26 16.49 -31.33
C LEU E 273 -22.81 16.79 -30.88
N ALA E 274 -21.93 15.83 -31.11
CA ALA E 274 -20.50 15.98 -30.80
C ALA E 274 -19.75 15.94 -32.11
N TYR E 275 -18.48 16.35 -32.04
CA TYR E 275 -17.64 16.42 -33.20
C TYR E 275 -16.28 15.84 -32.83
N THR E 276 -15.76 14.93 -33.63
CA THR E 276 -14.40 14.42 -33.45
C THR E 276 -13.66 14.43 -34.78
N GLU E 277 -12.34 14.57 -34.70
CA GLU E 277 -11.45 14.43 -35.84
C GLU E 277 -10.47 13.26 -35.67
N ASP E 278 -10.68 12.45 -34.64
CA ASP E 278 -9.75 11.40 -34.31
C ASP E 278 -10.12 10.13 -35.05
N GLN E 279 -9.17 9.19 -35.08
CA GLN E 279 -9.30 7.96 -35.82
C GLN E 279 -9.99 6.88 -35.01
N VAL E 280 -11.27 7.09 -34.82
CA VAL E 280 -12.08 6.33 -33.89
C VAL E 280 -12.70 5.11 -34.54
N VAL E 281 -13.08 4.16 -33.69
CA VAL E 281 -13.80 2.97 -34.10
C VAL E 281 -14.93 2.77 -33.11
N SER E 282 -15.80 1.79 -33.36
CA SER E 282 -17.07 1.70 -32.61
C SER E 282 -16.89 1.58 -31.09
N SER E 283 -15.94 0.79 -30.66
CA SER E 283 -15.75 0.59 -29.20
C SER E 283 -15.33 1.87 -28.48
N ASP E 284 -14.88 2.88 -29.24
CA ASP E 284 -14.57 4.17 -28.63
C ASP E 284 -15.82 4.94 -28.16
N PHE E 285 -17.00 4.47 -28.50
CA PHE E 285 -18.23 5.13 -28.07
C PHE E 285 -19.06 4.34 -27.08
N ILE E 286 -18.51 3.22 -26.57
CA ILE E 286 -19.18 2.48 -25.51
C ILE E 286 -19.35 3.43 -24.31
N SER E 287 -20.60 3.67 -23.94
CA SER E 287 -21.02 4.53 -22.83
C SER E 287 -20.85 6.02 -23.12
N ASP E 288 -20.81 6.39 -24.39
CA ASP E 288 -20.87 7.78 -24.79
C ASP E 288 -22.31 8.29 -24.58
N THR E 289 -22.46 9.54 -24.16
CA THR E 289 -23.78 10.07 -23.82
C THR E 289 -24.44 10.86 -24.96
N HIS E 290 -23.75 11.01 -26.09
CA HIS E 290 -24.28 11.84 -27.17
C HIS E 290 -25.26 11.12 -28.07
N SER E 291 -26.08 11.89 -28.77
CA SER E 291 -27.01 11.32 -29.74
C SER E 291 -26.30 11.05 -31.05
N SER E 292 -25.27 11.84 -31.33
CA SER E 292 -24.68 11.85 -32.66
C SER E 292 -23.26 12.36 -32.53
N VAL E 293 -22.28 11.56 -32.94
CA VAL E 293 -20.90 12.03 -32.96
C VAL E 293 -20.37 12.02 -34.39
N PHE E 294 -20.26 13.22 -34.95
CA PHE E 294 -19.78 13.40 -36.31
C PHE E 294 -18.30 13.01 -36.43
N ASP E 295 -17.99 12.15 -37.40
CA ASP E 295 -16.64 11.67 -37.65
C ASP E 295 -16.10 12.43 -38.84
N ALA E 296 -15.31 13.48 -38.57
CA ALA E 296 -14.82 14.36 -39.64
C ALA E 296 -13.98 13.61 -40.68
N LEU E 297 -13.04 12.79 -40.23
CA LEU E 297 -12.13 12.09 -41.14
C LEU E 297 -12.80 11.05 -42.03
N ALA E 298 -13.91 10.49 -41.58
CA ALA E 298 -14.59 9.41 -42.31
C ALA E 298 -15.48 9.90 -43.44
N GLY E 299 -15.81 11.18 -43.46
CA GLY E 299 -16.69 11.73 -44.49
C GLY E 299 -16.03 11.79 -45.84
N ILE E 300 -16.86 11.85 -46.89
CA ILE E 300 -16.37 11.99 -48.25
C ILE E 300 -17.21 13.04 -48.97
N GLN E 301 -16.54 13.94 -49.66
CA GLN E 301 -17.19 14.90 -50.54
C GLN E 301 -16.84 14.53 -51.98
N LEU E 302 -17.83 14.12 -52.76
CA LEU E 302 -17.62 13.79 -54.16
C LEU E 302 -17.40 15.08 -54.96
N ASN E 303 -18.33 16.02 -54.80
CA ASN E 303 -18.29 17.32 -55.47
C ASN E 303 -19.00 18.33 -54.56
N PRO E 304 -19.02 19.61 -54.95
CA PRO E 304 -19.59 20.61 -54.03
C PRO E 304 -21.05 20.39 -53.54
N THR E 305 -21.81 19.52 -54.19
CA THR E 305 -23.21 19.31 -53.83
C THR E 305 -23.55 17.84 -53.53
N PHE E 306 -22.54 17.00 -53.30
CA PHE E 306 -22.78 15.57 -53.08
C PHE E 306 -21.78 15.00 -52.07
N VAL E 307 -22.29 14.58 -50.92
CA VAL E 307 -21.46 14.25 -49.78
C VAL E 307 -21.95 12.99 -49.06
N LYS E 308 -21.03 12.32 -48.36
CA LYS E 308 -21.38 11.25 -47.43
C LYS E 308 -20.90 11.64 -46.03
N LEU E 309 -21.82 11.75 -45.08
CA LEU E 309 -21.47 12.07 -43.71
C LEU E 309 -21.65 10.87 -42.79
N VAL E 310 -20.84 10.84 -41.74
CA VAL E 310 -20.70 9.71 -40.87
C VAL E 310 -20.84 10.15 -39.42
N SER E 311 -21.71 9.47 -38.68
CA SER E 311 -21.95 9.84 -37.28
C SER E 311 -22.21 8.62 -36.43
N TRP E 312 -21.50 8.55 -35.31
CA TRP E 312 -21.56 7.43 -34.39
C TRP E 312 -22.61 7.68 -33.34
N TYR E 313 -23.15 6.60 -32.79
CA TYR E 313 -24.00 6.67 -31.61
C TYR E 313 -23.98 5.38 -30.83
N ASP E 314 -23.83 5.52 -29.53
CA ASP E 314 -24.09 4.45 -28.60
C ASP E 314 -25.58 4.32 -28.52
N ASN E 315 -26.12 3.34 -29.26
CA ASN E 315 -27.56 3.17 -29.43
C ASN E 315 -28.27 2.91 -28.11
N GLU E 316 -27.57 2.33 -27.13
CA GLU E 316 -28.15 2.10 -25.81
C GLU E 316 -28.06 3.32 -24.92
N TYR E 317 -26.84 3.83 -24.74
CA TYR E 317 -26.55 4.80 -23.68
C TYR E 317 -26.94 6.24 -24.07
N GLY E 318 -26.71 6.62 -25.32
CA GLY E 318 -27.04 7.93 -25.81
C GLY E 318 -28.55 8.14 -25.79
N TYR E 319 -29.26 7.15 -26.33
CA TYR E 319 -30.70 7.18 -26.35
C TYR E 319 -31.28 7.24 -24.92
N SER E 320 -30.69 6.50 -24.00
CA SER E 320 -31.17 6.49 -22.62
C SER E 320 -31.02 7.85 -21.97
N HIS E 321 -29.88 8.49 -22.19
CA HIS E 321 -29.66 9.85 -21.71
C HIS E 321 -30.65 10.85 -22.33
N ARG E 322 -31.00 10.64 -23.59
CA ARG E 322 -32.00 11.47 -24.25
C ARG E 322 -33.40 11.29 -23.64
N VAL E 323 -33.73 10.08 -23.24
CA VAL E 323 -35.03 9.86 -22.58
C VAL E 323 -35.11 10.70 -21.32
N VAL E 324 -34.00 10.79 -20.59
CA VAL E 324 -33.96 11.58 -19.36
C VAL E 324 -34.03 13.08 -19.66
N ASP E 325 -33.28 13.53 -20.67
CA ASP E 325 -33.34 14.94 -21.09
C ASP E 325 -34.76 15.32 -21.53
N LEU E 326 -35.46 14.39 -22.18
CA LEU E 326 -36.81 14.66 -22.64
C LEU E 326 -37.75 14.79 -21.45
N ILE E 327 -37.54 13.96 -20.43
CA ILE E 327 -38.34 14.04 -19.21
C ILE E 327 -38.14 15.43 -18.57
N GLU E 328 -36.87 15.81 -18.33
CA GLU E 328 -36.57 17.09 -17.69
C GLU E 328 -37.11 18.27 -18.49
N TYR E 329 -36.97 18.20 -19.81
CA TYR E 329 -37.54 19.23 -20.67
C TYR E 329 -39.06 19.29 -20.53
N MET E 330 -39.74 18.16 -20.51
CA MET E 330 -41.21 18.15 -20.35
C MET E 330 -41.64 18.62 -18.97
N ALA E 331 -40.86 18.30 -17.94
CA ALA E 331 -41.23 18.67 -16.57
C ALA E 331 -40.95 20.19 -16.43
N THR E 332 -41.90 20.90 -15.88
CA THR E 332 -41.69 22.35 -15.69
C THR E 332 -42.10 23.11 -16.97
N LYS E 333 -43.33 22.90 -17.46
CA LYS E 333 -43.87 23.63 -18.59
C LYS E 333 -45.17 24.34 -18.15
N VAL F 2 -4.92 -25.48 -69.92
CA VAL F 2 -4.49 -24.16 -69.31
C VAL F 2 -3.88 -24.34 -67.93
N LYS F 3 -2.56 -24.21 -67.86
CA LYS F 3 -1.77 -24.57 -66.69
C LYS F 3 -1.42 -23.33 -65.87
N VAL F 4 -1.68 -23.41 -64.54
CA VAL F 4 -1.60 -22.26 -63.67
C VAL F 4 -0.60 -22.44 -62.52
N GLY F 5 0.11 -21.36 -62.21
CA GLY F 5 0.98 -21.28 -61.05
C GLY F 5 0.43 -20.27 -60.07
N ILE F 6 0.59 -20.55 -58.78
CA ILE F 6 0.15 -19.63 -57.73
C ILE F 6 1.32 -19.18 -56.88
N ASN F 7 1.49 -17.87 -56.76
CA ASN F 7 2.47 -17.30 -55.86
C ASN F 7 1.79 -16.72 -54.63
N GLY F 8 2.10 -17.31 -53.47
CA GLY F 8 1.50 -16.95 -52.21
C GLY F 8 0.30 -17.84 -51.92
N PHE F 9 0.42 -18.68 -50.90
CA PHE F 9 -0.66 -19.61 -50.56
C PHE F 9 -1.50 -19.10 -49.41
N GLY F 10 -2.01 -17.87 -49.57
CA GLY F 10 -2.78 -17.18 -48.52
C GLY F 10 -4.26 -17.42 -48.74
N ARG F 11 -5.11 -16.53 -48.21
CA ARG F 11 -6.55 -16.78 -48.36
C ARG F 11 -6.86 -16.91 -49.84
N ILE F 12 -6.44 -15.93 -50.62
CA ILE F 12 -6.83 -15.88 -52.04
C ILE F 12 -6.13 -16.98 -52.84
N GLY F 13 -4.83 -17.17 -52.61
CA GLY F 13 -4.10 -18.25 -53.24
C GLY F 13 -4.72 -19.64 -53.04
N ARG F 14 -5.09 -19.94 -51.80
CA ARG F 14 -5.70 -21.24 -51.48
C ARG F 14 -7.10 -21.41 -52.03
N LEU F 15 -7.86 -20.33 -52.03
CA LEU F 15 -9.23 -20.40 -52.56
C LEU F 15 -9.27 -20.30 -54.09
N VAL F 16 -8.25 -19.71 -54.71
CA VAL F 16 -8.08 -19.82 -56.16
C VAL F 16 -7.84 -21.30 -56.50
N MET F 17 -6.99 -21.94 -55.71
CA MET F 17 -6.72 -23.37 -55.86
C MET F 17 -8.05 -24.15 -55.77
N ARG F 18 -8.82 -23.92 -54.70
CA ARG F 18 -10.12 -24.61 -54.55
C ARG F 18 -11.04 -24.36 -55.71
N ALA F 19 -11.18 -23.10 -56.11
CA ALA F 19 -12.06 -22.74 -57.22
C ALA F 19 -11.61 -23.38 -58.52
N SER F 20 -10.30 -23.47 -58.76
CA SER F 20 -9.79 -24.02 -60.01
C SER F 20 -10.28 -25.44 -60.26
N LEU F 21 -10.52 -26.18 -59.18
CA LEU F 21 -11.00 -27.55 -59.29
C LEU F 21 -12.42 -27.69 -59.84
N GLU F 22 -13.20 -26.60 -59.84
CA GLU F 22 -14.53 -26.58 -60.46
C GLU F 22 -14.51 -26.11 -61.90
N HIS F 23 -13.32 -25.76 -62.40
CA HIS F 23 -13.13 -25.33 -63.78
C HIS F 23 -12.32 -26.42 -64.47
N PRO F 24 -12.99 -27.26 -65.28
CA PRO F 24 -12.33 -28.43 -65.86
C PRO F 24 -11.18 -28.12 -66.84
N GLU F 25 -11.15 -26.92 -67.42
CA GLU F 25 -10.08 -26.53 -68.34
C GLU F 25 -8.79 -26.15 -67.63
N VAL F 26 -8.93 -25.55 -66.44
CA VAL F 26 -7.81 -25.03 -65.68
C VAL F 26 -7.22 -26.08 -64.74
N GLN F 27 -5.89 -26.17 -64.75
CA GLN F 27 -5.17 -27.05 -63.85
C GLN F 27 -4.01 -26.30 -63.19
N VAL F 28 -4.06 -26.17 -61.87
CA VAL F 28 -2.94 -25.60 -61.12
C VAL F 28 -1.83 -26.64 -61.08
N VAL F 29 -0.65 -26.27 -61.57
CA VAL F 29 0.48 -27.21 -61.63
C VAL F 29 1.59 -26.87 -60.63
N ALA F 30 1.56 -25.65 -60.06
CA ALA F 30 2.66 -25.20 -59.21
C ALA F 30 2.24 -24.12 -58.22
N VAL F 31 2.84 -24.17 -57.04
CA VAL F 31 2.58 -23.18 -56.01
C VAL F 31 3.90 -22.78 -55.37
N ASN F 32 4.07 -21.48 -55.14
CA ASN F 32 5.24 -20.97 -54.45
C ASN F 32 4.83 -20.24 -53.18
N ASP F 33 5.43 -20.63 -52.06
CA ASP F 33 5.32 -19.87 -50.81
C ASP F 33 6.50 -20.24 -49.93
N PRO F 34 7.39 -19.26 -49.65
CA PRO F 34 8.56 -19.59 -48.83
C PRO F 34 8.29 -19.67 -47.33
N PHE F 35 7.07 -19.34 -46.89
CA PHE F 35 6.73 -19.36 -45.47
C PHE F 35 5.80 -20.50 -45.09
N ILE F 36 5.51 -21.40 -46.04
CA ILE F 36 4.58 -22.47 -45.82
C ILE F 36 5.17 -23.70 -46.51
N ASP F 37 5.77 -24.61 -45.71
CA ASP F 37 6.33 -25.85 -46.13
C ASP F 37 5.26 -26.77 -46.71
N LEU F 38 5.67 -27.89 -47.31
CA LEU F 38 4.76 -28.74 -48.06
C LEU F 38 3.62 -29.35 -47.23
N GLU F 39 3.96 -29.90 -46.08
CA GLU F 39 2.97 -30.56 -45.23
C GLU F 39 2.00 -29.58 -44.63
N TYR F 40 2.47 -28.37 -44.39
CA TYR F 40 1.67 -27.32 -43.84
C TYR F 40 0.70 -26.78 -44.91
N MET F 41 1.15 -26.76 -46.16
CA MET F 41 0.27 -26.39 -47.27
C MET F 41 -0.92 -27.34 -47.35
N GLU F 42 -0.68 -28.65 -47.14
CA GLU F 42 -1.74 -29.64 -47.18
C GLU F 42 -2.77 -29.34 -46.07
N TYR F 43 -2.27 -29.13 -44.85
CA TYR F 43 -3.14 -28.83 -43.73
C TYR F 43 -3.99 -27.58 -43.97
N MET F 44 -3.37 -26.49 -44.38
CA MET F 44 -4.06 -25.24 -44.62
C MET F 44 -5.05 -25.33 -45.77
N PHE F 45 -4.78 -26.19 -46.75
CA PHE F 45 -5.72 -26.37 -47.86
C PHE F 45 -6.94 -27.22 -47.44
N LYS F 46 -6.68 -28.20 -46.59
CA LYS F 46 -7.60 -29.25 -46.21
C LYS F 46 -8.64 -28.74 -45.20
N TYR F 47 -8.21 -27.92 -44.25
CA TYR F 47 -9.11 -27.34 -43.28
C TYR F 47 -9.23 -25.83 -43.52
N ASP F 48 -10.46 -25.35 -43.51
CA ASP F 48 -10.72 -23.93 -43.67
C ASP F 48 -11.85 -23.55 -42.72
N SER F 49 -11.60 -22.55 -41.87
CA SER F 49 -12.58 -22.17 -40.87
C SER F 49 -13.88 -21.63 -41.50
N THR F 50 -13.77 -21.02 -42.66
CA THR F 50 -14.88 -20.37 -43.31
C THR F 50 -15.57 -21.25 -44.34
N HIS F 51 -14.80 -21.94 -45.13
CA HIS F 51 -15.36 -22.72 -46.24
C HIS F 51 -15.47 -24.21 -45.97
N GLY F 52 -15.08 -24.66 -44.77
CA GLY F 52 -15.24 -26.05 -44.41
C GLY F 52 -14.12 -26.91 -44.99
N ARG F 53 -14.18 -28.21 -44.69
CA ARG F 53 -13.13 -29.12 -45.13
C ARG F 53 -13.17 -29.25 -46.63
N PHE F 54 -12.01 -29.38 -47.23
CA PHE F 54 -11.88 -29.76 -48.63
C PHE F 54 -12.51 -31.14 -48.83
N LYS F 55 -13.33 -31.28 -49.86
CA LYS F 55 -14.11 -32.49 -50.07
C LYS F 55 -13.41 -33.57 -50.88
N GLY F 56 -12.37 -33.20 -51.62
CA GLY F 56 -11.57 -34.17 -52.39
C GLY F 56 -10.47 -34.83 -51.57
N THR F 57 -9.48 -35.39 -52.24
CA THR F 57 -8.38 -36.05 -51.54
C THR F 57 -7.13 -35.19 -51.55
N THR F 58 -6.29 -35.39 -50.55
CA THR F 58 -5.01 -34.70 -50.51
C THR F 58 -3.90 -35.65 -50.02
N GLU F 59 -2.69 -35.37 -50.46
CA GLU F 59 -1.55 -36.16 -50.06
C GLU F 59 -0.26 -35.39 -50.31
N VAL F 60 0.73 -35.67 -49.48
CA VAL F 60 2.09 -35.22 -49.73
C VAL F 60 2.89 -36.41 -50.23
N LYS F 61 3.51 -36.30 -51.40
CA LYS F 61 4.23 -37.42 -52.00
C LYS F 61 5.36 -36.94 -52.91
N ASP F 62 6.53 -37.54 -52.73
CA ASP F 62 7.70 -37.24 -53.55
C ASP F 62 7.94 -35.74 -53.69
N GLY F 63 7.81 -35.02 -52.57
CA GLY F 63 8.02 -33.58 -52.53
C GLY F 63 6.99 -32.75 -53.29
N LYS F 64 5.82 -33.34 -53.54
CA LYS F 64 4.76 -32.66 -54.28
C LYS F 64 3.42 -32.74 -53.54
N LEU F 65 2.60 -31.72 -53.74
CA LEU F 65 1.26 -31.67 -53.16
C LEU F 65 0.28 -32.30 -54.13
N VAL F 66 -0.36 -33.39 -53.73
CA VAL F 66 -1.22 -34.15 -54.64
C VAL F 66 -2.68 -33.90 -54.27
N ILE F 67 -3.42 -33.23 -55.14
CA ILE F 67 -4.81 -32.84 -54.92
C ILE F 67 -5.73 -33.44 -55.99
N ASN F 68 -6.60 -34.33 -55.56
CA ASN F 68 -7.43 -35.13 -56.45
C ASN F 68 -6.56 -35.86 -57.49
N GLY F 69 -5.49 -36.50 -57.03
CA GLY F 69 -4.62 -37.29 -57.87
C GLY F 69 -3.64 -36.16 -58.04
N ASN F 70 -3.86 -35.30 -59.01
CA ASN F 70 -2.95 -34.33 -59.58
C ASN F 70 -1.77 -33.85 -58.77
N PRO F 71 -0.54 -34.20 -59.21
CA PRO F 71 0.64 -33.71 -58.44
C PRO F 71 0.89 -32.23 -58.72
N ILE F 72 1.20 -31.47 -57.67
CA ILE F 72 1.47 -30.04 -57.79
C ILE F 72 2.87 -29.78 -57.27
N SER F 73 3.67 -29.12 -58.08
CA SER F 73 5.03 -28.79 -57.68
C SER F 73 4.97 -27.60 -56.69
N VAL F 74 5.77 -27.70 -55.64
CA VAL F 74 5.78 -26.73 -54.56
C VAL F 74 7.17 -26.12 -54.39
N TYR F 75 7.22 -24.79 -54.36
CA TYR F 75 8.49 -24.09 -54.22
C TYR F 75 8.46 -23.18 -53.02
N ALA F 76 9.67 -22.87 -52.54
CA ALA F 76 9.84 -22.06 -51.33
C ALA F 76 10.84 -20.93 -51.60
N LEU F 77 10.59 -20.15 -52.65
CA LEU F 77 11.49 -19.09 -53.09
C LEU F 77 10.95 -17.71 -52.82
N LYS F 78 11.79 -16.80 -52.32
CA LYS F 78 11.34 -15.44 -51.94
C LYS F 78 11.27 -14.45 -53.10
N ASP F 79 12.26 -14.52 -53.98
CA ASP F 79 12.32 -13.66 -55.15
C ASP F 79 11.54 -14.31 -56.31
N PRO F 80 10.45 -13.68 -56.75
CA PRO F 80 9.61 -14.30 -57.79
C PRO F 80 10.32 -14.53 -59.12
N ALA F 81 11.39 -13.77 -59.38
CA ALA F 81 12.20 -13.97 -60.59
C ALA F 81 12.88 -15.34 -60.62
N ALA F 82 13.01 -15.98 -59.46
CA ALA F 82 13.71 -17.26 -59.34
C ALA F 82 12.80 -18.48 -59.41
N ILE F 83 11.48 -18.26 -59.40
CA ILE F 83 10.55 -19.38 -59.46
C ILE F 83 10.54 -19.93 -60.88
N PRO F 84 10.84 -21.24 -61.04
CA PRO F 84 11.00 -21.84 -62.36
C PRO F 84 9.65 -22.32 -62.90
N TRP F 85 8.80 -21.37 -63.25
CA TRP F 85 7.44 -21.67 -63.69
C TRP F 85 7.45 -22.55 -64.93
N LYS F 86 8.29 -22.21 -65.91
CA LYS F 86 8.37 -22.94 -67.16
C LYS F 86 8.70 -24.42 -66.96
N GLU F 87 9.63 -24.70 -66.05
CA GLU F 87 9.95 -26.07 -65.67
C GLU F 87 8.73 -26.83 -65.15
N ALA F 88 7.88 -26.17 -64.36
CA ALA F 88 6.70 -26.83 -63.81
C ALA F 88 5.52 -26.90 -64.78
N GLY F 89 5.62 -26.24 -65.93
CA GLY F 89 4.53 -26.16 -66.89
C GLY F 89 3.54 -25.01 -66.67
N ALA F 90 3.86 -24.09 -65.75
CA ALA F 90 2.93 -23.02 -65.38
C ALA F 90 2.94 -21.87 -66.42
N ASP F 91 1.94 -21.86 -67.29
CA ASP F 91 1.75 -20.77 -68.27
C ASP F 91 1.31 -19.47 -67.59
N PHE F 92 0.25 -19.55 -66.81
CA PHE F 92 -0.38 -18.39 -66.19
C PHE F 92 -0.04 -18.41 -64.71
N VAL F 93 0.35 -17.27 -64.17
CA VAL F 93 0.71 -17.19 -62.75
C VAL F 93 -0.17 -16.20 -61.99
N VAL F 94 -0.81 -16.69 -60.94
CA VAL F 94 -1.60 -15.84 -60.07
C VAL F 94 -0.65 -15.25 -59.03
N GLU F 95 -0.43 -13.95 -59.08
CA GLU F 95 0.38 -13.26 -58.07
C GLU F 95 -0.50 -12.79 -56.91
N SER F 96 -0.50 -13.55 -55.82
CA SER F 96 -1.44 -13.31 -54.73
C SER F 96 -0.78 -13.12 -53.38
N THR F 97 0.44 -12.57 -53.35
CA THR F 97 1.14 -12.34 -52.10
C THR F 97 0.83 -10.98 -51.50
N GLY F 98 0.40 -10.03 -52.31
CA GLY F 98 0.13 -8.69 -51.86
C GLY F 98 1.31 -7.73 -51.90
N VAL F 99 2.49 -8.22 -52.27
CA VAL F 99 3.70 -7.37 -52.25
C VAL F 99 4.38 -7.15 -53.62
N PHE F 100 3.81 -7.71 -54.70
CA PHE F 100 4.33 -7.55 -56.05
C PHE F 100 3.21 -7.06 -56.96
N THR F 101 2.57 -5.95 -56.59
CA THR F 101 1.37 -5.47 -57.25
C THR F 101 1.60 -4.48 -58.40
N THR F 102 2.82 -3.97 -58.55
CA THR F 102 3.14 -3.10 -59.67
C THR F 102 3.52 -3.95 -60.86
N THR F 103 3.49 -3.35 -62.04
CA THR F 103 3.88 -4.05 -63.25
C THR F 103 5.34 -4.48 -63.15
N GLU F 104 6.21 -3.59 -62.66
CA GLU F 104 7.65 -3.91 -62.60
C GLU F 104 7.87 -5.16 -61.75
N LYS F 105 7.25 -5.21 -60.58
CA LYS F 105 7.49 -6.29 -59.65
C LYS F 105 6.85 -7.59 -60.13
N ALA F 106 5.57 -7.54 -60.48
CA ALA F 106 4.86 -8.72 -61.00
C ALA F 106 5.54 -9.28 -62.25
N SER F 107 6.11 -8.43 -63.08
CA SER F 107 6.83 -8.87 -64.30
C SER F 107 7.96 -9.88 -64.03
N ALA F 108 8.46 -9.91 -62.80
CA ALA F 108 9.49 -10.89 -62.41
C ALA F 108 9.12 -12.34 -62.73
N HIS F 109 7.84 -12.69 -62.64
CA HIS F 109 7.38 -14.05 -63.00
C HIS F 109 7.62 -14.37 -64.48
N LEU F 110 7.68 -13.36 -65.33
CA LEU F 110 8.06 -13.57 -66.74
C LEU F 110 9.48 -14.11 -66.89
N HIS F 111 10.41 -13.72 -66.01
CA HIS F 111 11.79 -14.23 -66.09
C HIS F 111 11.82 -15.77 -65.91
N GLY F 112 10.93 -16.32 -65.07
CA GLY F 112 10.85 -17.76 -64.88
C GLY F 112 10.07 -18.52 -65.95
N GLY F 113 9.59 -17.82 -66.98
CA GLY F 113 8.93 -18.45 -68.11
C GLY F 113 7.41 -18.52 -68.02
N ALA F 114 6.80 -17.70 -67.17
CA ALA F 114 5.36 -17.51 -67.21
C ALA F 114 5.03 -16.67 -68.44
N LYS F 115 3.94 -17.01 -69.11
CA LYS F 115 3.46 -16.23 -70.25
C LYS F 115 2.69 -15.00 -69.76
N LYS F 116 1.83 -15.17 -68.75
CA LYS F 116 0.96 -14.11 -68.28
C LYS F 116 0.89 -14.11 -66.76
N VAL F 117 0.76 -12.92 -66.18
CA VAL F 117 0.65 -12.78 -64.74
C VAL F 117 -0.64 -12.05 -64.41
N ILE F 118 -1.38 -12.60 -63.43
CA ILE F 118 -2.59 -11.99 -62.93
C ILE F 118 -2.36 -11.57 -61.49
N ILE F 119 -2.38 -10.26 -61.24
CA ILE F 119 -2.23 -9.74 -59.90
C ILE F 119 -3.58 -9.80 -59.22
N SER F 120 -3.65 -10.49 -58.08
CA SER F 120 -4.93 -10.71 -57.40
C SER F 120 -5.29 -9.53 -56.53
N ALA F 121 -5.17 -8.31 -57.06
CA ALA F 121 -5.38 -7.10 -56.27
C ALA F 121 -5.26 -5.91 -57.22
N PRO F 122 -5.72 -4.73 -56.79
CA PRO F 122 -5.53 -3.55 -57.64
C PRO F 122 -4.06 -3.27 -57.88
N SER F 123 -3.76 -2.53 -58.94
CA SER F 123 -2.38 -2.15 -59.26
C SER F 123 -2.37 -0.67 -59.54
N ALA F 124 -1.26 -0.02 -59.18
CA ALA F 124 -1.05 1.39 -59.51
C ALA F 124 -0.92 1.59 -61.01
N ASP F 125 -0.38 0.60 -61.73
CA ASP F 125 -0.17 0.78 -63.18
C ASP F 125 -0.59 -0.37 -64.10
N ALA F 126 -0.61 -1.62 -63.62
CA ALA F 126 -1.07 -2.73 -64.48
C ALA F 126 -2.53 -2.53 -64.83
N PRO F 127 -2.93 -2.87 -66.08
CA PRO F 127 -4.35 -2.71 -66.41
C PRO F 127 -5.22 -3.61 -65.55
N MET F 128 -6.35 -3.06 -65.08
CA MET F 128 -7.26 -3.80 -64.19
C MET F 128 -8.48 -4.29 -64.96
N PHE F 129 -8.97 -5.46 -64.56
CA PHE F 129 -10.14 -6.05 -65.19
C PHE F 129 -11.19 -6.57 -64.23
N VAL F 130 -12.44 -6.44 -64.64
CA VAL F 130 -13.58 -7.03 -63.96
C VAL F 130 -14.37 -7.80 -65.01
N MET F 131 -14.43 -9.12 -64.83
CA MET F 131 -15.19 -9.98 -65.73
C MET F 131 -16.63 -9.51 -65.79
N GLY F 132 -17.15 -9.42 -67.01
CA GLY F 132 -18.48 -8.92 -67.25
C GLY F 132 -18.53 -7.42 -67.50
N VAL F 133 -17.42 -6.70 -67.30
CA VAL F 133 -17.41 -5.24 -67.41
C VAL F 133 -16.46 -4.68 -68.48
N ASN F 134 -15.18 -5.04 -68.41
CA ASN F 134 -14.19 -4.47 -69.32
C ASN F 134 -13.18 -5.49 -69.84
N GLU F 135 -13.45 -6.80 -69.72
CA GLU F 135 -12.49 -7.80 -70.18
C GLU F 135 -12.26 -7.75 -71.69
N LYS F 136 -13.21 -7.18 -72.44
CA LYS F 136 -13.00 -6.97 -73.87
C LYS F 136 -11.78 -6.09 -74.15
N THR F 137 -11.46 -5.17 -73.24
CA THR F 137 -10.31 -4.28 -73.43
C THR F 137 -8.96 -4.99 -73.19
N TYR F 138 -8.97 -6.25 -72.76
CA TYR F 138 -7.74 -7.04 -72.66
C TYR F 138 -7.13 -7.26 -74.03
N ASP F 139 -5.91 -6.75 -74.23
CA ASP F 139 -5.15 -6.94 -75.48
C ASP F 139 -4.01 -7.94 -75.29
N ALA F 140 -4.20 -9.16 -75.81
CA ALA F 140 -3.25 -10.24 -75.54
C ALA F 140 -1.88 -10.09 -76.17
N ALA F 141 -1.64 -9.07 -77.00
CA ALA F 141 -0.32 -8.84 -77.57
C ALA F 141 0.40 -7.65 -76.95
N THR F 142 -0.25 -6.93 -76.02
CA THR F 142 0.36 -5.77 -75.42
C THR F 142 0.36 -5.79 -73.89
N MET F 143 -0.31 -6.77 -73.27
CA MET F 143 -0.49 -6.79 -71.82
C MET F 143 -0.17 -8.19 -71.29
N ASN F 144 1.01 -8.35 -70.72
CA ASN F 144 1.45 -9.60 -70.12
C ASN F 144 1.20 -9.63 -68.61
N VAL F 145 1.06 -8.47 -68.00
CA VAL F 145 0.76 -8.36 -66.57
C VAL F 145 -0.53 -7.60 -66.39
N VAL F 146 -1.53 -8.25 -65.80
CA VAL F 146 -2.84 -7.64 -65.58
C VAL F 146 -3.27 -7.81 -64.14
N SER F 147 -4.30 -7.07 -63.75
CA SER F 147 -4.86 -7.13 -62.40
C SER F 147 -6.35 -7.45 -62.45
N ASN F 148 -6.84 -8.24 -61.48
CA ASN F 148 -8.26 -8.58 -61.41
C ASN F 148 -9.02 -7.63 -60.46
N ALA F 149 -8.48 -6.42 -60.27
CA ALA F 149 -9.07 -5.42 -59.38
C ALA F 149 -9.22 -5.97 -57.94
N SER F 150 -10.22 -5.48 -57.20
CA SER F 150 -10.46 -5.96 -55.85
C SER F 150 -11.85 -6.59 -55.77
N CYS F 151 -12.14 -7.21 -54.61
CA CYS F 151 -13.41 -7.91 -54.40
C CYS F 151 -14.57 -6.94 -54.44
N THR F 152 -14.41 -5.79 -53.78
CA THR F 152 -15.44 -4.77 -53.78
C THR F 152 -15.65 -4.19 -55.19
N THR F 153 -14.58 -4.05 -55.94
CA THR F 153 -14.68 -3.56 -57.32
C THR F 153 -15.44 -4.57 -58.20
N ASN F 154 -15.22 -5.86 -57.95
CA ASN F 154 -15.93 -6.89 -58.70
C ASN F 154 -17.42 -7.01 -58.31
N CYS F 155 -17.79 -6.52 -57.12
CA CYS F 155 -19.20 -6.43 -56.75
C CYS F 155 -19.84 -5.19 -57.34
N LEU F 156 -19.18 -4.04 -57.17
CA LEU F 156 -19.74 -2.77 -57.56
C LEU F 156 -19.82 -2.57 -59.07
N ALA F 157 -18.77 -2.96 -59.78
CA ALA F 157 -18.65 -2.62 -61.20
C ALA F 157 -19.76 -3.22 -62.07
N PRO F 158 -20.01 -4.53 -61.95
CA PRO F 158 -21.10 -5.12 -62.74
C PRO F 158 -22.46 -4.47 -62.48
N LEU F 159 -22.80 -4.22 -61.22
CA LEU F 159 -24.04 -3.53 -60.89
C LEU F 159 -24.04 -2.15 -61.50
N ALA F 160 -22.98 -1.39 -61.25
CA ALA F 160 -22.87 -0.02 -61.77
C ALA F 160 -23.01 0.04 -63.27
N LYS F 161 -22.35 -0.90 -63.97
CA LYS F 161 -22.44 -0.99 -65.41
C LYS F 161 -23.90 -1.07 -65.86
N VAL F 162 -24.65 -1.98 -65.25
CA VAL F 162 -26.02 -2.22 -65.66
C VAL F 162 -26.89 -1.00 -65.38
N ILE F 163 -26.73 -0.39 -64.21
CA ILE F 163 -27.49 0.80 -63.86
C ILE F 163 -27.10 1.97 -64.76
N ASN F 164 -25.80 2.14 -64.99
CA ASN F 164 -25.33 3.20 -65.87
C ASN F 164 -25.77 2.98 -67.32
N ASP F 165 -25.64 1.77 -67.83
CA ASP F 165 -26.05 1.46 -69.20
C ASP F 165 -27.53 1.69 -69.46
N ASN F 166 -28.36 1.38 -68.48
CA ASN F 166 -29.82 1.45 -68.67
C ASN F 166 -30.41 2.78 -68.24
N PHE F 167 -29.76 3.47 -67.30
CA PHE F 167 -30.36 4.65 -66.67
C PHE F 167 -29.45 5.87 -66.53
N GLY F 168 -28.14 5.66 -66.57
CA GLY F 168 -27.18 6.76 -66.42
C GLY F 168 -27.00 7.16 -64.97
N ILE F 169 -25.80 6.97 -64.45
CA ILE F 169 -25.44 7.46 -63.12
C ILE F 169 -24.84 8.84 -63.24
N GLU F 170 -25.55 9.88 -62.81
CA GLU F 170 -25.00 11.24 -62.79
C GLU F 170 -23.90 11.33 -61.74
N GLU F 171 -24.24 10.89 -60.53
CA GLU F 171 -23.33 10.89 -59.41
C GLU F 171 -23.74 9.80 -58.44
N GLY F 172 -22.77 9.28 -57.69
CA GLY F 172 -23.02 8.20 -56.78
C GLY F 172 -21.93 8.04 -55.73
N LEU F 173 -22.34 7.54 -54.58
CA LEU F 173 -21.41 7.18 -53.53
C LEU F 173 -21.79 5.81 -53.03
N MET F 174 -20.80 5.03 -52.62
CA MET F 174 -21.05 3.68 -52.13
C MET F 174 -20.39 3.41 -50.79
N THR F 175 -20.97 2.47 -50.08
CA THR F 175 -20.37 1.94 -48.86
C THR F 175 -20.32 0.44 -49.01
N THR F 176 -19.22 -0.19 -48.62
CA THR F 176 -19.23 -1.62 -48.41
C THR F 176 -19.15 -1.93 -46.90
N ILE F 177 -20.10 -2.73 -46.43
CA ILE F 177 -20.02 -3.34 -45.12
C ILE F 177 -19.27 -4.65 -45.31
N HIS F 178 -18.04 -4.66 -44.84
CA HIS F 178 -17.00 -5.54 -45.33
C HIS F 178 -16.49 -6.43 -44.21
N ALA F 179 -16.34 -7.71 -44.50
CA ALA F 179 -15.77 -8.67 -43.57
C ALA F 179 -14.35 -8.27 -43.20
N TYR F 180 -13.90 -8.67 -42.02
CA TYR F 180 -12.52 -8.39 -41.65
C TYR F 180 -11.61 -9.34 -42.41
N THR F 181 -10.34 -8.96 -42.57
CA THR F 181 -9.39 -9.70 -43.37
C THR F 181 -8.09 -9.93 -42.61
N ALA F 182 -7.15 -10.60 -43.29
CA ALA F 182 -5.86 -10.99 -42.69
C ALA F 182 -4.99 -9.79 -42.31
N THR F 183 -5.20 -8.64 -42.94
CA THR F 183 -4.43 -7.44 -42.63
C THR F 183 -4.86 -6.79 -41.31
N GLN F 184 -5.95 -7.26 -40.74
CA GLN F 184 -6.46 -6.65 -39.50
C GLN F 184 -5.91 -7.41 -38.29
N LYS F 185 -6.20 -6.91 -37.10
CA LYS F 185 -5.65 -7.43 -35.85
C LYS F 185 -6.72 -8.04 -34.94
N THR F 186 -6.34 -9.04 -34.17
CA THR F 186 -7.24 -9.70 -33.23
C THR F 186 -7.54 -8.81 -32.04
N VAL F 187 -6.50 -8.18 -31.50
CA VAL F 187 -6.64 -7.17 -30.44
C VAL F 187 -5.94 -5.89 -30.91
N ASP F 188 -6.18 -4.77 -30.25
CA ASP F 188 -5.61 -3.49 -30.65
C ASP F 188 -4.09 -3.57 -30.79
N GLY F 189 -3.57 -3.46 -32.01
CA GLY F 189 -2.14 -3.48 -32.25
C GLY F 189 -1.71 -2.46 -33.30
N PRO F 190 -0.41 -2.42 -33.62
CA PRO F 190 0.15 -1.41 -34.52
C PRO F 190 -0.27 -1.58 -35.98
N SER F 191 -0.64 -0.47 -36.59
CA SER F 191 -1.01 -0.43 -37.99
C SER F 191 -0.64 0.99 -38.44
N GLY F 192 0.66 1.27 -38.42
CA GLY F 192 1.19 2.62 -38.42
C GLY F 192 0.70 3.59 -39.46
N LYS F 193 0.32 3.07 -40.63
CA LYS F 193 -0.17 3.94 -41.70
C LYS F 193 -1.67 4.23 -41.57
N LYS F 194 -2.44 3.23 -41.13
CA LYS F 194 -3.90 3.38 -41.02
C LYS F 194 -4.32 2.96 -39.63
N TRP F 195 -4.43 3.95 -38.73
CA TRP F 195 -4.58 3.72 -37.30
C TRP F 195 -5.81 2.90 -36.93
N ARG F 196 -6.91 3.12 -37.63
CA ARG F 196 -8.15 2.42 -37.35
C ARG F 196 -8.04 0.94 -37.66
N ASP F 197 -7.26 0.60 -38.67
CA ASP F 197 -7.10 -0.83 -39.07
C ASP F 197 -6.34 -1.65 -38.04
N GLY F 198 -5.69 -1.01 -37.09
CA GLY F 198 -5.03 -1.74 -36.00
C GLY F 198 -5.97 -2.16 -34.86
N ARG F 199 -7.15 -1.55 -34.79
CA ARG F 199 -8.05 -1.76 -33.65
C ARG F 199 -8.70 -3.14 -33.78
N GLY F 200 -8.95 -3.80 -32.66
CA GLY F 200 -9.40 -5.17 -32.65
C GLY F 200 -10.52 -5.41 -33.63
N ALA F 201 -10.34 -6.36 -34.55
CA ALA F 201 -11.29 -6.60 -35.61
C ALA F 201 -12.65 -7.12 -35.12
N ASN F 202 -12.62 -7.90 -34.05
CA ASN F 202 -13.80 -8.60 -33.58
C ASN F 202 -14.64 -7.73 -32.65
N GLN F 203 -14.05 -6.68 -32.09
CA GLN F 203 -14.74 -5.78 -31.18
C GLN F 203 -15.37 -4.55 -31.88
N ASN F 204 -15.07 -4.30 -33.14
CA ASN F 204 -15.21 -2.98 -33.72
C ASN F 204 -15.86 -2.95 -35.09
N VAL F 205 -16.64 -1.90 -35.33
CA VAL F 205 -16.98 -1.47 -36.66
C VAL F 205 -15.94 -0.41 -36.99
N ILE F 206 -15.23 -0.59 -38.09
CA ILE F 206 -14.03 0.18 -38.41
C ILE F 206 -14.14 0.86 -39.78
N PRO F 207 -14.22 2.20 -39.80
CA PRO F 207 -14.21 2.86 -41.13
C PRO F 207 -12.86 2.66 -41.83
N ALA F 208 -12.88 2.49 -43.14
CA ALA F 208 -11.67 2.17 -43.90
C ALA F 208 -11.83 2.58 -45.34
N THR F 209 -10.72 2.58 -46.07
CA THR F 209 -10.74 2.79 -47.52
C THR F 209 -11.20 1.48 -48.18
N THR F 210 -11.66 1.58 -49.42
CA THR F 210 -11.95 0.44 -50.27
C THR F 210 -11.25 0.63 -51.60
N GLY F 211 -10.68 -0.45 -52.14
CA GLY F 211 -10.02 -0.45 -53.46
C GLY F 211 -10.95 -0.03 -54.59
N ALA F 212 -12.25 -0.28 -54.45
CA ALA F 212 -13.24 0.13 -55.45
C ALA F 212 -13.36 1.64 -55.64
N ALA F 213 -12.89 2.41 -54.65
CA ALA F 213 -12.97 3.87 -54.71
C ALA F 213 -12.21 4.42 -55.91
N LYS F 214 -11.00 3.92 -56.11
CA LYS F 214 -10.18 4.30 -57.27
C LYS F 214 -10.47 3.42 -58.49
N ALA F 215 -10.55 2.10 -58.26
CA ALA F 215 -10.58 1.13 -59.35
C ALA F 215 -11.80 1.21 -60.26
N VAL F 216 -12.94 1.61 -59.70
CA VAL F 216 -14.18 1.61 -60.47
C VAL F 216 -14.11 2.61 -61.61
N GLY F 217 -13.36 3.70 -61.41
CA GLY F 217 -13.14 4.71 -62.46
C GLY F 217 -12.27 4.23 -63.62
N LYS F 218 -11.39 3.26 -63.34
CA LYS F 218 -10.56 2.64 -64.37
C LYS F 218 -11.37 1.64 -65.20
N VAL F 219 -12.12 0.78 -64.52
CA VAL F 219 -12.81 -0.32 -65.19
C VAL F 219 -14.04 0.19 -65.92
N ILE F 220 -14.60 1.30 -65.46
CA ILE F 220 -15.66 2.00 -66.17
C ILE F 220 -15.26 3.47 -66.30
N PRO F 221 -14.52 3.80 -67.38
CA PRO F 221 -14.03 5.17 -67.60
C PRO F 221 -15.13 6.24 -67.53
N GLU F 222 -16.30 5.94 -68.09
CA GLU F 222 -17.44 6.87 -68.10
C GLU F 222 -17.85 7.33 -66.68
N LEU F 223 -17.48 6.57 -65.65
CA LEU F 223 -17.88 6.89 -64.27
C LEU F 223 -16.74 7.48 -63.41
N ASN F 224 -15.58 7.74 -64.01
CA ASN F 224 -14.46 8.30 -63.27
C ASN F 224 -14.78 9.69 -62.78
N GLY F 225 -14.63 9.91 -61.48
CA GLY F 225 -14.97 11.18 -60.86
C GLY F 225 -16.41 11.27 -60.43
N LYS F 226 -17.25 10.33 -60.87
CA LYS F 226 -18.69 10.37 -60.62
C LYS F 226 -19.16 9.36 -59.57
N LEU F 227 -18.26 8.49 -59.13
CA LEU F 227 -18.60 7.40 -58.26
C LEU F 227 -17.39 7.05 -57.40
N THR F 228 -17.53 7.17 -56.09
CA THR F 228 -16.50 6.70 -55.16
C THR F 228 -17.17 6.19 -53.88
N GLY F 229 -16.36 5.85 -52.88
CA GLY F 229 -16.92 5.32 -51.64
C GLY F 229 -15.92 4.95 -50.56
N MET F 230 -16.37 4.14 -49.62
CA MET F 230 -15.60 3.77 -48.46
C MET F 230 -16.13 2.46 -47.91
N ALA F 231 -15.48 1.98 -46.86
CA ALA F 231 -15.82 0.74 -46.24
C ALA F 231 -15.96 0.89 -44.73
N PHE F 232 -16.74 -0.01 -44.16
CA PHE F 232 -16.71 -0.27 -42.74
C PHE F 232 -16.39 -1.75 -42.56
N ARG F 233 -15.27 -2.04 -41.89
CA ARG F 233 -14.91 -3.39 -41.55
C ARG F 233 -15.72 -3.79 -40.32
N VAL F 234 -16.40 -4.94 -40.37
CA VAL F 234 -17.25 -5.36 -39.25
C VAL F 234 -16.95 -6.83 -38.86
N PRO F 235 -17.42 -7.27 -37.68
CA PRO F 235 -17.03 -8.59 -37.20
C PRO F 235 -17.72 -9.81 -37.82
N VAL F 236 -17.60 -10.01 -39.12
CA VAL F 236 -17.84 -11.32 -39.73
C VAL F 236 -16.57 -11.73 -40.48
N PRO F 237 -16.26 -13.03 -40.49
CA PRO F 237 -15.01 -13.54 -41.08
C PRO F 237 -14.97 -13.55 -42.62
N ASP F 238 -16.13 -13.44 -43.25
CA ASP F 238 -16.23 -13.42 -44.72
C ASP F 238 -17.63 -12.99 -45.13
N VAL F 239 -17.75 -12.54 -46.36
CA VAL F 239 -18.98 -12.05 -46.94
C VAL F 239 -19.14 -10.58 -46.61
N SER F 240 -19.36 -9.81 -47.67
CA SER F 240 -19.48 -8.37 -47.59
C SER F 240 -20.71 -7.91 -48.41
N VAL F 241 -21.03 -6.64 -48.32
CA VAL F 241 -22.20 -6.12 -49.00
C VAL F 241 -22.05 -4.65 -49.39
N VAL F 242 -22.37 -4.35 -50.65
CA VAL F 242 -22.27 -3.00 -51.18
C VAL F 242 -23.63 -2.31 -51.07
N ASP F 243 -23.56 -1.04 -50.73
CA ASP F 243 -24.67 -0.16 -50.54
C ASP F 243 -24.38 1.03 -51.47
N LEU F 244 -24.99 1.00 -52.66
CA LEU F 244 -24.73 1.99 -53.71
C LEU F 244 -25.84 3.01 -53.79
N THR F 245 -25.52 4.27 -53.54
CA THR F 245 -26.51 5.34 -53.59
C THR F 245 -26.17 6.26 -54.75
N CYS F 246 -27.08 6.39 -55.71
CA CYS F 246 -26.83 7.26 -56.85
C CYS F 246 -28.06 7.99 -57.39
N ARG F 247 -27.79 9.15 -57.98
CA ARG F 247 -28.77 9.90 -58.74
C ARG F 247 -28.69 9.42 -60.18
N LEU F 248 -29.85 9.27 -60.82
CA LEU F 248 -29.94 8.73 -62.17
C LEU F 248 -30.32 9.81 -63.17
N LYS F 249 -29.89 9.65 -64.43
CA LYS F 249 -30.21 10.61 -65.48
C LYS F 249 -31.62 10.38 -65.98
N LYS F 250 -31.80 9.21 -66.57
CA LYS F 250 -33.06 8.76 -67.21
C LYS F 250 -33.97 8.18 -66.13
N PRO F 251 -34.89 8.97 -65.54
CA PRO F 251 -35.73 8.51 -64.43
C PRO F 251 -36.51 7.21 -64.69
N THR F 252 -36.67 6.40 -63.63
CA THR F 252 -37.39 5.10 -63.74
C THR F 252 -38.03 4.71 -62.40
N SER F 253 -38.35 3.43 -62.25
CA SER F 253 -39.04 2.88 -61.10
C SER F 253 -38.23 1.71 -60.60
N TYR F 254 -38.46 1.31 -59.35
CA TYR F 254 -37.75 0.18 -58.79
C TYR F 254 -38.05 -1.11 -59.53
N GLU F 255 -39.27 -1.28 -60.02
CA GLU F 255 -39.64 -2.51 -60.74
C GLU F 255 -38.82 -2.70 -62.01
N GLU F 256 -38.57 -1.60 -62.72
CA GLU F 256 -37.75 -1.66 -63.94
C GLU F 256 -36.27 -1.90 -63.62
N ILE F 257 -35.78 -1.34 -62.52
CA ILE F 257 -34.42 -1.62 -62.07
C ILE F 257 -34.26 -3.13 -61.82
N LYS F 258 -35.24 -3.74 -61.13
CA LYS F 258 -35.20 -5.18 -60.87
C LYS F 258 -35.18 -5.97 -62.16
N LYS F 259 -36.04 -5.56 -63.09
CA LYS F 259 -36.19 -6.25 -64.35
C LYS F 259 -34.92 -6.28 -65.17
N VAL F 260 -34.22 -5.15 -65.26
CA VAL F 260 -32.97 -5.11 -66.04
C VAL F 260 -31.86 -5.89 -65.34
N VAL F 261 -31.77 -5.78 -64.01
CA VAL F 261 -30.74 -6.50 -63.27
C VAL F 261 -30.98 -8.00 -63.38
N LYS F 262 -32.22 -8.42 -63.18
CA LYS F 262 -32.58 -9.83 -63.31
C LYS F 262 -32.25 -10.36 -64.70
N LYS F 263 -32.56 -9.58 -65.72
CA LYS F 263 -32.33 -10.01 -67.10
C LYS F 263 -30.84 -10.12 -67.38
N ALA F 264 -30.07 -9.16 -66.87
CA ALA F 264 -28.60 -9.22 -66.99
C ALA F 264 -28.04 -10.46 -66.29
N SER F 265 -28.60 -10.80 -65.14
CA SER F 265 -28.18 -11.98 -64.39
C SER F 265 -28.45 -13.30 -65.12
N GLU F 266 -29.40 -13.29 -66.04
CA GLU F 266 -29.76 -14.49 -66.80
C GLU F 266 -29.08 -14.57 -68.17
N THR F 267 -28.48 -13.47 -68.61
CA THR F 267 -27.89 -13.38 -69.95
C THR F 267 -26.42 -12.97 -69.93
N ASP F 268 -26.15 -11.68 -70.18
CA ASP F 268 -24.79 -11.20 -70.43
C ASP F 268 -23.86 -11.25 -69.21
N LEU F 269 -24.42 -11.06 -68.02
CA LEU F 269 -23.63 -11.13 -66.79
C LEU F 269 -23.83 -12.45 -66.03
N LYS F 270 -24.34 -13.48 -66.71
CA LYS F 270 -24.64 -14.74 -66.05
C LYS F 270 -23.39 -15.32 -65.40
N GLY F 271 -23.52 -15.75 -64.16
CA GLY F 271 -22.39 -16.28 -63.38
C GLY F 271 -21.66 -15.20 -62.58
N PHE F 272 -21.79 -13.94 -62.99
CA PHE F 272 -21.09 -12.82 -62.33
C PHE F 272 -22.06 -12.05 -61.45
N LEU F 273 -23.16 -11.61 -62.06
CA LEU F 273 -24.22 -10.92 -61.35
C LEU F 273 -25.38 -11.88 -61.16
N ALA F 274 -25.82 -12.01 -59.91
CA ALA F 274 -26.98 -12.84 -59.56
C ALA F 274 -28.05 -11.92 -59.03
N TYR F 275 -29.25 -12.46 -58.94
CA TYR F 275 -30.41 -11.71 -58.50
C TYR F 275 -31.18 -12.59 -57.53
N THR F 276 -31.52 -12.06 -56.36
CA THR F 276 -32.37 -12.78 -55.43
C THR F 276 -33.44 -11.86 -54.89
N GLU F 277 -34.58 -12.47 -54.55
CA GLU F 277 -35.69 -11.82 -53.87
C GLU F 277 -35.97 -12.46 -52.52
N ASP F 278 -35.06 -13.31 -52.05
CA ASP F 278 -35.24 -14.00 -50.78
C ASP F 278 -34.69 -13.15 -49.64
N GLN F 279 -35.07 -13.55 -48.43
CA GLN F 279 -34.77 -12.80 -47.23
C GLN F 279 -33.42 -13.23 -46.64
N VAL F 280 -32.38 -12.85 -47.36
CA VAL F 280 -31.03 -13.38 -47.16
C VAL F 280 -30.25 -12.54 -46.15
N VAL F 281 -29.23 -13.16 -45.59
CA VAL F 281 -28.29 -12.51 -44.69
C VAL F 281 -26.91 -12.96 -45.11
N SER F 282 -25.86 -12.40 -44.50
CA SER F 282 -24.51 -12.59 -45.02
C SER F 282 -24.06 -14.06 -45.07
N SER F 283 -24.38 -14.84 -44.06
CA SER F 283 -23.93 -16.24 -44.04
C SER F 283 -24.57 -17.07 -45.17
N ASP F 284 -25.60 -16.56 -45.80
CA ASP F 284 -26.17 -17.22 -46.97
C ASP F 284 -25.28 -17.17 -48.21
N PHE F 285 -24.21 -16.39 -48.16
CA PHE F 285 -23.31 -16.29 -49.30
C PHE F 285 -21.91 -16.86 -49.04
N ILE F 286 -21.75 -17.56 -47.90
CA ILE F 286 -20.48 -18.26 -47.65
C ILE F 286 -20.28 -19.29 -48.74
N SER F 287 -19.20 -19.12 -49.49
CA SER F 287 -18.81 -20.00 -50.62
C SER F 287 -19.67 -19.81 -51.87
N ASP F 288 -20.32 -18.66 -51.98
CA ASP F 288 -21.00 -18.29 -53.22
C ASP F 288 -19.94 -17.90 -54.26
N THR F 289 -20.20 -18.23 -55.52
CA THR F 289 -19.25 -18.02 -56.59
C THR F 289 -19.43 -16.73 -57.37
N HIS F 290 -20.46 -15.94 -57.04
CA HIS F 290 -20.78 -14.76 -57.82
C HIS F 290 -19.96 -13.54 -57.40
N SER F 291 -19.84 -12.58 -58.31
CA SER F 291 -19.19 -11.33 -57.99
C SER F 291 -20.13 -10.39 -57.25
N SER F 292 -21.41 -10.53 -57.51
CA SER F 292 -22.38 -9.52 -57.10
C SER F 292 -23.74 -10.18 -57.05
N VAL F 293 -24.38 -10.19 -55.88
CA VAL F 293 -25.73 -10.71 -55.77
C VAL F 293 -26.68 -9.60 -55.33
N PHE F 294 -27.47 -9.13 -56.28
CA PHE F 294 -28.43 -8.05 -56.04
C PHE F 294 -29.54 -8.52 -55.11
N ASP F 295 -29.78 -7.74 -54.06
CA ASP F 295 -30.81 -8.03 -53.05
C ASP F 295 -32.01 -7.15 -53.36
N ALA F 296 -33.00 -7.70 -54.04
CA ALA F 296 -34.16 -6.91 -54.50
C ALA F 296 -34.91 -6.25 -53.34
N LEU F 297 -35.21 -7.01 -52.30
CA LEU F 297 -36.02 -6.52 -51.18
C LEU F 297 -35.32 -5.43 -50.36
N ALA F 298 -33.99 -5.42 -50.33
CA ALA F 298 -33.24 -4.50 -49.48
C ALA F 298 -33.08 -3.11 -50.10
N GLY F 299 -33.33 -2.97 -51.39
CA GLY F 299 -33.17 -1.69 -52.06
C GLY F 299 -34.23 -0.68 -51.66
N ILE F 300 -33.92 0.59 -51.90
CA ILE F 300 -34.85 1.68 -51.63
C ILE F 300 -34.82 2.64 -52.80
N GLN F 301 -36.02 3.07 -53.23
CA GLN F 301 -36.15 4.15 -54.20
C GLN F 301 -36.77 5.33 -53.50
N LEU F 302 -36.02 6.42 -53.37
CA LEU F 302 -36.53 7.62 -52.74
C LEU F 302 -37.51 8.31 -53.69
N ASN F 303 -37.08 8.54 -54.92
CA ASN F 303 -37.88 9.15 -55.97
C ASN F 303 -37.40 8.59 -57.32
N PRO F 304 -38.05 8.98 -58.43
CA PRO F 304 -37.67 8.34 -59.72
C PRO F 304 -36.19 8.44 -60.15
N THR F 305 -35.40 9.33 -59.53
CA THR F 305 -34.01 9.53 -59.95
C THR F 305 -33.02 9.35 -58.80
N PHE F 306 -33.44 8.77 -57.69
CA PHE F 306 -32.56 8.63 -56.52
C PHE F 306 -32.83 7.32 -55.78
N VAL F 307 -31.83 6.44 -55.79
CA VAL F 307 -32.02 5.04 -55.40
C VAL F 307 -30.84 4.52 -54.58
N LYS F 308 -31.10 3.53 -53.74
CA LYS F 308 -30.06 2.82 -53.00
C LYS F 308 -30.13 1.34 -53.35
N LEU F 309 -29.05 0.81 -53.93
CA LEU F 309 -29.00 -0.58 -54.34
C LEU F 309 -28.03 -1.36 -53.44
N VAL F 310 -28.36 -2.64 -53.25
CA VAL F 310 -27.71 -3.50 -52.30
C VAL F 310 -27.28 -4.79 -52.98
N SER F 311 -26.00 -5.14 -52.83
CA SER F 311 -25.45 -6.32 -53.50
C SER F 311 -24.43 -7.01 -52.63
N TRP F 312 -24.61 -8.32 -52.46
CA TRP F 312 -23.75 -9.14 -51.61
C TRP F 312 -22.60 -9.71 -52.41
N TYR F 313 -21.51 -10.02 -51.71
CA TYR F 313 -20.40 -10.75 -52.30
C TYR F 313 -19.60 -11.48 -51.27
N ASP F 314 -19.29 -12.73 -51.60
CA ASP F 314 -18.31 -13.48 -50.84
C ASP F 314 -16.96 -12.95 -51.29
N ASN F 315 -16.40 -12.07 -50.46
CA ASN F 315 -15.18 -11.36 -50.80
C ASN F 315 -13.99 -12.28 -51.04
N GLU F 316 -14.00 -13.46 -50.43
CA GLU F 316 -12.93 -14.45 -50.66
C GLU F 316 -13.19 -15.30 -51.90
N TYR F 317 -14.36 -15.93 -51.94
CA TYR F 317 -14.63 -17.02 -52.87
C TYR F 317 -15.06 -16.53 -54.25
N GLY F 318 -15.87 -15.47 -54.31
CA GLY F 318 -16.33 -14.90 -55.58
C GLY F 318 -15.15 -14.35 -56.37
N TYR F 319 -14.33 -13.57 -55.66
CA TYR F 319 -13.13 -13.00 -56.25
C TYR F 319 -12.18 -14.10 -56.75
N SER F 320 -12.04 -15.18 -55.98
CA SER F 320 -11.15 -16.25 -56.37
C SER F 320 -11.62 -16.93 -57.65
N HIS F 321 -12.93 -17.18 -57.74
CA HIS F 321 -13.51 -17.72 -58.97
C HIS F 321 -13.35 -16.77 -60.16
N ARG F 322 -13.41 -15.46 -59.92
CA ARG F 322 -13.16 -14.49 -60.97
C ARG F 322 -11.71 -14.52 -61.46
N VAL F 323 -10.76 -14.76 -60.57
CA VAL F 323 -9.37 -14.86 -61.00
C VAL F 323 -9.24 -16.01 -62.01
N VAL F 324 -9.94 -17.11 -61.75
CA VAL F 324 -9.88 -18.26 -62.65
C VAL F 324 -10.60 -17.96 -63.97
N ASP F 325 -11.77 -17.32 -63.90
CA ASP F 325 -12.48 -16.93 -65.14
C ASP F 325 -11.65 -15.98 -65.98
N LEU F 326 -10.88 -15.11 -65.33
CA LEU F 326 -10.05 -14.16 -66.07
C LEU F 326 -8.93 -14.90 -66.76
N ILE F 327 -8.37 -15.92 -66.11
CA ILE F 327 -7.35 -16.75 -66.73
C ILE F 327 -7.93 -17.44 -67.98
N GLU F 328 -9.06 -18.13 -67.82
CA GLU F 328 -9.69 -18.85 -68.94
C GLU F 328 -10.06 -17.92 -70.09
N TYR F 329 -10.57 -16.74 -69.76
CA TYR F 329 -10.84 -15.73 -70.78
C TYR F 329 -9.57 -15.30 -71.50
N MET F 330 -8.49 -15.06 -70.77
CA MET F 330 -7.22 -14.66 -71.38
C MET F 330 -6.61 -15.80 -72.22
N ALA F 331 -6.79 -17.04 -71.79
CA ALA F 331 -6.22 -18.17 -72.52
C ALA F 331 -6.88 -18.40 -73.87
N THR F 332 -8.15 -18.04 -74.03
CA THR F 332 -8.85 -18.26 -75.28
C THR F 332 -8.53 -17.14 -76.29
N LYS F 333 -7.25 -16.89 -76.57
CA LYS F 333 -6.83 -15.92 -77.57
C LYS F 333 -5.86 -16.62 -78.51
N VAL G 2 10.47 5.49 -7.37
CA VAL G 2 10.75 4.26 -8.21
C VAL G 2 10.44 4.48 -9.69
N LYS G 3 11.49 4.65 -10.48
CA LYS G 3 11.37 5.11 -11.86
C LYS G 3 11.48 3.94 -12.83
N VAL G 4 10.52 3.86 -13.77
CA VAL G 4 10.36 2.69 -14.61
C VAL G 4 10.47 3.00 -16.11
N GLY G 5 11.10 2.08 -16.83
CA GLY G 5 11.16 2.12 -18.28
C GLY G 5 10.38 0.95 -18.84
N ILE G 6 9.72 1.17 -19.97
CA ILE G 6 8.97 0.12 -20.65
C ILE G 6 9.51 -0.13 -22.05
N ASN G 7 9.88 -1.37 -22.33
CA ASN G 7 10.29 -1.78 -23.66
C ASN G 7 9.19 -2.58 -24.32
N GLY G 8 8.65 -2.03 -25.42
CA GLY G 8 7.51 -2.60 -26.13
C GLY G 8 6.20 -2.01 -25.60
N PHE G 9 5.55 -1.18 -26.41
CA PHE G 9 4.32 -0.50 -26.00
C PHE G 9 3.09 -1.26 -26.54
N GLY G 10 3.04 -2.56 -26.22
CA GLY G 10 1.98 -3.44 -26.72
C GLY G 10 0.84 -3.54 -25.75
N ARG G 11 0.07 -4.61 -25.76
CA ARG G 11 -1.05 -4.70 -24.83
C ARG G 11 -0.49 -4.57 -23.43
N ILE G 12 0.51 -5.37 -23.10
CA ILE G 12 1.03 -5.42 -21.73
C ILE G 12 1.77 -4.14 -21.37
N GLY G 13 2.63 -3.68 -22.28
CA GLY G 13 3.34 -2.42 -22.09
C GLY G 13 2.42 -1.25 -21.80
N ARG G 14 1.36 -1.10 -22.59
CA ARG G 14 0.40 0.00 -22.42
C ARG G 14 -0.45 -0.11 -21.17
N LEU G 15 -0.81 -1.33 -20.81
CA LEU G 15 -1.62 -1.54 -19.61
C LEU G 15 -0.78 -1.55 -18.34
N VAL G 16 0.51 -1.86 -18.45
CA VAL G 16 1.44 -1.62 -17.33
C VAL G 16 1.49 -0.11 -17.08
N MET G 17 1.60 0.66 -18.16
CA MET G 17 1.57 2.11 -18.07
C MET G 17 0.29 2.57 -17.36
N ARG G 18 -0.87 2.11 -17.81
CA ARG G 18 -2.15 2.46 -17.16
C ARG G 18 -2.17 2.09 -15.70
N ALA G 19 -1.77 0.86 -15.40
CA ALA G 19 -1.76 0.40 -14.01
C ALA G 19 -0.81 1.20 -13.14
N SER G 20 0.34 1.59 -13.68
CA SER G 20 1.34 2.34 -12.90
C SER G 20 0.75 3.64 -12.33
N LEU G 21 -0.21 4.21 -13.03
CA LEU G 21 -0.85 5.45 -12.59
C LEU G 21 -1.73 5.30 -11.34
N GLU G 22 -2.07 4.07 -10.96
CA GLU G 22 -2.80 3.80 -9.72
C GLU G 22 -1.86 3.48 -8.56
N HIS G 23 -0.55 3.44 -8.83
CA HIS G 23 0.47 3.19 -7.83
C HIS G 23 1.27 4.48 -7.68
N PRO G 24 1.00 5.25 -6.62
CA PRO G 24 1.63 6.59 -6.48
C PRO G 24 3.16 6.59 -6.32
N GLU G 25 3.74 5.48 -5.88
CA GLU G 25 5.20 5.37 -5.74
C GLU G 25 5.92 5.15 -7.05
N VAL G 26 5.29 4.45 -7.97
CA VAL G 26 5.88 4.11 -9.27
C VAL G 26 5.59 5.17 -10.31
N GLN G 27 6.62 5.55 -11.07
CA GLN G 27 6.48 6.51 -12.15
C GLN G 27 7.22 6.02 -13.39
N VAL G 28 6.49 5.77 -14.47
CA VAL G 28 7.09 5.45 -15.75
C VAL G 28 7.74 6.71 -16.32
N VAL G 29 9.03 6.65 -16.59
CA VAL G 29 9.77 7.81 -17.11
C VAL G 29 10.19 7.66 -18.57
N ALA G 30 10.13 6.44 -19.11
CA ALA G 30 10.61 6.19 -20.48
C ALA G 30 9.94 4.98 -21.13
N VAL G 31 9.73 5.07 -22.43
CA VAL G 31 9.15 3.99 -23.19
C VAL G 31 9.92 3.84 -24.49
N ASN G 32 10.18 2.60 -24.88
CA ASN G 32 10.84 2.31 -26.15
C ASN G 32 9.96 1.42 -27.00
N ASP G 33 9.72 1.82 -28.24
CA ASP G 33 9.09 0.97 -29.24
C ASP G 33 9.44 1.51 -30.63
N PRO G 34 10.19 0.73 -31.43
CA PRO G 34 10.57 1.25 -32.76
C PRO G 34 9.47 1.12 -33.82
N PHE G 35 8.32 0.53 -33.47
CA PHE G 35 7.22 0.39 -34.43
C PHE G 35 6.04 1.31 -34.13
N ILE G 36 6.18 2.19 -33.14
CA ILE G 36 5.10 3.06 -32.73
C ILE G 36 5.73 4.41 -32.40
N ASP G 37 5.62 5.39 -33.30
CA ASP G 37 6.24 6.69 -33.04
C ASP G 37 5.43 7.44 -31.98
N LEU G 38 5.88 8.65 -31.61
CA LEU G 38 5.36 9.35 -30.45
C LEU G 38 3.86 9.68 -30.51
N GLU G 39 3.40 10.22 -31.64
CA GLU G 39 1.99 10.63 -31.73
C GLU G 39 1.06 9.43 -31.78
N TYR G 40 1.58 8.33 -32.33
CA TYR G 40 0.83 7.11 -32.40
C TYR G 40 0.75 6.44 -31.03
N MET G 41 1.80 6.58 -30.22
CA MET G 41 1.76 6.11 -28.84
C MET G 41 0.64 6.77 -28.06
N GLU G 42 0.44 8.07 -28.28
CA GLU G 42 -0.62 8.79 -27.60
C GLU G 42 -1.98 8.21 -27.98
N TYR G 43 -2.20 8.05 -29.29
CA TYR G 43 -3.43 7.49 -29.80
C TYR G 43 -3.74 6.11 -29.22
N MET G 44 -2.78 5.22 -29.28
CA MET G 44 -2.94 3.86 -28.80
C MET G 44 -3.14 3.79 -27.30
N PHE G 45 -2.58 4.75 -26.56
CA PHE G 45 -2.78 4.79 -25.11
C PHE G 45 -4.16 5.31 -24.73
N LYS G 46 -4.63 6.27 -25.52
CA LYS G 46 -5.82 7.07 -25.25
C LYS G 46 -7.10 6.28 -25.56
N TYR G 47 -7.10 5.50 -26.65
CA TYR G 47 -8.23 4.66 -26.97
C TYR G 47 -7.85 3.18 -26.82
N ASP G 48 -8.70 2.41 -26.20
CA ASP G 48 -8.49 0.99 -26.01
C ASP G 48 -9.84 0.28 -26.18
N SER G 49 -9.91 -0.68 -27.10
CA SER G 49 -11.18 -1.32 -27.40
C SER G 49 -11.74 -2.09 -26.20
N THR G 50 -10.86 -2.60 -25.35
CA THR G 50 -11.31 -3.44 -24.27
C THR G 50 -11.45 -2.72 -22.95
N HIS G 51 -10.54 -1.80 -22.66
CA HIS G 51 -10.58 -1.11 -21.38
C HIS G 51 -11.13 0.31 -21.46
N GLY G 52 -11.58 0.74 -22.63
CA GLY G 52 -12.22 2.07 -22.76
C GLY G 52 -11.19 3.18 -22.85
N ARG G 53 -11.68 4.40 -23.00
CA ARG G 53 -10.83 5.56 -23.14
C ARG G 53 -10.09 5.80 -21.85
N PHE G 54 -8.84 6.24 -21.97
CA PHE G 54 -8.07 6.71 -20.84
C PHE G 54 -8.76 7.87 -20.21
N LYS G 55 -8.85 7.89 -18.89
CA LYS G 55 -9.64 8.90 -18.16
C LYS G 55 -8.85 10.16 -17.81
N GLY G 56 -7.51 10.07 -17.81
CA GLY G 56 -6.65 11.22 -17.52
C GLY G 56 -6.35 12.07 -18.75
N THR G 57 -5.31 12.89 -18.68
CA THR G 57 -4.95 13.75 -19.80
C THR G 57 -3.75 13.20 -20.55
N THR G 58 -3.65 13.53 -21.83
CA THR G 58 -2.51 13.16 -22.64
C THR G 58 -2.10 14.28 -23.57
N GLU G 59 -0.82 14.31 -23.92
CA GLU G 59 -0.31 15.34 -24.81
C GLU G 59 1.04 14.92 -25.35
N VAL G 60 1.32 15.34 -26.59
CA VAL G 60 2.63 15.22 -27.17
C VAL G 60 3.27 16.62 -27.13
N LYS G 61 4.47 16.72 -26.55
CA LYS G 61 5.13 18.00 -26.40
C LYS G 61 6.63 17.85 -26.32
N ASP G 62 7.34 18.68 -27.11
CA ASP G 62 8.79 18.72 -27.13
C ASP G 62 9.39 17.31 -27.24
N GLY G 63 8.80 16.48 -28.11
CA GLY G 63 9.31 15.13 -28.33
C GLY G 63 9.08 14.17 -27.18
N LYS G 64 8.15 14.50 -26.29
CA LYS G 64 7.88 13.66 -25.11
C LYS G 64 6.37 13.41 -24.94
N LEU G 65 6.06 12.25 -24.38
CA LEU G 65 4.67 11.84 -24.14
C LEU G 65 4.30 12.27 -22.75
N VAL G 66 3.31 13.16 -22.63
CA VAL G 66 2.95 13.72 -21.32
C VAL G 66 1.62 13.11 -20.88
N ILE G 67 1.67 12.32 -19.80
CA ILE G 67 0.51 11.63 -19.25
C ILE G 67 0.25 12.06 -17.81
N ASN G 68 -0.90 12.73 -17.60
CA ASN G 68 -1.25 13.34 -16.33
C ASN G 68 -0.12 14.26 -15.84
N GLY G 69 0.37 15.12 -16.73
CA GLY G 69 1.41 16.10 -16.40
C GLY G 69 2.84 15.57 -16.31
N ASN G 70 3.00 14.26 -16.23
CA ASN G 70 4.31 13.62 -16.19
C ASN G 70 4.88 13.46 -17.62
N PRO G 71 6.03 14.11 -17.91
CA PRO G 71 6.67 13.89 -19.21
C PRO G 71 7.36 12.52 -19.27
N ILE G 72 7.19 11.83 -20.41
CA ILE G 72 7.79 10.52 -20.59
C ILE G 72 8.68 10.58 -21.82
N SER G 73 9.92 10.14 -21.68
CA SER G 73 10.82 10.07 -22.82
C SER G 73 10.44 8.87 -23.69
N VAL G 74 10.45 9.06 -25.01
CA VAL G 74 10.09 8.04 -25.96
C VAL G 74 11.23 7.74 -26.92
N TYR G 75 11.54 6.45 -27.08
CA TYR G 75 12.61 6.04 -27.97
C TYR G 75 12.08 5.06 -29.01
N ALA G 76 12.82 4.97 -30.12
CA ALA G 76 12.45 4.14 -31.25
C ALA G 76 13.63 3.27 -31.68
N LEU G 77 14.20 2.53 -30.74
CA LEU G 77 15.43 1.76 -30.97
C LEU G 77 15.13 0.25 -30.97
N LYS G 78 15.74 -0.48 -31.90
CA LYS G 78 15.46 -1.92 -32.08
C LYS G 78 16.24 -2.83 -31.14
N ASP G 79 17.52 -2.50 -30.95
CA ASP G 79 18.40 -3.27 -30.09
C ASP G 79 18.31 -2.73 -28.65
N PRO G 80 17.78 -3.52 -27.70
CA PRO G 80 17.61 -3.03 -26.33
C PRO G 80 18.90 -2.57 -25.64
N ALA G 81 20.05 -3.08 -26.09
CA ALA G 81 21.34 -2.64 -25.56
C ALA G 81 21.63 -1.15 -25.83
N ALA G 82 20.92 -0.57 -26.80
CA ALA G 82 21.14 0.82 -27.21
C ALA G 82 20.19 1.82 -26.53
N ILE G 83 19.20 1.33 -25.80
CA ILE G 83 18.26 2.23 -25.13
C ILE G 83 18.94 2.86 -23.93
N PRO G 84 19.00 4.20 -23.88
CA PRO G 84 19.74 4.91 -22.83
C PRO G 84 18.87 5.13 -21.59
N TRP G 85 18.58 4.05 -20.90
CA TRP G 85 17.70 4.08 -19.74
C TRP G 85 18.20 5.03 -18.66
N LYS G 86 19.49 4.94 -18.36
CA LYS G 86 20.10 5.75 -17.31
C LYS G 86 19.93 7.24 -17.57
N GLU G 87 20.10 7.65 -18.82
CA GLU G 87 19.86 9.03 -19.21
C GLU G 87 18.42 9.47 -18.90
N ALA G 88 17.44 8.60 -19.13
CA ALA G 88 16.06 8.96 -18.87
C ALA G 88 15.64 8.83 -17.40
N GLY G 89 16.50 8.29 -16.55
CA GLY G 89 16.18 8.04 -15.15
C GLY G 89 15.53 6.69 -14.85
N ALA G 90 15.48 5.80 -15.84
CA ALA G 90 14.79 4.53 -15.68
C ALA G 90 15.62 3.49 -14.91
N ASP G 91 15.31 3.32 -13.62
CA ASP G 91 15.95 2.30 -12.78
C ASP G 91 15.51 0.89 -13.16
N PHE G 92 14.20 0.69 -13.20
CA PHE G 92 13.61 -0.62 -13.46
C PHE G 92 13.05 -0.62 -14.87
N VAL G 93 13.33 -1.68 -15.62
CA VAL G 93 12.83 -1.79 -17.01
C VAL G 93 11.93 -2.99 -17.20
N VAL G 94 10.71 -2.74 -17.65
CA VAL G 94 9.78 -3.82 -17.98
C VAL G 94 10.08 -4.23 -19.41
N GLU G 95 10.59 -5.45 -19.58
CA GLU G 95 10.78 -6.02 -20.92
C GLU G 95 9.51 -6.74 -21.40
N SER G 96 8.73 -6.06 -22.25
CA SER G 96 7.42 -6.57 -22.62
C SER G 96 7.21 -6.70 -24.13
N THR G 97 8.28 -7.00 -24.86
CA THR G 97 8.18 -7.17 -26.32
C THR G 97 7.88 -8.61 -26.71
N GLY G 98 8.21 -9.56 -25.83
CA GLY G 98 8.01 -10.97 -26.12
C GLY G 98 9.18 -11.65 -26.82
N VAL G 99 10.23 -10.91 -27.16
CA VAL G 99 11.34 -11.48 -27.93
C VAL G 99 12.72 -11.45 -27.22
N PHE G 100 12.76 -10.95 -25.99
CA PHE G 100 14.00 -10.89 -25.19
C PHE G 100 13.75 -11.52 -23.82
N THR G 101 13.29 -12.77 -23.83
CA THR G 101 12.82 -13.46 -22.63
C THR G 101 13.86 -14.29 -21.89
N THR G 102 15.03 -14.50 -22.48
CA THR G 102 16.12 -15.20 -21.79
C THR G 102 16.90 -14.19 -20.98
N THR G 103 17.67 -14.69 -20.02
CA THR G 103 18.51 -13.84 -19.21
C THR G 103 19.52 -13.10 -20.08
N GLU G 104 20.14 -13.81 -21.03
CA GLU G 104 21.16 -13.17 -21.89
C GLU G 104 20.58 -11.99 -22.65
N LYS G 105 19.41 -12.18 -23.24
CA LYS G 105 18.82 -11.14 -24.08
C LYS G 105 18.30 -9.99 -23.24
N ALA G 106 17.50 -10.28 -22.23
CA ALA G 106 16.97 -9.26 -21.32
C ALA G 106 18.08 -8.46 -20.63
N SER G 107 19.21 -9.11 -20.34
CA SER G 107 20.37 -8.42 -19.73
C SER G 107 20.89 -7.23 -20.53
N ALA G 108 20.57 -7.17 -21.82
CA ALA G 108 20.93 -6.04 -22.67
C ALA G 108 20.52 -4.68 -22.11
N HIS G 109 19.37 -4.62 -21.43
CA HIS G 109 18.92 -3.38 -20.78
C HIS G 109 19.88 -2.90 -19.68
N LEU G 110 20.64 -3.83 -19.08
CA LEU G 110 21.69 -3.42 -18.13
C LEU G 110 22.79 -2.58 -18.79
N HIS G 111 23.10 -2.82 -20.07
CA HIS G 111 24.10 -1.98 -20.76
C HIS G 111 23.69 -0.52 -20.82
N GLY G 112 22.40 -0.25 -20.95
CA GLY G 112 21.90 1.14 -20.94
C GLY G 112 21.75 1.77 -19.56
N GLY G 113 22.10 1.05 -18.51
CA GLY G 113 22.07 1.58 -17.16
C GLY G 113 20.81 1.31 -16.36
N ALA G 114 20.03 0.32 -16.75
CA ALA G 114 18.95 -0.16 -15.92
C ALA G 114 19.55 -0.97 -14.79
N LYS G 115 18.99 -0.83 -13.59
CA LYS G 115 19.42 -1.63 -12.44
C LYS G 115 18.80 -3.02 -12.47
N LYS G 116 17.51 -3.09 -12.79
CA LYS G 116 16.76 -4.34 -12.78
C LYS G 116 15.86 -4.46 -14.00
N VAL G 117 15.71 -5.69 -14.47
CA VAL G 117 14.84 -5.96 -15.59
C VAL G 117 13.77 -6.96 -15.17
N ILE G 118 12.52 -6.65 -15.51
CA ILE G 118 11.40 -7.54 -15.30
C ILE G 118 10.88 -8.02 -16.65
N ILE G 119 11.02 -9.32 -16.93
CA ILE G 119 10.51 -9.88 -18.18
C ILE G 119 9.05 -10.17 -17.98
N SER G 120 8.20 -9.59 -18.83
CA SER G 120 6.75 -9.72 -18.67
C SER G 120 6.24 -11.00 -19.30
N ALA G 121 6.90 -12.12 -19.00
CA ALA G 121 6.58 -13.40 -19.60
C ALA G 121 7.46 -14.46 -18.97
N PRO G 122 7.11 -15.75 -19.13
CA PRO G 122 7.99 -16.79 -18.59
C PRO G 122 9.37 -16.74 -19.24
N SER G 123 10.36 -17.31 -18.57
CA SER G 123 11.72 -17.36 -19.09
C SER G 123 12.22 -18.77 -18.98
N ALA G 124 13.06 -19.17 -19.92
CA ALA G 124 13.73 -20.47 -19.87
C ALA G 124 14.70 -20.53 -18.70
N ASP G 125 15.31 -19.41 -18.34
CA ASP G 125 16.32 -19.42 -17.27
C ASP G 125 16.25 -18.33 -16.19
N ALA G 126 15.69 -17.15 -16.49
CA ALA G 126 15.55 -16.13 -15.46
C ALA G 126 14.61 -16.62 -14.36
N PRO G 127 14.91 -16.29 -13.08
CA PRO G 127 14.00 -16.73 -12.03
C PRO G 127 12.61 -16.11 -12.20
N MET G 128 11.57 -16.92 -12.01
CA MET G 128 10.18 -16.47 -12.19
C MET G 128 9.50 -16.21 -10.86
N PHE G 129 8.62 -15.22 -10.84
CA PHE G 129 7.89 -14.88 -9.63
C PHE G 129 6.40 -14.67 -9.83
N VAL G 130 5.65 -15.08 -8.81
CA VAL G 130 4.23 -14.80 -8.72
C VAL G 130 3.98 -14.17 -7.35
N MET G 131 3.54 -12.91 -7.36
CA MET G 131 3.23 -12.17 -6.15
C MET G 131 2.20 -12.94 -5.34
N GLY G 132 2.46 -13.08 -4.06
CA GLY G 132 1.64 -13.87 -3.15
C GLY G 132 2.07 -15.32 -3.03
N VAL G 133 3.02 -15.76 -3.85
CA VAL G 133 3.43 -17.18 -3.86
C VAL G 133 4.92 -17.42 -3.53
N ASN G 134 5.83 -16.78 -4.26
CA ASN G 134 7.25 -17.03 -4.08
C ASN G 134 8.12 -15.77 -4.13
N GLU G 135 7.53 -14.58 -4.00
CA GLU G 135 8.32 -13.34 -4.09
C GLU G 135 9.36 -13.22 -2.96
N LYS G 136 9.14 -13.92 -1.86
CA LYS G 136 10.13 -13.97 -0.79
C LYS G 136 11.48 -14.52 -1.29
N THR G 137 11.46 -15.41 -2.28
CA THR G 137 12.68 -15.99 -2.80
C THR G 137 13.48 -15.02 -3.69
N TYR G 138 12.95 -13.83 -3.97
CA TYR G 138 13.71 -12.80 -4.69
C TYR G 138 14.92 -12.35 -3.88
N ASP G 139 16.12 -12.56 -4.41
CA ASP G 139 17.37 -12.12 -3.79
C ASP G 139 17.95 -10.90 -4.54
N ALA G 140 17.82 -9.72 -3.93
CA ALA G 140 18.21 -8.46 -4.57
C ALA G 140 19.73 -8.39 -4.45
N ALA G 141 20.40 -8.54 -5.57
CA ALA G 141 21.90 -8.57 -5.56
C ALA G 141 22.46 -9.94 -5.86
N THR G 142 21.61 -10.94 -6.10
CA THR G 142 22.02 -12.09 -6.96
C THR G 142 21.17 -12.21 -8.24
N MET G 143 20.07 -11.43 -8.35
CA MET G 143 19.14 -11.54 -9.44
C MET G 143 18.80 -10.14 -9.96
N ASN G 144 19.42 -9.77 -11.09
CA ASN G 144 19.15 -8.49 -11.75
C ASN G 144 18.12 -8.61 -12.86
N VAL G 145 17.91 -9.84 -13.36
CA VAL G 145 16.92 -10.10 -14.39
C VAL G 145 15.94 -11.13 -13.84
N VAL G 146 14.67 -10.75 -13.76
CA VAL G 146 13.63 -11.65 -13.24
C VAL G 146 12.44 -11.68 -14.19
N SER G 147 11.58 -12.67 -14.00
CA SER G 147 10.37 -12.82 -14.79
C SER G 147 9.12 -12.84 -13.92
N ASN G 148 8.03 -12.26 -14.40
CA ASN G 148 6.76 -12.24 -13.65
C ASN G 148 5.85 -13.41 -14.08
N ALA G 149 6.44 -14.48 -14.62
CA ALA G 149 5.70 -15.64 -15.11
C ALA G 149 4.65 -15.24 -16.17
N SER G 150 3.56 -15.99 -16.29
CA SER G 150 2.51 -15.66 -17.25
C SER G 150 1.21 -15.38 -16.52
N CYS G 151 0.21 -14.89 -17.26
CA CYS G 151 -1.09 -14.51 -16.70
C CYS G 151 -1.78 -15.73 -16.10
N THR G 152 -1.75 -16.85 -16.81
CA THR G 152 -2.35 -18.08 -16.34
C THR G 152 -1.62 -18.61 -15.10
N THR G 153 -0.30 -18.44 -15.05
CA THR G 153 0.48 -18.86 -13.88
C THR G 153 0.13 -17.99 -12.66
N ASN G 154 -0.13 -16.70 -12.89
CA ASN G 154 -0.53 -15.82 -11.80
C ASN G 154 -1.96 -16.07 -11.32
N CYS G 155 -2.80 -16.70 -12.14
CA CYS G 155 -4.12 -17.14 -11.69
C CYS G 155 -4.04 -18.46 -10.94
N LEU G 156 -3.33 -19.42 -11.53
CA LEU G 156 -3.28 -20.78 -10.99
C LEU G 156 -2.48 -20.89 -9.69
N ALA G 157 -1.32 -20.22 -9.65
CA ALA G 157 -0.37 -20.44 -8.55
C ALA G 157 -0.93 -20.05 -7.17
N PRO G 158 -1.49 -18.84 -7.04
CA PRO G 158 -2.07 -18.48 -5.73
C PRO G 158 -3.18 -19.42 -5.27
N LEU G 159 -4.08 -19.82 -6.16
CA LEU G 159 -5.10 -20.79 -5.81
C LEU G 159 -4.47 -22.11 -5.40
N ALA G 160 -3.56 -22.61 -6.25
CA ALA G 160 -2.90 -23.89 -5.99
C ALA G 160 -2.16 -23.88 -4.65
N LYS G 161 -1.48 -22.79 -4.35
CA LYS G 161 -0.78 -22.62 -3.09
C LYS G 161 -1.73 -22.85 -1.92
N VAL G 162 -2.88 -22.18 -1.95
CA VAL G 162 -3.82 -22.24 -0.84
C VAL G 162 -4.38 -23.64 -0.70
N ILE G 163 -4.75 -24.26 -1.81
CA ILE G 163 -5.28 -25.62 -1.78
C ILE G 163 -4.21 -26.60 -1.32
N ASN G 164 -3.00 -26.46 -1.85
CA ASN G 164 -1.89 -27.33 -1.44
C ASN G 164 -1.54 -27.13 0.03
N ASP G 165 -1.41 -25.87 0.47
CA ASP G 165 -1.07 -25.58 1.87
C ASP G 165 -2.09 -26.14 2.87
N ASN G 166 -3.37 -26.09 2.51
CA ASN G 166 -4.42 -26.48 3.46
C ASN G 166 -4.83 -27.93 3.31
N PHE G 167 -4.66 -28.52 2.13
CA PHE G 167 -5.23 -29.84 1.83
C PHE G 167 -4.30 -30.83 1.13
N GLY G 168 -3.26 -30.34 0.48
CA GLY G 168 -2.31 -31.18 -0.23
C GLY G 168 -2.84 -31.63 -1.58
N ILE G 169 -2.19 -31.19 -2.66
CA ILE G 169 -2.53 -31.67 -3.99
C ILE G 169 -1.64 -32.87 -4.34
N GLU G 170 -2.22 -34.07 -4.37
CA GLU G 170 -1.47 -35.26 -4.80
C GLU G 170 -1.15 -35.19 -6.27
N GLU G 171 -2.19 -34.91 -7.06
CA GLU G 171 -2.05 -34.79 -8.49
C GLU G 171 -3.16 -33.88 -9.01
N GLY G 172 -2.92 -33.22 -10.13
CA GLY G 172 -3.86 -32.28 -10.68
C GLY G 172 -3.59 -31.93 -12.13
N LEU G 173 -4.66 -31.60 -12.84
CA LEU G 173 -4.56 -31.10 -14.19
C LEU G 173 -5.46 -29.88 -14.30
N MET G 174 -5.07 -28.93 -15.12
CA MET G 174 -5.84 -27.70 -15.28
C MET G 174 -6.08 -27.36 -16.75
N THR G 175 -7.14 -26.61 -16.97
CA THR G 175 -7.45 -26.05 -18.26
C THR G 175 -7.68 -24.56 -18.05
N THR G 176 -7.15 -23.73 -18.93
CA THR G 176 -7.59 -22.35 -18.99
C THR G 176 -8.42 -22.14 -20.28
N ILE G 177 -9.62 -21.60 -20.10
CA ILE G 177 -10.41 -21.10 -21.18
C ILE G 177 -10.01 -19.64 -21.34
N HIS G 178 -9.26 -19.37 -22.41
CA HIS G 178 -8.38 -18.23 -22.47
C HIS G 178 -8.77 -17.32 -23.62
N ALA G 179 -8.79 -16.03 -23.36
CA ALA G 179 -9.08 -15.03 -24.38
C ALA G 179 -8.04 -15.10 -25.48
N TYR G 180 -8.41 -14.68 -26.69
CA TYR G 180 -7.46 -14.65 -27.77
C TYR G 180 -6.51 -13.46 -27.56
N THR G 181 -5.32 -13.52 -28.16
CA THR G 181 -4.28 -12.53 -27.94
C THR G 181 -3.71 -12.06 -29.28
N ALA G 182 -2.73 -11.16 -29.20
CA ALA G 182 -2.11 -10.52 -30.38
C ALA G 182 -1.36 -11.51 -31.27
N THR G 183 -0.91 -12.63 -30.71
CA THR G 183 -0.20 -13.65 -31.47
C THR G 183 -1.13 -14.46 -32.37
N GLN G 184 -2.44 -14.30 -32.20
CA GLN G 184 -3.40 -15.08 -33.00
C GLN G 184 -3.79 -14.28 -34.25
N LYS G 185 -4.56 -14.93 -35.12
CA LYS G 185 -4.93 -14.38 -36.42
C LYS G 185 -6.42 -14.08 -36.57
N THR G 186 -6.74 -13.08 -37.36
CA THR G 186 -8.17 -12.73 -37.59
C THR G 186 -8.83 -13.75 -38.50
N VAL G 187 -8.15 -14.13 -39.56
CA VAL G 187 -8.59 -15.23 -40.43
C VAL G 187 -7.46 -16.26 -40.52
N ASP G 188 -7.77 -17.46 -41.01
CA ASP G 188 -6.80 -18.55 -41.07
C ASP G 188 -5.53 -18.12 -41.79
N GLY G 189 -4.42 -18.04 -41.07
CA GLY G 189 -3.13 -17.74 -41.67
C GLY G 189 -1.98 -18.54 -41.10
N PRO G 190 -0.76 -18.28 -41.60
CA PRO G 190 0.43 -19.08 -41.24
C PRO G 190 0.89 -18.85 -39.81
N SER G 191 1.20 -19.94 -39.14
CA SER G 191 1.66 -19.92 -37.76
C SER G 191 2.54 -21.17 -37.65
N GLY G 192 3.65 -21.15 -38.40
CA GLY G 192 4.37 -22.36 -38.78
C GLY G 192 4.79 -23.31 -37.69
N LYS G 193 5.01 -22.81 -36.49
CA LYS G 193 5.40 -23.65 -35.37
C LYS G 193 4.19 -24.28 -34.67
N LYS G 194 3.08 -23.53 -34.57
CA LYS G 194 1.90 -24.01 -33.88
C LYS G 194 0.70 -23.84 -34.81
N TRP G 195 0.37 -24.90 -35.55
CA TRP G 195 -0.60 -24.82 -36.63
C TRP G 195 -2.00 -24.37 -36.19
N ARG G 196 -2.42 -24.79 -34.99
CA ARG G 196 -3.74 -24.42 -34.50
C ARG G 196 -3.85 -22.93 -34.20
N ASP G 197 -2.74 -22.33 -33.77
CA ASP G 197 -2.76 -20.89 -33.44
C ASP G 197 -2.91 -19.99 -34.66
N GLY G 198 -2.77 -20.53 -35.85
CA GLY G 198 -3.01 -19.76 -37.06
C GLY G 198 -4.47 -19.65 -37.46
N ARG G 199 -5.32 -20.52 -36.91
CA ARG G 199 -6.72 -20.61 -37.34
C ARG G 199 -7.49 -19.40 -36.79
N GLY G 200 -8.45 -18.90 -37.56
CA GLY G 200 -9.11 -17.65 -37.22
C GLY G 200 -9.57 -17.61 -35.78
N ALA G 201 -9.13 -16.60 -35.04
CA ALA G 201 -9.40 -16.53 -33.61
C ALA G 201 -10.87 -16.36 -33.23
N ASN G 202 -11.62 -15.69 -34.08
CA ASN G 202 -13.00 -15.34 -33.76
C ASN G 202 -13.98 -16.42 -34.13
N GLN G 203 -13.56 -17.35 -35.00
CA GLN G 203 -14.41 -18.46 -35.44
C GLN G 203 -14.22 -19.74 -34.64
N ASN G 204 -13.20 -19.80 -33.78
CA ASN G 204 -12.69 -21.09 -33.33
C ASN G 204 -12.45 -21.16 -31.82
N VAL G 205 -12.70 -22.33 -31.26
CA VAL G 205 -12.15 -22.74 -29.99
C VAL G 205 -10.89 -23.52 -30.38
N ILE G 206 -9.75 -23.10 -29.83
CA ILE G 206 -8.44 -23.55 -30.31
C ILE G 206 -7.62 -24.14 -29.16
N PRO G 207 -7.36 -25.46 -29.18
CA PRO G 207 -6.48 -25.99 -28.14
C PRO G 207 -5.06 -25.43 -28.28
N ALA G 208 -4.39 -25.18 -27.15
CA ALA G 208 -3.09 -24.55 -27.15
C ALA G 208 -2.34 -24.91 -25.89
N THR G 209 -1.03 -24.61 -25.89
CA THR G 209 -0.22 -24.73 -24.67
C THR G 209 -0.51 -23.53 -23.78
N THR G 210 -0.22 -23.67 -22.48
CA THR G 210 -0.23 -22.56 -21.54
C THR G 210 1.11 -22.51 -20.82
N GLY G 211 1.63 -21.30 -20.61
CA GLY G 211 2.86 -21.07 -19.86
C GLY G 211 2.82 -21.61 -18.44
N ALA G 212 1.63 -21.68 -17.84
CA ALA G 212 1.45 -22.22 -16.50
C ALA G 212 1.83 -23.70 -16.37
N ALA G 213 1.83 -24.42 -17.50
CA ALA G 213 2.13 -25.85 -17.51
C ALA G 213 3.53 -26.14 -16.96
N LYS G 214 4.51 -25.36 -17.42
CA LYS G 214 5.88 -25.46 -16.93
C LYS G 214 6.11 -24.59 -15.68
N ALA G 215 5.61 -23.35 -15.74
CA ALA G 215 5.96 -22.35 -14.74
C ALA G 215 5.50 -22.65 -13.31
N VAL G 216 4.37 -23.33 -13.19
CA VAL G 216 3.79 -23.57 -11.87
C VAL G 216 4.70 -24.45 -11.02
N GLY G 217 5.44 -25.36 -11.68
CA GLY G 217 6.41 -26.21 -10.99
C GLY G 217 7.65 -25.47 -10.47
N LYS G 218 7.98 -24.35 -11.10
CA LYS G 218 9.07 -23.49 -10.67
C LYS G 218 8.67 -22.64 -9.48
N VAL G 219 7.49 -22.01 -9.57
CA VAL G 219 7.07 -21.06 -8.55
C VAL G 219 6.59 -21.78 -7.31
N ILE G 220 6.13 -23.02 -7.46
CA ILE G 220 5.81 -23.88 -6.33
C ILE G 220 6.54 -25.21 -6.55
N PRO G 221 7.80 -25.31 -6.08
CA PRO G 221 8.61 -26.53 -6.25
C PRO G 221 7.91 -27.80 -5.75
N GLU G 222 7.22 -27.71 -4.62
CA GLU G 222 6.47 -28.85 -4.05
C GLU G 222 5.46 -29.48 -5.03
N LEU G 223 5.05 -28.75 -6.06
CA LEU G 223 4.06 -29.26 -7.02
C LEU G 223 4.62 -29.67 -8.39
N ASN G 224 5.96 -29.62 -8.52
CA ASN G 224 6.59 -29.94 -9.81
C ASN G 224 6.39 -31.40 -10.14
N GLY G 225 5.86 -31.67 -11.32
CA GLY G 225 5.54 -33.01 -11.76
C GLY G 225 4.16 -33.47 -11.33
N LYS G 226 3.49 -32.70 -10.47
CA LYS G 226 2.20 -33.09 -9.92
C LYS G 226 1.04 -32.30 -10.51
N LEU G 227 1.34 -31.28 -11.29
CA LEU G 227 0.33 -30.35 -11.77
C LEU G 227 0.75 -29.77 -13.11
N THR G 228 -0.05 -30.01 -14.14
CA THR G 228 0.17 -29.38 -15.44
C THR G 228 -1.17 -29.12 -16.12
N GLY G 229 -1.15 -28.67 -17.36
CA GLY G 229 -2.39 -28.35 -18.06
C GLY G 229 -2.24 -27.83 -19.46
N MET G 230 -3.31 -27.21 -19.96
CA MET G 230 -3.39 -26.75 -21.33
C MET G 230 -4.43 -25.64 -21.40
N ALA G 231 -4.59 -25.09 -22.58
CA ALA G 231 -5.46 -23.99 -22.83
C ALA G 231 -6.37 -24.28 -24.03
N PHE G 232 -7.52 -23.62 -24.02
CA PHE G 232 -8.32 -23.45 -25.20
C PHE G 232 -8.49 -21.95 -25.40
N ARG G 233 -8.02 -21.45 -26.54
CA ARG G 233 -8.23 -20.07 -26.92
C ARG G 233 -9.64 -19.95 -27.48
N VAL G 234 -10.42 -19.00 -26.98
CA VAL G 234 -11.82 -18.88 -27.42
C VAL G 234 -12.15 -17.42 -27.78
N PRO G 235 -13.28 -17.19 -28.46
CA PRO G 235 -13.55 -15.84 -28.99
C PRO G 235 -14.06 -14.80 -28.00
N VAL G 236 -13.30 -14.47 -26.97
CA VAL G 236 -13.46 -13.23 -26.23
C VAL G 236 -12.14 -12.47 -26.28
N PRO G 237 -12.20 -11.13 -26.32
CA PRO G 237 -11.01 -10.29 -26.49
C PRO G 237 -10.09 -10.16 -25.25
N ASP G 238 -10.63 -10.51 -24.10
CA ASP G 238 -9.91 -10.45 -22.84
C ASP G 238 -10.74 -11.17 -21.77
N VAL G 239 -10.07 -11.55 -20.71
CA VAL G 239 -10.62 -12.28 -19.58
C VAL G 239 -10.59 -13.77 -19.88
N SER G 240 -10.02 -14.49 -18.94
CA SER G 240 -9.82 -15.92 -19.03
C SER G 240 -10.25 -16.59 -17.71
N VAL G 241 -10.25 -17.91 -17.70
CA VAL G 241 -10.71 -18.63 -16.54
C VAL G 241 -10.04 -20.01 -16.43
N VAL G 242 -9.54 -20.28 -15.22
CA VAL G 242 -8.88 -21.55 -14.91
C VAL G 242 -9.88 -22.54 -14.34
N ASP G 243 -9.71 -23.78 -14.75
CA ASP G 243 -10.51 -24.92 -14.37
C ASP G 243 -9.50 -25.93 -13.85
N LEU G 244 -9.34 -25.97 -12.52
CA LEU G 244 -8.33 -26.80 -11.86
C LEU G 244 -8.95 -28.06 -11.26
N THR G 245 -8.53 -29.23 -11.74
CA THR G 245 -9.07 -30.49 -11.25
C THR G 245 -7.94 -31.24 -10.53
N CYS G 246 -8.13 -31.51 -9.24
CA CYS G 246 -7.10 -32.22 -8.48
C CYS G 246 -7.63 -33.17 -7.41
N ARG G 247 -6.83 -34.20 -7.15
CA ARG G 247 -7.03 -35.09 -6.03
C ARG G 247 -6.29 -34.53 -4.84
N LEU G 248 -6.90 -34.61 -3.66
CA LEU G 248 -6.37 -34.03 -2.44
C LEU G 248 -5.86 -35.10 -1.49
N LYS G 249 -4.89 -34.76 -0.65
CA LYS G 249 -4.38 -35.69 0.37
C LYS G 249 -5.34 -35.76 1.54
N LYS G 250 -5.64 -34.58 2.10
CA LYS G 250 -6.50 -34.47 3.26
C LYS G 250 -7.94 -34.36 2.80
N PRO G 251 -8.81 -35.31 3.20
CA PRO G 251 -10.22 -35.18 2.82
C PRO G 251 -10.86 -33.94 3.39
N THR G 252 -11.76 -33.35 2.63
CA THR G 252 -12.34 -32.05 2.96
C THR G 252 -13.73 -31.93 2.37
N SER G 253 -14.35 -30.77 2.56
CA SER G 253 -15.65 -30.47 2.01
C SER G 253 -15.55 -29.18 1.23
N TYR G 254 -16.51 -28.94 0.35
CA TYR G 254 -16.51 -27.71 -0.41
C TYR G 254 -16.65 -26.46 0.48
N GLU G 255 -17.39 -26.55 1.57
CA GLU G 255 -17.57 -25.41 2.48
C GLU G 255 -16.26 -24.96 3.09
N GLU G 256 -15.41 -25.92 3.47
CA GLU G 256 -14.10 -25.61 4.04
C GLU G 256 -13.14 -25.05 2.99
N ILE G 257 -13.22 -25.55 1.75
CA ILE G 257 -12.44 -24.98 0.65
C ILE G 257 -12.80 -23.50 0.48
N LYS G 258 -14.08 -23.18 0.49
CA LYS G 258 -14.53 -21.80 0.37
C LYS G 258 -13.99 -20.94 1.50
N LYS G 259 -14.06 -21.48 2.70
CA LYS G 259 -13.65 -20.77 3.90
C LYS G 259 -12.18 -20.40 3.88
N VAL G 260 -11.31 -21.34 3.48
CA VAL G 260 -9.88 -21.04 3.44
C VAL G 260 -9.55 -20.05 2.30
N VAL G 261 -10.18 -20.21 1.15
CA VAL G 261 -9.91 -19.32 0.02
C VAL G 261 -10.39 -17.91 0.35
N LYS G 262 -11.59 -17.81 0.91
CA LYS G 262 -12.14 -16.53 1.32
C LYS G 262 -11.24 -15.84 2.34
N LYS G 263 -10.74 -16.60 3.30
CA LYS G 263 -9.89 -16.05 4.35
C LYS G 263 -8.58 -15.57 3.77
N ALA G 264 -8.01 -16.34 2.85
CA ALA G 264 -6.78 -15.94 2.17
C ALA G 264 -7.00 -14.66 1.38
N SER G 265 -8.16 -14.53 0.75
CA SER G 265 -8.50 -13.32 -0.03
C SER G 265 -8.61 -12.07 0.83
N GLU G 266 -8.89 -12.23 2.13
CA GLU G 266 -9.03 -11.10 3.04
C GLU G 266 -7.76 -10.79 3.82
N THR G 267 -6.77 -11.69 3.78
CA THR G 267 -5.56 -11.55 4.57
C THR G 267 -4.29 -11.62 3.73
N ASP G 268 -3.65 -12.79 3.69
CA ASP G 268 -2.30 -12.93 3.13
C ASP G 268 -2.21 -12.74 1.61
N LEU G 269 -3.27 -13.12 0.90
CA LEU G 269 -3.31 -12.96 -0.55
C LEU G 269 -4.17 -11.78 -0.99
N LYS G 270 -4.47 -10.85 -0.06
CA LYS G 270 -5.36 -9.73 -0.37
C LYS G 270 -4.82 -8.91 -1.55
N GLY G 271 -5.70 -8.61 -2.50
CA GLY G 271 -5.33 -7.88 -3.71
C GLY G 271 -4.93 -8.81 -4.85
N PHE G 272 -4.51 -10.04 -4.53
CA PHE G 272 -4.07 -11.00 -5.55
C PHE G 272 -5.16 -12.03 -5.80
N LEU G 273 -5.62 -12.68 -4.74
CA LEU G 273 -6.68 -13.65 -4.80
C LEU G 273 -7.96 -13.01 -4.24
N ALA G 274 -9.02 -13.05 -5.05
CA ALA G 274 -10.33 -12.55 -4.65
C ALA G 274 -11.27 -13.72 -4.57
N TYR G 275 -12.43 -13.48 -3.97
CA TYR G 275 -13.43 -14.51 -3.76
C TYR G 275 -14.78 -13.91 -4.07
N THR G 276 -15.58 -14.59 -4.90
CA THR G 276 -16.94 -14.15 -5.17
C THR G 276 -17.88 -15.33 -5.09
N GLU G 277 -19.13 -15.04 -4.71
CA GLU G 277 -20.24 -15.98 -4.74
C GLU G 277 -21.34 -15.54 -5.68
N ASP G 278 -21.06 -14.53 -6.50
CA ASP G 278 -22.04 -14.00 -7.43
C ASP G 278 -22.02 -14.78 -8.72
N GLN G 279 -23.07 -14.60 -9.50
CA GLN G 279 -23.30 -15.36 -10.72
C GLN G 279 -22.68 -14.64 -11.91
N VAL G 280 -21.35 -14.67 -11.91
CA VAL G 280 -20.54 -13.82 -12.78
C VAL G 280 -20.27 -14.49 -14.12
N VAL G 281 -19.91 -13.67 -15.09
CA VAL G 281 -19.47 -14.12 -16.39
C VAL G 281 -18.23 -13.34 -16.75
N SER G 282 -17.59 -13.69 -17.85
CA SER G 282 -16.25 -13.15 -18.16
C SER G 282 -16.20 -11.62 -18.24
N SER G 283 -17.20 -11.00 -18.86
CA SER G 283 -17.18 -9.55 -19.01
C SER G 283 -17.24 -8.81 -17.66
N ASP G 284 -17.62 -9.51 -16.61
CA ASP G 284 -17.60 -8.91 -15.27
C ASP G 284 -16.19 -8.67 -14.74
N PHE G 285 -15.17 -9.18 -15.41
CA PHE G 285 -13.80 -8.99 -14.95
C PHE G 285 -12.95 -8.13 -15.89
N ILE G 286 -13.58 -7.51 -16.88
CA ILE G 286 -12.87 -6.56 -17.73
C ILE G 286 -12.35 -5.43 -16.84
N SER G 287 -11.03 -5.28 -16.82
CA SER G 287 -10.29 -4.27 -16.02
C SER G 287 -10.26 -4.57 -14.54
N ASP G 288 -10.46 -5.83 -14.16
CA ASP G 288 -10.24 -6.26 -12.79
C ASP G 288 -8.73 -6.33 -12.53
N THR G 289 -8.32 -6.00 -11.32
CA THR G 289 -6.89 -5.90 -10.99
C THR G 289 -6.33 -7.17 -10.32
N HIS G 290 -7.17 -8.17 -10.07
CA HIS G 290 -6.71 -9.35 -9.34
C HIS G 290 -6.02 -10.36 -10.22
N SER G 291 -5.21 -11.21 -9.60
CA SER G 291 -4.56 -12.29 -10.32
C SER G 291 -5.51 -13.48 -10.48
N SER G 292 -6.45 -13.63 -9.56
CA SER G 292 -7.22 -14.84 -9.44
C SER G 292 -8.50 -14.53 -8.69
N VAL G 293 -9.65 -14.74 -9.33
CA VAL G 293 -10.93 -14.56 -8.64
C VAL G 293 -11.68 -15.89 -8.58
N PHE G 294 -11.68 -16.47 -7.40
CA PHE G 294 -12.34 -17.75 -7.15
C PHE G 294 -13.85 -17.63 -7.30
N ASP G 295 -14.44 -18.50 -8.10
CA ASP G 295 -15.88 -18.53 -8.37
C ASP G 295 -16.47 -19.65 -7.53
N ALA G 296 -17.03 -19.31 -6.38
CA ALA G 296 -17.54 -20.32 -5.44
C ALA G 296 -18.62 -21.22 -6.06
N LEU G 297 -19.60 -20.60 -6.71
CA LEU G 297 -20.74 -21.33 -7.27
C LEU G 297 -20.39 -22.28 -8.41
N ALA G 298 -19.31 -21.98 -9.14
CA ALA G 298 -18.95 -22.77 -10.32
C ALA G 298 -18.19 -24.06 -9.99
N GLY G 299 -17.67 -24.16 -8.78
CA GLY G 299 -16.88 -25.33 -8.40
C GLY G 299 -17.71 -26.59 -8.24
N ILE G 300 -17.04 -27.73 -8.30
CA ILE G 300 -17.69 -29.02 -8.09
C ILE G 300 -16.82 -29.89 -7.21
N GLN G 301 -17.43 -30.53 -6.22
CA GLN G 301 -16.78 -31.54 -5.41
C GLN G 301 -17.38 -32.89 -5.73
N LEU G 302 -16.59 -33.78 -6.31
CA LEU G 302 -17.07 -35.13 -6.63
C LEU G 302 -17.19 -35.94 -5.35
N ASN G 303 -16.11 -35.95 -4.57
CA ASN G 303 -16.04 -36.66 -3.30
C ASN G 303 -15.05 -35.90 -2.40
N PRO G 304 -14.88 -36.34 -1.14
CA PRO G 304 -14.02 -35.55 -0.24
C PRO G 304 -12.57 -35.27 -0.68
N THR G 305 -12.07 -35.99 -1.69
CA THR G 305 -10.68 -35.84 -2.12
C THR G 305 -10.54 -35.54 -3.61
N PHE G 306 -11.62 -35.15 -4.27
CA PHE G 306 -11.59 -34.90 -5.72
C PHE G 306 -12.50 -33.73 -6.09
N VAL G 307 -11.88 -32.64 -6.56
CA VAL G 307 -12.58 -31.37 -6.71
C VAL G 307 -12.19 -30.65 -7.99
N LYS G 308 -13.09 -29.80 -8.49
CA LYS G 308 -12.80 -28.91 -9.61
C LYS G 308 -13.01 -27.47 -9.16
N LEU G 309 -11.95 -26.67 -9.22
CA LEU G 309 -12.03 -25.27 -8.82
C LEU G 309 -11.92 -24.34 -10.02
N VAL G 310 -12.56 -23.17 -9.89
CA VAL G 310 -12.75 -22.25 -10.99
C VAL G 310 -12.32 -20.85 -10.57
N SER G 311 -11.48 -20.21 -11.37
CA SER G 311 -10.94 -18.90 -11.02
C SER G 311 -10.74 -18.04 -12.26
N TRP G 312 -11.28 -16.82 -12.20
CA TRP G 312 -11.24 -15.88 -13.30
C TRP G 312 -10.00 -15.02 -13.23
N TYR G 313 -9.58 -14.50 -14.37
CA TYR G 313 -8.53 -13.50 -14.42
C TYR G 313 -8.62 -12.68 -15.69
N ASP G 314 -8.47 -11.38 -15.50
CA ASP G 314 -8.27 -10.47 -16.58
C ASP G 314 -6.82 -10.65 -16.99
N ASN G 315 -6.61 -11.42 -18.06
CA ASN G 315 -5.28 -11.81 -18.48
C ASN G 315 -4.41 -10.61 -18.86
N GLU G 316 -5.02 -9.52 -19.29
CA GLU G 316 -4.27 -8.29 -19.60
C GLU G 316 -3.99 -7.44 -18.37
N TYR G 317 -5.06 -7.11 -17.66
CA TYR G 317 -5.01 -6.05 -16.64
C TYR G 317 -4.47 -6.54 -15.30
N GLY G 318 -4.85 -7.74 -14.90
CA GLY G 318 -4.40 -8.32 -13.64
C GLY G 318 -2.90 -8.54 -13.68
N TYR G 319 -2.44 -9.15 -14.77
CA TYR G 319 -1.03 -9.39 -14.97
C TYR G 319 -0.24 -8.07 -15.00
N SER G 320 -0.78 -7.05 -15.64
CA SER G 320 -0.11 -5.77 -15.72
C SER G 320 0.07 -5.14 -14.34
N HIS G 321 -0.98 -5.19 -13.54
CA HIS G 321 -0.90 -4.73 -12.15
C HIS G 321 0.11 -5.53 -11.32
N ARG G 322 0.23 -6.83 -11.60
CA ARG G 322 1.22 -7.66 -10.92
C ARG G 322 2.65 -7.27 -11.31
N VAL G 323 2.86 -6.87 -12.56
CA VAL G 323 4.19 -6.42 -12.95
C VAL G 323 4.61 -5.22 -12.11
N VAL G 324 3.65 -4.33 -11.86
CA VAL G 324 3.92 -3.13 -11.07
C VAL G 324 4.14 -3.50 -9.60
N ASP G 325 3.31 -4.39 -9.05
CA ASP G 325 3.51 -4.83 -7.66
C ASP G 325 4.87 -5.50 -7.50
N LEU G 326 5.33 -6.23 -8.52
CA LEU G 326 6.61 -6.91 -8.43
C LEU G 326 7.73 -5.88 -8.43
N ILE G 327 7.58 -4.80 -9.20
CA ILE G 327 8.57 -3.75 -9.20
C ILE G 327 8.64 -3.11 -7.81
N GLU G 328 7.50 -2.70 -7.27
CA GLU G 328 7.45 -2.05 -5.95
C GLU G 328 8.01 -2.96 -4.85
N TYR G 329 7.67 -4.24 -4.92
CA TYR G 329 8.24 -5.21 -3.98
C TYR G 329 9.77 -5.30 -4.12
N MET G 330 10.27 -5.36 -5.34
CA MET G 330 11.72 -5.40 -5.55
C MET G 330 12.42 -4.12 -5.12
N ALA G 331 11.78 -2.97 -5.30
CA ALA G 331 12.41 -1.70 -4.96
C ALA G 331 12.57 -1.53 -3.45
N THR G 332 11.71 -2.14 -2.63
CA THR G 332 11.79 -1.99 -1.19
C THR G 332 12.85 -2.93 -0.58
N LYS G 333 14.08 -2.89 -1.08
CA LYS G 333 15.18 -3.66 -0.54
C LYS G 333 16.33 -2.69 -0.30
N VAL H 2 -39.60 -46.68 -42.72
CA VAL H 2 -39.62 -46.03 -41.34
C VAL H 2 -40.01 -44.56 -41.41
N LYS H 3 -41.26 -44.27 -41.03
CA LYS H 3 -41.87 -42.97 -41.21
C LYS H 3 -41.80 -42.12 -39.96
N VAL H 4 -41.34 -40.88 -40.08
CA VAL H 4 -41.02 -40.01 -38.94
C VAL H 4 -41.81 -38.70 -38.94
N GLY H 5 -42.23 -38.29 -37.74
CA GLY H 5 -42.82 -37.00 -37.52
C GLY H 5 -41.91 -36.18 -36.64
N ILE H 6 -41.87 -34.87 -36.89
CA ILE H 6 -41.08 -33.95 -36.08
C ILE H 6 -41.95 -32.91 -35.40
N ASN H 7 -41.85 -32.83 -34.08
CA ASN H 7 -42.53 -31.79 -33.33
C ASN H 7 -41.54 -30.73 -32.89
N GLY H 8 -41.71 -29.53 -33.39
CA GLY H 8 -40.82 -28.40 -33.16
C GLY H 8 -39.77 -28.34 -34.27
N PHE H 9 -39.84 -27.33 -35.11
CA PHE H 9 -38.95 -27.19 -36.24
C PHE H 9 -37.81 -26.22 -35.91
N GLY H 10 -37.10 -26.51 -34.83
CA GLY H 10 -36.07 -25.62 -34.28
C GLY H 10 -34.72 -26.08 -34.78
N ARG H 11 -33.66 -25.77 -34.04
CA ARG H 11 -32.33 -26.16 -34.54
C ARG H 11 -32.31 -27.65 -34.72
N ILE H 12 -32.71 -28.39 -33.69
CA ILE H 12 -32.62 -29.83 -33.69
C ILE H 12 -33.64 -30.45 -34.64
N GLY H 13 -34.87 -29.98 -34.58
CA GLY H 13 -35.88 -30.44 -35.51
C GLY H 13 -35.51 -30.31 -36.97
N ARG H 14 -34.97 -29.15 -37.35
CA ARG H 14 -34.56 -28.92 -38.76
C ARG H 14 -33.36 -29.70 -39.17
N LEU H 15 -32.42 -29.88 -38.26
CA LEU H 15 -31.21 -30.64 -38.57
C LEU H 15 -31.44 -32.14 -38.48
N VAL H 16 -32.42 -32.58 -37.70
CA VAL H 16 -32.89 -33.98 -37.79
C VAL H 16 -33.44 -34.22 -39.19
N MET H 17 -34.24 -33.26 -39.67
CA MET H 17 -34.76 -33.31 -41.02
C MET H 17 -33.62 -33.44 -42.04
N ARG H 18 -32.63 -32.55 -41.96
CA ARG H 18 -31.46 -32.62 -42.86
C ARG H 18 -30.73 -33.92 -42.77
N ALA H 19 -30.46 -34.38 -41.56
CA ALA H 19 -29.74 -35.65 -41.37
C ALA H 19 -30.53 -36.83 -41.89
N SER H 20 -31.86 -36.81 -41.75
CA SER H 20 -32.69 -37.92 -42.21
C SER H 20 -32.51 -38.20 -43.69
N LEU H 21 -32.19 -37.17 -44.46
CA LEU H 21 -31.98 -37.31 -45.91
C LEU H 21 -30.73 -38.10 -46.29
N GLU H 22 -29.82 -38.30 -45.34
CA GLU H 22 -28.64 -39.18 -45.55
C GLU H 22 -28.90 -40.62 -45.10
N HIS H 23 -30.07 -40.87 -44.56
CA HIS H 23 -30.49 -42.21 -44.15
C HIS H 23 -31.62 -42.63 -45.06
N PRO H 24 -31.30 -43.49 -46.07
CA PRO H 24 -32.31 -43.84 -47.09
C PRO H 24 -33.54 -44.60 -46.59
N GLU H 25 -33.44 -45.26 -45.43
CA GLU H 25 -34.58 -46.00 -44.86
C GLU H 25 -35.59 -45.10 -44.18
N VAL H 26 -35.11 -43.98 -43.60
CA VAL H 26 -35.97 -43.05 -42.89
C VAL H 26 -36.55 -41.99 -43.81
N GLN H 27 -37.86 -41.75 -43.65
CA GLN H 27 -38.59 -40.75 -44.39
C GLN H 27 -39.44 -39.90 -43.43
N VAL H 28 -39.13 -38.62 -43.35
CA VAL H 28 -39.92 -37.70 -42.53
C VAL H 28 -41.18 -37.40 -43.33
N VAL H 29 -42.35 -37.67 -42.73
CA VAL H 29 -43.62 -37.49 -43.42
C VAL H 29 -44.43 -36.29 -42.88
N ALA H 30 -44.06 -35.77 -41.71
CA ALA H 30 -44.86 -34.73 -41.07
C ALA H 30 -44.06 -33.87 -40.10
N VAL H 31 -44.41 -32.59 -40.04
CA VAL H 31 -43.76 -31.68 -39.11
C VAL H 31 -44.83 -30.82 -38.46
N ASN H 32 -44.70 -30.59 -37.14
CA ASN H 32 -45.60 -29.71 -36.42
C ASN H 32 -44.82 -28.59 -35.77
N ASP H 33 -45.25 -27.36 -36.02
CA ASP H 33 -44.76 -26.20 -35.28
C ASP H 33 -45.79 -25.07 -35.40
N PRO H 34 -46.39 -24.66 -34.28
CA PRO H 34 -47.41 -23.60 -34.38
C PRO H 34 -46.85 -22.19 -34.50
N PHE H 35 -45.52 -22.02 -34.43
CA PHE H 35 -44.90 -20.72 -34.54
C PHE H 35 -44.16 -20.50 -35.84
N ILE H 36 -44.25 -21.46 -36.76
CA ILE H 36 -43.53 -21.37 -38.04
C ILE H 36 -44.47 -21.94 -39.09
N ASP H 37 -45.13 -21.07 -39.86
CA ASP H 37 -46.08 -21.52 -40.88
C ASP H 37 -45.30 -22.14 -42.05
N LEU H 38 -46.02 -22.63 -43.06
CA LEU H 38 -45.47 -23.45 -44.11
C LEU H 38 -44.37 -22.78 -44.94
N GLU H 39 -44.61 -21.55 -45.38
CA GLU H 39 -43.65 -20.88 -46.26
C GLU H 39 -42.38 -20.51 -45.50
N TYR H 40 -42.56 -20.23 -44.20
CA TYR H 40 -41.48 -19.88 -43.35
C TYR H 40 -40.63 -21.12 -43.02
N MET H 41 -41.27 -22.28 -42.91
CA MET H 41 -40.56 -23.53 -42.74
C MET H 41 -39.60 -23.79 -43.91
N GLU H 42 -40.05 -23.47 -45.12
CA GLU H 42 -39.20 -23.65 -46.30
C GLU H 42 -37.97 -22.76 -46.19
N TYR H 43 -38.17 -21.50 -45.88
CA TYR H 43 -37.09 -20.54 -45.72
C TYR H 43 -36.07 -20.98 -44.68
N MET H 44 -36.56 -21.33 -43.49
CA MET H 44 -35.71 -21.73 -42.38
C MET H 44 -34.96 -23.02 -42.67
N PHE H 45 -35.56 -23.91 -43.48
CA PHE H 45 -34.88 -25.16 -43.84
C PHE H 45 -33.79 -24.93 -44.90
N LYS H 46 -34.08 -24.01 -45.82
CA LYS H 46 -33.31 -23.75 -47.01
C LYS H 46 -32.02 -22.97 -46.70
N TYR H 47 -32.10 -21.99 -45.79
CA TYR H 47 -30.93 -21.25 -45.36
C TYR H 47 -30.59 -21.58 -43.92
N ASP H 48 -29.31 -21.80 -43.65
CA ASP H 48 -28.84 -22.05 -42.30
C ASP H 48 -27.51 -21.32 -42.12
N SER H 49 -27.42 -20.47 -41.11
CA SER H 49 -26.20 -19.68 -40.91
C SER H 49 -24.97 -20.55 -40.62
N THR H 50 -25.19 -21.69 -39.98
CA THR H 50 -24.10 -22.53 -39.53
C THR H 50 -23.76 -23.65 -40.51
N HIS H 51 -24.78 -24.28 -41.08
CA HIS H 51 -24.58 -25.42 -41.94
C HIS H 51 -24.73 -25.12 -43.42
N GLY H 52 -24.96 -23.86 -43.78
CA GLY H 52 -25.04 -23.47 -45.19
C GLY H 52 -26.35 -23.82 -45.84
N ARG H 53 -26.47 -23.49 -47.11
CA ARG H 53 -27.72 -23.69 -47.83
C ARG H 53 -27.97 -25.16 -48.00
N PHE H 54 -29.24 -25.55 -47.92
CA PHE H 54 -29.67 -26.89 -48.26
C PHE H 54 -29.34 -27.15 -49.73
N LYS H 55 -28.77 -28.32 -50.01
CA LYS H 55 -28.25 -28.62 -51.36
C LYS H 55 -29.28 -29.26 -52.29
N GLY H 56 -30.36 -29.81 -51.72
CA GLY H 56 -31.43 -30.41 -52.51
C GLY H 56 -32.47 -29.40 -52.97
N THR H 57 -33.64 -29.88 -53.35
CA THR H 57 -34.71 -28.99 -53.82
C THR H 57 -35.77 -28.78 -52.75
N THR H 58 -36.41 -27.64 -52.78
CA THR H 58 -37.51 -27.35 -51.86
C THR H 58 -38.64 -26.63 -52.57
N GLU H 59 -39.86 -26.85 -52.08
CA GLU H 59 -41.02 -26.23 -52.68
C GLU H 59 -42.18 -26.27 -51.70
N VAL H 60 -43.04 -25.27 -51.79
CA VAL H 60 -44.31 -25.27 -51.09
C VAL H 60 -45.39 -25.55 -52.13
N LYS H 61 -46.21 -26.57 -51.88
CA LYS H 61 -47.19 -27.00 -52.87
C LYS H 61 -48.36 -27.71 -52.22
N ASP H 62 -49.57 -27.32 -52.61
CA ASP H 62 -50.81 -27.93 -52.11
C ASP H 62 -50.81 -28.07 -50.60
N GLY H 63 -50.35 -27.02 -49.89
CA GLY H 63 -50.31 -27.01 -48.44
C GLY H 63 -49.30 -27.98 -47.81
N LYS H 64 -48.30 -28.40 -48.60
CA LYS H 64 -47.29 -29.33 -48.12
C LYS H 64 -45.88 -28.85 -48.45
N LEU H 65 -44.93 -29.22 -47.59
CA LEU H 65 -43.53 -28.91 -47.76
C LEU H 65 -42.88 -30.02 -48.55
N VAL H 66 -42.37 -29.71 -49.74
CA VAL H 66 -41.83 -30.75 -50.62
C VAL H 66 -40.32 -30.64 -50.65
N ILE H 67 -39.65 -31.67 -50.11
CA ILE H 67 -38.20 -31.72 -49.99
C ILE H 67 -37.64 -32.93 -50.76
N ASN H 68 -36.87 -32.64 -51.81
CA ASN H 68 -36.38 -33.65 -52.74
C ASN H 68 -37.53 -34.50 -53.28
N GLY H 69 -38.60 -33.83 -53.73
CA GLY H 69 -39.76 -34.51 -54.32
C GLY H 69 -40.73 -35.18 -53.35
N ASN H 70 -40.31 -35.37 -52.11
CA ASN H 70 -41.16 -35.96 -51.08
C ASN H 70 -42.05 -34.90 -50.42
N PRO H 71 -43.39 -35.04 -50.55
CA PRO H 71 -44.28 -34.10 -49.84
C PRO H 71 -44.33 -34.38 -48.33
N ILE H 72 -44.29 -33.33 -47.53
CA ILE H 72 -44.34 -33.44 -46.07
C ILE H 72 -45.53 -32.65 -45.57
N SER H 73 -46.34 -33.29 -44.74
CA SER H 73 -47.49 -32.65 -44.15
C SER H 73 -47.03 -31.72 -43.01
N VAL H 74 -47.62 -30.53 -42.96
CA VAL H 74 -47.22 -29.51 -42.00
C VAL H 74 -48.38 -29.07 -41.14
N TYR H 75 -48.19 -29.07 -39.82
CA TYR H 75 -49.24 -28.71 -38.89
C TYR H 75 -48.81 -27.59 -37.99
N ALA H 76 -49.80 -26.88 -37.46
CA ALA H 76 -49.60 -25.71 -36.61
C ALA H 76 -50.39 -25.81 -35.32
N LEU H 77 -50.25 -26.94 -34.62
CA LEU H 77 -51.02 -27.23 -33.42
C LEU H 77 -50.16 -27.11 -32.14
N LYS H 78 -50.72 -26.51 -31.10
CA LYS H 78 -50.00 -26.29 -29.84
C LYS H 78 -50.00 -27.50 -28.90
N ASP H 79 -51.13 -28.17 -28.81
CA ASP H 79 -51.29 -29.33 -27.93
C ASP H 79 -50.87 -30.60 -28.72
N PRO H 80 -49.77 -31.25 -28.30
CA PRO H 80 -49.27 -32.40 -29.07
C PRO H 80 -50.26 -33.57 -29.17
N ALA H 81 -51.21 -33.65 -28.23
CA ALA H 81 -52.25 -34.66 -28.27
C ALA H 81 -53.16 -34.54 -29.52
N ALA H 82 -53.18 -33.35 -30.13
CA ALA H 82 -54.07 -33.06 -31.24
C ALA H 82 -53.40 -33.24 -32.62
N ILE H 83 -52.10 -33.47 -32.65
CA ILE H 83 -51.40 -33.65 -33.91
C ILE H 83 -51.76 -35.03 -34.47
N PRO H 84 -52.30 -35.08 -35.70
CA PRO H 84 -52.80 -36.33 -36.27
C PRO H 84 -51.68 -37.09 -36.99
N TRP H 85 -50.76 -37.62 -36.20
CA TRP H 85 -49.61 -38.32 -36.74
C TRP H 85 -50.04 -39.52 -37.58
N LYS H 86 -50.97 -40.31 -37.06
CA LYS H 86 -51.45 -41.53 -37.74
C LYS H 86 -52.03 -41.22 -39.11
N GLU H 87 -52.78 -40.11 -39.24
CA GLU H 87 -53.22 -39.64 -40.56
C GLU H 87 -51.90 -39.15 -41.10
N ALA H 88 -51.54 -39.49 -42.32
CA ALA H 88 -50.24 -39.01 -42.82
C ALA H 88 -49.04 -39.89 -42.41
N GLY H 89 -49.18 -40.84 -41.50
CA GLY H 89 -48.30 -42.02 -41.52
C GLY H 89 -47.06 -41.95 -40.63
N ALA H 90 -47.02 -41.00 -39.71
CA ALA H 90 -45.84 -40.81 -38.83
C ALA H 90 -45.80 -41.82 -37.68
N ASP H 91 -45.03 -42.90 -37.84
CA ASP H 91 -44.83 -43.92 -36.81
C ASP H 91 -44.03 -43.41 -35.63
N PHE H 92 -42.86 -42.83 -35.92
CA PHE H 92 -41.94 -42.37 -34.90
C PHE H 92 -41.99 -40.86 -34.85
N VAL H 93 -42.09 -40.29 -33.65
CA VAL H 93 -42.14 -38.84 -33.52
C VAL H 93 -40.96 -38.29 -32.71
N VAL H 94 -40.22 -37.37 -33.32
CA VAL H 94 -39.12 -36.71 -32.63
C VAL H 94 -39.71 -35.51 -31.89
N GLU H 95 -39.71 -35.58 -30.56
CA GLU H 95 -40.21 -34.47 -29.74
C GLU H 95 -39.05 -33.50 -29.42
N SER H 96 -38.99 -32.40 -30.17
CA SER H 96 -37.84 -31.51 -30.13
C SER H 96 -38.20 -30.06 -29.84
N THR H 97 -39.27 -29.84 -29.07
CA THR H 97 -39.69 -28.47 -28.73
C THR H 97 -39.02 -27.96 -27.46
N GLY H 98 -38.57 -28.87 -26.62
CA GLY H 98 -37.97 -28.50 -25.35
C GLY H 98 -38.93 -28.42 -24.18
N VAL H 99 -40.23 -28.57 -24.42
CA VAL H 99 -41.23 -28.35 -23.36
C VAL H 99 -42.10 -29.57 -23.01
N PHE H 100 -41.86 -30.70 -23.66
CA PHE H 100 -42.60 -31.95 -23.38
C PHE H 100 -41.62 -33.08 -23.09
N THR H 101 -40.73 -32.86 -22.12
CA THR H 101 -39.60 -33.77 -21.87
C THR H 101 -39.86 -34.89 -20.86
N THR H 102 -40.96 -34.83 -20.13
CA THR H 102 -41.34 -35.91 -19.22
C THR H 102 -42.11 -36.95 -19.99
N THR H 103 -42.19 -38.14 -19.43
CA THR H 103 -42.92 -39.23 -20.07
C THR H 103 -44.40 -38.85 -20.19
N GLU H 104 -44.98 -38.24 -19.16
CA GLU H 104 -46.41 -37.89 -19.21
C GLU H 104 -46.69 -36.94 -20.37
N LYS H 105 -45.88 -35.92 -20.52
CA LYS H 105 -46.12 -34.91 -21.54
C LYS H 105 -45.83 -35.43 -22.94
N ALA H 106 -44.65 -36.03 -23.13
CA ALA H 106 -44.28 -36.62 -24.42
C ALA H 106 -45.27 -37.70 -24.86
N SER H 107 -45.83 -38.44 -23.91
CA SER H 107 -46.85 -39.48 -24.24
C SER H 107 -48.07 -38.96 -24.99
N ALA H 108 -48.32 -37.65 -24.94
CA ALA H 108 -49.43 -37.05 -25.69
C ALA H 108 -49.38 -37.38 -27.20
N HIS H 109 -48.18 -37.48 -27.77
CA HIS H 109 -48.07 -37.88 -29.19
C HIS H 109 -48.59 -39.29 -29.47
N LEU H 110 -48.64 -40.15 -28.47
CA LEU H 110 -49.32 -41.46 -28.61
C LEU H 110 -50.81 -41.32 -28.90
N HIS H 111 -51.48 -40.30 -28.34
CA HIS H 111 -52.92 -40.09 -28.63
C HIS H 111 -53.17 -39.84 -30.12
N GLY H 112 -52.24 -39.16 -30.80
CA GLY H 112 -52.34 -38.94 -32.23
C GLY H 112 -51.94 -40.10 -33.12
N GLY H 113 -51.55 -41.21 -32.51
CA GLY H 113 -51.24 -42.44 -33.26
C GLY H 113 -49.79 -42.65 -33.61
N ALA H 114 -48.89 -41.98 -32.90
CA ALA H 114 -47.48 -42.29 -32.97
C ALA H 114 -47.28 -43.60 -32.20
N LYS H 115 -46.43 -44.47 -32.74
CA LYS H 115 -46.04 -45.70 -32.04
C LYS H 115 -44.98 -45.42 -30.97
N LYS H 116 -43.99 -44.58 -31.33
CA LYS H 116 -42.87 -44.31 -30.44
C LYS H 116 -42.52 -42.83 -30.45
N VAL H 117 -42.09 -42.33 -29.31
CA VAL H 117 -41.67 -40.94 -29.19
C VAL H 117 -40.22 -40.90 -28.71
N ILE H 118 -39.41 -40.09 -29.39
CA ILE H 118 -38.03 -39.84 -29.02
C ILE H 118 -37.90 -38.39 -28.55
N ILE H 119 -37.60 -38.20 -27.26
CA ILE H 119 -37.41 -36.88 -26.72
C ILE H 119 -35.99 -36.44 -27.02
N SER H 120 -35.83 -35.30 -27.70
CA SER H 120 -34.52 -34.86 -28.14
C SER H 120 -33.80 -34.11 -27.04
N ALA H 121 -33.78 -34.68 -25.84
CA ALA H 121 -33.19 -34.01 -24.69
C ALA H 121 -33.28 -34.96 -23.50
N PRO H 122 -32.53 -34.69 -22.42
CA PRO H 122 -32.67 -35.54 -21.23
C PRO H 122 -34.09 -35.51 -20.68
N SER H 123 -34.45 -36.51 -19.90
CA SER H 123 -35.77 -36.59 -19.30
C SER H 123 -35.59 -36.93 -17.84
N ALA H 124 -36.48 -36.39 -17.00
CA ALA H 124 -36.51 -36.72 -15.59
C ALA H 124 -36.89 -38.16 -15.36
N ASP H 125 -37.71 -38.75 -16.24
CA ASP H 125 -38.14 -40.14 -16.05
C ASP H 125 -38.11 -41.07 -17.26
N ALA H 126 -38.23 -40.57 -18.48
CA ALA H 126 -38.12 -41.45 -19.65
C ALA H 126 -36.73 -42.08 -19.71
N PRO H 127 -36.64 -43.36 -20.12
CA PRO H 127 -35.31 -43.96 -20.23
C PRO H 127 -34.47 -43.24 -21.28
N MET H 128 -33.19 -43.00 -20.95
CA MET H 128 -32.28 -42.27 -21.84
C MET H 128 -31.33 -43.21 -22.55
N PHE H 129 -30.98 -42.86 -23.78
CA PHE H 129 -30.08 -43.68 -24.57
C PHE H 129 -28.98 -42.89 -25.26
N VAL H 130 -27.81 -43.53 -25.35
CA VAL H 130 -26.70 -43.04 -26.14
C VAL H 130 -26.26 -44.19 -27.04
N MET H 131 -26.41 -43.97 -28.35
CA MET H 131 -26.00 -44.94 -29.34
C MET H 131 -24.53 -45.28 -29.15
N GLY H 132 -24.24 -46.58 -29.16
CA GLY H 132 -22.89 -47.08 -28.90
C GLY H 132 -22.62 -47.39 -27.44
N VAL H 133 -23.53 -47.02 -26.55
CA VAL H 133 -23.30 -47.19 -25.10
C VAL H 133 -24.33 -48.08 -24.38
N ASN H 134 -25.61 -47.77 -24.51
CA ASN H 134 -26.64 -48.53 -23.78
C ASN H 134 -27.89 -48.82 -24.61
N GLU H 135 -27.83 -48.69 -25.94
CA GLU H 135 -29.04 -48.93 -26.76
C GLU H 135 -29.52 -50.37 -26.69
N LYS H 136 -28.66 -51.31 -26.31
CA LYS H 136 -29.08 -52.68 -26.07
C LYS H 136 -30.18 -52.76 -24.99
N THR H 137 -30.16 -51.84 -24.02
CA THR H 137 -31.15 -51.85 -22.95
C THR H 137 -32.52 -51.36 -23.40
N TYR H 138 -32.66 -50.88 -24.64
CA TYR H 138 -33.97 -50.52 -25.18
C TYR H 138 -34.86 -51.75 -25.30
N ASP H 139 -35.98 -51.76 -24.57
CA ASP H 139 -36.98 -52.83 -24.62
C ASP H 139 -38.24 -52.37 -25.39
N ALA H 140 -38.38 -52.86 -26.62
CA ALA H 140 -39.43 -52.38 -27.51
C ALA H 140 -40.85 -52.76 -27.13
N ALA H 141 -41.05 -53.56 -26.08
CA ALA H 141 -42.39 -53.89 -25.61
C ALA H 141 -42.77 -53.16 -24.31
N THR H 142 -41.83 -52.41 -23.72
CA THR H 142 -42.06 -51.78 -22.44
C THR H 142 -41.77 -50.28 -22.44
N MET H 143 -41.20 -49.75 -23.53
CA MET H 143 -40.76 -48.36 -23.58
C MET H 143 -41.21 -47.73 -24.89
N ASN H 144 -42.28 -46.95 -24.82
CA ASN H 144 -42.84 -46.22 -25.96
C ASN H 144 -42.33 -44.79 -26.03
N VAL H 145 -41.85 -44.27 -24.90
CA VAL H 145 -41.29 -42.93 -24.83
C VAL H 145 -39.84 -43.05 -24.35
N VAL H 146 -38.90 -42.63 -25.18
CA VAL H 146 -37.49 -42.67 -24.82
C VAL H 146 -36.84 -41.32 -25.06
N SER H 147 -35.63 -41.16 -24.52
CA SER H 147 -34.86 -39.93 -24.67
C SER H 147 -33.49 -40.24 -25.26
N ASN H 148 -32.98 -39.34 -26.11
CA ASN H 148 -31.66 -39.52 -26.71
C ASN H 148 -30.58 -38.77 -25.91
N ALA H 149 -30.83 -38.52 -24.63
CA ALA H 149 -29.92 -37.80 -23.75
C ALA H 149 -29.61 -36.40 -24.30
N SER H 150 -28.43 -35.87 -23.99
CA SER H 150 -28.02 -34.57 -24.51
C SER H 150 -26.79 -34.72 -25.39
N CYS H 151 -26.42 -33.64 -26.06
CA CYS H 151 -25.28 -33.64 -26.99
C CYS H 151 -23.99 -33.93 -26.25
N THR H 152 -23.82 -33.29 -25.09
CA THR H 152 -22.63 -33.51 -24.28
C THR H 152 -22.58 -34.94 -23.74
N THR H 153 -23.74 -35.50 -23.41
CA THR H 153 -23.80 -36.89 -22.95
C THR H 153 -23.41 -37.86 -24.08
N ASN H 154 -23.81 -37.52 -25.31
CA ASN H 154 -23.44 -38.34 -26.46
C ASN H 154 -21.96 -38.22 -26.84
N CYS H 155 -21.29 -37.14 -26.43
CA CYS H 155 -19.86 -37.02 -26.60
C CYS H 155 -19.11 -37.75 -25.50
N LEU H 156 -19.52 -37.50 -24.25
CA LEU H 156 -18.81 -38.02 -23.09
C LEU H 156 -18.95 -39.51 -22.91
N ALA H 157 -20.18 -40.02 -23.08
CA ALA H 157 -20.47 -41.41 -22.73
C ALA H 157 -19.67 -42.45 -23.53
N PRO H 158 -19.64 -42.34 -24.87
CA PRO H 158 -18.83 -43.28 -25.64
C PRO H 158 -17.34 -43.27 -25.28
N LEU H 159 -16.76 -42.09 -25.09
CA LEU H 159 -15.36 -42.00 -24.65
C LEU H 159 -15.20 -42.64 -23.28
N ALA H 160 -16.07 -42.23 -22.34
CA ALA H 160 -16.01 -42.77 -20.97
C ALA H 160 -16.12 -44.28 -20.94
N LYS H 161 -17.04 -44.82 -21.73
CA LYS H 161 -17.23 -46.26 -21.84
C LYS H 161 -15.92 -46.95 -22.20
N VAL H 162 -15.25 -46.45 -23.23
CA VAL H 162 -14.04 -47.07 -23.73
C VAL H 162 -12.93 -46.99 -22.70
N ILE H 163 -12.77 -45.84 -22.07
CA ILE H 163 -11.73 -45.67 -21.05
C ILE H 163 -12.06 -46.53 -19.83
N ASN H 164 -13.32 -46.53 -19.41
CA ASN H 164 -13.75 -47.35 -18.28
C ASN H 164 -13.60 -48.83 -18.58
N ASP H 165 -14.06 -49.28 -19.76
CA ASP H 165 -13.97 -50.70 -20.13
C ASP H 165 -12.53 -51.21 -20.20
N ASN H 166 -11.61 -50.38 -20.65
CA ASN H 166 -10.22 -50.82 -20.85
C ASN H 166 -9.33 -50.53 -19.67
N PHE H 167 -9.66 -49.52 -18.86
CA PHE H 167 -8.74 -49.04 -17.83
C PHE H 167 -9.37 -48.80 -16.45
N GLY H 168 -10.68 -48.62 -16.39
CA GLY H 168 -11.38 -48.34 -15.14
C GLY H 168 -11.23 -46.89 -14.71
N ILE H 169 -12.33 -46.15 -14.68
CA ILE H 169 -12.34 -44.81 -14.14
C ILE H 169 -12.70 -44.88 -12.65
N GLU H 170 -11.74 -44.62 -11.77
CA GLU H 170 -12.02 -44.56 -10.32
C GLU H 170 -12.87 -43.33 -10.03
N GLU H 171 -12.41 -42.19 -10.52
CA GLU H 171 -13.10 -40.94 -10.35
C GLU H 171 -12.73 -40.01 -11.51
N GLY H 172 -13.64 -39.10 -11.85
CA GLY H 172 -13.43 -38.22 -12.97
C GLY H 172 -14.33 -37.00 -12.91
N LEU H 173 -13.84 -35.91 -13.46
CA LEU H 173 -14.62 -34.71 -13.62
C LEU H 173 -14.41 -34.21 -15.04
N MET H 174 -15.44 -33.61 -15.61
CA MET H 174 -15.35 -33.14 -17.00
C MET H 174 -15.83 -31.70 -17.14
N THR H 175 -15.32 -31.07 -18.19
CA THR H 175 -15.79 -29.77 -18.59
C THR H 175 -16.13 -29.84 -20.06
N THR H 176 -17.24 -29.24 -20.46
CA THR H 176 -17.46 -28.98 -21.88
C THR H 176 -17.33 -27.49 -22.16
N ILE H 177 -16.49 -27.16 -23.12
CA ILE H 177 -16.43 -25.83 -23.70
C ILE H 177 -17.44 -25.85 -24.86
N HIS H 178 -18.56 -25.17 -24.63
CA HIS H 178 -19.80 -25.45 -25.32
C HIS H 178 -20.27 -24.23 -26.10
N ALA H 179 -20.69 -24.44 -27.32
CA ALA H 179 -21.26 -23.40 -28.16
C ALA H 179 -22.49 -22.83 -27.52
N TYR H 180 -22.81 -21.57 -27.81
CA TYR H 180 -24.04 -20.98 -27.32
C TYR H 180 -25.22 -21.56 -28.10
N THR H 181 -26.40 -21.50 -27.50
CA THR H 181 -27.61 -22.12 -28.07
C THR H 181 -28.78 -21.15 -28.05
N ALA H 182 -29.93 -21.62 -28.54
CA ALA H 182 -31.15 -20.83 -28.68
C ALA H 182 -31.71 -20.32 -27.35
N THR H 183 -31.40 -21.01 -26.26
CA THR H 183 -31.88 -20.62 -24.93
C THR H 183 -31.12 -19.42 -24.39
N GLN H 184 -30.04 -19.02 -25.03
CA GLN H 184 -29.23 -17.90 -24.54
C GLN H 184 -29.70 -16.60 -25.19
N LYS H 185 -29.12 -15.48 -24.76
CA LYS H 185 -29.51 -14.15 -25.20
C LYS H 185 -28.44 -13.42 -26.00
N THR H 186 -28.85 -12.56 -26.92
CA THR H 186 -27.89 -11.76 -27.70
C THR H 186 -27.27 -10.67 -26.87
N VAL H 187 -28.08 -9.99 -26.06
CA VAL H 187 -27.61 -9.01 -25.09
C VAL H 187 -28.14 -9.40 -23.72
N ASP H 188 -27.61 -8.80 -22.65
CA ASP H 188 -28.03 -9.16 -21.28
C ASP H 188 -29.54 -9.04 -21.13
N GLY H 189 -30.22 -10.19 -20.94
CA GLY H 189 -31.66 -10.20 -20.71
C GLY H 189 -32.08 -11.17 -19.62
N PRO H 190 -33.39 -11.24 -19.35
CA PRO H 190 -33.92 -12.08 -18.27
C PRO H 190 -33.80 -13.58 -18.53
N SER H 191 -33.36 -14.29 -17.50
CA SER H 191 -33.25 -15.73 -17.55
C SER H 191 -33.45 -16.18 -16.11
N GLY H 192 -34.68 -15.97 -15.63
CA GLY H 192 -34.98 -15.91 -14.21
C GLY H 192 -34.51 -17.05 -13.34
N LYS H 193 -34.46 -18.25 -13.90
CA LYS H 193 -34.01 -19.41 -13.13
C LYS H 193 -32.47 -19.56 -13.12
N LYS H 194 -31.83 -19.22 -14.24
CA LYS H 194 -30.38 -19.37 -14.36
C LYS H 194 -29.78 -18.05 -14.81
N TRP H 195 -29.34 -17.25 -13.84
CA TRP H 195 -28.97 -15.86 -14.06
C TRP H 195 -27.82 -15.68 -15.06
N ARG H 196 -26.85 -16.58 -15.05
CA ARG H 196 -25.71 -16.47 -15.94
C ARG H 196 -26.10 -16.69 -17.39
N ASP H 197 -27.10 -17.53 -17.61
CA ASP H 197 -27.56 -17.82 -18.98
C ASP H 197 -28.25 -16.65 -19.65
N GLY H 198 -28.61 -15.62 -18.89
CA GLY H 198 -29.17 -14.41 -19.48
C GLY H 198 -28.15 -13.44 -20.05
N ARG H 199 -26.89 -13.60 -19.65
CA ARG H 199 -25.84 -12.61 -20.02
C ARG H 199 -25.47 -12.78 -21.47
N GLY H 200 -25.16 -11.69 -22.15
CA GLY H 200 -24.98 -11.73 -23.59
C GLY H 200 -24.07 -12.85 -24.04
N ALA H 201 -24.57 -13.68 -24.93
CA ALA H 201 -23.85 -14.91 -25.31
C ALA H 201 -22.53 -14.63 -26.08
N ASN H 202 -22.50 -13.54 -26.84
CA ASN H 202 -21.41 -13.27 -27.72
C ASN H 202 -20.28 -12.53 -27.03
N GLN H 203 -20.56 -11.92 -25.89
CA GLN H 203 -19.56 -11.16 -25.12
C GLN H 203 -18.91 -11.98 -24.02
N ASN H 204 -19.39 -13.18 -23.72
CA ASN H 204 -19.11 -13.81 -22.45
C ASN H 204 -18.69 -15.27 -22.55
N VAL H 205 -17.80 -15.67 -21.66
CA VAL H 205 -17.62 -17.07 -21.32
C VAL H 205 -18.49 -17.25 -20.09
N ILE H 206 -19.40 -18.21 -20.14
CA ILE H 206 -20.49 -18.31 -19.16
C ILE H 206 -20.49 -19.71 -18.51
N PRO H 207 -20.17 -19.81 -17.22
CA PRO H 207 -20.29 -21.13 -16.58
C PRO H 207 -21.76 -21.58 -16.52
N ALA H 208 -21.99 -22.87 -16.70
CA ALA H 208 -23.35 -23.40 -16.80
C ALA H 208 -23.37 -24.87 -16.42
N THR H 209 -24.57 -25.40 -16.21
CA THR H 209 -24.76 -26.83 -16.02
C THR H 209 -24.67 -27.50 -17.40
N THR H 210 -24.39 -28.80 -17.38
CA THR H 210 -24.48 -29.65 -18.57
C THR H 210 -25.37 -30.85 -18.22
N GLY H 211 -26.22 -31.24 -19.19
CA GLY H 211 -27.06 -32.42 -19.03
C GLY H 211 -26.29 -33.72 -18.78
N ALA H 212 -25.06 -33.78 -19.26
CA ALA H 212 -24.19 -34.95 -19.06
C ALA H 212 -23.85 -35.20 -17.60
N ALA H 213 -23.99 -34.18 -16.75
CA ALA H 213 -23.66 -34.30 -15.32
C ALA H 213 -24.52 -35.36 -14.65
N LYS H 214 -25.81 -35.34 -14.92
CA LYS H 214 -26.73 -36.36 -14.40
C LYS H 214 -26.83 -37.56 -15.33
N ALA H 215 -26.93 -37.32 -16.64
CA ALA H 215 -27.30 -38.35 -17.59
C ALA H 215 -26.25 -39.46 -17.73
N VAL H 216 -24.98 -39.13 -17.56
CA VAL H 216 -23.92 -40.10 -17.79
C VAL H 216 -24.01 -41.24 -16.79
N GLY H 217 -24.49 -40.95 -15.58
CA GLY H 217 -24.70 -42.00 -14.56
C GLY H 217 -25.84 -42.95 -14.87
N LYS H 218 -26.81 -42.50 -15.66
CA LYS H 218 -27.92 -43.34 -16.11
C LYS H 218 -27.49 -44.24 -17.25
N VAL H 219 -26.80 -43.68 -18.24
CA VAL H 219 -26.44 -44.42 -19.44
C VAL H 219 -25.30 -45.37 -19.18
N ILE H 220 -24.48 -45.05 -18.18
CA ILE H 220 -23.43 -45.97 -17.71
C ILE H 220 -23.57 -46.08 -16.19
N PRO H 221 -24.41 -47.02 -15.72
CA PRO H 221 -24.64 -47.20 -14.28
C PRO H 221 -23.37 -47.38 -13.46
N GLU H 222 -22.40 -48.13 -14.00
CA GLU H 222 -21.11 -48.37 -13.32
C GLU H 222 -20.37 -47.06 -12.94
N LEU H 223 -20.69 -45.95 -13.61
CA LEU H 223 -20.01 -44.68 -13.35
C LEU H 223 -20.82 -43.66 -12.55
N ASN H 224 -22.00 -44.06 -12.07
CA ASN H 224 -22.85 -43.16 -11.30
C ASN H 224 -22.18 -42.80 -9.98
N GLY H 225 -22.04 -41.52 -9.72
CA GLY H 225 -21.35 -41.03 -8.53
C GLY H 225 -19.86 -40.89 -8.71
N LYS H 226 -19.33 -41.39 -9.83
CA LYS H 226 -17.88 -41.38 -10.08
C LYS H 226 -17.45 -40.37 -11.13
N LEU H 227 -18.42 -39.73 -11.78
CA LEU H 227 -18.14 -38.89 -12.92
C LEU H 227 -19.22 -37.82 -13.05
N THR H 228 -18.83 -36.56 -12.94
CA THR H 228 -19.74 -35.46 -13.21
C THR H 228 -18.97 -34.29 -13.82
N GLY H 229 -19.65 -33.16 -14.01
CA GLY H 229 -18.99 -32.01 -14.64
C GLY H 229 -19.87 -30.79 -14.84
N MET H 230 -19.42 -29.90 -15.70
CA MET H 230 -20.04 -28.61 -15.93
C MET H 230 -19.68 -28.13 -17.32
N ALA H 231 -20.23 -26.98 -17.68
CA ALA H 231 -19.99 -26.37 -18.95
C ALA H 231 -19.58 -24.91 -18.81
N PHE H 232 -18.89 -24.45 -19.84
CA PHE H 232 -18.72 -23.04 -20.10
C PHE H 232 -19.27 -22.77 -21.48
N ARG H 233 -20.29 -21.91 -21.56
CA ARG H 233 -20.82 -21.47 -22.83
C ARG H 233 -19.90 -20.38 -23.36
N VAL H 234 -19.44 -20.49 -24.60
CA VAL H 234 -18.51 -19.52 -25.16
C VAL H 234 -18.98 -19.05 -26.54
N PRO H 235 -18.40 -17.95 -27.05
CA PRO H 235 -18.94 -17.36 -28.29
C PRO H 235 -18.56 -18.05 -29.61
N VAL H 236 -18.95 -19.29 -29.79
CA VAL H 236 -19.04 -19.87 -31.13
C VAL H 236 -20.47 -20.38 -31.31
N PRO H 237 -20.98 -20.30 -32.54
CA PRO H 237 -22.40 -20.65 -32.84
C PRO H 237 -22.71 -22.15 -32.83
N ASP H 238 -21.70 -22.97 -32.91
CA ASP H 238 -21.84 -24.44 -32.92
C ASP H 238 -20.47 -25.08 -32.76
N VAL H 239 -20.50 -26.33 -32.34
CA VAL H 239 -19.32 -27.14 -32.07
C VAL H 239 -18.84 -26.88 -30.65
N SER H 240 -18.68 -27.99 -29.94
CA SER H 240 -18.28 -27.99 -28.55
C SER H 240 -17.16 -29.03 -28.33
N VAL H 241 -16.61 -29.05 -27.13
CA VAL H 241 -15.51 -29.94 -26.83
C VAL H 241 -15.45 -30.33 -25.36
N VAL H 242 -15.30 -31.63 -25.12
CA VAL H 242 -15.23 -32.20 -23.79
C VAL H 242 -13.77 -32.33 -23.37
N ASP H 243 -13.55 -32.02 -22.10
CA ASP H 243 -12.27 -32.05 -21.44
C ASP H 243 -12.50 -32.95 -20.22
N LEU H 244 -12.13 -34.23 -20.36
CA LEU H 244 -12.37 -35.25 -19.35
C LEU H 244 -11.13 -35.55 -18.54
N THR H 245 -11.17 -35.30 -17.24
CA THR H 245 -10.01 -35.54 -16.38
C THR H 245 -10.36 -36.67 -15.41
N CYS H 246 -9.62 -37.77 -15.45
CA CYS H 246 -9.91 -38.88 -14.57
C CYS H 246 -8.69 -39.66 -14.09
N ARG H 247 -8.83 -40.22 -12.89
CA ARG H 247 -7.89 -41.17 -12.35
C ARG H 247 -8.31 -42.56 -12.80
N LEU H 248 -7.32 -43.39 -13.16
CA LEU H 248 -7.58 -44.71 -13.71
C LEU H 248 -7.21 -45.81 -12.71
N LYS H 249 -7.87 -46.96 -12.80
CA LYS H 249 -7.56 -48.09 -11.94
C LYS H 249 -6.31 -48.79 -12.44
N LYS H 250 -6.34 -49.19 -13.71
CA LYS H 250 -5.24 -49.89 -14.36
C LYS H 250 -4.26 -48.88 -14.92
N PRO H 251 -3.01 -48.90 -14.46
CA PRO H 251 -2.03 -47.96 -15.01
C PRO H 251 -1.79 -48.21 -16.48
N THR H 252 -1.54 -47.13 -17.22
CA THR H 252 -1.47 -47.20 -18.67
C THR H 252 -0.56 -46.09 -19.20
N SER H 253 -0.46 -46.01 -20.52
CA SER H 253 0.34 -44.99 -21.17
C SER H 253 -0.55 -44.29 -22.18
N TYR H 254 -0.17 -43.09 -22.60
CA TYR H 254 -0.94 -42.38 -23.58
C TYR H 254 -1.04 -43.12 -24.93
N GLU H 255 0.01 -43.82 -25.31
CA GLU H 255 0.01 -44.56 -26.58
C GLU H 255 -1.04 -45.66 -26.60
N GLU H 256 -1.21 -46.35 -25.49
CA GLU H 256 -2.22 -47.39 -25.37
C GLU H 256 -3.64 -46.83 -25.32
N ILE H 257 -3.81 -45.68 -24.68
CA ILE H 257 -5.11 -44.98 -24.72
C ILE H 257 -5.49 -44.67 -26.16
N LYS H 258 -4.55 -44.16 -26.94
CA LYS H 258 -4.79 -43.86 -28.35
C LYS H 258 -5.19 -45.10 -29.13
N LYS H 259 -4.46 -46.17 -28.87
CA LYS H 259 -4.66 -47.43 -29.58
C LYS H 259 -6.06 -48.01 -29.34
N VAL H 260 -6.52 -48.00 -28.09
CA VAL H 260 -7.86 -48.53 -27.81
C VAL H 260 -8.96 -47.63 -28.38
N VAL H 261 -8.79 -46.32 -28.27
CA VAL H 261 -9.79 -45.38 -28.79
C VAL H 261 -9.86 -45.50 -30.31
N LYS H 262 -8.71 -45.52 -30.95
CA LYS H 262 -8.64 -45.69 -32.40
C LYS H 262 -9.31 -46.98 -32.85
N LYS H 263 -9.04 -48.06 -32.13
CA LYS H 263 -9.60 -49.37 -32.49
C LYS H 263 -11.11 -49.37 -32.31
N ALA H 264 -11.59 -48.75 -31.23
CA ALA H 264 -13.04 -48.60 -31.01
C ALA H 264 -13.68 -47.79 -32.13
N SER H 265 -13.00 -46.75 -32.58
CA SER H 265 -13.49 -45.92 -33.68
C SER H 265 -13.62 -46.66 -35.01
N GLU H 266 -12.85 -47.73 -35.18
CA GLU H 266 -12.87 -48.54 -36.41
C GLU H 266 -13.77 -49.75 -36.33
N THR H 267 -14.24 -50.09 -35.12
CA THR H 267 -15.03 -51.30 -34.92
C THR H 267 -16.37 -51.02 -34.23
N ASP H 268 -16.45 -51.23 -32.91
CA ASP H 268 -17.72 -51.26 -32.19
C ASP H 268 -18.41 -49.88 -32.09
N LEU H 269 -17.61 -48.81 -32.02
CA LEU H 269 -18.16 -47.46 -31.98
C LEU H 269 -18.08 -46.74 -33.31
N LYS H 270 -17.89 -47.46 -34.40
CA LYS H 270 -17.73 -46.83 -35.72
C LYS H 270 -18.94 -45.97 -36.06
N GLY H 271 -18.68 -44.76 -36.51
CA GLY H 271 -19.74 -43.79 -36.83
C GLY H 271 -20.11 -42.91 -35.65
N PHE H 272 -19.82 -43.36 -34.43
CA PHE H 272 -20.17 -42.61 -33.21
C PHE H 272 -18.92 -41.94 -32.63
N LEU H 273 -17.89 -42.74 -32.40
CA LEU H 273 -16.62 -42.25 -31.91
C LEU H 273 -15.63 -42.26 -33.06
N ALA H 274 -15.01 -41.10 -33.30
CA ALA H 274 -13.97 -40.95 -34.31
C ALA H 274 -12.68 -40.63 -33.61
N TYR H 275 -11.59 -40.70 -34.35
CA TYR H 275 -10.25 -40.50 -33.81
C TYR H 275 -9.48 -39.66 -34.82
N THR H 276 -8.84 -38.59 -34.37
CA THR H 276 -8.00 -37.80 -35.24
C THR H 276 -6.68 -37.47 -34.53
N GLU H 277 -5.64 -37.29 -35.34
CA GLU H 277 -4.32 -36.85 -34.89
C GLU H 277 -3.94 -35.53 -35.54
N ASP H 278 -4.88 -34.88 -36.21
CA ASP H 278 -4.62 -33.63 -36.90
C ASP H 278 -4.77 -32.45 -35.95
N GLN H 279 -4.26 -31.31 -36.39
CA GLN H 279 -4.22 -30.10 -35.60
C GLN H 279 -5.50 -29.28 -35.81
N VAL H 280 -6.58 -29.84 -35.26
CA VAL H 280 -7.93 -29.38 -35.53
C VAL H 280 -8.36 -28.29 -34.57
N VAL H 281 -9.36 -27.53 -35.01
CA VAL H 281 -10.01 -26.51 -34.20
C VAL H 281 -11.50 -26.69 -34.40
N SER H 282 -12.30 -25.94 -33.66
CA SER H 282 -13.73 -26.18 -33.60
C SER H 282 -14.43 -26.10 -34.95
N SER H 283 -14.08 -25.14 -35.78
CA SER H 283 -14.75 -25.00 -37.09
C SER H 283 -14.51 -26.20 -38.00
N ASP H 284 -13.52 -27.01 -37.69
CA ASP H 284 -13.30 -28.26 -38.46
C ASP H 284 -14.37 -29.30 -38.24
N PHE H 285 -15.25 -29.11 -37.28
CA PHE H 285 -16.31 -30.07 -37.02
C PHE H 285 -17.71 -29.54 -37.34
N ILE H 286 -17.80 -28.37 -38.00
CA ILE H 286 -19.09 -27.88 -38.44
C ILE H 286 -19.66 -28.89 -39.44
N SER H 287 -20.82 -29.45 -39.08
CA SER H 287 -21.55 -30.46 -39.88
C SER H 287 -20.90 -31.85 -39.85
N ASP H 288 -20.08 -32.12 -38.84
CA ASP H 288 -19.59 -33.46 -38.58
C ASP H 288 -20.72 -34.32 -38.03
N THR H 289 -20.75 -35.60 -38.41
CA THR H 289 -21.83 -36.49 -38.02
C THR H 289 -21.57 -37.32 -36.76
N HIS H 290 -20.39 -37.21 -36.18
CA HIS H 290 -20.01 -38.09 -35.08
C HIS H 290 -20.49 -37.56 -33.73
N SER H 291 -20.60 -38.45 -32.77
CA SER H 291 -20.96 -38.06 -31.41
C SER H 291 -19.75 -37.53 -30.67
N SER H 292 -18.56 -38.02 -31.03
CA SER H 292 -17.38 -37.83 -30.22
C SER H 292 -16.16 -37.98 -31.11
N VAL H 293 -15.36 -36.93 -31.24
CA VAL H 293 -14.12 -37.04 -32.01
C VAL H 293 -12.91 -36.81 -31.09
N PHE H 294 -12.23 -37.89 -30.76
CA PHE H 294 -11.06 -37.86 -29.90
C PHE H 294 -9.89 -37.11 -30.56
N ASP H 295 -9.33 -36.15 -29.84
CA ASP H 295 -8.22 -35.33 -30.31
C ASP H 295 -6.96 -35.85 -29.65
N ALA H 296 -6.20 -36.69 -30.38
CA ALA H 296 -5.04 -37.35 -29.78
C ALA H 296 -3.98 -36.35 -29.27
N LEU H 297 -3.63 -35.36 -30.09
CA LEU H 297 -2.58 -34.42 -29.75
C LEU H 297 -2.91 -33.50 -28.58
N ALA H 298 -4.20 -33.24 -28.33
CA ALA H 298 -4.60 -32.31 -27.28
C ALA H 298 -4.60 -32.91 -25.88
N GLY H 299 -4.56 -34.23 -25.79
CA GLY H 299 -4.57 -34.90 -24.49
C GLY H 299 -3.30 -34.73 -23.70
N ILE H 300 -3.40 -34.96 -22.40
CA ILE H 300 -2.25 -34.90 -21.50
C ILE H 300 -2.30 -36.09 -20.55
N GLN H 301 -1.16 -36.72 -20.36
CA GLN H 301 -0.99 -37.74 -19.34
C GLN H 301 -0.05 -37.21 -18.28
N LEU H 302 -0.55 -37.00 -17.07
CA LEU H 302 0.28 -36.53 -15.96
C LEU H 302 1.18 -37.67 -15.49
N ASN H 303 0.58 -38.82 -15.21
CA ASN H 303 1.30 -40.02 -14.77
C ASN H 303 0.49 -41.23 -15.24
N PRO H 304 0.98 -42.46 -15.00
CA PRO H 304 0.26 -43.62 -15.55
C PRO H 304 -1.23 -43.80 -15.18
N THR H 305 -1.71 -43.10 -14.15
CA THR H 305 -3.08 -43.26 -13.70
C THR H 305 -3.89 -41.95 -13.67
N PHE H 306 -3.38 -40.90 -14.33
CA PHE H 306 -4.03 -39.59 -14.29
C PHE H 306 -3.90 -38.88 -15.63
N VAL H 307 -5.04 -38.68 -16.30
CA VAL H 307 -5.04 -38.27 -17.70
C VAL H 307 -6.13 -37.24 -17.98
N LYS H 308 -5.92 -36.42 -19.00
CA LYS H 308 -6.93 -35.48 -19.51
C LYS H 308 -7.20 -35.78 -20.97
N LEU H 309 -8.43 -36.16 -21.29
CA LEU H 309 -8.80 -36.50 -22.66
C LEU H 309 -9.73 -35.44 -23.26
N VAL H 310 -9.64 -35.28 -24.56
CA VAL H 310 -10.26 -34.21 -25.31
C VAL H 310 -11.04 -34.77 -26.48
N SER H 311 -12.31 -34.38 -26.59
CA SER H 311 -13.19 -34.91 -27.64
C SER H 311 -14.15 -33.86 -28.13
N TRP H 312 -14.18 -33.66 -29.44
CA TRP H 312 -15.00 -32.65 -30.09
C TRP H 312 -16.37 -33.22 -30.44
N TYR H 313 -17.34 -32.34 -30.54
CA TYR H 313 -18.65 -32.71 -31.06
C TYR H 313 -19.38 -31.52 -31.63
N ASP H 314 -19.96 -31.74 -32.80
CA ASP H 314 -20.89 -30.84 -33.37
C ASP H 314 -22.18 -31.04 -32.60
N ASN H 315 -22.43 -30.14 -31.63
CA ASN H 315 -23.55 -30.30 -30.71
C ASN H 315 -24.90 -30.31 -31.41
N GLU H 316 -24.99 -29.66 -32.57
CA GLU H 316 -26.24 -29.67 -33.35
C GLU H 316 -26.36 -30.89 -34.24
N TYR H 317 -25.36 -31.11 -35.07
CA TYR H 317 -25.44 -32.04 -36.19
C TYR H 317 -25.21 -33.48 -35.78
N GLY H 318 -24.24 -33.71 -34.89
CA GLY H 318 -23.93 -35.06 -34.41
C GLY H 318 -25.12 -35.61 -33.65
N TYR H 319 -25.66 -34.81 -32.75
CA TYR H 319 -26.82 -35.18 -31.97
C TYR H 319 -28.02 -35.47 -32.87
N SER H 320 -28.21 -34.66 -33.91
CA SER H 320 -29.33 -34.85 -34.81
C SER H 320 -29.23 -36.16 -35.55
N HIS H 321 -28.03 -36.48 -36.03
CA HIS H 321 -27.79 -37.78 -36.66
C HIS H 321 -27.99 -38.94 -35.69
N ARG H 322 -27.66 -38.75 -34.41
CA ARG H 322 -27.92 -39.77 -33.40
C ARG H 322 -29.42 -39.99 -33.17
N VAL H 323 -30.21 -38.93 -33.24
CA VAL H 323 -31.66 -39.09 -33.08
C VAL H 323 -32.18 -40.02 -34.20
N VAL H 324 -31.65 -39.86 -35.40
CA VAL H 324 -32.08 -40.69 -36.52
C VAL H 324 -31.57 -42.11 -36.36
N ASP H 325 -30.32 -42.29 -35.95
CA ASP H 325 -29.78 -43.65 -35.69
C ASP H 325 -30.58 -44.35 -34.61
N LEU H 326 -31.07 -43.60 -33.61
CA LEU H 326 -31.84 -44.21 -32.54
C LEU H 326 -33.17 -44.67 -33.08
N ILE H 327 -33.76 -43.88 -33.97
CA ILE H 327 -35.02 -44.27 -34.61
C ILE H 327 -34.80 -45.58 -35.40
N GLU H 328 -33.80 -45.61 -36.27
CA GLU H 328 -33.53 -46.79 -37.11
C GLU H 328 -33.22 -48.01 -36.26
N TYR H 329 -32.45 -47.84 -35.20
CA TYR H 329 -32.19 -48.93 -34.26
C TYR H 329 -33.48 -49.42 -33.61
N MET H 330 -34.35 -48.52 -33.17
CA MET H 330 -35.62 -48.92 -32.56
C MET H 330 -36.56 -49.58 -33.57
N ALA H 331 -36.53 -49.14 -34.83
CA ALA H 331 -37.43 -49.69 -35.83
C ALA H 331 -37.07 -51.14 -36.19
N THR H 332 -35.80 -51.53 -36.07
CA THR H 332 -35.41 -52.89 -36.40
C THR H 332 -35.68 -53.86 -35.24
N LYS H 333 -36.95 -53.95 -34.82
CA LYS H 333 -37.43 -54.92 -33.83
C LYS H 333 -38.80 -55.65 -34.51
#